data_7QTV
#
_entry.id   7QTV
#
_cell.length_a   117.470
_cell.length_b   118.080
_cell.length_c   494.660
_cell.angle_alpha   90.000
_cell.angle_beta   90.000
_cell.angle_gamma   90.000
#
_symmetry.space_group_name_H-M   'P 21 21 21'
#
loop_
_entity.id
_entity.type
_entity.pdbx_description
1 polymer 'Sodium/potassium-transporting ATPase subunit alpha-1'
2 polymer 'Sodium/potassium-transporting ATPase subunit beta-1'
3 polymer 'FXYD domain-containing ion transport regulator'
4 branched 2-acetamido-2-deoxy-beta-D-glucopyranose-(1-4)-2-acetamido-2-deoxy-beta-D-glucopyranose
5 non-polymer 'BERYLLIUM TRIFLUORIDE ION'
6 non-polymer 'beta-D-fructofuranosyl 6-O-decanoyl-alpha-D-glucopyranoside'
7 non-polymer CHOLESTEROL
8 non-polymer '1-O-decanoyl-beta-D-tagatofuranosyl beta-D-allopyranoside'
9 non-polymer 'MAGNESIUM ION'
10 non-polymer 2-acetamido-2-deoxy-beta-D-glucopyranose
11 water water
#
loop_
_entity_poly.entity_id
_entity_poly.type
_entity_poly.pdbx_seq_one_letter_code
_entity_poly.pdbx_strand_id
1 'polypeptide(L)'
;MGKGVGRDKYEPAAVSEHGDKKKAKKERDMDELKKEVSMDDHKLSLDELHRKYGTDLSRGLTPARAAEILARDGPNALTP
PPTTPEWVKFCRQLFGGFSMLLWIGAILCFLAYGIQAATEEEPQNDNLYLGVVLSAVVIITGCFSYYQEAKSSKIMESFK
NMVPQQALVIRNGEKMSINAEEVVVGDLVEVKGGDRIPADLRIISANGCKVDNSSLTGESEPQTRSPDFTNENPLETRNI
AFFSTNCVEGTARGIVVYTGDRTVMGRIATLASGLEGGQTPIAAEIEHFIHIITGVAVFLGVSFFILSLILEYTWLEAVI
FLIGIIVANVPEGLLATVTVCLTLTAKRMARKNCLVKNLEAVETLGSTSTICSDKTGTLTQNRMTVAHMWSDNQIHEADT
TENQSGVSFDKTSATWLALSRIAGLCNRAVFQANQENLPILKRAVAGDASESALLKCIELCCGSVKEMRERYTKIVEIPF
NSTNKYQLSIHKNPNTAEPRHLLVMKGAPERILDRCSSILIHGKEQPLDEELKDAFQNAYLELGGLGERVLGFCHLFLPD
EQFPEGFQFDTDDVNFPLDNLCFVGLISMIDPPRAAVPDAVGKCRSAGIKVIMVTGDHPITAKAIAKGVGIISEGNETVE
DIAARLNIPVSQVNPRDAKACVVHGSDLKDMTSEQLDDILKYHTEIVFARTSPQQKLIIVEGCQRQGAIVAVTGDGVNDS
PASKKADIGVAMGIAGSDVSKQAADMILLDDNFASIVTGVEEGRLIFDNLKKSIAYTLTSNIPEITPFLIFIIANIPLPL
GTVTILCIDLGTDMVPAISLAYEQAESDIMKRQPRNPKTDKLVNEQLISMAYGQIGMIQALGGFFTYFVILAENGFLPIH
LLGLRVNWDDRWINDVEDSYGQQWTYEQRKIVEFTCHTPFFVTIVVVQWADLVICKTRRNSVFQQGMKNKILIFGLFEET
ALAAFLSYCPGMGVALRMYPLKPTWWFCAFPYSLLIFVYDEVRKLIIRRRPGGWVEKETYY
;
A,C
2 'polypeptide(L)'
;MARGKAKEEGSWKKFIWNSEKKEFLGRTGGSWFKILLFYVIFYGCLAGIFIGTIQVMLLTISEFKPTYQDRVAPPGLTQI
PQSQKTEISFRPNDPQSYESYVVSIVRFLEKYKDLAQKDDMIFEDCGNVPSELKERGEYNNERGERKVCRFRLEWLGNCS
GLNDETYGYKDGKPCVIIKLNRVLGFKPKPPKNESLETYPVMKYNPYVLPVHCTGKRDEDKEKVGTMEYFGLGGYPGFPL
QYYPYYGKLLQPKYLQPLMAVQFTNLTMDTEIRIECKAYGENIGYSEKDRFQGRFDVKIEVKS
;
B,D
3 'polypeptide(L)' MAGLSTDDGGSPKGDVDPFYYDYETVRNGGLIFAALAFIVGLIIILSKRLRCGGKKHRPINEDEL G,E
#
loop_
_chem_comp.id
_chem_comp.type
_chem_comp.name
_chem_comp.formula
1AT non-polymer 'beta-D-fructofuranosyl 6-O-decanoyl-alpha-D-glucopyranoside' 'C22 H40 O12'
1DS non-polymer '1-O-decanoyl-beta-D-tagatofuranosyl beta-D-allopyranoside' 'C22 H40 O12'
BEF non-polymer 'BERYLLIUM TRIFLUORIDE ION' 'Be F3 -1'
CLR non-polymer CHOLESTEROL 'C27 H46 O'
MG non-polymer 'MAGNESIUM ION' 'Mg 2'
NAG D-saccharide, beta linking 2-acetamido-2-deoxy-beta-D-glucopyranose 'C8 H15 N O6'
#
# COMPACT_ATOMS: atom_id res chain seq x y z
N LYS A 26 46.32 14.94 -50.18
CA LYS A 26 46.45 16.37 -50.42
C LYS A 26 45.07 17.03 -50.40
N GLU A 27 44.09 16.35 -49.80
CA GLU A 27 42.72 16.82 -49.90
C GLU A 27 42.51 18.09 -49.09
N ARG A 28 43.33 18.33 -48.06
CA ARG A 28 43.21 19.55 -47.28
C ARG A 28 43.33 20.76 -48.20
N ASP A 29 44.13 20.64 -49.26
CA ASP A 29 44.23 21.70 -50.25
C ASP A 29 42.95 21.74 -51.07
N MET A 30 42.43 20.56 -51.43
CA MET A 30 41.22 20.48 -52.22
C MET A 30 40.08 21.11 -51.43
N ASP A 31 40.03 20.80 -50.14
CA ASP A 31 39.03 21.42 -49.28
C ASP A 31 39.26 22.92 -49.26
N GLU A 32 40.51 23.36 -49.12
CA GLU A 32 40.83 24.78 -49.02
C GLU A 32 40.43 25.51 -50.30
N LEU A 33 40.68 24.89 -51.45
CA LEU A 33 40.30 25.50 -52.71
C LEU A 33 38.78 25.62 -52.75
N LYS A 34 38.08 24.60 -52.24
CA LYS A 34 36.63 24.66 -52.16
C LYS A 34 36.19 25.80 -51.23
N LYS A 35 36.94 26.03 -50.14
CA LYS A 35 36.57 27.08 -49.20
C LYS A 35 36.65 28.47 -49.86
N GLU A 36 37.63 28.67 -50.74
CA GLU A 36 37.82 29.98 -51.38
C GLU A 36 36.55 30.43 -52.10
N VAL A 37 36.36 31.73 -52.18
CA VAL A 37 35.18 32.27 -52.86
C VAL A 37 35.29 31.94 -54.35
N SER A 38 34.14 31.79 -55.00
CA SER A 38 34.11 31.37 -56.40
C SER A 38 34.82 32.37 -57.31
N MET A 39 35.49 31.84 -58.34
CA MET A 39 36.15 32.65 -59.35
C MET A 39 35.75 32.15 -60.72
N ASP A 40 35.50 33.09 -61.64
CA ASP A 40 35.04 32.72 -62.97
C ASP A 40 35.36 33.83 -63.96
N ASP A 41 35.33 33.49 -65.24
CA ASP A 41 35.51 34.46 -66.32
C ASP A 41 34.19 34.65 -67.08
N HIS A 42 33.68 35.88 -67.10
CA HIS A 42 32.40 36.13 -67.73
C HIS A 42 32.50 37.19 -68.82
N LYS A 43 33.05 38.36 -68.49
CA LYS A 43 33.12 39.46 -69.43
C LYS A 43 34.02 39.11 -70.61
N LEU A 44 33.47 39.15 -71.82
CA LEU A 44 34.21 38.93 -73.07
C LEU A 44 33.27 39.14 -74.25
N SER A 45 33.87 39.41 -75.41
CA SER A 45 33.10 39.52 -76.65
C SER A 45 32.30 38.26 -76.91
N LEU A 46 31.14 38.42 -77.56
CA LEU A 46 30.40 37.25 -78.05
C LEU A 46 31.34 36.31 -78.81
N ASP A 47 32.01 36.87 -79.83
CA ASP A 47 33.02 36.16 -80.59
C ASP A 47 34.05 35.47 -79.70
N GLU A 48 34.39 36.06 -78.55
CA GLU A 48 35.45 35.50 -77.73
C GLU A 48 35.01 34.22 -77.04
N LEU A 49 33.77 34.17 -76.52
CA LEU A 49 33.31 32.92 -75.94
C LEU A 49 33.51 31.82 -76.97
N HIS A 50 33.18 32.13 -78.23
CA HIS A 50 33.40 31.18 -79.31
C HIS A 50 34.88 30.92 -79.46
N ARG A 51 35.72 31.95 -79.35
CA ARG A 51 37.15 31.76 -79.56
C ARG A 51 37.76 30.92 -78.45
N LYS A 52 36.99 30.60 -77.40
CA LYS A 52 37.44 29.72 -76.34
C LYS A 52 36.90 28.31 -76.53
N TYR A 53 35.58 28.19 -76.76
CA TYR A 53 34.95 26.88 -76.84
C TYR A 53 34.64 26.47 -78.29
N GLY A 54 34.97 27.31 -79.28
CA GLY A 54 34.86 26.97 -80.69
C GLY A 54 33.51 26.40 -81.09
N THR A 55 32.42 27.10 -80.75
CA THR A 55 31.08 26.71 -81.15
C THR A 55 30.36 27.89 -81.80
N ASP A 56 29.66 27.60 -82.90
CA ASP A 56 28.97 28.69 -83.60
C ASP A 56 27.95 29.32 -82.67
N LEU A 57 27.85 30.65 -82.72
CA LEU A 57 27.01 31.35 -81.76
C LEU A 57 25.57 30.90 -81.86
N SER A 58 25.04 30.77 -83.07
CA SER A 58 23.65 30.40 -83.23
C SER A 58 23.43 29.09 -84.00
N ARG A 59 24.50 28.45 -84.48
CA ARG A 59 24.38 27.24 -85.28
C ARG A 59 24.46 25.98 -84.41
N GLY A 60 24.69 26.13 -83.11
CA GLY A 60 24.91 24.98 -82.25
C GLY A 60 26.26 24.36 -82.58
N LEU A 61 26.34 23.04 -82.53
CA LEU A 61 27.60 22.34 -82.73
C LEU A 61 27.36 21.06 -83.52
N THR A 62 28.47 20.36 -83.82
CA THR A 62 28.47 19.08 -84.51
C THR A 62 28.48 17.94 -83.50
N PRO A 63 27.89 16.79 -83.86
CA PRO A 63 27.91 15.66 -82.91
C PRO A 63 29.31 15.21 -82.56
N ALA A 64 30.22 15.23 -83.54
CA ALA A 64 31.57 14.72 -83.30
C ALA A 64 32.24 15.53 -82.20
N ARG A 65 32.02 16.85 -82.21
CA ARG A 65 32.62 17.69 -81.19
C ARG A 65 32.10 17.28 -79.82
N ALA A 66 30.79 17.00 -79.73
CA ALA A 66 30.16 16.66 -78.46
C ALA A 66 30.73 15.37 -77.90
N ALA A 67 30.94 14.36 -78.76
CA ALA A 67 31.38 13.05 -78.28
C ALA A 67 32.73 13.17 -77.59
N GLU A 68 33.62 13.99 -78.14
CA GLU A 68 34.96 14.09 -77.58
C GLU A 68 34.89 14.58 -76.13
N ILE A 69 34.08 15.63 -75.90
CA ILE A 69 34.00 16.22 -74.56
C ILE A 69 33.39 15.25 -73.55
N LEU A 70 32.43 14.41 -73.97
CA LEU A 70 31.74 13.57 -73.00
C LEU A 70 32.72 12.62 -72.33
N ALA A 71 33.70 12.12 -73.08
CA ALA A 71 34.75 11.32 -72.45
C ALA A 71 35.62 12.24 -71.61
N ARG A 72 35.95 13.41 -72.16
CA ARG A 72 36.86 14.35 -71.52
C ARG A 72 36.44 14.68 -70.08
N ASP A 73 35.14 14.95 -69.86
CA ASP A 73 34.71 15.43 -68.54
C ASP A 73 33.69 14.53 -67.87
N GLY A 74 33.14 13.54 -68.56
CA GLY A 74 32.11 12.70 -67.99
C GLY A 74 30.72 13.30 -68.12
N PRO A 75 29.72 12.60 -67.60
CA PRO A 75 28.33 13.04 -67.78
C PRO A 75 27.98 14.23 -66.90
N ASN A 76 26.85 14.86 -67.25
CA ASN A 76 26.35 16.03 -66.53
C ASN A 76 25.53 15.59 -65.31
N ALA A 77 26.25 15.17 -64.26
CA ALA A 77 25.58 14.83 -63.02
C ALA A 77 26.56 14.98 -61.88
N LEU A 78 26.04 15.25 -60.68
CA LEU A 78 26.89 15.32 -59.50
C LEU A 78 27.28 13.90 -59.11
N THR A 79 28.52 13.73 -58.67
CA THR A 79 28.95 12.41 -58.21
C THR A 79 28.16 12.03 -56.96
N PRO A 80 27.57 10.84 -56.91
CA PRO A 80 26.78 10.44 -55.75
C PRO A 80 27.67 10.37 -54.52
N PRO A 81 27.18 10.77 -53.35
CA PRO A 81 27.98 10.62 -52.13
C PRO A 81 28.21 9.14 -51.90
N PRO A 82 29.40 8.74 -51.44
CA PRO A 82 29.68 7.32 -51.31
C PRO A 82 28.64 6.61 -50.45
N THR A 83 28.06 5.55 -51.00
CA THR A 83 27.08 4.77 -50.26
C THR A 83 27.75 4.12 -49.06
N THR A 84 27.06 4.11 -47.92
CA THR A 84 27.59 3.46 -46.73
C THR A 84 26.85 2.16 -46.45
N PRO A 85 27.54 1.02 -46.42
CA PRO A 85 26.85 -0.26 -46.25
C PRO A 85 26.19 -0.36 -44.88
N GLU A 86 25.03 -1.01 -44.85
CA GLU A 86 24.27 -1.09 -43.59
C GLU A 86 25.05 -1.84 -42.51
N TRP A 87 25.78 -2.90 -42.90
CA TRP A 87 26.46 -3.71 -41.89
C TRP A 87 27.47 -2.88 -41.10
N VAL A 88 28.11 -1.90 -41.77
CA VAL A 88 29.15 -1.11 -41.13
C VAL A 88 28.58 -0.37 -39.92
N LYS A 89 27.36 0.14 -40.05
CA LYS A 89 26.76 0.98 -39.02
C LYS A 89 26.66 0.21 -37.71
N PHE A 90 26.30 -1.07 -37.78
CA PHE A 90 26.12 -1.92 -36.63
C PHE A 90 27.28 -1.69 -35.67
N CYS A 91 28.49 -1.88 -36.20
CA CYS A 91 29.71 -1.77 -35.42
C CYS A 91 29.83 -0.42 -34.73
N ARG A 92 29.33 0.64 -35.36
CA ARG A 92 29.47 1.99 -34.82
C ARG A 92 28.86 2.09 -33.43
N GLN A 93 27.62 1.61 -33.27
CA GLN A 93 27.00 1.61 -31.96
C GLN A 93 27.59 0.51 -31.07
N LEU A 94 28.10 -0.57 -31.66
CA LEU A 94 28.80 -1.58 -30.88
C LEU A 94 30.12 -1.04 -30.33
N PHE A 95 30.59 0.10 -30.84
CA PHE A 95 31.85 0.69 -30.39
C PHE A 95 31.54 1.99 -29.68
N GLY A 96 31.40 3.10 -30.40
CA GLY A 96 31.03 4.37 -29.77
C GLY A 96 31.96 4.74 -28.64
N GLY A 97 31.39 5.15 -27.51
CA GLY A 97 32.18 5.49 -26.34
C GLY A 97 31.71 4.74 -25.12
N PHE A 98 30.43 4.91 -24.75
CA PHE A 98 29.95 4.24 -23.54
C PHE A 98 30.02 2.73 -23.70
N SER A 99 29.71 2.24 -24.91
CA SER A 99 29.73 0.81 -25.18
C SER A 99 31.15 0.27 -24.98
N MET A 100 32.16 1.06 -25.41
CA MET A 100 33.54 0.60 -25.31
C MET A 100 33.88 0.35 -23.84
N LEU A 101 33.39 1.23 -22.96
CA LEU A 101 33.72 1.09 -21.55
C LEU A 101 33.21 -0.25 -21.05
N LEU A 102 32.00 -0.63 -21.45
CA LEU A 102 31.40 -1.87 -21.00
C LEU A 102 32.24 -3.05 -21.49
N TRP A 103 32.72 -2.97 -22.73
CA TRP A 103 33.46 -4.08 -23.34
C TRP A 103 34.64 -4.46 -22.46
N ILE A 104 35.55 -3.51 -22.22
CA ILE A 104 36.74 -3.79 -21.42
C ILE A 104 36.35 -4.56 -20.16
N GLY A 105 35.23 -4.19 -19.55
CA GLY A 105 34.70 -4.90 -18.41
C GLY A 105 34.46 -6.35 -18.76
N ALA A 106 33.62 -6.59 -19.77
CA ALA A 106 33.40 -7.94 -20.29
C ALA A 106 34.73 -8.66 -20.48
N ILE A 107 35.62 -8.08 -21.29
CA ILE A 107 36.95 -8.65 -21.51
C ILE A 107 37.65 -8.89 -20.17
N LEU A 108 37.69 -7.87 -19.31
CA LEU A 108 38.35 -8.01 -18.01
C LEU A 108 37.68 -9.05 -17.14
N CYS A 109 36.43 -9.43 -17.41
CA CYS A 109 35.86 -10.60 -16.74
C CYS A 109 36.60 -11.87 -17.16
N PHE A 110 36.72 -12.08 -18.47
CA PHE A 110 37.36 -13.29 -18.96
C PHE A 110 38.83 -13.34 -18.56
N LEU A 111 39.56 -12.24 -18.82
CA LEU A 111 40.95 -12.17 -18.36
C LEU A 111 41.07 -12.48 -16.87
N ALA A 112 40.15 -11.93 -16.07
CA ALA A 112 40.09 -12.32 -14.66
C ALA A 112 39.75 -13.80 -14.54
N TYR A 113 38.71 -14.24 -15.26
CA TYR A 113 38.27 -15.63 -15.16
C TYR A 113 39.40 -16.59 -15.54
N GLY A 114 40.14 -16.25 -16.60
CA GLY A 114 41.26 -17.09 -17.00
C GLY A 114 42.25 -17.27 -15.86
N ILE A 115 42.73 -16.16 -15.29
CA ILE A 115 43.61 -16.26 -14.12
C ILE A 115 42.93 -17.14 -13.07
N GLN A 116 41.64 -16.91 -12.84
CA GLN A 116 40.90 -17.64 -11.83
C GLN A 116 40.81 -19.12 -12.17
N ALA A 117 40.62 -19.44 -13.45
CA ALA A 117 40.36 -20.83 -13.85
C ALA A 117 41.52 -21.73 -13.48
N ALA A 118 42.74 -21.32 -13.83
CA ALA A 118 43.90 -22.18 -13.59
C ALA A 118 44.18 -22.31 -12.09
N THR A 119 44.17 -21.18 -11.37
CA THR A 119 44.56 -21.20 -9.96
C THR A 119 43.56 -21.97 -9.11
N GLU A 120 42.27 -21.71 -9.30
CA GLU A 120 41.26 -22.33 -8.46
C GLU A 120 40.94 -23.73 -8.96
N GLU A 121 40.39 -24.55 -8.07
CA GLU A 121 39.94 -25.90 -8.41
C GLU A 121 38.42 -25.88 -8.40
N GLU A 122 37.81 -26.33 -9.48
CA GLU A 122 36.36 -26.30 -9.64
C GLU A 122 35.84 -24.89 -9.33
N PRO A 123 36.35 -23.86 -10.02
CA PRO A 123 36.00 -22.48 -9.65
C PRO A 123 34.55 -22.12 -9.89
N GLN A 124 34.09 -21.16 -9.09
CA GLN A 124 32.72 -20.64 -9.23
C GLN A 124 32.59 -19.98 -10.59
N ASN A 125 31.44 -20.20 -11.25
CA ASN A 125 31.24 -19.67 -12.58
C ASN A 125 30.65 -18.27 -12.55
N ASP A 126 30.70 -17.59 -11.41
CA ASP A 126 30.05 -16.29 -11.29
C ASP A 126 30.69 -15.26 -12.21
N ASN A 127 32.02 -15.12 -12.17
CA ASN A 127 32.66 -14.07 -12.96
C ASN A 127 32.39 -14.27 -14.44
N LEU A 128 32.41 -15.52 -14.90
CA LEU A 128 32.23 -15.77 -16.33
C LEU A 128 30.85 -15.26 -16.75
N TYR A 129 29.84 -15.52 -15.91
CA TYR A 129 28.47 -15.14 -16.28
C TYR A 129 28.40 -13.64 -16.48
N LEU A 130 29.05 -12.88 -15.59
CA LEU A 130 28.98 -11.43 -15.65
C LEU A 130 29.39 -10.96 -17.04
N GLY A 131 30.45 -11.57 -17.60
CA GLY A 131 31.00 -11.09 -18.84
C GLY A 131 30.04 -11.30 -20.01
N VAL A 132 29.42 -12.48 -20.09
CA VAL A 132 28.54 -12.74 -21.23
C VAL A 132 27.39 -11.75 -21.21
N VAL A 133 26.82 -11.52 -20.02
CA VAL A 133 25.67 -10.63 -19.92
C VAL A 133 26.09 -9.23 -20.33
N LEU A 134 27.30 -8.82 -19.92
CA LEU A 134 27.76 -7.47 -20.18
C LEU A 134 27.82 -7.26 -21.69
N SER A 135 28.40 -8.23 -22.41
CA SER A 135 28.54 -8.09 -23.85
C SER A 135 27.15 -8.07 -24.47
N ALA A 136 26.25 -8.92 -23.96
CA ALA A 136 24.92 -9.05 -24.54
C ALA A 136 24.20 -7.71 -24.43
N VAL A 137 24.37 -7.02 -23.31
CA VAL A 137 23.65 -5.77 -23.09
C VAL A 137 24.04 -4.80 -24.20
N VAL A 138 25.35 -4.71 -24.46
CA VAL A 138 25.83 -3.77 -25.46
C VAL A 138 25.28 -4.18 -26.82
N ILE A 139 25.33 -5.48 -27.11
CA ILE A 139 24.91 -5.98 -28.41
C ILE A 139 23.43 -5.66 -28.60
N ILE A 140 22.64 -5.89 -27.56
CA ILE A 140 21.22 -5.53 -27.62
C ILE A 140 21.09 -4.03 -27.83
N THR A 141 21.58 -3.26 -26.85
CA THR A 141 21.56 -1.80 -26.93
C THR A 141 21.94 -1.34 -28.33
N GLY A 142 23.06 -1.84 -28.84
CA GLY A 142 23.50 -1.55 -30.19
C GLY A 142 22.44 -1.89 -31.21
N CYS A 143 22.00 -3.16 -31.22
CA CYS A 143 20.95 -3.58 -32.14
C CYS A 143 19.72 -2.67 -32.05
N PHE A 144 19.31 -2.33 -30.82
CA PHE A 144 18.16 -1.44 -30.66
C PHE A 144 18.40 -0.09 -31.32
N SER A 145 19.52 0.55 -30.96
CA SER A 145 19.87 1.85 -31.53
C SER A 145 19.78 1.82 -33.04
N TYR A 146 20.53 0.91 -33.66
CA TYR A 146 20.58 0.84 -35.12
C TYR A 146 19.19 0.70 -35.72
N TYR A 147 18.26 0.04 -35.01
CA TYR A 147 16.90 -0.06 -35.52
C TYR A 147 16.30 1.31 -35.76
N GLN A 148 16.54 2.25 -34.83
CA GLN A 148 15.96 3.58 -34.94
C GLN A 148 16.68 4.41 -35.99
N GLU A 149 18.01 4.56 -35.86
CA GLU A 149 18.78 5.30 -36.86
C GLU A 149 18.54 4.78 -38.27
N ALA A 150 18.21 3.49 -38.41
CA ALA A 150 17.77 2.98 -39.69
C ALA A 150 16.41 3.54 -40.06
N LYS A 151 15.45 3.45 -39.13
CA LYS A 151 14.08 3.84 -39.43
C LYS A 151 13.98 5.28 -39.92
N SER A 152 14.82 6.17 -39.41
CA SER A 152 14.83 7.55 -39.88
C SER A 152 15.24 7.60 -41.36
N SER A 153 16.48 7.21 -41.65
CA SER A 153 16.95 7.23 -43.03
C SER A 153 16.09 6.36 -43.94
N LYS A 154 15.44 5.34 -43.38
CA LYS A 154 14.44 4.57 -44.11
C LYS A 154 13.32 5.50 -44.57
N ILE A 155 12.56 6.04 -43.61
CA ILE A 155 11.47 6.95 -43.94
C ILE A 155 12.00 8.25 -44.55
N MET A 156 13.26 8.59 -44.31
CA MET A 156 13.86 9.74 -44.99
C MET A 156 13.92 9.51 -46.50
N GLU A 157 14.15 8.26 -46.92
CA GLU A 157 14.10 7.94 -48.34
C GLU A 157 12.70 8.06 -48.92
N SER A 158 11.66 7.96 -48.08
CA SER A 158 10.29 8.00 -48.57
C SER A 158 9.92 9.35 -49.16
N PHE A 159 10.50 10.44 -48.66
CA PHE A 159 10.31 11.75 -49.26
C PHE A 159 11.45 12.15 -50.19
N LYS A 160 12.46 11.29 -50.36
CA LYS A 160 13.51 11.50 -51.35
C LYS A 160 13.13 10.92 -52.71
N ASN A 161 11.85 10.96 -53.07
CA ASN A 161 11.35 10.50 -54.37
C ASN A 161 11.40 11.67 -55.34
N MET A 162 12.60 11.99 -55.80
CA MET A 162 12.79 13.07 -56.77
C MET A 162 12.87 12.49 -58.18
N VAL A 163 12.73 13.38 -59.16
CA VAL A 163 12.46 12.99 -60.54
C VAL A 163 13.48 13.62 -61.49
N PRO A 164 13.98 12.88 -62.47
CA PRO A 164 14.81 13.51 -63.50
C PRO A 164 13.96 14.42 -64.37
N GLN A 165 14.58 15.49 -64.88
CA GLN A 165 13.90 16.41 -65.78
C GLN A 165 14.64 16.46 -67.11
N GLN A 166 13.91 16.29 -68.20
CA GLN A 166 14.55 16.25 -69.50
C GLN A 166 15.16 17.61 -69.85
N ALA A 167 16.38 17.58 -70.39
CA ALA A 167 17.04 18.81 -70.80
C ALA A 167 16.47 19.32 -72.12
N LEU A 168 16.42 20.64 -72.27
CA LEU A 168 15.99 21.26 -73.52
C LEU A 168 17.25 21.70 -74.26
N VAL A 169 17.52 21.09 -75.41
CA VAL A 169 18.74 21.36 -76.17
C VAL A 169 18.43 21.55 -77.65
N ILE A 170 19.18 22.44 -78.29
CA ILE A 170 19.12 22.69 -79.72
C ILE A 170 20.52 22.51 -80.29
N ARG A 171 20.69 21.54 -81.19
CA ARG A 171 22.01 21.28 -81.74
C ARG A 171 21.96 21.38 -83.26
N ASN A 172 22.99 21.97 -83.85
CA ASN A 172 23.10 22.12 -85.31
C ASN A 172 21.82 22.70 -85.90
N GLY A 173 21.05 23.39 -85.07
CA GLY A 173 19.82 24.01 -85.50
C GLY A 173 18.69 23.02 -85.68
N GLU A 174 18.87 21.78 -85.25
CA GLU A 174 17.85 20.77 -85.43
C GLU A 174 16.96 20.66 -84.20
N LYS A 175 17.20 21.49 -83.18
CA LYS A 175 16.34 21.53 -82.00
C LYS A 175 16.14 20.17 -81.33
N MET A 176 17.21 19.42 -81.12
CA MET A 176 17.07 18.06 -80.59
C MET A 176 17.24 18.08 -79.06
N SER A 177 16.13 17.91 -78.34
CA SER A 177 16.23 17.83 -76.89
C SER A 177 16.87 16.50 -76.52
N ILE A 178 17.67 16.51 -75.46
CA ILE A 178 18.41 15.33 -75.03
C ILE A 178 18.28 15.20 -73.52
N ASN A 179 18.66 14.02 -73.02
CA ASN A 179 18.62 13.79 -71.58
C ASN A 179 19.62 14.68 -70.85
N ALA A 180 19.29 15.02 -69.61
CA ALA A 180 20.11 15.94 -68.83
C ALA A 180 21.49 15.37 -68.59
N GLU A 181 21.59 14.08 -68.26
CA GLU A 181 22.92 13.49 -68.12
C GLU A 181 23.67 13.58 -69.44
N GLU A 182 22.96 13.43 -70.56
CA GLU A 182 23.59 13.43 -71.86
C GLU A 182 24.17 14.80 -72.22
N VAL A 183 23.92 15.82 -71.41
CA VAL A 183 24.34 17.18 -71.73
C VAL A 183 25.86 17.25 -71.70
N VAL A 184 26.42 18.10 -72.57
CA VAL A 184 27.86 18.25 -72.70
C VAL A 184 28.23 19.72 -72.73
N VAL A 185 29.53 19.99 -72.63
CA VAL A 185 30.02 21.37 -72.59
C VAL A 185 29.88 22.03 -73.96
N GLY A 186 29.91 23.36 -73.96
CA GLY A 186 29.89 24.14 -75.19
C GLY A 186 28.71 23.92 -76.10
N ASP A 187 27.50 23.86 -75.54
CA ASP A 187 26.30 23.54 -76.31
C ASP A 187 25.24 24.63 -76.12
N LEU A 188 24.30 24.68 -77.06
CA LEU A 188 23.24 25.68 -77.03
C LEU A 188 22.03 25.13 -76.27
N VAL A 189 21.25 26.04 -75.68
CA VAL A 189 20.10 25.67 -74.86
C VAL A 189 19.07 26.80 -74.86
N GLU A 190 17.79 26.47 -75.07
CA GLU A 190 16.68 27.42 -74.94
C GLU A 190 16.05 27.22 -73.57
N VAL A 191 16.21 28.20 -72.68
CA VAL A 191 15.58 28.15 -71.34
C VAL A 191 14.18 28.75 -71.44
N LYS A 192 13.24 27.92 -71.85
CA LYS A 192 11.86 28.39 -71.91
C LYS A 192 11.29 28.46 -70.49
N GLY A 193 10.24 29.25 -70.32
CA GLY A 193 9.63 29.36 -69.00
C GLY A 193 9.11 28.02 -68.54
N GLY A 194 9.33 27.71 -67.26
CA GLY A 194 8.87 26.47 -66.68
C GLY A 194 9.81 25.30 -66.89
N ASP A 195 10.97 25.51 -67.52
CA ASP A 195 11.98 24.48 -67.68
C ASP A 195 13.12 24.74 -66.70
N ARG A 196 13.56 23.68 -66.02
CA ARG A 196 14.67 23.80 -65.09
C ARG A 196 15.94 24.14 -65.85
N ILE A 197 16.78 24.98 -65.25
CA ILE A 197 18.07 25.28 -65.88
C ILE A 197 18.90 23.99 -65.91
N PRO A 198 19.40 23.57 -67.07
CA PRO A 198 20.15 22.30 -67.12
C PRO A 198 21.47 22.32 -66.38
N ALA A 199 22.28 23.35 -66.58
CA ALA A 199 23.62 23.42 -65.99
C ALA A 199 24.08 24.86 -66.08
N ASP A 200 25.15 25.19 -65.33
CA ASP A 200 25.64 26.56 -65.34
C ASP A 200 26.04 26.96 -66.76
N LEU A 201 25.48 28.07 -67.27
CA LEU A 201 25.73 28.47 -68.65
C LEU A 201 25.80 29.99 -68.78
N ARG A 202 26.30 30.45 -69.94
CA ARG A 202 26.40 31.86 -70.26
C ARG A 202 25.27 32.23 -71.23
N ILE A 203 24.87 33.50 -71.25
CA ILE A 203 23.69 33.94 -71.99
C ILE A 203 24.07 34.80 -73.20
N ILE A 204 23.42 34.53 -74.33
CA ILE A 204 23.65 35.33 -75.54
C ILE A 204 22.41 36.11 -75.97
N SER A 205 21.21 35.68 -75.59
CA SER A 205 19.98 36.36 -76.01
C SER A 205 18.97 36.24 -74.88
N ALA A 206 18.09 37.24 -74.77
CA ALA A 206 17.16 37.24 -73.65
C ALA A 206 15.85 37.94 -73.99
N ASN A 207 14.76 37.42 -73.44
CA ASN A 207 13.43 38.02 -73.56
C ASN A 207 12.79 38.05 -72.17
N GLY A 208 13.46 38.73 -71.25
CA GLY A 208 12.97 38.91 -69.90
C GLY A 208 12.83 37.67 -69.06
N CYS A 209 13.53 36.58 -69.36
CA CYS A 209 13.47 35.43 -68.46
C CYS A 209 14.12 35.79 -67.13
N LYS A 210 13.44 35.43 -66.05
CA LYS A 210 13.96 35.63 -64.71
C LYS A 210 14.12 34.25 -64.08
N VAL A 211 15.05 34.14 -63.15
CA VAL A 211 15.36 32.83 -62.60
C VAL A 211 15.36 32.92 -61.08
N ASP A 212 15.03 31.79 -60.44
CA ASP A 212 15.07 31.71 -58.99
C ASP A 212 16.46 31.30 -58.56
N ASN A 213 17.26 32.27 -58.14
CA ASN A 213 18.60 32.01 -57.64
C ASN A 213 18.57 31.83 -56.13
N SER A 214 17.36 31.72 -55.58
CA SER A 214 17.17 31.63 -54.14
C SER A 214 17.89 30.42 -53.57
N SER A 215 17.82 29.27 -54.24
CA SER A 215 18.47 28.10 -53.69
C SER A 215 19.98 28.31 -53.62
N LEU A 216 20.58 28.79 -54.71
CA LEU A 216 22.03 28.94 -54.75
C LEU A 216 22.51 30.14 -53.94
N THR A 217 21.89 31.31 -54.11
CA THR A 217 22.40 32.52 -53.47
C THR A 217 21.34 33.26 -52.66
N GLY A 218 20.21 32.66 -52.39
CA GLY A 218 19.19 33.26 -51.55
C GLY A 218 18.65 34.59 -52.05
N GLU A 219 18.32 34.69 -53.33
CA GLU A 219 17.68 35.90 -53.85
C GLU A 219 16.17 35.68 -53.82
N SER A 220 15.48 36.36 -52.90
CA SER A 220 14.06 36.12 -52.74
C SER A 220 13.31 36.52 -54.00
N GLU A 221 13.64 37.65 -54.54
CA GLU A 221 13.02 38.14 -55.75
C GLU A 221 13.70 37.47 -56.93
N PRO A 222 12.96 37.06 -57.96
CA PRO A 222 13.63 36.54 -59.15
C PRO A 222 14.46 37.67 -59.73
N GLN A 223 15.65 37.35 -60.19
CA GLN A 223 16.50 38.35 -60.84
C GLN A 223 16.50 38.11 -62.34
N THR A 224 16.26 39.18 -63.10
CA THR A 224 16.19 39.04 -64.54
C THR A 224 17.56 38.68 -65.08
N ARG A 225 17.58 38.00 -66.23
CA ARG A 225 18.83 37.53 -66.80
C ARG A 225 19.13 38.35 -68.04
N SER A 226 20.36 38.85 -68.13
CA SER A 226 20.79 39.65 -69.26
C SER A 226 22.13 39.16 -69.79
N PRO A 227 22.34 39.17 -71.11
CA PRO A 227 23.65 38.77 -71.63
C PRO A 227 24.79 39.69 -71.21
N ASP A 228 24.53 41.00 -71.14
CA ASP A 228 25.57 41.96 -70.81
C ASP A 228 26.05 41.80 -69.37
N PHE A 229 27.31 42.14 -69.14
CA PHE A 229 27.90 42.08 -67.81
C PHE A 229 27.26 43.12 -66.90
N THR A 230 27.13 42.78 -65.62
CA THR A 230 26.57 43.71 -64.64
C THR A 230 27.51 43.95 -63.46
N ASN A 231 27.92 42.92 -62.73
CA ASN A 231 28.71 43.09 -61.51
C ASN A 231 29.90 42.14 -61.48
N GLU A 232 30.97 42.57 -60.80
CA GLU A 232 32.19 41.77 -60.75
C GLU A 232 31.94 40.43 -60.08
N ASN A 233 31.18 40.40 -59.00
CA ASN A 233 30.97 39.16 -58.28
C ASN A 233 30.34 38.18 -59.26
N PRO A 234 30.88 36.98 -59.41
CA PRO A 234 30.36 36.07 -60.45
C PRO A 234 28.88 35.79 -60.22
N LEU A 235 28.49 35.65 -58.95
CA LEU A 235 27.11 35.31 -58.65
C LEU A 235 26.15 36.40 -59.10
N GLU A 236 26.52 37.67 -58.84
CA GLU A 236 25.62 38.80 -59.10
C GLU A 236 25.36 39.03 -60.58
N THR A 237 26.38 38.93 -61.43
CA THR A 237 26.20 39.32 -62.82
C THR A 237 25.14 38.45 -63.49
N ARG A 238 24.28 39.11 -64.28
CA ARG A 238 23.17 38.40 -64.92
C ARG A 238 23.60 37.54 -66.09
N ASN A 239 24.84 37.71 -66.59
CA ASN A 239 25.26 36.99 -67.80
C ASN A 239 25.30 35.48 -67.56
N ILE A 240 25.69 35.05 -66.36
CA ILE A 240 25.84 33.62 -66.09
C ILE A 240 24.55 33.02 -65.54
N ALA A 241 24.47 31.70 -65.47
CA ALA A 241 23.32 30.96 -64.97
C ALA A 241 23.79 29.91 -63.97
N PHE A 242 22.83 29.36 -63.21
CA PHE A 242 23.16 28.42 -62.16
C PHE A 242 22.28 27.17 -62.21
N PHE A 243 22.81 26.08 -61.66
CA PHE A 243 22.13 24.79 -61.61
C PHE A 243 21.08 24.83 -60.50
N SER A 244 20.16 23.86 -60.55
CA SER A 244 19.09 23.71 -59.55
C SER A 244 18.26 24.97 -59.46
N THR A 245 18.22 25.72 -60.55
CA THR A 245 17.35 26.88 -60.70
C THR A 245 16.50 26.66 -61.93
N ASN A 246 15.47 27.48 -62.10
CA ASN A 246 14.56 27.29 -63.22
C ASN A 246 14.12 28.62 -63.78
N CYS A 247 13.96 28.69 -65.10
CA CYS A 247 13.43 29.91 -65.69
C CYS A 247 11.95 29.94 -65.34
N VAL A 248 11.51 31.01 -64.68
CA VAL A 248 10.13 31.11 -64.23
C VAL A 248 9.27 31.63 -65.37
N GLU A 249 9.55 32.86 -65.78
CA GLU A 249 8.80 33.52 -66.84
C GLU A 249 9.80 34.04 -67.86
N GLY A 250 9.29 34.42 -69.04
CA GLY A 250 10.15 34.80 -70.14
C GLY A 250 10.94 33.62 -70.69
N THR A 251 11.73 33.91 -71.73
CA THR A 251 12.60 32.92 -72.34
C THR A 251 13.92 33.54 -72.77
N ALA A 252 14.88 32.69 -73.10
CA ALA A 252 16.23 33.10 -73.43
C ALA A 252 16.97 31.90 -74.01
N ARG A 253 18.18 32.15 -74.51
CA ARG A 253 19.08 31.08 -74.92
C ARG A 253 20.49 31.39 -74.44
N GLY A 254 21.36 30.38 -74.52
CA GLY A 254 22.71 30.53 -74.00
C GLY A 254 23.55 29.30 -74.29
N ILE A 255 24.82 29.37 -73.88
CA ILE A 255 25.81 28.34 -74.16
C ILE A 255 26.51 27.92 -72.87
N VAL A 256 26.77 26.61 -72.76
CA VAL A 256 27.34 25.92 -71.60
C VAL A 256 28.64 26.57 -71.14
N VAL A 257 28.93 26.47 -69.84
CA VAL A 257 30.25 26.72 -69.30
C VAL A 257 30.64 25.53 -68.43
N TYR A 258 30.07 25.43 -67.24
CA TYR A 258 30.43 24.40 -66.27
C TYR A 258 29.31 23.37 -66.19
N THR A 259 29.69 22.10 -66.11
CA THR A 259 28.74 20.99 -66.10
C THR A 259 29.12 19.99 -65.02
N GLY A 260 28.13 19.19 -64.58
CA GLY A 260 28.41 18.11 -63.63
C GLY A 260 29.09 18.58 -62.37
N ASP A 261 30.17 17.88 -61.97
CA ASP A 261 30.84 18.24 -60.73
C ASP A 261 31.38 19.66 -60.82
N ARG A 262 31.73 20.09 -62.04
CA ARG A 262 32.29 21.42 -62.26
C ARG A 262 31.31 22.51 -61.87
N THR A 263 30.01 22.20 -61.84
CA THR A 263 28.97 23.17 -61.53
C THR A 263 29.21 23.73 -60.13
N VAL A 264 28.87 25.00 -59.94
CA VAL A 264 29.13 25.62 -58.66
C VAL A 264 28.41 24.86 -57.55
N MET A 265 27.13 24.50 -57.77
CA MET A 265 26.38 23.85 -56.70
C MET A 265 27.02 22.52 -56.33
N GLY A 266 27.46 21.76 -57.34
CA GLY A 266 28.05 20.46 -57.06
C GLY A 266 29.29 20.64 -56.25
N ARG A 267 30.13 21.61 -56.62
CA ARG A 267 31.30 21.95 -55.82
C ARG A 267 30.84 22.21 -54.39
N ILE A 268 29.77 23.00 -54.24
CA ILE A 268 29.28 23.37 -52.91
C ILE A 268 28.88 22.12 -52.14
N ALA A 269 28.18 21.20 -52.82
CA ALA A 269 27.73 19.97 -52.16
C ALA A 269 28.92 19.11 -51.77
N THR A 270 29.75 18.76 -52.75
CA THR A 270 31.01 18.06 -52.52
C THR A 270 31.73 18.61 -51.30
N LEU A 271 31.85 19.95 -51.23
CA LEU A 271 32.39 20.60 -50.04
C LEU A 271 31.67 20.13 -48.78
N ALA A 272 30.34 20.31 -48.76
CA ALA A 272 29.56 19.97 -47.58
C ALA A 272 29.76 18.51 -47.16
N SER A 273 29.56 17.58 -48.10
CA SER A 273 29.65 16.16 -47.77
C SER A 273 31.02 15.77 -47.24
N GLY A 274 32.07 16.46 -47.68
CA GLY A 274 33.42 16.13 -47.23
C GLY A 274 33.90 16.98 -46.08
N LEU A 275 33.06 17.15 -45.07
CA LEU A 275 33.40 17.95 -43.90
C LEU A 275 33.21 17.12 -42.64
N GLU A 276 33.56 17.72 -41.50
CA GLU A 276 33.63 17.01 -40.24
C GLU A 276 32.38 17.33 -39.43
N GLY A 277 31.56 16.31 -39.18
CA GLY A 277 30.30 16.48 -38.47
C GLY A 277 30.44 17.04 -37.08
N GLY A 278 31.67 17.13 -36.57
CA GLY A 278 31.95 17.70 -35.28
C GLY A 278 31.49 16.82 -34.13
N GLN A 279 32.09 17.00 -32.96
CA GLN A 279 31.68 16.25 -31.79
C GLN A 279 30.42 16.87 -31.20
N THR A 280 29.41 16.03 -31.01
CA THR A 280 28.15 16.51 -30.48
C THR A 280 28.24 16.68 -28.96
N PRO A 281 27.62 17.73 -28.40
CA PRO A 281 27.92 18.08 -27.00
C PRO A 281 27.53 16.98 -26.01
N ILE A 282 26.41 16.30 -26.26
CA ILE A 282 25.93 15.22 -25.40
C ILE A 282 27.04 14.19 -25.17
N ALA A 283 27.48 13.52 -26.25
CA ALA A 283 28.47 12.45 -26.12
C ALA A 283 29.75 12.91 -25.45
N ALA A 284 30.10 14.20 -25.59
CA ALA A 284 31.27 14.73 -24.90
C ALA A 284 31.09 14.67 -23.39
N GLU A 285 29.90 14.98 -22.90
CA GLU A 285 29.64 14.87 -21.47
C GLU A 285 29.76 13.43 -21.01
N ILE A 286 29.33 12.48 -21.85
CA ILE A 286 29.59 11.06 -21.58
C ILE A 286 31.08 10.82 -21.41
N GLU A 287 31.88 11.35 -22.34
CA GLU A 287 33.32 11.10 -22.30
C GLU A 287 33.94 11.66 -21.02
N HIS A 288 33.42 12.78 -20.51
CA HIS A 288 33.87 13.25 -19.22
C HIS A 288 33.25 12.39 -18.12
N PHE A 289 32.01 11.96 -18.34
CA PHE A 289 31.34 11.11 -17.36
C PHE A 289 32.12 9.83 -17.20
N ILE A 290 32.61 9.29 -18.31
CA ILE A 290 33.35 8.03 -18.29
C ILE A 290 34.60 8.22 -17.43
N HIS A 291 35.26 9.38 -17.56
CA HIS A 291 36.51 9.62 -16.84
C HIS A 291 36.29 9.49 -15.34
N ILE A 292 35.21 10.11 -14.83
CA ILE A 292 34.99 10.12 -13.40
C ILE A 292 34.72 8.70 -12.91
N ILE A 293 33.89 7.94 -13.66
CA ILE A 293 33.51 6.60 -13.22
C ILE A 293 34.78 5.78 -12.98
N THR A 294 35.57 5.60 -14.04
CA THR A 294 36.80 4.83 -13.93
C THR A 294 37.73 5.48 -12.91
N GLY A 295 37.70 6.82 -12.80
CA GLY A 295 38.62 7.53 -11.95
C GLY A 295 38.47 7.15 -10.49
N VAL A 296 37.24 7.10 -9.99
CA VAL A 296 37.04 6.60 -8.63
C VAL A 296 37.36 5.12 -8.60
N ALA A 297 37.02 4.40 -9.67
CA ALA A 297 37.17 2.95 -9.68
C ALA A 297 38.64 2.58 -9.47
N VAL A 298 39.55 3.25 -10.20
CA VAL A 298 40.96 2.89 -10.06
C VAL A 298 41.41 3.19 -8.65
N PHE A 299 41.00 4.34 -8.10
CA PHE A 299 41.46 4.71 -6.77
C PHE A 299 40.95 3.69 -5.79
N LEU A 300 39.67 3.31 -5.93
CA LEU A 300 39.08 2.35 -5.01
C LEU A 300 39.80 1.02 -5.17
N GLY A 301 39.99 0.61 -6.43
CA GLY A 301 40.60 -0.67 -6.71
C GLY A 301 42.04 -0.70 -6.26
N VAL A 302 42.80 0.36 -6.58
CA VAL A 302 44.22 0.40 -6.23
C VAL A 302 44.36 0.38 -4.73
N SER A 303 43.50 1.14 -4.05
CA SER A 303 43.58 1.21 -2.60
C SER A 303 43.30 -0.16 -2.03
N PHE A 304 42.29 -0.83 -2.59
CA PHE A 304 41.90 -2.14 -2.10
C PHE A 304 43.02 -3.11 -2.38
N PHE A 305 43.65 -2.99 -3.57
CA PHE A 305 44.73 -3.90 -3.95
C PHE A 305 45.86 -3.75 -2.95
N ILE A 306 46.13 -2.50 -2.54
CA ILE A 306 47.11 -2.23 -1.52
C ILE A 306 46.71 -2.94 -0.25
N LEU A 307 45.48 -2.66 0.21
CA LEU A 307 45.03 -3.22 1.47
C LEU A 307 45.03 -4.74 1.39
N SER A 308 44.66 -5.29 0.21
CA SER A 308 44.57 -6.75 0.06
C SER A 308 45.94 -7.36 0.29
N LEU A 309 46.97 -6.76 -0.31
CA LEU A 309 48.33 -7.25 -0.11
C LEU A 309 48.74 -7.07 1.34
N ILE A 310 48.40 -5.92 1.94
CA ILE A 310 48.65 -5.67 3.34
C ILE A 310 47.93 -6.72 4.18
N LEU A 311 46.85 -7.27 3.62
CA LEU A 311 46.04 -8.26 4.31
C LEU A 311 46.60 -9.67 4.15
N GLU A 312 47.72 -9.81 3.42
CA GLU A 312 48.55 -10.99 3.20
C GLU A 312 48.01 -11.96 2.15
N TYR A 313 46.90 -11.65 1.48
CA TYR A 313 46.33 -12.58 0.52
C TYR A 313 47.25 -12.69 -0.69
N THR A 314 47.17 -13.82 -1.39
CA THR A 314 48.11 -14.10 -2.47
C THR A 314 48.01 -13.07 -3.60
N TRP A 315 49.18 -12.72 -4.17
CA TRP A 315 49.25 -11.78 -5.27
C TRP A 315 48.24 -12.12 -6.36
N LEU A 316 48.21 -13.38 -6.77
CA LEU A 316 47.33 -13.78 -7.87
C LEU A 316 45.89 -13.47 -7.50
N GLU A 317 45.51 -13.80 -6.26
CA GLU A 317 44.17 -13.53 -5.79
C GLU A 317 43.93 -12.03 -5.74
N ALA A 318 44.96 -11.26 -5.36
CA ALA A 318 44.81 -9.82 -5.20
C ALA A 318 44.41 -9.20 -6.53
N VAL A 319 45.02 -9.67 -7.62
CA VAL A 319 44.73 -9.10 -8.93
C VAL A 319 43.24 -9.28 -9.20
N ILE A 320 42.76 -10.50 -8.99
CA ILE A 320 41.35 -10.83 -9.20
C ILE A 320 40.51 -9.83 -8.45
N PHE A 321 40.90 -9.53 -7.20
CA PHE A 321 40.12 -8.63 -6.36
C PHE A 321 40.03 -7.26 -7.03
N LEU A 322 41.16 -6.77 -7.53
CA LEU A 322 41.17 -5.45 -8.15
C LEU A 322 40.24 -5.43 -9.35
N ILE A 323 40.32 -6.49 -10.17
CA ILE A 323 39.50 -6.55 -11.37
C ILE A 323 38.03 -6.57 -10.96
N GLY A 324 37.70 -7.38 -9.96
CA GLY A 324 36.32 -7.54 -9.57
C GLY A 324 35.73 -6.21 -9.13
N ILE A 325 36.48 -5.46 -8.30
CA ILE A 325 35.96 -4.20 -7.79
C ILE A 325 35.77 -3.24 -8.94
N ILE A 326 36.77 -3.16 -9.82
CA ILE A 326 36.70 -2.21 -10.93
C ILE A 326 35.54 -2.59 -11.83
N VAL A 327 35.38 -3.90 -12.09
CA VAL A 327 34.34 -4.37 -12.99
C VAL A 327 32.98 -4.05 -12.41
N ALA A 328 32.72 -4.56 -11.19
CA ALA A 328 31.41 -4.34 -10.59
C ALA A 328 31.10 -2.86 -10.41
N ASN A 329 32.14 -2.02 -10.37
CA ASN A 329 31.93 -0.58 -10.25
C ASN A 329 31.35 0.00 -11.53
N VAL A 330 31.50 -0.70 -12.64
CA VAL A 330 31.04 -0.23 -13.95
C VAL A 330 29.52 -0.29 -13.99
N PRO A 331 28.84 0.76 -14.42
CA PRO A 331 27.38 0.69 -14.56
C PRO A 331 27.03 -0.34 -15.62
N GLU A 332 25.92 -1.04 -15.40
CA GLU A 332 25.52 -2.13 -16.28
C GLU A 332 24.38 -1.69 -17.19
N GLY A 333 23.21 -1.55 -16.61
CA GLY A 333 22.06 -1.26 -17.41
C GLY A 333 21.90 0.20 -17.73
N LEU A 334 22.78 1.04 -17.19
CA LEU A 334 22.63 2.47 -17.40
C LEU A 334 22.66 2.77 -18.89
N LEU A 335 23.49 2.04 -19.63
CA LEU A 335 23.64 2.28 -21.07
C LEU A 335 22.28 2.10 -21.74
N ALA A 336 21.58 1.02 -21.41
CA ALA A 336 20.27 0.78 -21.97
C ALA A 336 19.29 1.85 -21.51
N THR A 337 19.36 2.24 -20.23
CA THR A 337 18.42 3.22 -19.70
C THR A 337 18.58 4.53 -20.46
N VAL A 338 19.83 4.95 -20.67
CA VAL A 338 20.11 6.22 -21.33
C VAL A 338 19.58 6.15 -22.76
N THR A 339 19.86 5.04 -23.45
CA THR A 339 19.48 4.90 -24.84
C THR A 339 17.96 4.96 -24.97
N VAL A 340 17.26 4.20 -24.10
CA VAL A 340 15.81 4.14 -24.20
C VAL A 340 15.26 5.52 -23.94
N CYS A 341 15.81 6.19 -22.91
CA CYS A 341 15.31 7.50 -22.52
C CYS A 341 15.49 8.46 -23.68
N LEU A 342 16.64 8.37 -24.35
CA LEU A 342 16.95 9.28 -25.44
C LEU A 342 15.93 9.07 -26.54
N THR A 343 15.64 7.80 -26.86
CA THR A 343 14.75 7.50 -27.98
C THR A 343 13.36 8.06 -27.70
N LEU A 344 12.89 7.90 -26.46
CA LEU A 344 11.53 8.31 -26.12
C LEU A 344 11.36 9.78 -26.44
N THR A 345 12.31 10.60 -26.00
CA THR A 345 12.17 12.04 -26.20
C THR A 345 12.04 12.33 -27.68
N ALA A 346 12.84 11.62 -28.50
CA ALA A 346 12.82 11.83 -29.94
C ALA A 346 11.45 11.48 -30.52
N LYS A 347 10.80 10.44 -29.95
CA LYS A 347 9.53 9.98 -30.51
C LYS A 347 8.51 11.11 -30.50
N ARG A 348 8.43 11.84 -29.39
CA ARG A 348 7.43 12.90 -29.30
C ARG A 348 7.70 13.94 -30.36
N MET A 349 8.99 14.26 -30.58
CA MET A 349 9.37 15.13 -31.67
C MET A 349 8.84 14.60 -33.00
N ALA A 350 9.05 13.30 -33.25
CA ALA A 350 8.52 12.69 -34.46
C ALA A 350 7.00 12.71 -34.48
N ARG A 351 6.36 12.65 -33.30
CA ARG A 351 4.92 12.85 -33.24
C ARG A 351 4.52 14.21 -33.80
N LYS A 352 5.36 15.22 -33.57
CA LYS A 352 5.15 16.57 -34.09
C LYS A 352 6.09 16.88 -35.26
N ASN A 353 6.40 15.88 -36.09
CA ASN A 353 7.10 16.06 -37.36
C ASN A 353 8.48 16.69 -37.19
N CYS A 354 9.11 16.50 -36.04
CA CYS A 354 10.49 16.88 -35.82
C CYS A 354 11.33 15.60 -35.77
N LEU A 355 12.02 15.29 -36.87
CA LEU A 355 12.75 14.03 -36.97
C LEU A 355 14.24 14.28 -36.85
N VAL A 356 14.95 13.36 -36.21
CA VAL A 356 16.40 13.41 -36.07
C VAL A 356 17.00 12.14 -36.68
N LYS A 357 17.90 12.31 -37.64
CA LYS A 357 18.57 11.13 -38.19
C LYS A 357 19.51 10.50 -37.16
N ASN A 358 20.13 11.33 -36.32
CA ASN A 358 21.08 10.88 -35.32
C ASN A 358 20.44 11.06 -33.96
N LEU A 359 20.43 9.98 -33.16
CA LEU A 359 19.74 10.00 -31.87
C LEU A 359 20.38 11.01 -30.93
N GLU A 360 21.71 11.11 -30.94
CA GLU A 360 22.42 11.93 -29.97
C GLU A 360 22.03 13.40 -30.04
N ALA A 361 21.74 13.92 -31.24
CA ALA A 361 21.55 15.34 -31.43
C ALA A 361 20.33 15.92 -30.72
N VAL A 362 19.45 15.10 -30.16
CA VAL A 362 18.21 15.65 -29.58
C VAL A 362 18.53 16.70 -28.52
N GLU A 363 19.57 16.47 -27.70
CA GLU A 363 19.89 17.39 -26.62
C GLU A 363 20.52 18.68 -27.12
N THR A 364 21.00 18.70 -28.36
CA THR A 364 21.78 19.84 -28.83
C THR A 364 20.98 21.14 -28.74
N LEU A 365 19.67 21.07 -29.04
CA LEU A 365 18.87 22.30 -29.09
C LEU A 365 18.92 23.02 -27.74
N GLY A 366 18.78 22.28 -26.65
CA GLY A 366 18.79 22.89 -25.33
C GLY A 366 20.14 23.54 -25.05
N SER A 367 21.21 22.89 -25.49
CA SER A 367 22.57 23.35 -25.22
C SER A 367 22.96 24.57 -26.03
N THR A 368 22.20 24.93 -27.06
CA THR A 368 22.57 26.01 -27.97
C THR A 368 22.57 27.36 -27.26
N SER A 369 23.69 28.09 -27.36
CA SER A 369 23.79 29.45 -26.85
C SER A 369 23.61 30.53 -27.93
N THR A 370 23.60 30.17 -29.21
CA THR A 370 23.65 31.10 -30.33
C THR A 370 23.14 30.38 -31.58
N ILE A 371 22.38 31.10 -32.41
CA ILE A 371 21.71 30.51 -33.55
C ILE A 371 22.00 31.35 -34.79
N CYS A 372 21.85 30.71 -35.95
CA CYS A 372 22.05 31.37 -37.24
C CYS A 372 21.11 30.75 -38.26
N SER A 373 20.12 31.52 -38.70
CA SER A 373 19.05 31.10 -39.57
C SER A 373 19.13 31.80 -40.91
N ASP A 374 18.47 31.23 -41.91
CA ASP A 374 18.48 31.78 -43.26
C ASP A 374 17.16 32.49 -43.48
N LYS A 375 17.14 33.42 -44.43
CA LYS A 375 15.96 34.26 -44.65
C LYS A 375 14.95 33.55 -45.54
N THR A 376 15.24 33.49 -46.84
CA THR A 376 14.31 32.87 -47.77
C THR A 376 14.17 31.39 -47.51
N GLY A 377 12.98 30.87 -47.78
CA GLY A 377 12.69 29.44 -47.68
C GLY A 377 12.66 28.90 -46.26
N THR A 378 13.47 29.49 -45.38
CA THR A 378 13.55 29.09 -43.97
C THR A 378 12.63 29.95 -43.11
N LEU A 379 12.83 31.26 -43.16
CA LEU A 379 11.83 32.13 -42.54
C LEU A 379 10.76 32.47 -43.55
N THR A 380 11.17 32.84 -44.77
CA THR A 380 10.21 33.24 -45.79
C THR A 380 9.54 32.01 -46.39
N GLN A 381 8.44 32.24 -47.09
CA GLN A 381 7.75 31.18 -47.81
C GLN A 381 8.24 31.07 -49.25
N ASN A 382 9.25 31.88 -49.62
CA ASN A 382 9.80 31.92 -50.98
C ASN A 382 8.71 32.16 -52.02
N ARG A 383 7.67 32.90 -51.63
CA ARG A 383 6.61 33.30 -52.53
C ARG A 383 6.32 34.78 -52.42
N MET A 384 6.36 35.49 -53.55
CA MET A 384 5.97 36.89 -53.52
C MET A 384 4.52 36.95 -53.07
N THR A 385 4.18 37.94 -52.24
CA THR A 385 2.84 37.93 -51.67
C THR A 385 2.41 39.35 -51.34
N VAL A 386 1.11 39.59 -51.50
CA VAL A 386 0.59 40.93 -51.27
C VAL A 386 0.82 41.30 -49.81
N ALA A 387 1.40 42.47 -49.58
CA ALA A 387 1.77 42.85 -48.23
C ALA A 387 0.92 43.99 -47.68
N HIS A 388 0.92 45.15 -48.34
CA HIS A 388 0.21 46.32 -47.85
C HIS A 388 -0.60 46.92 -49.00
N MET A 389 -1.65 47.65 -48.64
CA MET A 389 -2.49 48.33 -49.63
C MET A 389 -2.78 49.74 -49.15
N TRP A 390 -2.91 50.67 -50.11
CA TRP A 390 -3.16 52.08 -49.80
C TRP A 390 -4.40 52.52 -50.58
N SER A 391 -5.48 52.82 -49.88
CA SER A 391 -6.72 53.22 -50.52
C SER A 391 -7.29 54.38 -49.72
N ASP A 392 -7.90 55.35 -50.42
CA ASP A 392 -8.55 56.50 -49.79
C ASP A 392 -7.57 57.21 -48.86
N ASN A 393 -6.31 57.30 -49.29
CA ASN A 393 -5.22 57.93 -48.52
C ASN A 393 -4.96 57.29 -47.14
N GLN A 394 -5.06 55.94 -47.04
CA GLN A 394 -4.80 55.19 -45.79
C GLN A 394 -4.19 53.83 -46.17
N ILE A 395 -3.44 53.23 -45.23
CA ILE A 395 -2.72 51.97 -45.45
C ILE A 395 -3.47 50.81 -44.79
N HIS A 396 -3.34 49.62 -45.40
CA HIS A 396 -4.01 48.40 -44.95
C HIS A 396 -3.06 47.22 -45.21
N GLU A 397 -2.31 46.82 -44.19
CA GLU A 397 -1.42 45.67 -44.33
C GLU A 397 -2.24 44.41 -44.45
N ALA A 398 -2.20 43.77 -45.62
CA ALA A 398 -2.85 42.48 -45.80
C ALA A 398 -2.25 41.46 -44.85
N ASP A 399 -3.08 40.54 -44.39
CA ASP A 399 -2.56 39.46 -43.56
C ASP A 399 -1.56 38.63 -44.35
N THR A 400 -0.35 38.53 -43.81
CA THR A 400 0.76 37.89 -44.50
C THR A 400 0.83 36.40 -44.23
N THR A 401 -0.19 35.83 -43.59
CA THR A 401 -0.07 34.50 -42.98
C THR A 401 -0.21 33.40 -44.02
N GLU A 402 0.68 32.41 -43.93
CA GLU A 402 0.59 31.20 -44.74
C GLU A 402 -0.76 30.51 -44.57
N ASN A 403 -1.23 30.39 -43.33
CA ASN A 403 -2.42 29.64 -42.98
C ASN A 403 -3.68 30.50 -42.91
N GLN A 404 -3.57 31.78 -43.28
CA GLN A 404 -4.71 32.71 -43.31
C GLN A 404 -5.25 33.01 -41.92
N SER A 405 -4.38 33.06 -40.92
CA SER A 405 -4.80 33.39 -39.57
C SER A 405 -4.76 34.90 -39.31
N GLY A 406 -4.25 35.67 -40.27
CA GLY A 406 -4.04 37.10 -40.08
C GLY A 406 -5.32 37.92 -40.12
N VAL A 407 -5.23 39.12 -39.55
CA VAL A 407 -6.36 40.05 -39.56
C VAL A 407 -6.52 40.65 -40.96
N SER A 408 -7.71 41.16 -41.24
CA SER A 408 -8.02 41.67 -42.56
C SER A 408 -8.48 43.12 -42.50
N PHE A 409 -8.30 43.79 -43.62
CA PHE A 409 -8.67 45.19 -43.82
C PHE A 409 -10.20 45.29 -43.93
N ASP A 410 -10.71 46.50 -43.78
CA ASP A 410 -12.13 46.73 -44.01
C ASP A 410 -12.39 46.85 -45.51
N LYS A 411 -13.38 46.11 -46.01
CA LYS A 411 -13.68 46.11 -47.45
C LYS A 411 -14.92 46.92 -47.77
N THR A 412 -15.47 47.66 -46.81
CA THR A 412 -16.71 48.38 -47.03
C THR A 412 -16.59 49.42 -48.13
N SER A 413 -15.49 50.16 -48.15
CA SER A 413 -15.31 51.23 -49.13
C SER A 413 -15.40 50.67 -50.55
N ALA A 414 -16.13 51.36 -51.42
CA ALA A 414 -16.21 50.92 -52.80
C ALA A 414 -14.85 50.98 -53.49
N THR A 415 -13.91 51.78 -52.97
CA THR A 415 -12.60 51.88 -53.59
C THR A 415 -11.90 50.52 -53.62
N TRP A 416 -12.10 49.69 -52.59
CA TRP A 416 -11.59 48.31 -52.62
C TRP A 416 -12.07 47.56 -53.86
N LEU A 417 -13.36 47.70 -54.19
CA LEU A 417 -13.90 47.05 -55.37
C LEU A 417 -13.25 47.61 -56.64
N ALA A 418 -13.37 48.92 -56.84
CA ALA A 418 -12.72 49.56 -57.98
C ALA A 418 -11.24 49.25 -58.05
N LEU A 419 -10.62 48.84 -56.95
CA LEU A 419 -9.22 48.43 -56.94
C LEU A 419 -9.08 46.94 -57.26
N SER A 420 -9.86 46.10 -56.58
CA SER A 420 -9.70 44.66 -56.71
C SER A 420 -9.92 44.19 -58.14
N ARG A 421 -10.90 44.78 -58.83
CA ARG A 421 -11.22 44.33 -60.18
C ARG A 421 -10.00 44.49 -61.08
N ILE A 422 -9.25 45.59 -60.90
CA ILE A 422 -8.12 45.86 -61.79
C ILE A 422 -7.14 44.70 -61.73
N ALA A 423 -6.83 44.27 -60.50
CA ALA A 423 -5.87 43.19 -60.33
C ALA A 423 -6.38 41.89 -60.94
N GLY A 424 -7.64 41.54 -60.64
CA GLY A 424 -8.17 40.28 -61.11
C GLY A 424 -8.15 40.14 -62.61
N LEU A 425 -8.32 41.24 -63.33
CA LEU A 425 -8.44 41.24 -64.78
C LEU A 425 -7.10 41.54 -65.46
N CYS A 426 -6.33 42.44 -64.87
CA CYS A 426 -5.07 42.84 -65.49
C CYS A 426 -4.10 41.67 -65.51
N ASN A 427 -4.16 40.79 -64.50
CA ASN A 427 -3.24 39.67 -64.40
C ASN A 427 -3.38 38.78 -65.64
N ARG A 428 -2.27 38.20 -66.08
CA ARG A 428 -2.30 37.45 -67.32
C ARG A 428 -2.80 36.02 -67.14
N ALA A 429 -2.42 35.31 -66.08
CA ALA A 429 -2.79 33.89 -66.05
C ALA A 429 -3.76 33.54 -64.91
N VAL A 430 -3.94 32.23 -64.70
CA VAL A 430 -4.88 31.66 -63.74
C VAL A 430 -4.28 30.39 -63.11
N PHE A 431 -4.99 29.84 -62.13
CA PHE A 431 -4.57 28.64 -61.41
C PHE A 431 -4.57 27.43 -62.34
N GLN A 432 -3.70 26.46 -62.06
CA GLN A 432 -3.74 25.22 -62.80
C GLN A 432 -5.01 24.46 -62.45
N ALA A 433 -5.57 23.75 -63.46
CA ALA A 433 -6.84 23.07 -63.26
C ALA A 433 -6.76 21.97 -62.21
N ASN A 434 -5.63 21.27 -62.13
CA ASN A 434 -5.54 20.10 -61.26
C ASN A 434 -5.84 20.44 -59.81
N GLN A 435 -5.40 21.61 -59.33
CA GLN A 435 -5.57 21.94 -57.93
C GLN A 435 -7.06 21.95 -57.57
N GLU A 436 -7.44 21.28 -56.47
CA GLU A 436 -8.86 21.19 -56.13
C GLU A 436 -9.08 21.65 -54.69
N ASN A 437 -8.91 20.76 -53.73
CA ASN A 437 -9.11 21.11 -52.33
C ASN A 437 -7.87 21.70 -51.71
N LEU A 438 -6.81 21.82 -52.52
CA LEU A 438 -5.58 22.44 -52.08
C LEU A 438 -5.87 23.85 -51.58
N PRO A 439 -5.22 24.30 -50.51
CA PRO A 439 -5.49 25.64 -50.00
C PRO A 439 -5.10 26.69 -51.02
N ILE A 440 -5.78 27.85 -50.95
CA ILE A 440 -5.56 28.89 -51.95
C ILE A 440 -4.09 29.30 -52.00
N LEU A 441 -3.49 29.49 -50.83
CA LEU A 441 -2.12 29.96 -50.78
C LEU A 441 -1.14 28.92 -51.32
N LYS A 442 -1.35 27.64 -51.01
CA LYS A 442 -0.39 26.60 -51.39
C LYS A 442 -0.81 25.89 -52.68
N ARG A 443 -0.93 26.64 -53.76
CA ARG A 443 -1.28 26.07 -55.06
C ARG A 443 -0.52 26.78 -56.16
N ALA A 444 0.02 26.00 -57.11
CA ALA A 444 0.95 26.53 -58.10
C ALA A 444 0.20 27.28 -59.21
N VAL A 445 0.89 28.26 -59.79
CA VAL A 445 0.33 29.15 -60.80
C VAL A 445 1.45 29.55 -61.75
N ALA A 446 1.12 29.72 -63.02
CA ALA A 446 2.15 30.03 -64.00
C ALA A 446 2.33 31.55 -64.09
N GLY A 447 3.36 31.95 -64.82
CA GLY A 447 3.58 33.36 -65.02
C GLY A 447 4.28 33.95 -63.82
N ASP A 448 4.40 35.27 -63.84
CA ASP A 448 5.11 36.00 -62.79
C ASP A 448 4.43 35.79 -61.44
N ALA A 449 5.25 35.61 -60.38
CA ALA A 449 4.68 35.46 -59.04
C ALA A 449 3.93 36.70 -58.62
N SER A 450 4.38 37.88 -59.06
CA SER A 450 3.73 39.11 -58.65
C SER A 450 2.28 39.07 -59.08
N GLU A 451 2.06 38.61 -60.30
CA GLU A 451 0.71 38.49 -60.81
C GLU A 451 -0.05 37.49 -59.93
N SER A 452 0.62 36.40 -59.54
CA SER A 452 -0.01 35.35 -58.74
C SER A 452 -0.53 35.87 -57.41
N ALA A 453 0.33 36.53 -56.64
CA ALA A 453 -0.07 37.13 -55.37
C ALA A 453 -1.30 38.01 -55.55
N LEU A 454 -1.36 38.76 -56.65
CA LEU A 454 -2.54 39.58 -56.91
C LEU A 454 -3.76 38.70 -57.13
N LEU A 455 -3.61 37.66 -57.98
CA LEU A 455 -4.68 36.69 -58.14
C LEU A 455 -5.06 36.09 -56.79
N LYS A 456 -4.08 35.79 -55.94
CA LYS A 456 -4.35 35.29 -54.60
C LYS A 456 -5.19 36.26 -53.79
N CYS A 457 -4.66 37.47 -53.57
CA CYS A 457 -5.32 38.45 -52.70
C CYS A 457 -6.79 38.63 -53.02
N ILE A 458 -7.15 38.65 -54.31
CA ILE A 458 -8.56 38.62 -54.68
C ILE A 458 -9.21 37.34 -54.18
N GLU A 459 -8.62 36.19 -54.52
CA GLU A 459 -9.26 34.91 -54.27
C GLU A 459 -9.58 34.69 -52.80
N LEU A 460 -8.77 35.24 -51.90
CA LEU A 460 -9.13 35.19 -50.48
C LEU A 460 -10.15 36.27 -50.13
N CYS A 461 -9.85 37.52 -50.47
CA CYS A 461 -10.56 38.67 -49.92
C CYS A 461 -11.76 39.07 -50.77
N CYS A 462 -11.61 39.12 -52.08
CA CYS A 462 -12.66 39.63 -52.96
C CYS A 462 -13.31 38.53 -53.77
N GLY A 463 -13.78 37.47 -53.11
CA GLY A 463 -14.48 36.41 -53.81
C GLY A 463 -13.56 35.60 -54.71
N SER A 464 -14.11 35.14 -55.83
CA SER A 464 -13.39 34.33 -56.79
C SER A 464 -12.89 35.18 -57.96
N VAL A 465 -12.07 34.57 -58.80
CA VAL A 465 -11.50 35.22 -59.97
C VAL A 465 -11.88 34.51 -61.26
N LYS A 466 -11.91 33.18 -61.26
CA LYS A 466 -12.23 32.41 -62.45
C LYS A 466 -13.46 32.96 -63.15
N GLU A 467 -14.60 32.98 -62.46
CA GLU A 467 -15.79 33.62 -63.01
C GLU A 467 -15.57 35.11 -63.22
N MET A 468 -14.96 35.76 -62.22
CA MET A 468 -14.71 37.20 -62.30
C MET A 468 -13.86 37.57 -63.51
N ARG A 469 -12.98 36.67 -63.95
CA ARG A 469 -12.14 36.96 -65.10
C ARG A 469 -12.92 36.88 -66.41
N GLU A 470 -13.79 35.87 -66.54
CA GLU A 470 -14.59 35.72 -67.74
C GLU A 470 -15.82 36.63 -67.74
N ARG A 471 -16.30 37.04 -66.56
CA ARG A 471 -17.53 37.82 -66.49
C ARG A 471 -17.35 39.19 -67.13
N TYR A 472 -16.15 39.77 -67.01
CA TYR A 472 -15.78 40.98 -67.73
C TYR A 472 -14.92 40.55 -68.92
N THR A 473 -15.46 40.74 -70.13
CA THR A 473 -14.84 40.18 -71.33
C THR A 473 -13.85 41.19 -71.92
N LYS A 474 -12.58 40.80 -71.97
CA LYS A 474 -11.52 41.59 -72.57
C LYS A 474 -11.78 41.76 -74.08
N ILE A 475 -11.07 42.73 -74.67
CA ILE A 475 -10.99 42.84 -76.12
C ILE A 475 -9.53 42.82 -76.55
N VAL A 476 -8.75 43.81 -76.13
CA VAL A 476 -7.33 43.94 -76.47
C VAL A 476 -6.52 44.11 -75.19
N GLU A 477 -5.36 43.45 -75.11
CA GLU A 477 -4.48 43.55 -73.95
C GLU A 477 -3.12 44.04 -74.43
N ILE A 478 -2.30 44.53 -73.50
CA ILE A 478 -0.96 44.97 -73.84
C ILE A 478 0.04 44.13 -73.04
N PRO A 479 0.96 43.43 -73.72
CA PRO A 479 2.02 42.67 -73.03
C PRO A 479 3.17 43.58 -72.62
N PHE A 480 4.09 43.02 -71.83
CA PHE A 480 5.21 43.81 -71.35
C PHE A 480 6.03 44.29 -72.54
N ASN A 481 6.37 45.58 -72.56
CA ASN A 481 7.17 46.14 -73.63
C ASN A 481 8.42 46.79 -73.04
N SER A 482 9.60 46.41 -73.55
CA SER A 482 10.83 46.95 -72.97
C SER A 482 10.87 48.46 -73.15
N THR A 483 10.58 48.93 -74.36
CA THR A 483 10.49 50.36 -74.62
C THR A 483 9.11 50.81 -74.19
N ASN A 484 9.02 52.03 -73.65
CA ASN A 484 7.72 52.59 -73.26
C ASN A 484 6.97 51.59 -72.39
N LYS A 485 7.65 51.08 -71.36
CA LYS A 485 7.04 50.03 -70.56
C LYS A 485 5.77 50.53 -69.88
N TYR A 486 4.71 49.72 -69.99
CA TYR A 486 3.42 49.93 -69.37
C TYR A 486 2.63 48.64 -69.63
N GLN A 487 1.60 48.41 -68.83
CA GLN A 487 0.84 47.17 -68.99
C GLN A 487 -0.62 47.41 -68.70
N LEU A 488 -1.48 47.21 -69.69
CA LEU A 488 -2.86 47.65 -69.61
C LEU A 488 -3.75 46.72 -70.43
N SER A 489 -5.06 46.84 -70.19
CA SER A 489 -6.07 46.12 -70.95
C SER A 489 -7.39 46.89 -70.85
N ILE A 490 -8.41 46.43 -71.57
CA ILE A 490 -9.68 47.14 -71.61
C ILE A 490 -10.81 46.17 -71.91
N HIS A 491 -11.70 45.97 -70.94
CA HIS A 491 -12.73 44.94 -71.00
C HIS A 491 -14.11 45.59 -71.01
N LYS A 492 -15.14 44.76 -71.01
CA LYS A 492 -16.51 45.24 -71.08
C LYS A 492 -17.09 45.25 -69.66
N ASN A 493 -18.21 45.96 -69.48
CA ASN A 493 -18.91 46.11 -68.22
C ASN A 493 -20.22 45.34 -68.29
N PRO A 494 -20.33 44.16 -67.65
CA PRO A 494 -21.62 43.46 -67.63
C PRO A 494 -22.67 44.11 -66.74
N ASN A 495 -22.28 44.70 -65.62
CA ASN A 495 -23.22 45.41 -64.76
C ASN A 495 -24.02 46.39 -65.60
N THR A 496 -25.34 46.35 -65.47
CA THR A 496 -26.25 47.12 -66.31
C THR A 496 -26.25 48.62 -66.05
N ALA A 497 -25.70 49.09 -64.92
CA ALA A 497 -25.82 50.51 -64.58
C ALA A 497 -25.21 51.42 -65.64
N GLU A 498 -23.96 51.15 -66.05
CA GLU A 498 -23.27 51.97 -67.05
C GLU A 498 -22.60 51.06 -68.07
N PRO A 499 -23.29 50.74 -69.17
CA PRO A 499 -22.74 49.76 -70.12
C PRO A 499 -21.42 50.15 -70.76
N ARG A 500 -20.96 51.39 -70.62
CA ARG A 500 -19.72 51.82 -71.24
C ARG A 500 -18.55 50.90 -70.86
N HIS A 501 -17.72 50.57 -71.84
CA HIS A 501 -16.60 49.65 -71.61
C HIS A 501 -15.57 50.30 -70.68
N LEU A 502 -14.80 49.46 -69.98
CA LEU A 502 -13.84 49.92 -68.98
C LEU A 502 -12.40 49.51 -69.32
N LEU A 503 -11.44 50.40 -69.06
CA LEU A 503 -10.03 50.17 -69.35
C LEU A 503 -9.21 50.17 -68.04
N VAL A 504 -8.29 49.21 -67.90
CA VAL A 504 -7.47 49.07 -66.69
C VAL A 504 -5.98 49.09 -67.05
N MET A 505 -5.19 49.88 -66.30
CA MET A 505 -3.74 49.93 -66.51
C MET A 505 -2.96 49.69 -65.22
N LYS A 506 -2.00 48.78 -65.25
CA LYS A 506 -1.13 48.52 -64.11
C LYS A 506 0.32 48.77 -64.52
N GLY A 507 1.06 49.54 -63.73
CA GLY A 507 2.41 49.90 -64.11
C GLY A 507 3.23 50.41 -62.94
N ALA A 508 4.53 50.63 -63.20
CA ALA A 508 5.38 51.20 -62.17
C ALA A 508 4.85 52.58 -61.79
N PRO A 509 4.98 52.99 -60.52
CA PRO A 509 4.33 54.23 -60.07
C PRO A 509 4.77 55.49 -60.83
N GLU A 510 6.07 55.65 -61.12
CA GLU A 510 6.51 56.88 -61.76
C GLU A 510 5.90 57.02 -63.14
N ARG A 511 5.92 55.94 -63.91
CA ARG A 511 5.29 55.96 -65.23
C ARG A 511 3.79 56.17 -65.09
N ILE A 512 3.18 55.50 -64.11
CA ILE A 512 1.74 55.60 -63.90
C ILE A 512 1.36 57.02 -63.53
N LEU A 513 2.21 57.69 -62.76
CA LEU A 513 1.89 59.04 -62.30
C LEU A 513 1.67 59.94 -63.51
N ASP A 514 2.50 59.78 -64.53
CA ASP A 514 2.38 60.62 -65.72
C ASP A 514 1.03 60.43 -66.41
N ARG A 515 0.50 59.20 -66.41
CA ARG A 515 -0.69 58.88 -67.19
C ARG A 515 -2.02 58.97 -66.42
N CYS A 516 -2.04 59.45 -65.18
CA CYS A 516 -3.30 59.54 -64.45
C CYS A 516 -3.52 60.94 -63.89
N SER A 517 -4.78 61.38 -63.92
CA SER A 517 -5.15 62.65 -63.31
C SER A 517 -6.16 62.47 -62.18
N SER A 518 -7.29 61.82 -62.44
CA SER A 518 -8.30 61.64 -61.42
C SER A 518 -7.92 60.54 -60.43
N ILE A 519 -8.49 60.62 -59.22
CA ILE A 519 -8.30 59.61 -58.19
C ILE A 519 -9.66 59.34 -57.56
N LEU A 520 -9.98 58.08 -57.33
CA LEU A 520 -11.29 57.71 -56.80
C LEU A 520 -11.18 57.56 -55.29
N ILE A 521 -11.90 58.41 -54.55
CA ILE A 521 -11.99 58.31 -53.11
C ILE A 521 -13.47 58.11 -52.77
N HIS A 522 -13.79 57.00 -52.12
CA HIS A 522 -15.16 56.72 -51.69
C HIS A 522 -16.14 56.79 -52.86
N GLY A 523 -15.70 56.37 -54.03
CA GLY A 523 -16.56 56.31 -55.20
C GLY A 523 -16.76 57.61 -55.93
N LYS A 524 -16.03 58.67 -55.59
CA LYS A 524 -16.12 59.95 -56.29
C LYS A 524 -14.77 60.27 -56.94
N GLU A 525 -14.78 60.53 -58.24
CA GLU A 525 -13.56 60.90 -58.94
C GLU A 525 -13.08 62.27 -58.45
N GLN A 526 -11.77 62.42 -58.28
CA GLN A 526 -11.20 63.68 -57.82
C GLN A 526 -9.93 64.02 -58.59
N PRO A 527 -9.66 65.29 -58.84
CA PRO A 527 -8.49 65.67 -59.63
C PRO A 527 -7.17 65.55 -58.88
N LEU A 528 -6.07 65.74 -59.61
CA LEU A 528 -4.72 65.57 -59.06
C LEU A 528 -4.27 66.81 -58.26
N ASP A 529 -4.79 66.98 -57.05
CA ASP A 529 -4.26 68.05 -56.22
C ASP A 529 -2.81 67.71 -55.89
N GLU A 530 -1.94 68.73 -55.88
CA GLU A 530 -0.51 68.47 -55.69
C GLU A 530 -0.24 67.82 -54.34
N GLU A 531 -0.98 68.21 -53.30
CA GLU A 531 -0.74 67.66 -51.97
C GLU A 531 -0.96 66.16 -51.97
N LEU A 532 -2.01 65.71 -52.67
CA LEU A 532 -2.25 64.28 -52.81
C LEU A 532 -1.10 63.64 -53.57
N LYS A 533 -0.55 64.35 -54.57
CA LYS A 533 0.59 63.84 -55.33
C LYS A 533 1.78 63.62 -54.41
N ASP A 534 1.98 64.53 -53.45
CA ASP A 534 3.05 64.35 -52.47
C ASP A 534 2.79 63.11 -51.64
N ALA A 535 1.53 62.90 -51.23
CA ALA A 535 1.21 61.75 -50.39
C ALA A 535 1.46 60.44 -51.12
N PHE A 536 1.10 60.37 -52.40
CA PHE A 536 1.36 59.14 -53.15
C PHE A 536 2.86 58.91 -53.21
N GLN A 537 3.61 59.99 -53.48
CA GLN A 537 5.07 59.89 -53.52
C GLN A 537 5.59 59.50 -52.14
N ASN A 538 5.01 60.08 -51.09
CA ASN A 538 5.45 59.79 -49.75
C ASN A 538 5.22 58.32 -49.44
N ALA A 539 4.05 57.80 -49.82
CA ALA A 539 3.74 56.40 -49.59
C ALA A 539 4.71 55.52 -50.36
N TYR A 540 5.03 55.93 -51.60
CA TYR A 540 5.92 55.13 -52.43
C TYR A 540 7.27 54.99 -51.75
N LEU A 541 7.76 56.10 -51.18
CA LEU A 541 9.06 56.09 -50.52
C LEU A 541 9.02 55.16 -49.31
N GLU A 542 7.94 55.21 -48.53
CA GLU A 542 7.87 54.41 -47.32
C GLU A 542 7.86 52.92 -47.67
N LEU A 543 7.08 52.54 -48.68
CA LEU A 543 7.02 51.14 -49.07
C LEU A 543 8.36 50.66 -49.59
N GLY A 544 9.07 51.54 -50.31
CA GLY A 544 10.39 51.17 -50.81
C GLY A 544 11.37 50.87 -49.69
N GLY A 545 11.32 51.66 -48.60
CA GLY A 545 12.15 51.39 -47.45
C GLY A 545 11.82 50.04 -46.83
N LEU A 546 10.51 49.73 -46.81
CA LEU A 546 10.03 48.45 -46.34
C LEU A 546 10.59 47.32 -47.20
N GLY A 547 10.82 47.58 -48.49
CA GLY A 547 11.40 46.67 -49.44
C GLY A 547 10.41 45.87 -50.27
N GLU A 548 9.12 45.96 -49.99
CA GLU A 548 8.14 45.31 -50.84
C GLU A 548 8.16 45.97 -52.21
N ARG A 549 8.07 45.15 -53.27
CA ARG A 549 7.97 45.75 -54.59
C ARG A 549 6.66 46.54 -54.62
N VAL A 550 6.67 47.70 -55.26
CA VAL A 550 5.53 48.59 -55.25
C VAL A 550 4.89 48.61 -56.63
N LEU A 551 3.58 48.40 -56.67
CA LEU A 551 2.80 48.48 -57.91
C LEU A 551 1.60 49.39 -57.69
N GLY A 552 1.27 50.21 -58.68
CA GLY A 552 0.17 51.16 -58.60
C GLY A 552 -0.92 50.80 -59.59
N PHE A 553 -2.18 51.01 -59.20
CA PHE A 553 -3.30 50.62 -60.05
C PHE A 553 -4.23 51.80 -60.31
N CYS A 554 -4.55 52.04 -61.58
CA CYS A 554 -5.47 53.10 -61.98
C CYS A 554 -6.47 52.58 -63.00
N HIS A 555 -7.76 52.90 -62.81
CA HIS A 555 -8.79 52.56 -63.79
C HIS A 555 -9.76 53.72 -63.95
N LEU A 556 -10.07 54.06 -65.20
CA LEU A 556 -11.05 55.10 -65.53
C LEU A 556 -12.11 54.51 -66.46
N PHE A 557 -13.39 54.81 -66.17
CA PHE A 557 -14.44 54.33 -67.04
C PHE A 557 -14.25 54.91 -68.42
N LEU A 558 -14.46 54.10 -69.46
CA LEU A 558 -14.38 54.63 -70.80
C LEU A 558 -15.79 54.92 -71.27
N PRO A 559 -16.17 56.17 -71.52
CA PRO A 559 -17.56 56.48 -71.88
C PRO A 559 -18.01 55.87 -73.20
N ASP A 560 -19.33 55.84 -73.39
CA ASP A 560 -19.92 55.26 -74.59
C ASP A 560 -20.58 56.31 -75.49
N GLU A 561 -20.79 57.54 -74.99
CA GLU A 561 -21.35 58.59 -75.83
C GLU A 561 -20.29 59.15 -76.77
N GLN A 562 -19.11 59.47 -76.24
CA GLN A 562 -18.01 60.01 -77.03
C GLN A 562 -17.29 58.92 -77.82
N PHE A 563 -17.42 57.66 -77.41
CA PHE A 563 -16.77 56.54 -78.06
C PHE A 563 -17.79 55.43 -78.25
N PRO A 564 -17.90 54.85 -79.44
CA PRO A 564 -18.96 53.87 -79.71
C PRO A 564 -18.96 52.71 -78.72
N GLU A 565 -20.16 52.31 -78.29
CA GLU A 565 -20.29 51.23 -77.32
C GLU A 565 -19.79 49.91 -77.88
N GLY A 566 -19.85 49.74 -79.19
CA GLY A 566 -19.51 48.48 -79.79
C GLY A 566 -18.06 48.33 -80.20
N PHE A 567 -17.79 48.25 -81.51
CA PHE A 567 -16.44 48.00 -82.00
C PHE A 567 -15.78 49.34 -82.37
N GLN A 568 -14.82 49.78 -81.54
CA GLN A 568 -14.03 50.98 -81.85
C GLN A 568 -12.70 50.84 -81.10
N PHE A 569 -11.74 50.17 -81.71
CA PHE A 569 -10.46 49.88 -81.06
C PHE A 569 -9.31 50.21 -81.99
N ASP A 570 -8.15 50.47 -81.39
CA ASP A 570 -6.91 50.74 -82.11
C ASP A 570 -5.78 50.06 -81.37
N THR A 571 -4.87 49.43 -82.12
CA THR A 571 -3.72 48.77 -81.50
C THR A 571 -2.38 49.37 -81.89
N ASP A 572 -2.25 49.95 -83.09
CA ASP A 572 -0.98 50.50 -83.53
C ASP A 572 -0.86 51.99 -83.24
N ASP A 573 -1.85 52.79 -83.63
CA ASP A 573 -1.89 54.20 -83.29
C ASP A 573 -2.73 54.37 -82.03
N VAL A 574 -2.20 55.13 -81.07
CA VAL A 574 -2.73 55.10 -79.70
C VAL A 574 -4.06 55.86 -79.67
N ASN A 575 -5.15 55.12 -79.50
CA ASN A 575 -6.51 55.69 -79.43
C ASN A 575 -6.87 56.16 -78.02
N PHE A 576 -7.05 55.20 -77.11
CA PHE A 576 -7.72 55.44 -75.85
C PHE A 576 -6.95 56.43 -74.98
N PRO A 577 -7.65 57.13 -74.06
CA PRO A 577 -6.96 58.15 -73.24
C PRO A 577 -5.91 57.55 -72.32
N LEU A 578 -4.64 57.70 -72.69
CA LEU A 578 -3.56 57.26 -71.82
C LEU A 578 -3.54 58.08 -70.53
N ASP A 579 -3.54 59.41 -70.66
CA ASP A 579 -3.48 60.31 -69.53
C ASP A 579 -4.85 60.47 -68.90
N ASN A 580 -4.87 61.16 -67.75
CA ASN A 580 -6.11 61.63 -67.12
C ASN A 580 -7.01 60.47 -66.68
N LEU A 581 -6.42 59.32 -66.36
CA LEU A 581 -7.20 58.21 -65.81
C LEU A 581 -7.45 58.43 -64.32
N CYS A 582 -8.29 57.55 -63.76
CA CYS A 582 -8.68 57.62 -62.36
C CYS A 582 -7.84 56.62 -61.57
N PHE A 583 -6.98 57.14 -60.70
CA PHE A 583 -6.12 56.30 -59.88
C PHE A 583 -6.92 55.75 -58.69
N VAL A 584 -6.45 54.62 -58.16
CA VAL A 584 -7.21 53.96 -57.10
C VAL A 584 -6.37 53.72 -55.86
N GLY A 585 -5.17 53.17 -56.02
CA GLY A 585 -4.32 52.93 -54.87
C GLY A 585 -3.06 52.21 -55.24
N LEU A 586 -2.28 51.86 -54.22
CA LEU A 586 -1.03 51.13 -54.36
C LEU A 586 -1.10 49.79 -53.63
N ILE A 587 -0.51 48.75 -54.21
CA ILE A 587 -0.43 47.43 -53.60
C ILE A 587 1.04 47.02 -53.53
N SER A 588 1.48 46.52 -52.37
CA SER A 588 2.87 46.17 -52.17
C SER A 588 3.02 44.65 -52.05
N MET A 589 4.12 44.13 -52.59
CA MET A 589 4.40 42.70 -52.54
C MET A 589 5.75 42.38 -51.94
N ILE A 590 5.81 41.42 -51.02
CA ILE A 590 7.07 41.00 -50.42
C ILE A 590 6.90 39.55 -49.98
N ASP A 591 8.01 38.91 -49.68
CA ASP A 591 8.02 37.56 -49.17
C ASP A 591 7.93 37.62 -47.65
N PRO A 592 6.76 37.36 -47.06
CA PRO A 592 6.61 37.49 -45.58
C PRO A 592 7.38 36.40 -44.86
N PRO A 593 7.46 36.46 -43.51
CA PRO A 593 7.97 35.30 -42.77
C PRO A 593 6.90 34.22 -42.65
N ARG A 594 7.17 33.17 -41.87
CA ARG A 594 6.18 32.14 -41.60
C ARG A 594 5.30 32.62 -40.46
N ALA A 595 4.12 32.00 -40.31
CA ALA A 595 3.15 32.52 -39.36
C ALA A 595 3.69 32.53 -37.93
N ALA A 596 4.36 31.46 -37.51
CA ALA A 596 4.80 31.37 -36.12
C ALA A 596 6.20 31.90 -35.91
N VAL A 597 6.87 32.38 -36.96
CA VAL A 597 8.27 32.79 -36.84
C VAL A 597 8.49 33.91 -35.83
N PRO A 598 7.72 35.00 -35.82
CA PRO A 598 8.07 36.10 -34.92
C PRO A 598 8.02 35.69 -33.46
N ASP A 599 6.96 35.00 -33.05
CA ASP A 599 6.83 34.66 -31.64
C ASP A 599 7.96 33.75 -31.21
N ALA A 600 8.33 32.80 -32.09
CA ALA A 600 9.38 31.84 -31.74
C ALA A 600 10.69 32.58 -31.47
N VAL A 601 11.01 33.57 -32.30
CA VAL A 601 12.28 34.28 -32.15
C VAL A 601 12.32 34.91 -30.77
N GLY A 602 11.22 35.52 -30.36
CA GLY A 602 11.17 36.19 -29.07
C GLY A 602 11.40 35.19 -27.95
N LYS A 603 10.79 34.01 -28.07
CA LYS A 603 10.89 33.00 -27.03
C LYS A 603 12.35 32.61 -26.87
N CYS A 604 13.06 32.47 -28.00
CA CYS A 604 14.47 32.08 -27.96
C CYS A 604 15.26 33.17 -27.27
N ARG A 605 14.98 34.43 -27.62
CA ARG A 605 15.69 35.54 -27.01
C ARG A 605 15.48 35.54 -25.51
N SER A 606 14.30 35.06 -25.07
CA SER A 606 13.96 35.04 -23.66
C SER A 606 14.90 34.12 -22.88
N ALA A 607 15.34 33.04 -23.50
CA ALA A 607 16.34 32.16 -22.90
C ALA A 607 17.74 32.73 -22.96
N GLY A 608 17.89 34.00 -23.34
CA GLY A 608 19.21 34.59 -23.49
C GLY A 608 19.99 34.10 -24.69
N ILE A 609 19.37 33.35 -25.60
CA ILE A 609 20.06 32.84 -26.76
C ILE A 609 20.28 33.95 -27.77
N LYS A 610 21.41 33.91 -28.45
CA LYS A 610 21.76 34.93 -29.44
C LYS A 610 21.14 34.56 -30.78
N VAL A 611 20.52 35.53 -31.43
CA VAL A 611 19.77 35.32 -32.67
C VAL A 611 20.47 36.11 -33.76
N ILE A 612 20.84 35.44 -34.85
CA ILE A 612 21.59 36.09 -35.92
C ILE A 612 21.11 35.57 -37.27
N MET A 613 20.99 36.47 -38.24
CA MET A 613 20.49 36.13 -39.58
C MET A 613 21.64 36.13 -40.57
N VAL A 614 21.78 35.04 -41.32
CA VAL A 614 22.77 34.96 -42.39
C VAL A 614 22.04 34.63 -43.69
N THR A 615 22.18 35.49 -44.69
CA THR A 615 21.61 35.25 -46.01
C THR A 615 22.48 35.89 -47.07
N GLY A 616 22.28 35.47 -48.31
CA GLY A 616 23.00 36.07 -49.42
C GLY A 616 22.18 37.15 -50.10
N ASP A 617 20.99 37.44 -49.58
CA ASP A 617 20.05 38.37 -50.20
C ASP A 617 20.53 39.82 -50.02
N HIS A 618 19.79 40.72 -50.64
CA HIS A 618 20.13 42.14 -50.61
C HIS A 618 19.86 42.71 -49.22
N PRO A 619 20.68 43.68 -48.77
CA PRO A 619 20.48 44.25 -47.44
C PRO A 619 19.11 44.88 -47.25
N ILE A 620 18.66 45.61 -48.27
CA ILE A 620 17.36 46.30 -48.23
C ILE A 620 16.27 45.40 -47.69
N THR A 621 16.11 44.22 -48.29
CA THR A 621 15.08 43.29 -47.83
C THR A 621 15.40 42.78 -46.43
N ALA A 622 16.66 42.48 -46.16
CA ALA A 622 17.04 41.81 -44.91
C ALA A 622 16.74 42.68 -43.69
N LYS A 623 17.26 43.91 -43.69
CA LYS A 623 17.13 44.80 -42.53
C LYS A 623 15.71 44.84 -41.99
N ALA A 624 14.73 45.01 -42.87
CA ALA A 624 13.33 45.07 -42.43
C ALA A 624 12.89 43.75 -41.81
N ILE A 625 13.32 42.63 -42.39
CA ILE A 625 12.90 41.33 -41.90
C ILE A 625 13.27 41.16 -40.44
N ALA A 626 14.55 41.41 -40.11
CA ALA A 626 14.99 41.28 -38.73
C ALA A 626 14.26 42.25 -37.81
N LYS A 627 13.94 43.45 -38.30
CA LYS A 627 13.12 44.37 -37.52
C LYS A 627 11.74 43.78 -37.25
N GLY A 628 11.15 43.11 -38.25
CA GLY A 628 9.80 42.59 -38.12
C GLY A 628 9.68 41.28 -37.37
N VAL A 629 10.77 40.51 -37.26
CA VAL A 629 10.73 39.18 -36.65
C VAL A 629 11.35 39.15 -35.27
N GLY A 630 11.91 40.26 -34.78
CA GLY A 630 12.44 40.35 -33.44
C GLY A 630 13.94 40.18 -33.32
N ILE A 631 14.65 39.85 -34.41
CA ILE A 631 16.10 39.81 -34.33
C ILE A 631 16.63 41.19 -33.97
N ILE A 632 16.08 42.22 -34.61
CA ILE A 632 16.39 43.62 -34.36
C ILE A 632 15.26 44.19 -33.52
N SER A 633 15.53 44.48 -32.26
CA SER A 633 14.55 45.18 -31.46
C SER A 633 14.30 46.58 -32.02
N GLU A 634 13.05 47.00 -32.03
CA GLU A 634 12.72 48.31 -32.55
C GLU A 634 13.43 49.37 -31.71
N GLY A 635 13.99 50.36 -32.40
CA GLY A 635 14.66 51.47 -31.76
C GLY A 635 16.16 51.29 -31.66
N ASN A 636 16.65 50.08 -31.81
CA ASN A 636 18.10 49.91 -31.89
C ASN A 636 18.58 50.40 -33.24
N GLU A 637 19.74 51.06 -33.25
CA GLU A 637 20.23 51.69 -34.46
C GLU A 637 21.46 51.03 -35.05
N THR A 638 21.39 50.80 -36.35
CA THR A 638 22.52 50.31 -37.09
C THR A 638 23.51 51.45 -37.22
N VAL A 639 24.78 51.12 -37.49
CA VAL A 639 25.79 52.18 -37.58
C VAL A 639 25.29 53.27 -38.52
N GLU A 640 24.58 52.86 -39.58
CA GLU A 640 24.13 53.76 -40.63
C GLU A 640 23.00 54.66 -40.16
N ASP A 641 22.07 54.12 -39.35
CA ASP A 641 20.92 54.93 -38.93
C ASP A 641 21.42 56.16 -38.19
N ILE A 642 22.47 55.98 -37.38
CA ILE A 642 23.06 57.08 -36.63
C ILE A 642 23.54 58.15 -37.60
N ALA A 643 24.23 57.73 -38.66
CA ALA A 643 24.63 58.68 -39.68
C ALA A 643 23.42 59.44 -40.23
N ALA A 644 22.39 58.69 -40.66
CA ALA A 644 21.16 59.33 -41.13
C ALA A 644 20.51 60.19 -40.07
N ARG A 645 20.62 59.82 -38.78
CA ARG A 645 19.95 60.64 -37.79
C ARG A 645 20.64 61.99 -37.66
N LEU A 646 21.88 62.08 -38.12
CA LEU A 646 22.65 63.31 -37.95
C LEU A 646 23.06 63.92 -39.28
N ASN A 647 22.69 63.31 -40.41
CA ASN A 647 23.08 63.79 -41.74
C ASN A 647 24.59 63.94 -41.83
N ILE A 648 25.31 62.96 -41.32
CA ILE A 648 26.77 63.03 -41.24
C ILE A 648 27.39 61.81 -41.92
N PRO A 649 28.65 61.94 -42.34
CA PRO A 649 29.37 60.79 -42.91
C PRO A 649 29.35 59.60 -41.96
N VAL A 650 29.26 58.40 -42.56
CA VAL A 650 29.18 57.16 -41.78
C VAL A 650 30.40 56.95 -40.87
N SER A 651 31.58 57.35 -41.33
CA SER A 651 32.83 57.04 -40.63
C SER A 651 32.88 57.58 -39.20
N GLN A 652 32.36 58.79 -38.96
CA GLN A 652 32.55 59.46 -37.67
C GLN A 652 32.10 58.64 -36.46
N VAL A 653 30.85 58.17 -36.46
CA VAL A 653 30.31 57.59 -35.23
C VAL A 653 31.12 56.38 -34.78
N ASN A 654 31.25 56.23 -33.47
CA ASN A 654 31.97 55.07 -32.97
C ASN A 654 31.06 53.85 -33.07
N PRO A 655 31.60 52.69 -33.44
CA PRO A 655 30.73 51.51 -33.61
C PRO A 655 30.07 51.06 -32.32
N ARG A 656 30.70 51.30 -31.16
CA ARG A 656 30.12 50.86 -29.89
C ARG A 656 28.73 51.45 -29.68
N ASP A 657 28.52 52.70 -30.11
CA ASP A 657 27.22 53.35 -29.91
C ASP A 657 26.09 52.56 -30.58
N ALA A 658 26.37 51.96 -31.73
CA ALA A 658 25.40 51.11 -32.40
C ALA A 658 25.41 49.73 -31.74
N LYS A 659 24.34 49.42 -30.99
CA LYS A 659 24.20 48.09 -30.41
C LYS A 659 24.13 47.02 -31.49
N ALA A 660 23.52 47.33 -32.63
CA ALA A 660 23.42 46.42 -33.76
C ALA A 660 24.30 46.90 -34.91
N CYS A 661 24.63 45.98 -35.81
CA CYS A 661 25.45 46.32 -36.96
C CYS A 661 25.02 45.50 -38.17
N VAL A 662 25.04 46.12 -39.34
CA VAL A 662 24.82 45.42 -40.60
C VAL A 662 26.17 45.27 -41.29
N VAL A 663 26.35 44.16 -42.01
CA VAL A 663 27.61 43.87 -42.69
C VAL A 663 27.33 43.36 -44.09
N HIS A 664 27.63 44.17 -45.11
CA HIS A 664 27.47 43.74 -46.49
C HIS A 664 28.54 42.70 -46.84
N GLY A 665 28.16 41.78 -47.73
CA GLY A 665 29.06 40.69 -48.07
C GLY A 665 30.36 41.15 -48.71
N SER A 666 30.31 42.21 -49.52
CA SER A 666 31.51 42.62 -50.24
C SER A 666 32.63 42.92 -49.25
N ASP A 667 32.30 43.61 -48.16
CA ASP A 667 33.29 43.93 -47.15
C ASP A 667 33.85 42.66 -46.52
N LEU A 668 32.97 41.68 -46.27
CA LEU A 668 33.36 40.46 -45.56
C LEU A 668 34.59 39.82 -46.20
N LYS A 669 34.71 39.86 -47.53
CA LYS A 669 35.80 39.16 -48.19
C LYS A 669 37.14 39.64 -47.64
N ASP A 670 37.30 40.96 -47.52
CA ASP A 670 38.52 41.56 -47.00
C ASP A 670 38.55 41.60 -45.48
N MET A 671 38.14 40.55 -44.78
CA MET A 671 38.06 40.58 -43.33
C MET A 671 38.85 39.45 -42.72
N THR A 672 39.41 39.73 -41.55
CA THR A 672 40.31 38.87 -40.83
C THR A 672 39.60 38.23 -39.64
N SER A 673 39.91 36.96 -39.38
CA SER A 673 39.25 36.21 -38.31
C SER A 673 39.17 37.05 -37.05
N GLU A 674 40.22 37.82 -36.76
CA GLU A 674 40.28 38.60 -35.53
C GLU A 674 39.15 39.61 -35.50
N GLN A 675 38.94 40.31 -36.62
CA GLN A 675 37.94 41.37 -36.64
C GLN A 675 36.57 40.79 -36.32
N LEU A 676 36.26 39.62 -36.90
CA LEU A 676 34.97 38.99 -36.65
C LEU A 676 34.75 38.86 -35.15
N ASP A 677 35.74 38.28 -34.45
CA ASP A 677 35.62 38.07 -33.01
C ASP A 677 35.15 39.35 -32.35
N ASP A 678 35.82 40.46 -32.67
CA ASP A 678 35.43 41.78 -32.19
C ASP A 678 34.00 42.12 -32.59
N ILE A 679 33.67 41.96 -33.89
CA ILE A 679 32.33 42.28 -34.37
C ILE A 679 31.26 41.51 -33.58
N LEU A 680 31.56 40.25 -33.23
CA LEU A 680 30.61 39.42 -32.49
C LEU A 680 30.37 39.92 -31.08
N LYS A 681 31.42 39.93 -30.24
CA LYS A 681 31.25 40.22 -28.82
C LYS A 681 30.55 41.55 -28.58
N TYR A 682 31.02 42.62 -29.22
CA TYR A 682 30.59 43.97 -28.94
C TYR A 682 29.24 44.32 -29.55
N HIS A 683 28.54 43.35 -30.11
CA HIS A 683 27.20 43.56 -30.64
C HIS A 683 26.31 42.43 -30.18
N THR A 684 25.02 42.54 -30.46
CA THR A 684 24.10 41.44 -30.23
C THR A 684 23.30 41.14 -31.50
N GLU A 685 22.26 41.93 -31.75
CA GLU A 685 21.56 41.87 -33.02
C GLU A 685 22.53 42.12 -34.17
N ILE A 686 22.65 41.14 -35.07
CA ILE A 686 23.71 41.12 -36.07
C ILE A 686 23.16 40.38 -37.28
N VAL A 687 23.38 40.93 -38.47
CA VAL A 687 22.91 40.32 -39.72
C VAL A 687 23.97 40.53 -40.79
N PHE A 688 24.21 39.49 -41.59
CA PHE A 688 25.05 39.56 -42.77
C PHE A 688 24.21 39.32 -44.01
N ALA A 689 24.66 39.87 -45.14
CA ALA A 689 23.95 39.72 -46.39
C ALA A 689 24.96 39.70 -47.53
N ARG A 690 24.48 39.33 -48.72
CA ARG A 690 25.34 39.15 -49.90
C ARG A 690 26.46 38.16 -49.61
N THR A 691 26.19 37.18 -48.76
CA THR A 691 27.20 36.26 -48.27
C THR A 691 27.23 34.99 -49.12
N SER A 692 28.44 34.54 -49.45
CA SER A 692 28.58 33.26 -50.11
C SER A 692 28.33 32.13 -49.10
N PRO A 693 27.90 30.96 -49.57
CA PRO A 693 27.81 29.80 -48.68
C PRO A 693 29.09 29.51 -47.91
N GLN A 694 30.23 29.50 -48.62
CA GLN A 694 31.53 29.41 -47.96
C GLN A 694 31.63 30.43 -46.84
N GLN A 695 31.26 31.68 -47.14
CA GLN A 695 31.34 32.74 -46.14
C GLN A 695 30.46 32.43 -44.93
N LYS A 696 29.29 31.83 -45.16
CA LYS A 696 28.45 31.36 -44.06
C LYS A 696 29.24 30.45 -43.12
N LEU A 697 29.90 29.43 -43.69
CA LEU A 697 30.64 28.47 -42.89
C LEU A 697 31.65 29.18 -41.98
N ILE A 698 32.37 30.18 -42.52
CA ILE A 698 33.34 30.92 -41.73
C ILE A 698 32.66 31.59 -40.53
N ILE A 699 31.45 32.10 -40.73
CA ILE A 699 30.68 32.68 -39.63
C ILE A 699 30.51 31.65 -38.51
N VAL A 700 30.06 30.45 -38.86
CA VAL A 700 29.80 29.42 -37.87
C VAL A 700 31.06 29.11 -37.09
N GLU A 701 32.18 28.90 -37.80
CA GLU A 701 33.45 28.68 -37.12
C GLU A 701 33.81 29.85 -36.22
N GLY A 702 33.59 31.08 -36.70
CA GLY A 702 33.85 32.24 -35.86
C GLY A 702 32.99 32.24 -34.60
N CYS A 703 31.72 31.87 -34.73
CA CYS A 703 30.90 31.65 -33.55
C CYS A 703 31.46 30.53 -32.69
N GLN A 704 31.89 29.43 -33.32
CA GLN A 704 32.48 28.32 -32.59
C GLN A 704 33.78 28.73 -31.89
N ARG A 705 34.57 29.62 -32.52
CA ARG A 705 35.85 30.00 -31.93
C ARG A 705 35.68 30.60 -30.55
N GLN A 706 34.52 31.20 -30.29
CA GLN A 706 34.17 31.61 -28.92
C GLN A 706 34.14 30.43 -27.97
N GLY A 707 34.04 29.20 -28.50
CA GLY A 707 33.90 28.03 -27.66
C GLY A 707 32.48 27.77 -27.21
N ALA A 708 31.49 28.30 -27.93
CA ALA A 708 30.09 28.16 -27.61
C ALA A 708 29.41 27.19 -28.57
N ILE A 709 28.18 26.82 -28.24
CA ILE A 709 27.42 25.81 -28.97
C ILE A 709 26.43 26.52 -29.90
N VAL A 710 26.57 26.27 -31.21
CA VAL A 710 25.86 27.03 -32.24
C VAL A 710 25.06 26.08 -33.11
N ALA A 711 23.85 26.48 -33.48
CA ALA A 711 22.97 25.70 -34.35
C ALA A 711 22.62 26.51 -35.60
N VAL A 712 22.07 25.81 -36.59
CA VAL A 712 21.90 26.37 -37.93
C VAL A 712 20.61 25.84 -38.55
N THR A 713 19.88 26.74 -39.23
CA THR A 713 18.64 26.40 -39.92
C THR A 713 18.70 26.98 -41.32
N GLY A 714 18.44 26.15 -42.34
CA GLY A 714 18.59 26.58 -43.71
C GLY A 714 17.51 26.00 -44.63
N ASP A 715 17.35 26.64 -45.78
CA ASP A 715 16.40 26.19 -46.79
C ASP A 715 17.05 25.67 -48.06
N GLY A 716 18.04 26.37 -48.63
CA GLY A 716 18.59 26.04 -49.92
C GLY A 716 19.98 25.46 -49.84
N VAL A 717 20.59 25.28 -51.02
CA VAL A 717 21.88 24.61 -51.09
C VAL A 717 22.96 25.52 -50.50
N ASN A 718 22.77 26.84 -50.60
CA ASN A 718 23.68 27.77 -49.94
C ASN A 718 23.89 27.44 -48.47
N ASP A 719 22.93 26.78 -47.81
CA ASP A 719 23.03 26.49 -46.39
C ASP A 719 23.61 25.12 -46.12
N SER A 720 23.87 24.33 -47.17
CA SER A 720 24.33 22.96 -46.96
C SER A 720 25.61 22.92 -46.14
N PRO A 721 26.65 23.71 -46.46
CA PRO A 721 27.92 23.57 -45.70
C PRO A 721 27.75 23.87 -44.23
N ALA A 722 26.99 24.91 -43.88
CA ALA A 722 26.91 25.33 -42.48
C ALA A 722 26.26 24.25 -41.63
N SER A 723 25.12 23.70 -42.09
CA SER A 723 24.39 22.72 -41.28
C SER A 723 25.32 21.59 -40.85
N LYS A 724 26.08 21.06 -41.80
CA LYS A 724 27.02 19.98 -41.55
C LYS A 724 27.99 20.38 -40.42
N LYS A 725 28.85 21.35 -40.70
CA LYS A 725 29.84 21.80 -39.74
C LYS A 725 29.23 22.40 -38.47
N ALA A 726 27.95 22.76 -38.50
CA ALA A 726 27.24 23.12 -37.28
C ALA A 726 27.27 21.96 -36.29
N ASP A 727 27.25 22.30 -35.00
CA ASP A 727 27.00 21.28 -33.98
C ASP A 727 25.76 20.46 -34.33
N ILE A 728 24.76 21.12 -34.91
CA ILE A 728 23.56 20.47 -35.40
C ILE A 728 22.93 21.34 -36.47
N GLY A 729 22.56 20.74 -37.60
CA GLY A 729 21.91 21.44 -38.69
C GLY A 729 20.44 21.04 -38.79
N VAL A 730 19.63 21.95 -39.33
CA VAL A 730 18.18 21.76 -39.45
C VAL A 730 17.76 22.35 -40.79
N ALA A 731 16.69 21.80 -41.36
CA ALA A 731 16.13 22.32 -42.60
C ALA A 731 14.64 22.02 -42.67
N MET A 732 14.02 22.43 -43.77
CA MET A 732 12.59 22.25 -44.01
C MET A 732 12.35 20.99 -44.83
N GLY A 733 11.26 20.29 -44.53
CA GLY A 733 11.03 18.99 -45.14
C GLY A 733 10.67 19.04 -46.61
N ILE A 734 10.00 20.10 -47.06
CA ILE A 734 9.56 20.23 -48.44
C ILE A 734 10.20 21.43 -49.13
N ALA A 735 10.23 22.58 -48.45
CA ALA A 735 10.76 23.81 -49.00
C ALA A 735 12.27 23.88 -48.89
N GLY A 736 12.93 22.73 -48.73
CA GLY A 736 14.36 22.69 -48.58
C GLY A 736 15.05 21.98 -49.73
N SER A 737 16.34 22.22 -49.87
CA SER A 737 17.15 21.56 -50.90
C SER A 737 17.64 20.21 -50.39
N ASP A 738 17.63 19.22 -51.28
CA ASP A 738 17.87 17.84 -50.85
C ASP A 738 19.29 17.65 -50.33
N VAL A 739 20.27 18.29 -50.96
CA VAL A 739 21.65 18.14 -50.53
C VAL A 739 21.79 18.56 -49.07
N SER A 740 21.41 19.81 -48.77
CA SER A 740 21.38 20.29 -47.39
C SER A 740 20.55 19.38 -46.49
N LYS A 741 19.41 18.89 -46.99
CA LYS A 741 18.56 18.00 -46.19
C LYS A 741 19.41 16.88 -45.60
N GLN A 742 20.22 16.24 -46.45
CA GLN A 742 21.02 15.11 -45.99
C GLN A 742 22.04 15.54 -44.94
N ALA A 743 22.71 16.67 -45.17
CA ALA A 743 23.78 17.10 -44.27
C ALA A 743 23.27 17.38 -42.86
N ALA A 744 22.07 17.94 -42.76
CA ALA A 744 21.54 18.36 -41.46
C ALA A 744 21.35 17.15 -40.55
N ASP A 745 21.38 17.40 -39.24
CA ASP A 745 21.10 16.36 -38.26
C ASP A 745 19.65 16.35 -37.82
N MET A 746 18.85 17.29 -38.32
CA MET A 746 17.45 17.42 -37.92
C MET A 746 16.61 17.90 -39.11
N ILE A 747 15.48 17.25 -39.32
CA ILE A 747 14.59 17.55 -40.44
C ILE A 747 13.23 17.93 -39.86
N LEU A 748 12.70 19.07 -40.28
CA LEU A 748 11.37 19.51 -39.87
C LEU A 748 10.39 19.19 -41.00
N LEU A 749 9.61 18.13 -40.83
CA LEU A 749 8.69 17.70 -41.88
C LEU A 749 7.58 18.71 -42.10
N ASP A 750 6.98 19.20 -41.02
CA ASP A 750 5.85 20.12 -41.14
C ASP A 750 6.28 21.51 -41.59
N ASP A 751 7.57 21.81 -41.50
CA ASP A 751 8.10 23.15 -41.79
C ASP A 751 7.54 24.16 -40.80
N ASN A 752 7.27 23.69 -39.59
CA ASN A 752 6.78 24.54 -38.50
C ASN A 752 7.99 25.07 -37.76
N PHE A 753 8.32 26.34 -38.02
CA PHE A 753 9.53 26.88 -37.40
C PHE A 753 9.42 26.82 -35.89
N ALA A 754 8.18 26.84 -35.36
CA ALA A 754 7.99 26.87 -33.92
C ALA A 754 8.55 25.61 -33.27
N SER A 755 8.72 24.54 -34.06
CA SER A 755 9.20 23.27 -33.50
C SER A 755 10.55 23.47 -32.84
N ILE A 756 11.35 24.41 -33.37
CA ILE A 756 12.67 24.69 -32.79
C ILE A 756 12.50 25.13 -31.36
N VAL A 757 11.48 25.94 -31.08
CA VAL A 757 11.18 26.34 -29.72
C VAL A 757 10.86 25.11 -28.90
N THR A 758 10.05 24.20 -29.45
CA THR A 758 9.71 23.00 -28.71
C THR A 758 10.99 22.22 -28.43
N GLY A 759 11.88 22.19 -29.44
CA GLY A 759 13.10 21.40 -29.32
C GLY A 759 13.95 21.88 -28.17
N VAL A 760 14.15 23.20 -28.05
CA VAL A 760 15.01 23.67 -26.97
C VAL A 760 14.37 23.29 -25.64
N GLU A 761 13.04 23.35 -25.58
CA GLU A 761 12.35 23.05 -24.33
C GLU A 761 12.70 21.63 -23.93
N GLU A 762 12.52 20.69 -24.86
CA GLU A 762 12.78 19.30 -24.59
C GLU A 762 14.26 19.10 -24.23
N GLY A 763 15.14 19.76 -24.99
CA GLY A 763 16.57 19.53 -24.80
C GLY A 763 16.99 19.89 -23.39
N ARG A 764 16.62 21.10 -22.94
CA ARG A 764 16.93 21.44 -21.55
C ARG A 764 16.24 20.45 -20.62
N LEU A 765 15.02 20.02 -20.96
CA LEU A 765 14.26 19.14 -20.08
C LEU A 765 14.92 17.78 -19.96
N ILE A 766 15.30 17.19 -21.11
CA ILE A 766 15.85 15.84 -21.07
C ILE A 766 17.16 15.87 -20.28
N PHE A 767 17.93 16.93 -20.47
CA PHE A 767 19.22 17.10 -19.80
C PHE A 767 19.06 16.83 -18.30
N ASP A 768 18.20 17.61 -17.65
CA ASP A 768 18.05 17.50 -16.21
C ASP A 768 17.58 16.10 -15.82
N ASN A 769 16.56 15.58 -16.53
CA ASN A 769 16.03 14.26 -16.21
C ASN A 769 17.09 13.18 -16.34
N LEU A 770 18.10 13.38 -17.18
CA LEU A 770 19.21 12.43 -17.28
C LEU A 770 20.06 12.48 -16.02
N LYS A 771 20.47 13.69 -15.60
CA LYS A 771 21.06 13.89 -14.28
C LYS A 771 20.31 13.10 -13.22
N LYS A 772 18.98 13.23 -13.21
CA LYS A 772 18.14 12.46 -12.29
C LYS A 772 18.31 10.97 -12.53
N SER A 773 18.18 10.54 -13.79
CA SER A 773 18.23 9.10 -14.08
C SER A 773 19.60 8.54 -13.71
N ILE A 774 20.67 9.26 -14.05
CA ILE A 774 22.02 8.77 -13.81
C ILE A 774 22.19 8.44 -12.34
N ALA A 775 21.71 9.33 -11.47
CA ALA A 775 21.92 9.20 -10.03
C ALA A 775 21.29 7.92 -9.49
N TYR A 776 20.07 7.60 -9.96
CA TYR A 776 19.34 6.47 -9.38
C TYR A 776 20.13 5.17 -9.56
N THR A 777 20.66 4.94 -10.76
CA THR A 777 21.34 3.68 -11.02
C THR A 777 22.69 3.66 -10.33
N LEU A 778 23.29 4.84 -10.12
CA LEU A 778 24.62 4.91 -9.55
C LEU A 778 24.59 4.63 -8.06
N THR A 779 23.72 5.32 -7.33
CA THR A 779 23.55 5.10 -5.89
C THR A 779 23.45 3.61 -5.58
N SER A 780 22.83 2.84 -6.47
CA SER A 780 22.70 1.40 -6.31
C SER A 780 24.05 0.69 -6.20
N ASN A 781 25.11 1.25 -6.81
CA ASN A 781 26.39 0.53 -6.83
C ASN A 781 27.02 0.48 -5.46
N ILE A 782 26.87 1.52 -4.64
CA ILE A 782 27.49 1.49 -3.30
C ILE A 782 27.01 0.28 -2.51
N PRO A 783 25.70 0.02 -2.37
CA PRO A 783 25.29 -1.23 -1.70
C PRO A 783 25.59 -2.48 -2.50
N GLU A 784 25.55 -2.40 -3.83
CA GLU A 784 25.97 -3.53 -4.66
C GLU A 784 27.36 -4.01 -4.30
N ILE A 785 28.32 -3.09 -4.23
CA ILE A 785 29.72 -3.47 -4.10
C ILE A 785 30.08 -3.77 -2.65
N THR A 786 29.53 -2.97 -1.71
CA THR A 786 29.92 -3.01 -0.30
C THR A 786 30.13 -4.39 0.29
N PRO A 787 29.22 -5.37 0.15
CA PRO A 787 29.47 -6.68 0.80
C PRO A 787 30.77 -7.30 0.32
N PHE A 788 30.93 -7.46 -0.99
CA PHE A 788 32.16 -7.96 -1.62
C PHE A 788 33.39 -7.40 -0.93
N LEU A 789 33.33 -6.13 -0.52
CA LEU A 789 34.47 -5.47 0.09
C LEU A 789 34.72 -6.02 1.50
N ILE A 790 33.73 -5.86 2.40
CA ILE A 790 33.91 -6.30 3.78
C ILE A 790 34.12 -7.80 3.81
N PHE A 791 33.59 -8.50 2.81
CA PHE A 791 33.69 -9.95 2.74
C PHE A 791 35.16 -10.34 2.74
N ILE A 792 35.96 -9.66 1.92
CA ILE A 792 37.41 -9.87 1.90
C ILE A 792 38.04 -9.33 3.19
N ILE A 793 37.63 -8.13 3.62
CA ILE A 793 38.30 -7.46 4.73
C ILE A 793 38.13 -8.23 6.05
N ALA A 794 36.92 -8.68 6.35
CA ALA A 794 36.67 -9.29 7.64
C ALA A 794 36.40 -10.78 7.57
N ASN A 795 36.55 -11.39 6.40
CA ASN A 795 36.40 -12.83 6.23
C ASN A 795 35.08 -13.31 6.85
N ILE A 796 34.00 -12.71 6.40
CA ILE A 796 32.66 -13.10 6.84
C ILE A 796 31.97 -13.82 5.69
N PRO A 797 30.87 -14.54 5.93
CA PRO A 797 30.11 -15.11 4.80
C PRO A 797 29.65 -14.01 3.86
N LEU A 798 29.56 -14.37 2.59
CA LEU A 798 29.34 -13.35 1.56
C LEU A 798 27.91 -12.83 1.65
N PRO A 799 27.71 -11.54 1.95
CA PRO A 799 26.34 -11.06 2.22
C PRO A 799 25.47 -10.91 0.97
N LEU A 800 26.06 -10.88 -0.22
CA LEU A 800 25.29 -10.58 -1.42
C LEU A 800 25.87 -11.36 -2.60
N GLY A 801 25.01 -12.06 -3.31
CA GLY A 801 25.46 -12.82 -4.47
C GLY A 801 25.70 -11.93 -5.68
N THR A 802 26.63 -12.38 -6.53
CA THR A 802 26.86 -11.67 -7.79
C THR A 802 25.62 -11.69 -8.66
N VAL A 803 24.92 -12.84 -8.69
CA VAL A 803 23.73 -12.98 -9.53
C VAL A 803 22.67 -11.99 -9.10
N THR A 804 22.51 -11.80 -7.78
CA THR A 804 21.48 -10.92 -7.27
C THR A 804 21.72 -9.48 -7.73
N ILE A 805 22.99 -9.05 -7.72
CA ILE A 805 23.33 -7.71 -8.23
C ILE A 805 22.65 -7.49 -9.57
N LEU A 806 22.83 -8.44 -10.50
CA LEU A 806 22.23 -8.35 -11.82
C LEU A 806 20.75 -8.06 -11.76
N CYS A 807 20.05 -8.67 -10.79
CA CYS A 807 18.63 -8.42 -10.61
C CYS A 807 18.34 -7.00 -10.14
N ILE A 808 19.35 -6.27 -9.70
CA ILE A 808 19.17 -4.88 -9.30
C ILE A 808 19.59 -3.98 -10.45
N ASP A 809 20.85 -4.11 -10.87
CA ASP A 809 21.38 -3.25 -11.93
C ASP A 809 20.57 -3.36 -13.21
N LEU A 810 20.12 -4.56 -13.55
CA LEU A 810 19.49 -4.84 -14.83
C LEU A 810 18.11 -5.43 -14.70
N GLY A 811 17.63 -5.66 -13.48
CA GLY A 811 16.33 -6.27 -13.31
C GLY A 811 15.28 -5.31 -12.80
N THR A 812 15.29 -5.07 -11.49
CA THR A 812 14.27 -4.23 -10.89
C THR A 812 14.48 -2.75 -11.23
N ASP A 813 15.71 -2.28 -11.13
CA ASP A 813 15.96 -0.83 -11.12
C ASP A 813 15.63 -0.17 -12.44
N MET A 814 15.79 -0.89 -13.56
CA MET A 814 15.63 -0.28 -14.87
C MET A 814 14.29 0.45 -14.99
N VAL A 815 13.18 -0.24 -14.74
CA VAL A 815 11.85 0.33 -14.96
C VAL A 815 11.71 1.69 -14.26
N PRO A 816 12.18 1.86 -13.02
CA PRO A 816 12.21 3.22 -12.47
C PRO A 816 13.12 4.15 -13.27
N ALA A 817 14.37 3.72 -13.50
CA ALA A 817 15.35 4.54 -14.22
C ALA A 817 14.77 5.11 -15.50
N ILE A 818 13.96 4.31 -16.19
CA ILE A 818 13.32 4.78 -17.42
C ILE A 818 12.23 5.77 -17.06
N SER A 819 11.47 5.46 -16.00
CA SER A 819 10.33 6.28 -15.62
C SER A 819 10.79 7.70 -15.28
N LEU A 820 12.01 7.83 -14.75
CA LEU A 820 12.50 9.11 -14.30
C LEU A 820 12.46 10.12 -15.44
N ALA A 821 12.73 9.65 -16.66
CA ALA A 821 12.84 10.54 -17.81
C ALA A 821 11.53 11.29 -18.05
N TYR A 822 10.41 10.69 -17.63
CA TYR A 822 9.11 11.28 -17.89
C TYR A 822 8.80 12.44 -16.96
N GLU A 823 9.73 12.75 -16.04
CA GLU A 823 9.48 13.79 -15.06
C GLU A 823 9.22 15.12 -15.76
N GLN A 824 8.23 15.85 -15.25
CA GLN A 824 7.88 17.11 -15.87
C GLN A 824 8.84 18.21 -15.40
N ALA A 825 8.60 19.43 -15.87
CA ALA A 825 9.53 20.52 -15.57
C ALA A 825 9.38 20.99 -14.13
N GLU A 826 10.52 21.15 -13.44
CA GLU A 826 10.50 21.67 -12.07
C GLU A 826 10.03 23.12 -12.06
N SER A 827 10.49 23.92 -13.03
CA SER A 827 10.18 25.35 -13.10
C SER A 827 10.24 25.74 -14.56
N ASP A 828 10.04 27.03 -14.83
CA ASP A 828 10.06 27.49 -16.21
C ASP A 828 11.51 27.46 -16.71
N ILE A 829 11.88 26.36 -17.37
CA ILE A 829 13.26 26.22 -17.85
C ILE A 829 13.57 27.29 -18.89
N MET A 830 12.54 27.75 -19.63
CA MET A 830 12.80 28.71 -20.69
C MET A 830 13.44 29.97 -20.12
N LYS A 831 13.07 30.33 -18.89
CA LYS A 831 13.69 31.48 -18.24
C LYS A 831 15.19 31.25 -18.07
N ARG A 832 15.59 30.00 -17.82
CA ARG A 832 17.00 29.72 -17.54
C ARG A 832 17.85 30.09 -18.74
N GLN A 833 19.03 30.65 -18.46
CA GLN A 833 19.96 31.04 -19.49
C GLN A 833 20.63 29.78 -20.03
N PRO A 834 21.33 29.87 -21.17
CA PRO A 834 22.04 28.69 -21.65
C PRO A 834 23.08 28.26 -20.63
N ARG A 835 23.19 26.96 -20.41
CA ARG A 835 24.21 26.49 -19.50
C ARG A 835 25.58 26.74 -20.12
N ASN A 836 26.62 26.64 -19.31
CA ASN A 836 27.91 26.80 -19.92
C ASN A 836 28.61 25.46 -19.97
N PRO A 837 29.12 25.04 -21.13
CA PRO A 837 29.72 23.69 -21.20
C PRO A 837 30.95 23.53 -20.35
N LYS A 838 31.69 24.60 -20.07
CA LYS A 838 32.84 24.49 -19.19
C LYS A 838 32.46 24.68 -17.73
N THR A 839 31.17 24.73 -17.41
CA THR A 839 30.76 25.02 -16.04
C THR A 839 29.81 23.96 -15.49
N ASP A 840 28.53 24.02 -15.86
CA ASP A 840 27.53 23.11 -15.31
C ASP A 840 27.53 21.82 -16.11
N LYS A 841 28.49 20.96 -15.79
CA LYS A 841 28.66 19.72 -16.52
C LYS A 841 27.59 18.71 -16.09
N LEU A 842 27.34 17.73 -16.96
CA LEU A 842 26.29 16.75 -16.72
C LEU A 842 26.45 16.05 -15.37
N VAL A 843 27.66 15.59 -15.04
CA VAL A 843 27.88 14.84 -13.81
C VAL A 843 29.09 15.45 -13.10
N ASN A 844 28.81 16.36 -12.17
CA ASN A 844 29.82 17.09 -11.44
C ASN A 844 30.33 16.25 -10.27
N GLU A 845 31.35 16.77 -9.56
CA GLU A 845 31.82 16.07 -8.38
C GLU A 845 30.72 16.03 -7.33
N GLN A 846 29.79 17.00 -7.40
CA GLN A 846 28.73 17.13 -6.39
C GLN A 846 27.83 15.90 -6.41
N LEU A 847 27.46 15.43 -7.61
CA LEU A 847 26.52 14.32 -7.69
C LEU A 847 27.10 13.10 -7.00
N ILE A 848 28.39 12.84 -7.21
CA ILE A 848 29.02 11.66 -6.64
C ILE A 848 28.88 11.72 -5.13
N SER A 849 29.10 12.91 -4.57
CA SER A 849 29.06 13.08 -3.12
C SER A 849 27.68 12.74 -2.59
N MET A 850 26.63 13.19 -3.27
CA MET A 850 25.29 12.96 -2.77
C MET A 850 24.93 11.49 -2.81
N ALA A 851 25.25 10.79 -3.91
CA ALA A 851 24.83 9.40 -4.06
C ALA A 851 25.90 8.49 -3.48
N TYR A 852 27.09 8.50 -4.07
CA TYR A 852 28.14 7.59 -3.63
C TYR A 852 28.55 7.92 -2.19
N GLY A 853 28.68 9.21 -1.90
CA GLY A 853 29.17 9.64 -0.59
C GLY A 853 28.22 9.40 0.57
N GLN A 854 26.95 9.77 0.42
CA GLN A 854 26.03 9.75 1.57
C GLN A 854 24.84 8.82 1.37
N ILE A 855 23.97 9.08 0.40
CA ILE A 855 22.75 8.28 0.28
C ILE A 855 23.12 6.82 0.10
N GLY A 856 24.12 6.55 -0.73
CA GLY A 856 24.50 5.18 -1.01
C GLY A 856 24.92 4.48 0.26
N MET A 857 25.68 5.18 1.10
CA MET A 857 26.17 4.54 2.33
C MET A 857 24.98 4.13 3.18
N ILE A 858 23.98 5.01 3.29
CA ILE A 858 22.76 4.66 4.01
C ILE A 858 22.09 3.51 3.28
N GLN A 859 22.11 3.57 1.94
CA GLN A 859 21.43 2.56 1.13
C GLN A 859 22.03 1.20 1.42
N ALA A 860 23.34 1.15 1.61
CA ALA A 860 24.05 -0.09 1.84
C ALA A 860 23.89 -0.51 3.28
N LEU A 861 24.05 0.45 4.20
CA LEU A 861 24.00 0.17 5.63
C LEU A 861 22.77 -0.66 5.96
N GLY A 862 21.62 -0.32 5.37
CA GLY A 862 20.40 -1.03 5.69
C GLY A 862 20.54 -2.50 5.34
N GLY A 863 21.19 -2.79 4.20
CA GLY A 863 21.32 -4.16 3.75
C GLY A 863 22.10 -4.98 4.76
N PHE A 864 23.19 -4.40 5.28
CA PHE A 864 24.01 -5.13 6.23
C PHE A 864 23.18 -5.44 7.46
N PHE A 865 22.33 -4.48 7.85
CA PHE A 865 21.52 -4.66 9.05
C PHE A 865 20.64 -5.88 8.85
N THR A 866 20.01 -5.95 7.66
CA THR A 866 19.14 -7.07 7.36
C THR A 866 19.95 -8.35 7.38
N TYR A 867 21.16 -8.28 6.84
CA TYR A 867 22.01 -9.46 6.73
C TYR A 867 22.28 -9.99 8.13
N PHE A 868 22.64 -9.08 9.05
CA PHE A 868 22.95 -9.48 10.42
C PHE A 868 21.73 -10.07 11.09
N VAL A 869 20.56 -9.48 10.82
CA VAL A 869 19.34 -9.91 11.52
C VAL A 869 19.06 -11.37 11.21
N ILE A 870 19.12 -11.73 9.92
CA ILE A 870 18.76 -13.08 9.52
C ILE A 870 19.67 -14.10 10.21
N LEU A 871 20.97 -13.91 10.06
CA LEU A 871 21.94 -14.86 10.61
C LEU A 871 21.71 -15.04 12.09
N ALA A 872 21.54 -13.93 12.81
CA ALA A 872 21.24 -14.03 14.23
C ALA A 872 19.94 -14.81 14.46
N GLU A 873 18.86 -14.46 13.73
CA GLU A 873 17.58 -15.11 13.94
C GLU A 873 17.64 -16.62 13.73
N ASN A 874 18.72 -17.12 13.12
CA ASN A 874 19.00 -18.55 13.01
C ASN A 874 20.28 -18.87 13.73
N GLY A 875 20.54 -18.11 14.79
CA GLY A 875 21.61 -18.41 15.69
C GLY A 875 23.03 -18.19 15.23
N PHE A 876 23.26 -17.25 14.33
CA PHE A 876 24.62 -16.90 13.90
C PHE A 876 24.90 -15.45 14.30
N LEU A 877 25.62 -15.23 15.42
CA LEU A 877 25.66 -13.92 16.07
C LEU A 877 26.69 -13.02 15.40
N PRO A 878 26.34 -11.73 15.22
CA PRO A 878 27.21 -10.83 14.45
C PRO A 878 28.65 -10.83 14.94
N ILE A 879 28.85 -10.62 16.24
CA ILE A 879 30.18 -10.68 16.84
C ILE A 879 30.91 -11.96 16.46
N HIS A 880 30.18 -13.08 16.43
CA HIS A 880 30.73 -14.40 16.15
C HIS A 880 31.02 -14.65 14.67
N LEU A 881 30.50 -13.82 13.77
CA LEU A 881 30.64 -14.07 12.34
C LEU A 881 31.99 -13.65 11.79
N LEU A 882 32.82 -12.98 12.58
CA LEU A 882 34.11 -12.50 12.10
C LEU A 882 35.01 -13.66 11.73
N GLY A 883 35.86 -13.44 10.73
CA GLY A 883 36.82 -14.44 10.28
C GLY A 883 36.25 -15.79 9.89
N LEU A 884 34.92 -15.89 9.85
CA LEU A 884 34.24 -17.17 9.62
C LEU A 884 34.28 -17.62 8.17
N ARG A 885 34.68 -16.75 7.24
CA ARG A 885 34.62 -17.06 5.81
C ARG A 885 35.33 -18.35 5.46
N VAL A 886 36.56 -18.51 5.95
CA VAL A 886 37.46 -19.58 5.52
C VAL A 886 36.77 -20.91 5.68
N ASN A 887 36.49 -21.31 6.93
CA ASN A 887 35.76 -22.55 7.17
C ASN A 887 34.38 -22.53 6.53
N TRP A 888 33.81 -21.34 6.32
CA TRP A 888 32.45 -21.25 5.77
C TRP A 888 32.37 -21.82 4.36
N ASP A 889 33.20 -21.30 3.45
CA ASP A 889 33.05 -21.65 2.05
C ASP A 889 33.62 -23.02 1.70
N ASP A 890 34.26 -23.70 2.66
CA ASP A 890 34.76 -25.04 2.40
C ASP A 890 33.62 -26.00 2.11
N ARG A 891 33.81 -26.85 1.10
CA ARG A 891 32.78 -27.77 0.63
C ARG A 891 32.81 -29.11 1.35
N TRP A 892 33.60 -29.25 2.38
CA TRP A 892 33.80 -30.55 3.01
C TRP A 892 33.56 -30.50 4.51
N ILE A 893 33.98 -29.42 5.16
CA ILE A 893 33.67 -29.28 6.58
C ILE A 893 32.15 -29.20 6.69
N ASN A 894 31.57 -30.03 7.55
CA ASN A 894 30.12 -30.06 7.63
C ASN A 894 29.63 -30.07 9.07
N ASP A 895 30.49 -29.70 10.01
CA ASP A 895 30.15 -29.58 11.42
C ASP A 895 30.41 -28.16 11.91
N VAL A 896 30.08 -27.18 11.08
CA VAL A 896 30.36 -25.78 11.40
C VAL A 896 29.51 -25.34 12.58
N GLU A 897 30.14 -24.71 13.56
CA GLU A 897 29.47 -24.34 14.80
C GLU A 897 29.12 -22.86 14.81
N ASP A 898 27.95 -22.55 15.37
CA ASP A 898 27.48 -21.19 15.58
C ASP A 898 27.70 -20.80 17.04
N SER A 899 27.41 -19.53 17.37
CA SER A 899 27.51 -19.12 18.77
C SER A 899 26.51 -19.87 19.66
N TYR A 900 25.31 -20.15 19.17
CA TYR A 900 24.37 -21.01 19.90
C TYR A 900 24.94 -22.41 20.03
N GLY A 901 25.85 -22.79 19.13
CA GLY A 901 26.57 -24.03 19.21
C GLY A 901 26.04 -25.18 18.39
N GLN A 902 25.00 -24.98 17.58
CA GLN A 902 24.56 -26.08 16.73
C GLN A 902 25.62 -26.33 15.65
N GLN A 903 25.52 -27.49 14.99
CA GLN A 903 26.43 -27.87 13.91
C GLN A 903 25.68 -27.88 12.59
N TRP A 904 26.31 -27.37 11.52
CA TRP A 904 25.64 -27.19 10.25
C TRP A 904 26.42 -27.84 9.09
N THR A 905 25.68 -28.46 8.17
CA THR A 905 26.26 -29.03 6.96
C THR A 905 26.54 -27.94 5.94
N TYR A 906 27.36 -28.27 4.92
CA TYR A 906 27.77 -27.27 3.96
C TYR A 906 26.58 -26.70 3.20
N GLU A 907 25.70 -27.57 2.68
CA GLU A 907 24.62 -27.08 1.85
C GLU A 907 23.65 -26.22 2.65
N GLN A 908 23.32 -26.63 3.88
CA GLN A 908 22.34 -25.87 4.64
C GLN A 908 22.83 -24.44 4.82
N ARG A 909 23.97 -24.28 5.49
CA ARG A 909 24.49 -22.94 5.76
C ARG A 909 24.67 -22.18 4.46
N LYS A 910 24.80 -22.89 3.33
CA LYS A 910 24.89 -22.22 2.04
C LYS A 910 23.49 -21.77 1.63
N ILE A 911 22.50 -22.62 1.89
CA ILE A 911 21.12 -22.26 1.55
C ILE A 911 20.75 -21.01 2.32
N VAL A 912 21.22 -20.93 3.57
CA VAL A 912 20.96 -19.76 4.40
C VAL A 912 21.60 -18.56 3.73
N GLU A 913 22.84 -18.73 3.25
CA GLU A 913 23.53 -17.59 2.65
C GLU A 913 22.75 -17.14 1.43
N PHE A 914 22.28 -18.10 0.63
CA PHE A 914 21.49 -17.76 -0.55
C PHE A 914 20.20 -17.09 -0.12
N THR A 915 19.55 -17.63 0.93
CA THR A 915 18.31 -17.07 1.41
C THR A 915 18.60 -15.77 2.15
N CYS A 916 19.87 -15.51 2.46
CA CYS A 916 20.30 -14.25 3.04
C CYS A 916 20.68 -13.28 1.94
N HIS A 917 21.10 -13.80 0.78
CA HIS A 917 21.37 -12.95 -0.36
C HIS A 917 20.08 -12.31 -0.84
N THR A 918 19.01 -13.10 -0.87
CA THR A 918 17.74 -12.66 -1.46
C THR A 918 17.18 -11.45 -0.73
N PRO A 919 17.15 -11.38 0.62
CA PRO A 919 16.63 -10.18 1.27
C PRO A 919 17.47 -8.98 0.89
N PHE A 920 18.78 -9.18 0.74
CA PHE A 920 19.62 -8.04 0.41
C PHE A 920 19.10 -7.44 -0.88
N PHE A 921 18.72 -8.32 -1.82
CA PHE A 921 18.15 -7.88 -3.09
C PHE A 921 16.86 -7.13 -2.84
N VAL A 922 16.03 -7.64 -1.93
CA VAL A 922 14.73 -7.02 -1.65
C VAL A 922 14.96 -5.66 -1.00
N THR A 923 15.65 -5.65 0.14
CA THR A 923 15.95 -4.40 0.83
C THR A 923 16.45 -3.34 -0.14
N ILE A 924 17.32 -3.73 -1.08
CA ILE A 924 17.83 -2.81 -2.09
C ILE A 924 16.66 -2.13 -2.82
N VAL A 925 15.67 -2.92 -3.23
CA VAL A 925 14.49 -2.35 -3.86
C VAL A 925 13.79 -1.41 -2.87
N VAL A 926 13.61 -1.88 -1.64
CA VAL A 926 12.89 -1.07 -0.66
C VAL A 926 13.63 0.25 -0.49
N VAL A 927 14.96 0.16 -0.36
CA VAL A 927 15.77 1.36 -0.18
C VAL A 927 15.74 2.19 -1.45
N GLN A 928 15.78 1.52 -2.62
CA GLN A 928 15.78 2.24 -3.88
C GLN A 928 14.47 2.99 -4.06
N TRP A 929 13.41 2.56 -3.35
CA TRP A 929 12.11 3.19 -3.52
C TRP A 929 12.25 4.67 -3.22
N ALA A 930 12.92 4.98 -2.09
CA ALA A 930 13.07 6.37 -1.67
C ALA A 930 13.89 7.13 -2.70
N ASP A 931 14.94 6.50 -3.23
CA ASP A 931 15.80 7.19 -4.17
C ASP A 931 14.99 7.61 -5.38
N LEU A 932 14.12 6.70 -5.86
CA LEU A 932 13.30 6.99 -7.02
C LEU A 932 12.53 8.27 -6.82
N VAL A 933 12.13 8.53 -5.57
CA VAL A 933 11.29 9.67 -5.25
C VAL A 933 12.14 10.93 -5.16
N ILE A 934 13.21 10.85 -4.36
CA ILE A 934 14.03 12.02 -4.09
C ILE A 934 14.68 12.53 -5.37
N CYS A 935 15.18 11.62 -6.20
CA CYS A 935 15.78 11.97 -7.48
C CYS A 935 14.74 12.34 -8.54
N LYS A 936 13.45 12.33 -8.21
CA LYS A 936 12.45 12.86 -9.13
C LYS A 936 12.50 14.39 -9.18
N THR A 937 13.04 15.03 -8.15
CA THR A 937 13.15 16.47 -8.07
C THR A 937 14.57 16.87 -7.70
N ARG A 938 15.08 17.95 -8.30
CA ARG A 938 16.36 18.50 -7.87
C ARG A 938 16.21 19.55 -6.78
N ARG A 939 15.13 20.31 -6.79
CA ARG A 939 14.95 21.42 -5.86
C ARG A 939 13.61 21.42 -5.17
N ASN A 940 12.53 21.16 -5.90
CA ASN A 940 11.20 21.26 -5.34
C ASN A 940 10.94 20.13 -4.34
N SER A 941 10.04 20.39 -3.41
CA SER A 941 9.63 19.37 -2.45
C SER A 941 8.82 18.31 -3.18
N VAL A 942 8.75 17.13 -2.57
CA VAL A 942 8.06 15.98 -3.16
C VAL A 942 6.73 16.46 -3.73
N PHE A 943 5.89 17.05 -2.87
CA PHE A 943 4.57 17.49 -3.24
C PHE A 943 4.56 18.84 -3.95
N GLN A 944 5.63 19.62 -3.79
CA GLN A 944 5.80 20.80 -4.62
C GLN A 944 5.71 20.44 -6.10
N GLN A 945 6.33 19.32 -6.48
CA GLN A 945 6.11 18.71 -7.78
C GLN A 945 5.07 17.59 -7.77
N GLY A 946 4.93 16.87 -6.66
CA GLY A 946 3.94 15.82 -6.60
C GLY A 946 4.26 14.57 -7.40
N MET A 947 3.72 13.43 -6.97
CA MET A 947 3.92 12.17 -7.68
C MET A 947 2.88 12.05 -8.79
N LYS A 948 3.09 12.85 -9.83
CA LYS A 948 2.18 12.83 -10.96
C LYS A 948 2.68 11.97 -12.10
N ASN A 949 3.89 11.43 -11.99
CA ASN A 949 4.49 10.67 -13.07
C ASN A 949 3.95 9.24 -12.96
N LYS A 950 2.96 8.91 -13.80
CA LYS A 950 2.30 7.62 -13.67
C LYS A 950 3.28 6.47 -13.88
N ILE A 951 4.18 6.62 -14.87
CA ILE A 951 5.09 5.52 -15.19
C ILE A 951 5.97 5.25 -13.97
N LEU A 952 6.45 6.33 -13.32
CA LEU A 952 7.23 6.19 -12.10
C LEU A 952 6.49 5.28 -11.13
N ILE A 953 5.22 5.60 -10.90
CA ILE A 953 4.41 4.86 -9.94
C ILE A 953 4.38 3.39 -10.33
N PHE A 954 3.95 3.10 -11.56
CA PHE A 954 3.90 1.73 -12.06
C PHE A 954 5.18 0.98 -11.76
N GLY A 955 6.32 1.58 -12.09
CA GLY A 955 7.59 0.93 -11.84
C GLY A 955 7.73 0.47 -10.41
N LEU A 956 7.32 1.32 -9.47
CA LEU A 956 7.32 0.96 -8.05
C LEU A 956 6.70 -0.42 -7.85
N PHE A 957 5.51 -0.63 -8.42
CA PHE A 957 4.85 -1.93 -8.32
C PHE A 957 5.56 -2.97 -9.17
N GLU A 958 5.87 -2.63 -10.43
CA GLU A 958 6.60 -3.57 -11.28
C GLU A 958 7.82 -4.06 -10.52
N GLU A 959 8.60 -3.13 -9.98
CA GLU A 959 9.83 -3.49 -9.28
C GLU A 959 9.50 -4.37 -8.09
N THR A 960 8.47 -3.98 -7.33
CA THR A 960 8.13 -4.73 -6.13
C THR A 960 7.66 -6.13 -6.54
N ALA A 961 6.60 -6.18 -7.34
CA ALA A 961 6.01 -7.45 -7.78
C ALA A 961 7.10 -8.39 -8.30
N LEU A 962 7.93 -7.88 -9.21
CA LEU A 962 9.06 -8.65 -9.74
C LEU A 962 9.89 -9.26 -8.62
N ALA A 963 10.42 -8.40 -7.74
CA ALA A 963 11.20 -8.84 -6.58
C ALA A 963 10.50 -9.95 -5.81
N ALA A 964 9.24 -9.70 -5.41
CA ALA A 964 8.46 -10.69 -4.70
C ALA A 964 8.43 -12.02 -5.45
N PHE A 965 8.01 -11.98 -6.71
CA PHE A 965 8.02 -13.18 -7.54
C PHE A 965 9.39 -13.85 -7.58
N LEU A 966 10.45 -13.05 -7.71
CA LEU A 966 11.79 -13.60 -7.81
C LEU A 966 12.12 -14.53 -6.66
N SER A 967 11.49 -14.31 -5.50
CA SER A 967 11.77 -15.10 -4.32
C SER A 967 10.78 -16.23 -4.10
N TYR A 968 9.58 -16.16 -4.67
CA TYR A 968 8.51 -17.09 -4.34
C TYR A 968 8.05 -17.96 -5.51
N CYS A 969 8.68 -17.88 -6.66
CA CYS A 969 8.37 -18.82 -7.73
C CYS A 969 8.94 -20.20 -7.37
N PRO A 970 8.29 -21.28 -7.84
CA PRO A 970 8.84 -22.62 -7.60
C PRO A 970 10.29 -22.76 -8.03
N GLY A 971 11.13 -23.20 -7.10
CA GLY A 971 12.49 -23.60 -7.43
C GLY A 971 13.41 -22.50 -7.88
N MET A 972 13.14 -21.24 -7.54
CA MET A 972 14.12 -20.19 -7.83
C MET A 972 15.43 -20.45 -7.10
N GLY A 973 15.34 -20.99 -5.89
CA GLY A 973 16.51 -21.45 -5.16
C GLY A 973 17.26 -22.57 -5.87
N VAL A 974 16.65 -23.18 -6.88
CA VAL A 974 17.29 -24.22 -7.67
C VAL A 974 17.93 -23.62 -8.91
N ALA A 975 17.14 -22.89 -9.70
CA ALA A 975 17.65 -22.37 -10.97
C ALA A 975 18.55 -21.15 -10.76
N LEU A 976 18.16 -20.22 -9.90
CA LEU A 976 18.94 -19.01 -9.67
C LEU A 976 19.51 -18.94 -8.26
N ARG A 977 19.39 -20.01 -7.47
CA ARG A 977 19.93 -20.05 -6.11
C ARG A 977 19.37 -18.92 -5.25
N MET A 978 18.07 -18.68 -5.38
CA MET A 978 17.37 -17.62 -4.65
C MET A 978 16.13 -18.22 -4.01
N TYR A 979 16.07 -18.21 -2.68
CA TYR A 979 15.06 -18.92 -1.92
C TYR A 979 14.00 -17.97 -1.40
N PRO A 980 12.86 -18.50 -0.95
CA PRO A 980 11.80 -17.65 -0.40
C PRO A 980 12.25 -16.91 0.85
N LEU A 981 11.40 -15.98 1.28
CA LEU A 981 11.71 -15.05 2.36
C LEU A 981 10.67 -15.12 3.46
N LYS A 982 11.14 -15.16 4.69
CA LYS A 982 10.25 -15.15 5.83
C LYS A 982 9.61 -13.77 5.91
N PRO A 983 8.36 -13.68 6.35
CA PRO A 983 7.66 -12.39 6.27
C PRO A 983 8.30 -11.21 7.01
N THR A 984 8.91 -11.38 8.20
CA THR A 984 9.41 -10.20 8.91
C THR A 984 10.41 -9.42 8.09
N TRP A 985 11.26 -10.14 7.34
CA TRP A 985 12.38 -9.51 6.66
C TRP A 985 11.96 -8.30 5.84
N TRP A 986 10.76 -8.31 5.26
CA TRP A 986 10.41 -7.26 4.32
C TRP A 986 10.52 -5.88 4.97
N PHE A 987 10.10 -5.75 6.22
CA PHE A 987 10.07 -4.45 6.89
C PHE A 987 11.38 -4.13 7.57
N CYS A 988 12.41 -4.96 7.34
CA CYS A 988 13.70 -4.81 8.01
C CYS A 988 14.27 -3.41 7.87
N ALA A 989 14.39 -2.93 6.64
CA ALA A 989 15.07 -1.68 6.36
C ALA A 989 14.12 -0.50 6.26
N PHE A 990 12.87 -0.67 6.68
CA PHE A 990 11.90 0.41 6.53
C PHE A 990 12.37 1.69 7.20
N PRO A 991 12.92 1.67 8.43
CA PRO A 991 13.36 2.94 9.03
C PRO A 991 14.43 3.57 8.16
N TYR A 992 15.33 2.74 7.63
CA TYR A 992 16.44 3.26 6.87
C TYR A 992 15.92 3.98 5.64
N SER A 993 14.98 3.35 4.93
CA SER A 993 14.48 3.96 3.70
C SER A 993 13.77 5.25 4.04
N LEU A 994 12.96 5.21 5.10
CA LEU A 994 12.23 6.41 5.50
C LEU A 994 13.22 7.50 5.84
N LEU A 995 14.30 7.11 6.54
CA LEU A 995 15.30 8.08 6.97
C LEU A 995 15.90 8.74 5.74
N ILE A 996 16.16 7.95 4.70
CA ILE A 996 16.79 8.50 3.50
C ILE A 996 15.89 9.58 2.95
N PHE A 997 14.60 9.27 2.85
CA PHE A 997 13.61 10.22 2.38
C PHE A 997 13.72 11.50 3.21
N VAL A 998 13.78 11.35 4.54
CA VAL A 998 13.78 12.51 5.41
C VAL A 998 14.99 13.37 5.11
N TYR A 999 16.16 12.74 4.97
CA TYR A 999 17.37 13.52 4.79
C TYR A 999 17.30 14.35 3.53
N ASP A 1000 16.91 13.71 2.42
CA ASP A 1000 16.93 14.41 1.16
C ASP A 1000 15.89 15.52 1.14
N GLU A 1001 14.68 15.24 1.63
CA GLU A 1001 13.63 16.25 1.53
C GLU A 1001 14.07 17.49 2.28
N VAL A 1002 14.54 17.31 3.51
CA VAL A 1002 14.89 18.49 4.29
C VAL A 1002 16.02 19.22 3.58
N ARG A 1003 16.95 18.46 3.01
CA ARG A 1003 18.05 19.06 2.26
C ARG A 1003 17.55 19.84 1.05
N LYS A 1004 16.64 19.27 0.26
CA LYS A 1004 16.15 20.02 -0.89
C LYS A 1004 15.33 21.20 -0.41
N LEU A 1005 14.52 21.00 0.64
CA LEU A 1005 13.82 22.13 1.22
C LEU A 1005 14.76 23.08 1.97
N ILE A 1006 15.95 22.64 2.37
CA ILE A 1006 16.80 23.63 3.04
C ILE A 1006 17.37 24.58 2.00
N ILE A 1007 17.73 24.07 0.82
CA ILE A 1007 18.20 24.95 -0.24
C ILE A 1007 17.08 25.76 -0.88
N ARG A 1008 15.80 25.42 -0.62
CA ARG A 1008 14.73 26.30 -1.11
C ARG A 1008 14.81 27.61 -0.36
N ARG A 1009 14.86 27.54 0.98
CA ARG A 1009 14.98 28.74 1.79
C ARG A 1009 16.30 29.45 1.54
N ARG A 1010 17.42 28.72 1.56
CA ARG A 1010 18.72 29.37 1.47
C ARG A 1010 19.13 29.49 0.00
N PRO A 1011 19.07 30.69 -0.59
CA PRO A 1011 19.39 30.81 -2.02
C PRO A 1011 20.84 30.56 -2.36
N GLY A 1012 21.78 31.08 -1.56
CA GLY A 1012 23.19 30.97 -1.89
C GLY A 1012 24.06 30.30 -0.84
N GLY A 1013 23.42 29.54 0.05
CA GLY A 1013 24.14 28.94 1.15
C GLY A 1013 25.08 27.83 0.72
N TRP A 1014 26.10 27.58 1.55
CA TRP A 1014 27.05 26.50 1.29
C TRP A 1014 26.29 25.24 0.90
N VAL A 1015 25.12 25.03 1.50
CA VAL A 1015 24.23 23.92 1.24
C VAL A 1015 24.17 23.69 -0.27
N GLU A 1016 24.04 24.79 -1.02
CA GLU A 1016 23.89 24.70 -2.47
C GLU A 1016 25.17 24.22 -3.13
N LYS A 1017 26.32 24.76 -2.71
CA LYS A 1017 27.57 24.50 -3.43
C LYS A 1017 27.95 23.03 -3.41
N GLU A 1018 27.53 22.28 -2.39
CA GLU A 1018 27.96 20.90 -2.27
C GLU A 1018 26.81 19.94 -2.54
N THR A 1019 25.75 20.02 -1.74
CA THR A 1019 24.66 19.06 -1.86
C THR A 1019 23.96 19.16 -3.22
N TYR A 1020 23.72 20.38 -3.72
CA TYR A 1020 22.97 20.52 -4.95
C TYR A 1020 23.75 19.86 -6.09
N TYR A 1021 23.06 19.10 -6.93
CA TYR A 1021 23.70 18.46 -8.06
C TYR A 1021 22.95 18.75 -9.36
N LYS B 13 47.30 19.01 -17.59
CA LYS B 13 46.08 19.06 -16.80
C LYS B 13 46.42 19.04 -15.32
N LYS B 14 47.69 18.79 -15.03
CA LYS B 14 48.14 18.63 -13.65
C LYS B 14 48.48 19.98 -12.99
N PHE B 15 47.43 20.79 -12.81
CA PHE B 15 47.49 22.05 -12.09
C PHE B 15 46.44 22.08 -10.98
N ILE B 16 45.72 20.98 -10.80
CA ILE B 16 44.62 20.93 -9.84
C ILE B 16 45.14 21.15 -8.42
N TRP B 17 46.35 20.66 -8.12
CA TRP B 17 46.86 20.70 -6.75
C TRP B 17 46.97 22.12 -6.20
N ASN B 18 47.47 23.06 -7.01
CA ASN B 18 47.67 24.39 -6.47
C ASN B 18 47.39 25.43 -7.54
N SER B 19 47.05 26.63 -7.08
CA SER B 19 46.73 27.75 -7.96
C SER B 19 47.01 29.04 -7.20
N GLU B 20 46.61 30.18 -7.78
CA GLU B 20 46.73 31.43 -7.05
C GLU B 20 45.88 31.35 -5.79
N LYS B 21 44.68 30.77 -5.91
CA LYS B 21 43.83 30.55 -4.76
C LYS B 21 44.41 29.46 -3.87
N LYS B 22 45.27 28.61 -4.44
CA LYS B 22 45.91 27.50 -3.73
C LYS B 22 44.89 26.49 -3.19
N GLU B 23 43.81 26.27 -3.93
CA GLU B 23 42.86 25.25 -3.52
C GLU B 23 43.58 23.90 -3.56
N PHE B 24 43.46 23.12 -2.49
CA PHE B 24 44.21 21.86 -2.41
C PHE B 24 43.45 20.84 -3.23
N LEU B 25 44.07 20.31 -4.29
CA LEU B 25 43.39 19.37 -5.18
C LEU B 25 42.09 20.00 -5.68
N GLY B 26 42.12 21.31 -5.89
CA GLY B 26 40.98 22.03 -6.41
C GLY B 26 39.95 22.41 -5.38
N ARG B 27 40.22 22.21 -4.09
CA ARG B 27 39.29 22.63 -3.07
C ARG B 27 40.00 23.46 -2.02
N THR B 28 39.37 24.57 -1.62
CA THR B 28 39.94 25.45 -0.62
C THR B 28 40.07 24.74 0.71
N GLY B 29 41.12 25.10 1.48
CA GLY B 29 41.32 24.47 2.77
C GLY B 29 40.11 24.63 3.68
N GLY B 30 39.50 25.82 3.68
CA GLY B 30 38.39 26.06 4.57
C GLY B 30 37.23 25.14 4.23
N SER B 31 36.93 25.02 2.94
CA SER B 31 35.90 24.09 2.50
C SER B 31 36.33 22.66 2.82
N TRP B 32 37.63 22.38 2.68
CA TRP B 32 38.11 21.02 2.87
C TRP B 32 37.73 20.58 4.28
N PHE B 33 37.98 21.48 5.25
CA PHE B 33 37.62 21.25 6.65
C PHE B 33 36.12 21.13 6.81
N LYS B 34 35.36 22.02 6.13
CA LYS B 34 33.91 22.03 6.33
C LYS B 34 33.32 20.71 5.85
N ILE B 35 33.81 20.21 4.73
CA ILE B 35 33.30 18.94 4.22
C ILE B 35 33.65 17.87 5.23
N LEU B 36 34.88 17.91 5.75
CA LEU B 36 35.36 16.89 6.66
C LEU B 36 34.49 16.84 7.89
N LEU B 37 34.18 18.01 8.45
CA LEU B 37 33.39 18.03 9.68
C LEU B 37 32.03 17.41 9.39
N PHE B 38 31.38 17.88 8.33
CA PHE B 38 30.05 17.42 8.01
C PHE B 38 30.09 15.93 7.74
N TYR B 39 31.08 15.50 6.94
CA TYR B 39 31.19 14.11 6.55
C TYR B 39 31.42 13.28 7.79
N VAL B 40 32.32 13.75 8.67
CA VAL B 40 32.66 13.00 9.87
C VAL B 40 31.44 12.90 10.75
N ILE B 41 30.74 14.03 10.92
CA ILE B 41 29.57 14.05 11.80
C ILE B 41 28.51 13.14 11.20
N PHE B 42 28.32 13.25 9.88
CA PHE B 42 27.30 12.46 9.21
C PHE B 42 27.65 10.99 9.35
N TYR B 43 28.91 10.65 9.10
CA TYR B 43 29.32 9.25 9.15
C TYR B 43 29.15 8.76 10.59
N GLY B 44 29.51 9.62 11.55
CA GLY B 44 29.36 9.26 12.95
C GLY B 44 27.90 9.01 13.27
N CYS B 45 27.04 9.92 12.80
CA CYS B 45 25.61 9.79 13.09
C CYS B 45 25.10 8.51 12.46
N LEU B 46 25.56 8.22 11.24
CA LEU B 46 25.11 7.05 10.51
C LEU B 46 25.48 5.79 11.29
N ALA B 47 26.73 5.74 11.78
CA ALA B 47 27.22 4.57 12.47
C ALA B 47 26.40 4.36 13.74
N GLY B 48 26.14 5.45 14.47
CA GLY B 48 25.42 5.35 15.73
C GLY B 48 24.04 4.77 15.50
N ILE B 49 23.38 5.22 14.44
CA ILE B 49 22.03 4.73 14.13
C ILE B 49 22.10 3.22 13.92
N PHE B 50 22.88 2.81 12.91
CA PHE B 50 23.01 1.39 12.56
C PHE B 50 23.22 0.52 13.79
N ILE B 51 24.17 0.91 14.64
CA ILE B 51 24.47 0.16 15.85
C ILE B 51 23.23 0.09 16.74
N GLY B 52 22.58 1.24 16.95
CA GLY B 52 21.36 1.24 17.77
C GLY B 52 20.30 0.31 17.24
N THR B 53 20.07 0.32 15.92
CA THR B 53 19.21 -0.69 15.30
C THR B 53 19.69 -2.10 15.62
N ILE B 54 21.00 -2.33 15.56
CA ILE B 54 21.53 -3.67 15.87
C ILE B 54 21.26 -4.03 17.33
N GLN B 55 21.48 -3.08 18.24
CA GLN B 55 21.20 -3.32 19.66
C GLN B 55 19.79 -3.85 19.87
N VAL B 56 18.79 -3.21 19.24
CA VAL B 56 17.43 -3.74 19.26
C VAL B 56 17.43 -5.21 18.87
N MET B 57 17.99 -5.50 17.68
CA MET B 57 17.97 -6.85 17.13
C MET B 57 18.53 -7.85 18.12
N LEU B 58 19.58 -7.46 18.86
CA LEU B 58 20.10 -8.33 19.91
C LEU B 58 18.98 -8.70 20.88
N LEU B 59 18.24 -7.70 21.35
CA LEU B 59 17.22 -7.93 22.37
C LEU B 59 16.09 -8.81 21.88
N THR B 60 15.91 -8.92 20.55
CA THR B 60 14.88 -9.80 20.01
C THR B 60 15.20 -11.27 20.29
N ILE B 61 16.48 -11.64 20.23
CA ILE B 61 16.89 -13.03 20.33
C ILE B 61 17.30 -13.37 21.76
N SER B 62 16.66 -14.39 22.31
CA SER B 62 17.05 -14.91 23.61
C SER B 62 18.36 -15.68 23.47
N GLU B 63 19.20 -15.61 24.50
CA GLU B 63 20.48 -16.30 24.42
C GLU B 63 20.29 -17.82 24.35
N PHE B 64 19.33 -18.34 25.10
CA PHE B 64 19.14 -19.78 25.22
C PHE B 64 18.73 -20.47 23.91
N LYS B 65 17.88 -19.85 23.10
CA LYS B 65 17.38 -20.60 21.96
C LYS B 65 17.45 -19.81 20.66
N PRO B 66 17.55 -20.50 19.52
CA PRO B 66 17.46 -19.81 18.23
C PRO B 66 16.02 -19.65 17.79
N THR B 67 15.77 -18.56 17.06
CA THR B 67 14.41 -18.19 16.69
C THR B 67 13.88 -18.95 15.49
N TYR B 68 14.74 -19.50 14.65
CA TYR B 68 14.34 -20.23 13.45
C TYR B 68 15.25 -21.43 13.28
N GLN B 69 14.69 -22.64 13.34
CA GLN B 69 15.49 -23.84 13.20
C GLN B 69 15.09 -24.65 11.97
N ASP B 70 14.38 -24.04 11.02
CA ASP B 70 13.83 -24.80 9.91
C ASP B 70 14.89 -25.47 9.05
N ARG B 71 16.07 -24.87 8.92
CA ARG B 71 17.03 -25.41 7.97
C ARG B 71 17.89 -26.55 8.50
N VAL B 72 17.69 -27.00 9.74
CA VAL B 72 18.43 -28.14 10.25
C VAL B 72 17.51 -29.33 10.47
N ALA B 73 16.34 -29.33 9.84
CA ALA B 73 15.37 -30.40 10.08
C ALA B 73 15.88 -31.77 9.64
N PRO B 74 16.58 -31.92 8.51
CA PRO B 74 17.37 -33.13 8.29
C PRO B 74 18.80 -32.93 8.74
N PRO B 75 19.19 -33.54 9.86
CA PRO B 75 20.49 -33.23 10.46
C PRO B 75 21.65 -33.88 9.71
N GLY B 76 22.85 -33.37 9.98
CA GLY B 76 24.04 -33.79 9.26
C GLY B 76 24.68 -35.04 9.84
N LEU B 77 25.78 -35.44 9.22
CA LEU B 77 26.37 -36.74 9.50
C LEU B 77 27.88 -36.68 9.25
N THR B 78 28.60 -35.86 10.03
CA THR B 78 30.02 -35.62 9.80
C THR B 78 30.90 -36.80 10.19
N GLN B 79 32.03 -36.93 9.50
CA GLN B 79 33.09 -37.87 9.88
C GLN B 79 34.00 -37.24 10.93
N ILE B 80 35.05 -37.95 11.31
CA ILE B 80 36.06 -37.34 12.17
C ILE B 80 37.24 -36.85 11.33
N PRO B 81 37.82 -37.67 10.41
CA PRO B 81 39.02 -37.14 9.74
C PRO B 81 38.63 -36.30 8.53
N GLN B 82 38.13 -35.09 8.79
CA GLN B 82 37.65 -34.27 7.69
C GLN B 82 38.80 -34.16 6.70
N SER B 83 38.49 -34.50 5.45
CA SER B 83 39.49 -34.56 4.41
C SER B 83 39.14 -33.58 3.32
N GLN B 84 40.16 -33.19 2.56
CA GLN B 84 39.95 -32.20 1.50
C GLN B 84 38.91 -32.68 0.50
N LYS B 85 38.78 -33.99 0.32
CA LYS B 85 37.74 -34.55 -0.55
C LYS B 85 37.17 -35.83 0.02
N THR B 86 36.92 -35.89 1.34
CA THR B 86 36.41 -37.11 1.96
C THR B 86 37.19 -38.34 1.52
N GLU B 87 38.43 -38.13 1.08
CA GLU B 87 39.29 -39.20 0.58
C GLU B 87 40.47 -39.39 1.51
N ILE B 88 40.74 -40.66 1.83
CA ILE B 88 41.82 -41.06 2.71
C ILE B 88 42.79 -41.88 1.87
N SER B 89 44.00 -41.35 1.68
CA SER B 89 45.03 -42.03 0.91
C SER B 89 46.35 -41.85 1.63
N PHE B 90 47.05 -42.95 1.88
CA PHE B 90 48.23 -42.92 2.73
C PHE B 90 48.97 -44.25 2.63
N ARG B 91 50.16 -44.29 3.26
CA ARG B 91 50.99 -45.48 3.34
C ARG B 91 50.74 -46.15 4.67
N PRO B 92 50.33 -47.43 4.72
CA PRO B 92 50.19 -48.11 6.02
C PRO B 92 51.49 -48.19 6.81
N ASN B 93 52.58 -47.72 6.21
CA ASN B 93 53.90 -47.71 6.82
C ASN B 93 54.40 -46.30 7.12
N ASP B 94 54.15 -45.34 6.24
CA ASP B 94 54.69 -44.00 6.41
C ASP B 94 53.82 -43.24 7.40
N PRO B 95 54.37 -42.79 8.54
CA PRO B 95 53.56 -41.98 9.45
C PRO B 95 53.11 -40.70 8.80
N GLN B 96 54.00 -40.08 8.01
CA GLN B 96 53.70 -38.79 7.41
C GLN B 96 52.47 -38.89 6.52
N SER B 97 52.36 -40.00 5.79
CA SER B 97 51.25 -40.17 4.86
C SER B 97 49.91 -40.14 5.59
N TYR B 98 49.80 -40.83 6.72
CA TYR B 98 48.52 -40.89 7.44
C TYR B 98 48.49 -39.94 8.62
N GLU B 99 49.57 -39.16 8.83
CA GLU B 99 49.65 -38.32 10.01
C GLU B 99 48.51 -37.32 10.05
N SER B 100 48.20 -36.69 8.90
CA SER B 100 47.19 -35.64 8.89
C SER B 100 45.84 -36.20 9.33
N TYR B 101 45.46 -37.36 8.81
CA TYR B 101 44.15 -37.91 9.13
C TYR B 101 44.08 -38.21 10.63
N VAL B 102 45.12 -38.88 11.16
CA VAL B 102 45.12 -39.29 12.56
C VAL B 102 45.26 -38.09 13.50
N VAL B 103 45.92 -37.02 13.04
CA VAL B 103 46.24 -35.91 13.94
C VAL B 103 44.98 -35.36 14.57
N SER B 104 43.92 -35.20 13.77
CA SER B 104 42.72 -34.59 14.30
C SER B 104 42.04 -35.53 15.29
N ILE B 105 42.10 -36.84 15.01
CA ILE B 105 41.36 -37.81 15.81
C ILE B 105 41.65 -37.64 17.30
N VAL B 106 42.91 -37.34 17.64
CA VAL B 106 43.28 -37.16 19.04
C VAL B 106 42.81 -35.80 19.54
N ARG B 107 43.25 -34.74 18.86
CA ARG B 107 42.87 -33.38 19.27
C ARG B 107 41.36 -33.22 19.34
N PHE B 108 40.62 -33.92 18.47
CA PHE B 108 39.18 -34.04 18.64
C PHE B 108 38.88 -34.72 19.96
N LEU B 109 39.30 -35.98 20.11
CA LEU B 109 38.99 -36.78 21.29
C LEU B 109 39.58 -36.21 22.57
N GLU B 110 40.58 -35.33 22.46
CA GLU B 110 41.29 -34.76 23.60
C GLU B 110 40.35 -34.43 24.75
N LYS B 111 39.19 -33.88 24.46
CA LYS B 111 38.18 -33.54 25.47
C LYS B 111 37.21 -34.71 25.73
N TYR B 112 37.74 -35.93 25.88
CA TYR B 112 36.89 -37.08 26.13
C TYR B 112 37.44 -38.07 27.15
N LYS B 113 38.57 -37.79 27.76
CA LYS B 113 39.15 -38.72 28.73
C LYS B 113 38.47 -38.55 30.08
N ASP B 114 38.61 -39.57 30.92
CA ASP B 114 38.07 -39.52 32.28
C ASP B 114 38.59 -38.32 33.06
N LEU B 115 39.60 -37.62 32.52
CA LEU B 115 40.19 -36.48 33.21
C LEU B 115 39.25 -35.28 33.17
N ALA B 116 38.81 -34.87 31.97
CA ALA B 116 37.81 -33.82 31.86
C ALA B 116 36.52 -34.21 32.56
N GLN B 117 36.09 -35.47 32.37
CA GLN B 117 34.88 -36.00 32.98
C GLN B 117 35.12 -36.30 34.47
N LYS B 118 35.47 -35.25 35.21
CA LYS B 118 35.82 -35.40 36.62
C LYS B 118 34.82 -34.73 37.54
N ASP B 119 34.46 -33.46 37.31
CA ASP B 119 33.57 -32.77 38.22
C ASP B 119 32.26 -33.55 38.27
N ASP B 120 31.84 -33.93 39.47
CA ASP B 120 30.66 -34.78 39.58
C ASP B 120 29.42 -34.07 39.09
N MET B 121 29.23 -32.80 39.44
CA MET B 121 28.01 -32.11 39.05
C MET B 121 27.93 -31.98 37.53
N ILE B 122 29.05 -31.63 36.90
CA ILE B 122 29.05 -31.41 35.45
C ILE B 122 28.77 -32.70 34.70
N PHE B 123 29.33 -33.82 35.16
CA PHE B 123 29.22 -35.08 34.43
C PHE B 123 28.46 -36.11 35.26
N GLU B 124 27.35 -36.61 34.72
CA GLU B 124 26.52 -37.62 35.36
C GLU B 124 26.54 -38.87 34.48
N ASP B 125 26.91 -40.01 35.07
CA ASP B 125 27.01 -41.23 34.29
C ASP B 125 25.61 -41.68 33.87
N CYS B 126 25.31 -41.52 32.58
CA CYS B 126 23.99 -41.90 32.08
C CYS B 126 23.76 -43.39 32.28
N GLY B 127 24.77 -44.20 32.01
CA GLY B 127 24.69 -45.63 32.25
C GLY B 127 25.51 -46.36 31.22
N ASN B 128 25.51 -47.68 31.35
CA ASN B 128 26.20 -48.55 30.41
C ASN B 128 25.24 -49.19 29.43
N VAL B 129 23.97 -48.77 29.44
CA VAL B 129 22.93 -49.32 28.58
C VAL B 129 22.11 -48.18 28.00
N PRO B 130 21.68 -48.26 26.74
CA PRO B 130 20.78 -47.22 26.22
C PRO B 130 19.46 -47.22 26.97
N SER B 131 18.95 -46.04 27.28
CA SER B 131 17.72 -45.88 28.06
C SER B 131 16.87 -44.80 27.41
N GLU B 132 15.68 -44.59 27.99
CA GLU B 132 14.80 -43.52 27.56
C GLU B 132 15.54 -42.18 27.57
N LEU B 133 15.16 -41.31 26.65
CA LEU B 133 15.87 -40.04 26.54
C LEU B 133 15.78 -39.29 27.87
N LYS B 134 16.90 -38.73 28.30
CA LYS B 134 16.97 -38.06 29.60
C LYS B 134 16.48 -36.63 29.46
N GLU B 135 15.15 -36.47 29.43
CA GLU B 135 14.58 -35.15 29.40
C GLU B 135 15.02 -34.42 30.66
N ARG B 136 15.53 -33.19 30.52
CA ARG B 136 16.07 -32.46 31.66
C ARG B 136 15.37 -31.11 31.76
N GLY B 137 14.09 -31.13 32.16
CA GLY B 137 13.40 -29.88 32.41
C GLY B 137 12.99 -29.14 31.16
N GLU B 138 12.49 -27.93 31.36
CA GLU B 138 12.07 -27.02 30.30
C GLU B 138 13.12 -25.92 30.17
N TYR B 139 13.61 -25.66 28.94
CA TYR B 139 14.75 -24.75 28.75
C TYR B 139 14.52 -23.39 29.38
N ASN B 140 15.38 -23.04 30.32
CA ASN B 140 15.36 -21.73 30.95
C ASN B 140 16.62 -21.58 31.79
N ASN B 141 16.95 -20.35 32.12
CA ASN B 141 18.04 -20.13 33.06
C ASN B 141 17.50 -20.16 34.48
N GLU B 142 16.17 -20.25 34.61
CA GLU B 142 15.54 -20.37 35.92
C GLU B 142 15.99 -21.66 36.58
N ARG B 143 16.01 -22.74 35.82
CA ARG B 143 16.62 -23.96 36.31
C ARG B 143 18.12 -23.72 36.21
N GLY B 144 18.90 -24.42 37.02
CA GLY B 144 20.32 -24.12 37.03
C GLY B 144 21.00 -24.60 35.76
N GLU B 145 22.32 -24.41 35.74
CA GLU B 145 23.18 -25.05 34.76
C GLU B 145 22.93 -26.55 34.74
N ARG B 146 22.39 -27.07 33.64
CA ARG B 146 21.96 -28.45 33.64
C ARG B 146 23.15 -29.40 33.49
N LYS B 147 22.85 -30.68 33.42
CA LYS B 147 23.85 -31.73 33.58
C LYS B 147 24.16 -32.39 32.24
N VAL B 148 25.36 -32.95 32.16
CA VAL B 148 25.85 -33.62 30.97
C VAL B 148 26.01 -35.10 31.27
N CYS B 149 25.74 -35.93 30.29
CA CYS B 149 25.93 -37.38 30.45
C CYS B 149 27.33 -37.77 29.98
N ARG B 150 27.98 -38.62 30.76
CA ARG B 150 29.36 -39.01 30.50
C ARG B 150 29.45 -39.97 29.32
N PHE B 151 30.60 -39.93 28.63
CA PHE B 151 30.89 -40.87 27.54
C PHE B 151 32.31 -41.41 27.73
N ARG B 152 32.44 -42.73 27.77
CA ARG B 152 33.73 -43.37 28.02
C ARG B 152 34.43 -43.71 26.70
N LEU B 153 35.75 -43.50 26.64
CA LEU B 153 36.48 -43.86 25.44
C LEU B 153 36.38 -45.37 25.19
N GLU B 154 36.39 -46.15 26.27
CA GLU B 154 36.32 -47.60 26.19
C GLU B 154 35.07 -48.11 25.48
N TRP B 155 33.99 -47.32 25.39
CA TRP B 155 32.83 -47.81 24.68
C TRP B 155 33.20 -48.10 23.23
N LEU B 156 34.20 -47.40 22.71
CA LEU B 156 34.70 -47.72 21.39
C LEU B 156 35.35 -49.09 21.52
N GLY B 157 34.99 -50.00 20.63
CA GLY B 157 35.50 -51.35 20.81
C GLY B 157 36.77 -51.56 20.03
N ASN B 158 37.91 -51.53 20.71
CA ASN B 158 39.18 -51.80 20.04
C ASN B 158 39.44 -50.83 18.90
N CYS B 159 38.88 -49.64 19.02
CA CYS B 159 39.16 -48.51 18.13
C CYS B 159 39.48 -47.41 19.12
N SER B 160 40.65 -46.79 18.99
CA SER B 160 41.10 -45.84 20.00
C SER B 160 41.02 -46.48 21.39
N GLY B 161 41.46 -47.73 21.47
CA GLY B 161 41.39 -48.56 22.65
C GLY B 161 42.50 -48.43 23.64
N LEU B 162 43.51 -47.60 23.35
CA LEU B 162 44.60 -47.35 24.28
C LEU B 162 45.23 -48.67 24.69
N ASN B 163 45.16 -49.05 25.97
CA ASN B 163 45.81 -50.28 26.40
C ASN B 163 45.39 -51.46 25.53
N ASP B 164 44.10 -51.55 25.20
CA ASP B 164 43.60 -52.67 24.40
C ASP B 164 43.95 -52.56 22.92
N GLU B 165 43.91 -51.35 22.35
CA GLU B 165 44.12 -51.21 20.91
C GLU B 165 45.13 -50.10 20.61
N THR B 166 45.95 -50.35 19.59
CA THR B 166 47.06 -49.46 19.23
C THR B 166 46.56 -48.08 18.80
N TYR B 167 47.36 -47.08 19.14
CA TYR B 167 47.06 -45.72 18.72
C TYR B 167 47.19 -45.58 17.21
N GLY B 168 47.91 -46.52 16.60
CA GLY B 168 48.11 -46.63 15.18
C GLY B 168 46.82 -46.33 14.45
N TYR B 169 45.78 -47.13 14.67
CA TYR B 169 44.53 -47.03 13.92
C TYR B 169 44.79 -47.22 12.44
N LYS B 170 45.51 -46.30 11.83
CA LYS B 170 45.74 -46.29 10.41
C LYS B 170 46.96 -47.13 10.02
N ASP B 171 47.43 -48.01 10.90
CA ASP B 171 48.49 -48.92 10.49
C ASP B 171 47.99 -49.81 9.37
N GLY B 172 46.77 -50.30 9.53
CA GLY B 172 46.04 -51.07 8.54
C GLY B 172 44.61 -51.05 8.99
N LYS B 173 43.69 -51.24 8.05
CA LYS B 173 42.27 -51.37 8.35
C LYS B 173 41.75 -50.26 9.28
N PRO B 174 41.97 -48.99 8.90
CA PRO B 174 41.65 -47.87 9.81
C PRO B 174 40.19 -47.79 10.24
N CYS B 175 40.00 -47.31 11.48
CA CYS B 175 38.67 -47.04 12.00
C CYS B 175 38.18 -45.70 11.46
N VAL B 176 36.86 -45.55 11.33
CA VAL B 176 36.25 -44.26 11.00
C VAL B 176 35.01 -44.10 11.86
N ILE B 177 34.73 -42.88 12.37
CA ILE B 177 33.60 -42.73 13.26
C ILE B 177 32.71 -41.61 12.69
N ILE B 178 31.42 -41.68 13.01
CA ILE B 178 30.41 -40.73 12.53
C ILE B 178 29.85 -39.95 13.72
N LYS B 179 29.73 -38.63 13.57
CA LYS B 179 29.15 -37.77 14.59
C LYS B 179 27.89 -37.10 14.06
N LEU B 180 26.78 -37.23 14.78
CA LEU B 180 25.57 -36.51 14.42
C LEU B 180 25.71 -35.05 14.83
N ASN B 181 25.27 -34.13 13.96
CA ASN B 181 25.39 -32.72 14.30
C ASN B 181 24.56 -32.43 15.55
N ARG B 182 25.12 -31.65 16.48
CA ARG B 182 24.31 -31.30 17.65
C ARG B 182 23.24 -30.29 17.23
N VAL B 183 22.00 -30.57 17.62
CA VAL B 183 20.84 -29.74 17.32
C VAL B 183 20.10 -29.48 18.62
N LEU B 184 19.76 -28.22 18.90
CA LEU B 184 19.16 -27.90 20.17
C LEU B 184 17.79 -28.56 20.28
N GLY B 185 17.60 -29.31 21.36
CA GLY B 185 16.32 -29.89 21.64
C GLY B 185 15.92 -31.03 20.73
N PHE B 186 16.83 -31.52 19.88
CA PHE B 186 16.41 -32.56 18.96
C PHE B 186 16.14 -33.82 19.74
N LYS B 187 14.98 -34.42 19.52
CA LYS B 187 14.63 -35.67 20.18
C LYS B 187 14.67 -36.78 19.14
N PRO B 188 15.73 -37.59 19.11
CA PRO B 188 15.78 -38.72 18.17
C PRO B 188 14.66 -39.72 18.41
N LYS B 189 14.13 -40.28 17.31
CA LYS B 189 13.06 -41.24 17.40
C LYS B 189 13.52 -42.59 16.86
N PRO B 190 13.11 -43.68 17.52
CA PRO B 190 13.49 -45.00 17.04
C PRO B 190 12.88 -45.25 15.68
N PRO B 191 13.49 -46.11 14.87
CA PRO B 191 12.95 -46.38 13.54
C PRO B 191 11.60 -47.06 13.68
N LYS B 192 10.79 -46.95 12.62
CA LYS B 192 9.44 -47.51 12.68
C LYS B 192 9.53 -49.00 12.96
N ASN B 193 8.58 -49.52 13.74
CA ASN B 193 8.57 -50.96 14.02
C ASN B 193 8.41 -51.73 12.73
N GLU B 194 7.61 -51.19 11.82
CA GLU B 194 7.51 -51.77 10.48
C GLU B 194 8.90 -51.78 9.91
N SER B 195 9.36 -52.94 9.43
CA SER B 195 10.76 -53.03 9.01
C SER B 195 10.96 -53.19 7.52
N LEU B 196 9.99 -52.78 6.69
CA LEU B 196 10.13 -52.97 5.24
C LEU B 196 11.37 -52.25 4.73
N GLU B 197 11.60 -51.02 5.19
CA GLU B 197 12.76 -50.24 4.80
C GLU B 197 13.93 -50.42 5.74
N THR B 198 13.75 -51.19 6.83
CA THR B 198 14.74 -51.36 7.88
C THR B 198 15.53 -52.65 7.64
N TYR B 199 16.78 -52.53 7.20
CA TYR B 199 17.61 -53.72 7.13
C TYR B 199 18.07 -54.01 8.56
N PRO B 200 17.57 -55.07 9.21
CA PRO B 200 17.85 -55.28 10.65
C PRO B 200 19.17 -55.97 10.99
N VAL B 201 20.29 -55.29 10.78
CA VAL B 201 21.57 -55.88 11.21
C VAL B 201 21.61 -55.99 12.73
N MET B 202 21.03 -55.03 13.44
CA MET B 202 21.04 -54.99 14.90
C MET B 202 19.69 -55.41 15.47
N LYS B 203 19.74 -56.29 16.48
CA LYS B 203 18.50 -56.72 17.11
C LYS B 203 17.89 -55.61 17.96
N TYR B 204 18.72 -54.87 18.69
CA TYR B 204 18.21 -53.85 19.61
C TYR B 204 17.53 -52.75 18.81
N ASN B 205 16.34 -52.35 19.26
CA ASN B 205 15.57 -51.32 18.59
C ASN B 205 15.09 -50.15 19.47
N PRO B 206 14.55 -50.38 20.67
CA PRO B 206 13.88 -49.26 21.39
C PRO B 206 14.73 -48.06 21.79
N TYR B 207 15.93 -48.23 22.34
CA TYR B 207 16.67 -47.09 22.87
C TYR B 207 17.96 -46.78 22.12
N VAL B 208 18.12 -47.33 20.92
CA VAL B 208 19.33 -47.13 20.14
C VAL B 208 18.92 -46.48 18.82
N LEU B 209 19.75 -45.56 18.32
CA LEU B 209 19.48 -44.96 17.01
C LEU B 209 20.29 -45.70 15.94
N PRO B 210 19.65 -46.39 15.01
CA PRO B 210 20.39 -47.24 14.06
C PRO B 210 21.32 -46.48 13.11
N VAL B 211 22.55 -46.99 12.98
CA VAL B 211 23.54 -46.48 12.03
C VAL B 211 24.02 -47.67 11.22
N HIS B 212 24.02 -47.55 9.89
CA HIS B 212 24.53 -48.62 9.03
C HIS B 212 25.32 -47.99 7.89
N CYS B 213 26.27 -48.74 7.33
CA CYS B 213 27.04 -48.27 6.19
C CYS B 213 27.05 -49.33 5.09
N THR B 214 27.10 -48.89 3.83
CA THR B 214 27.11 -49.80 2.69
C THR B 214 27.89 -49.20 1.52
N GLY B 215 28.31 -50.09 0.61
CA GLY B 215 29.04 -49.67 -0.57
C GLY B 215 28.15 -48.89 -1.52
N LYS B 216 28.77 -47.98 -2.29
CA LYS B 216 28.00 -47.09 -3.16
C LYS B 216 27.25 -47.85 -4.25
N ARG B 217 27.88 -48.82 -4.90
CA ARG B 217 27.28 -49.54 -6.03
C ARG B 217 27.50 -51.03 -5.81
N ASP B 218 26.84 -51.86 -6.64
CA ASP B 218 26.94 -53.31 -6.46
C ASP B 218 28.40 -53.77 -6.57
N GLU B 219 29.15 -53.20 -7.51
CA GLU B 219 30.57 -53.53 -7.62
C GLU B 219 31.31 -53.13 -6.34
N ASP B 220 30.98 -51.96 -5.78
CA ASP B 220 31.63 -51.52 -4.55
C ASP B 220 31.30 -52.49 -3.42
N LYS B 221 30.06 -52.98 -3.39
CA LYS B 221 29.65 -53.87 -2.31
C LYS B 221 30.53 -55.11 -2.32
N GLU B 222 30.82 -55.62 -3.52
CA GLU B 222 31.70 -56.79 -3.65
C GLU B 222 33.10 -56.47 -3.14
N LYS B 223 33.58 -55.24 -3.41
CA LYS B 223 34.95 -54.85 -3.07
C LYS B 223 35.21 -54.87 -1.58
N VAL B 224 34.24 -54.44 -0.77
CA VAL B 224 34.43 -54.32 0.67
C VAL B 224 34.04 -55.65 1.30
N GLY B 225 35.01 -56.36 1.87
CA GLY B 225 34.70 -57.68 2.40
C GLY B 225 33.77 -57.64 3.59
N THR B 226 34.08 -56.82 4.59
CA THR B 226 33.33 -56.75 5.85
C THR B 226 33.67 -55.46 6.59
N MET B 227 32.74 -55.05 7.47
CA MET B 227 32.94 -53.88 8.33
C MET B 227 32.40 -54.22 9.71
N GLU B 228 33.04 -53.70 10.77
CA GLU B 228 32.59 -53.92 12.14
C GLU B 228 32.42 -52.59 12.86
N TYR B 229 31.25 -52.38 13.47
CA TYR B 229 30.95 -51.18 14.25
C TYR B 229 30.89 -51.53 15.73
N PHE B 230 31.56 -50.74 16.57
CA PHE B 230 31.62 -50.99 18.01
C PHE B 230 31.02 -49.80 18.74
N GLY B 231 30.14 -50.07 19.71
CA GLY B 231 29.44 -48.99 20.39
C GLY B 231 28.95 -49.37 21.77
N LEU B 232 28.42 -48.37 22.48
CA LEU B 232 27.83 -48.60 23.79
C LEU B 232 26.70 -49.62 23.66
N GLY B 233 26.70 -50.61 24.56
CA GLY B 233 25.69 -51.63 24.46
C GLY B 233 25.99 -52.68 23.43
N GLY B 234 27.15 -52.59 22.77
CA GLY B 234 27.49 -53.48 21.68
C GLY B 234 26.50 -53.39 20.53
N TYR B 235 25.94 -52.19 20.32
CA TYR B 235 24.97 -51.90 19.28
C TYR B 235 25.44 -50.74 18.42
N PRO B 236 25.16 -50.74 17.11
CA PRO B 236 25.55 -49.58 16.28
C PRO B 236 24.54 -48.46 16.40
N GLY B 237 24.42 -47.89 17.59
CA GLY B 237 23.42 -46.87 17.79
C GLY B 237 23.79 -45.76 18.75
N PHE B 238 23.15 -44.66 18.57
CA PHE B 238 23.38 -43.55 19.47
C PHE B 238 22.55 -43.76 20.73
N PRO B 239 23.02 -43.22 21.86
CA PRO B 239 22.28 -43.33 23.12
C PRO B 239 21.13 -42.34 23.19
N LEU B 240 19.91 -42.87 23.31
CA LEU B 240 18.74 -42.02 23.37
C LEU B 240 18.78 -41.14 24.62
N GLN B 241 19.30 -41.70 25.72
CA GLN B 241 19.34 -40.98 26.99
C GLN B 241 20.17 -39.71 26.86
N TYR B 242 21.25 -39.77 26.07
CA TYR B 242 22.16 -38.65 25.95
C TYR B 242 21.43 -37.41 25.45
N TYR B 243 20.71 -37.57 24.34
CA TYR B 243 19.91 -36.48 23.82
C TYR B 243 18.70 -36.27 24.72
N PRO B 244 18.16 -35.04 24.79
CA PRO B 244 18.41 -33.94 23.86
C PRO B 244 19.47 -32.95 24.34
N TYR B 245 20.41 -32.62 23.45
CA TYR B 245 21.43 -31.64 23.76
C TYR B 245 20.73 -30.35 24.15
N TYR B 246 21.07 -29.80 25.31
CA TYR B 246 20.36 -28.63 25.83
C TYR B 246 21.30 -27.43 25.90
N GLY B 247 21.72 -26.90 24.75
CA GLY B 247 22.46 -25.66 24.78
C GLY B 247 23.97 -25.80 24.90
N LYS B 248 24.76 -25.24 23.98
CA LYS B 248 26.21 -25.28 24.18
C LYS B 248 26.57 -24.40 25.37
N LEU B 249 26.00 -23.20 25.44
CA LEU B 249 26.22 -22.30 26.57
C LEU B 249 25.59 -22.90 27.82
N LEU B 250 24.38 -23.45 27.67
CA LEU B 250 23.66 -24.01 28.80
C LEU B 250 24.40 -25.21 29.37
N GLN B 251 25.02 -26.03 28.50
CA GLN B 251 25.83 -27.17 28.89
C GLN B 251 27.22 -27.01 28.29
N PRO B 252 28.10 -26.22 28.92
CA PRO B 252 29.41 -26.00 28.30
C PRO B 252 30.14 -27.33 28.17
N LYS B 253 30.79 -27.52 27.03
CA LYS B 253 31.56 -28.75 26.78
C LYS B 253 30.67 -29.99 26.89
N TYR B 254 29.40 -29.89 26.50
CA TYR B 254 28.58 -31.08 26.45
C TYR B 254 29.21 -32.02 25.44
N LEU B 255 29.25 -33.31 25.76
CA LEU B 255 29.97 -34.24 24.90
C LEU B 255 29.02 -34.94 23.96
N GLN B 256 29.32 -34.84 22.66
CA GLN B 256 28.51 -35.46 21.63
C GLN B 256 28.69 -36.98 21.65
N PRO B 257 27.63 -37.74 21.42
CA PRO B 257 27.78 -39.20 21.30
C PRO B 257 28.63 -39.52 20.08
N LEU B 258 29.48 -40.53 20.21
CA LEU B 258 30.39 -40.93 19.14
C LEU B 258 30.15 -42.39 18.77
N MET B 259 30.03 -42.68 17.46
CA MET B 259 29.89 -44.04 16.95
C MET B 259 30.95 -44.31 15.89
N ALA B 260 31.50 -45.54 15.87
CA ALA B 260 32.62 -45.86 14.99
C ALA B 260 32.42 -47.17 14.21
N VAL B 261 33.17 -47.30 13.11
CA VAL B 261 33.17 -48.50 12.28
C VAL B 261 34.61 -48.79 11.87
N GLN B 262 34.87 -50.06 11.52
CA GLN B 262 36.19 -50.48 11.06
C GLN B 262 36.01 -51.48 9.93
N PHE B 263 37.08 -51.72 9.16
CA PHE B 263 37.01 -52.57 7.97
C PHE B 263 37.95 -53.76 8.09
N THR B 264 37.64 -54.84 7.36
CA THR B 264 38.41 -56.09 7.45
C THR B 264 39.12 -56.44 6.14
N ASN B 265 38.61 -57.46 5.43
CA ASN B 265 39.25 -57.97 4.21
C ASN B 265 38.97 -57.07 3.02
N LEU B 266 39.60 -55.91 3.04
CA LEU B 266 39.38 -54.90 2.01
C LEU B 266 40.39 -55.09 0.88
N THR B 267 40.17 -54.33 -0.21
CA THR B 267 41.05 -54.37 -1.37
C THR B 267 41.97 -53.16 -1.32
N MET B 268 43.24 -53.37 -0.95
CA MET B 268 44.18 -52.28 -0.79
C MET B 268 44.66 -51.78 -2.16
N ASP B 269 45.23 -50.57 -2.17
CA ASP B 269 45.77 -49.96 -3.38
C ASP B 269 44.71 -49.83 -4.46
N THR B 270 43.46 -49.63 -4.04
CA THR B 270 42.34 -49.48 -4.95
C THR B 270 41.31 -48.56 -4.33
N GLU B 271 41.02 -47.44 -5.01
CA GLU B 271 39.97 -46.54 -4.55
C GLU B 271 38.62 -47.23 -4.54
N ILE B 272 37.90 -47.09 -3.42
CA ILE B 272 36.57 -47.66 -3.23
C ILE B 272 35.74 -46.66 -2.44
N ARG B 273 34.42 -46.76 -2.59
CA ARG B 273 33.51 -45.75 -2.08
C ARG B 273 32.51 -46.37 -1.10
N ILE B 274 32.28 -45.67 0.00
CA ILE B 274 31.49 -46.19 1.11
C ILE B 274 30.41 -45.17 1.45
N GLU B 275 29.19 -45.66 1.70
CA GLU B 275 28.05 -44.83 2.05
C GLU B 275 27.55 -45.23 3.44
N CYS B 276 27.44 -44.25 4.34
CA CYS B 276 26.94 -44.46 5.69
C CYS B 276 25.60 -43.76 5.82
N LYS B 277 24.57 -44.51 6.19
CA LYS B 277 23.20 -44.01 6.18
C LYS B 277 22.62 -44.11 7.58
N ALA B 278 22.21 -42.96 8.12
CA ALA B 278 21.44 -42.95 9.36
C ALA B 278 19.98 -43.30 9.05
N TYR B 279 19.31 -43.93 10.02
CA TYR B 279 17.94 -44.38 9.83
C TYR B 279 17.07 -43.94 11.01
N GLY B 280 15.79 -43.74 10.72
CA GLY B 280 14.83 -43.30 11.71
C GLY B 280 13.83 -42.35 11.08
N GLU B 281 12.66 -42.23 11.72
CA GLU B 281 11.58 -41.42 11.18
C GLU B 281 12.01 -39.97 10.97
N ASN B 282 12.48 -39.32 12.04
CA ASN B 282 12.85 -37.92 11.98
C ASN B 282 14.24 -37.74 11.38
N ILE B 283 14.45 -38.33 10.21
CA ILE B 283 15.67 -38.15 9.44
C ILE B 283 15.28 -38.03 7.98
N GLY B 284 15.77 -36.98 7.31
CA GLY B 284 15.57 -36.80 5.89
C GLY B 284 16.88 -36.83 5.14
N TYR B 285 16.77 -36.82 3.81
CA TYR B 285 17.93 -36.82 2.94
C TYR B 285 17.63 -35.96 1.72
N SER B 286 18.68 -35.54 1.03
CA SER B 286 18.54 -34.72 -0.16
C SER B 286 19.49 -35.20 -1.23
N GLU B 287 18.99 -35.29 -2.46
CA GLU B 287 19.86 -35.55 -3.61
C GLU B 287 20.75 -34.38 -3.95
N LYS B 288 20.76 -33.31 -3.14
CA LYS B 288 21.66 -32.19 -3.35
C LYS B 288 22.64 -31.95 -2.20
N ASP B 289 22.45 -32.60 -1.06
CA ASP B 289 23.40 -32.53 0.05
C ASP B 289 23.79 -33.95 0.43
N ARG B 290 24.96 -34.38 -0.02
CA ARG B 290 25.41 -35.74 0.28
C ARG B 290 25.57 -35.94 1.77
N PHE B 291 25.85 -34.85 2.50
CA PHE B 291 26.06 -34.92 3.93
C PHE B 291 24.76 -34.72 4.71
N GLN B 292 23.63 -34.55 4.03
CA GLN B 292 22.35 -34.21 4.67
C GLN B 292 21.71 -35.48 5.24
N GLY B 293 22.28 -35.95 6.35
CA GLY B 293 21.77 -37.14 6.99
C GLY B 293 22.27 -38.39 6.34
N ARG B 294 22.95 -38.25 5.21
CA ARG B 294 23.59 -39.32 4.48
C ARG B 294 25.09 -39.12 4.61
N PHE B 295 25.86 -40.00 3.97
CA PHE B 295 27.30 -39.93 4.16
C PHE B 295 28.01 -40.69 3.05
N ASP B 296 29.04 -40.07 2.48
CA ASP B 296 29.83 -40.72 1.45
C ASP B 296 31.31 -40.58 1.83
N VAL B 297 32.13 -41.46 1.29
CA VAL B 297 33.57 -41.40 1.56
C VAL B 297 34.31 -42.19 0.48
N LYS B 298 35.47 -41.68 0.11
CA LYS B 298 36.42 -42.37 -0.76
C LYS B 298 37.64 -42.73 0.08
N ILE B 299 38.10 -43.96 -0.03
CA ILE B 299 39.17 -44.46 0.82
C ILE B 299 40.09 -45.37 0.03
N GLU B 300 41.40 -45.17 0.21
CA GLU B 300 42.42 -45.88 -0.53
C GLU B 300 43.63 -46.04 0.39
N VAL B 301 43.95 -47.27 0.75
CA VAL B 301 45.15 -47.51 1.55
C VAL B 301 46.22 -48.12 0.66
N LYS B 302 47.05 -47.28 0.06
CA LYS B 302 48.09 -47.74 -0.87
C LYS B 302 49.37 -48.05 -0.12
N SER B 303 49.92 -49.23 -0.37
CA SER B 303 51.18 -49.63 0.25
C SER B 303 52.32 -49.57 -0.77
N ASP C 17 6.19 -30.90 15.22
CA ASP C 17 7.59 -30.56 15.42
C ASP C 17 7.88 -29.11 15.05
N PRO C 18 8.69 -28.44 15.86
CA PRO C 18 8.96 -27.01 15.62
C PRO C 18 9.97 -26.75 14.51
N PHE C 19 10.39 -27.79 13.80
CA PHE C 19 11.42 -27.71 12.78
C PHE C 19 10.80 -27.82 11.38
N TYR C 20 9.60 -27.26 11.24
CA TYR C 20 8.88 -27.27 9.98
C TYR C 20 8.07 -26.00 9.91
N TYR C 21 7.95 -25.43 8.71
CA TYR C 21 7.22 -24.20 8.50
C TYR C 21 6.26 -24.42 7.34
N ASP C 22 5.15 -23.70 7.37
CA ASP C 22 4.19 -23.74 6.26
C ASP C 22 4.70 -22.81 5.16
N TYR C 23 5.84 -23.20 4.56
CA TYR C 23 6.47 -22.35 3.55
C TYR C 23 5.54 -22.17 2.36
N GLU C 24 4.94 -23.26 1.87
CA GLU C 24 4.11 -23.20 0.68
C GLU C 24 3.04 -22.12 0.83
N THR C 25 2.56 -21.94 2.07
CA THR C 25 1.53 -20.94 2.35
C THR C 25 2.02 -19.55 1.98
N VAL C 26 3.07 -19.07 2.64
CA VAL C 26 3.60 -17.75 2.36
C VAL C 26 4.16 -17.67 0.95
N ARG C 27 4.73 -18.77 0.46
CA ARG C 27 5.12 -18.86 -0.95
C ARG C 27 3.96 -18.48 -1.85
N ASN C 28 2.84 -19.21 -1.72
CA ASN C 28 1.61 -18.84 -2.41
C ASN C 28 1.18 -17.43 -2.02
N GLY C 29 1.30 -17.09 -0.73
CA GLY C 29 0.85 -15.77 -0.28
C GLY C 29 1.61 -14.66 -0.95
N GLY C 30 2.95 -14.76 -0.97
CA GLY C 30 3.76 -13.74 -1.62
C GLY C 30 3.43 -13.65 -3.09
N LEU C 31 3.20 -14.81 -3.71
CA LEU C 31 2.92 -14.83 -5.15
C LEU C 31 1.70 -13.98 -5.42
N ILE C 32 0.70 -14.09 -4.54
CA ILE C 32 -0.53 -13.33 -4.69
C ILE C 32 -0.21 -11.84 -4.62
N PHE C 33 0.66 -11.46 -3.69
CA PHE C 33 0.99 -10.05 -3.50
C PHE C 33 1.59 -9.47 -4.76
N ALA C 34 2.54 -10.20 -5.35
CA ALA C 34 3.22 -9.72 -6.54
C ALA C 34 2.22 -9.61 -7.67
N ALA C 35 1.32 -10.58 -7.77
CA ALA C 35 0.38 -10.61 -8.88
C ALA C 35 -0.51 -9.38 -8.83
N LEU C 36 -0.99 -9.00 -7.64
CA LEU C 36 -1.91 -7.88 -7.52
C LEU C 36 -1.23 -6.59 -7.95
N ALA C 37 -0.16 -6.21 -7.22
CA ALA C 37 0.54 -4.95 -7.47
C ALA C 37 0.82 -4.74 -8.95
N PHE C 38 1.22 -5.81 -9.65
CA PHE C 38 1.41 -5.73 -11.10
C PHE C 38 0.16 -5.25 -11.81
N ILE C 39 -0.97 -5.95 -11.64
CA ILE C 39 -2.20 -5.56 -12.31
C ILE C 39 -2.65 -4.18 -11.83
N VAL C 40 -2.26 -3.79 -10.61
CA VAL C 40 -2.62 -2.47 -10.12
C VAL C 40 -1.89 -1.41 -10.93
N GLY C 41 -0.56 -1.51 -11.00
CA GLY C 41 0.19 -0.61 -11.85
C GLY C 41 -0.28 -0.65 -13.29
N LEU C 42 -0.60 -1.85 -13.78
CA LEU C 42 -1.22 -2.01 -15.09
C LEU C 42 -2.47 -1.13 -15.21
N ILE C 43 -3.36 -1.23 -14.23
CA ILE C 43 -4.55 -0.41 -14.20
C ILE C 43 -4.18 1.07 -14.23
N ILE C 44 -3.20 1.45 -13.40
CA ILE C 44 -2.76 2.85 -13.34
C ILE C 44 -2.26 3.32 -14.69
N ILE C 45 -1.31 2.59 -15.30
CA ILE C 45 -0.70 3.06 -16.54
C ILE C 45 -1.70 3.11 -17.67
N LEU C 46 -2.66 2.20 -17.69
CA LEU C 46 -3.74 2.26 -18.67
C LEU C 46 -4.92 3.08 -18.16
N SER C 47 -4.62 4.15 -17.42
CA SER C 47 -5.66 5.04 -16.92
C SER C 47 -6.47 5.59 -18.08
N LYS C 48 -7.78 5.69 -17.87
CA LYS C 48 -8.69 6.14 -18.92
C LYS C 48 -9.74 7.08 -18.33
N LYS D 26 -44.54 -13.90 52.20
CA LYS D 26 -43.98 -14.77 53.23
C LYS D 26 -43.14 -15.86 52.58
N GLU D 27 -42.75 -15.65 51.32
CA GLU D 27 -42.10 -16.72 50.55
C GLU D 27 -40.71 -17.05 51.06
N ARG D 28 -40.04 -16.11 51.71
CA ARG D 28 -38.71 -16.38 52.26
C ARG D 28 -38.76 -17.56 53.22
N ASP D 29 -39.84 -17.68 53.99
CA ASP D 29 -40.08 -18.88 54.79
C ASP D 29 -40.22 -20.10 53.89
N MET D 30 -41.08 -20.02 52.87
CA MET D 30 -41.28 -21.13 51.95
C MET D 30 -39.97 -21.58 51.33
N ASP D 31 -39.10 -20.63 50.97
CA ASP D 31 -37.77 -20.97 50.48
C ASP D 31 -36.98 -21.73 51.54
N GLU D 32 -36.91 -21.19 52.76
CA GLU D 32 -36.16 -21.85 53.82
C GLU D 32 -36.82 -23.17 54.22
N LEU D 33 -38.16 -23.22 54.20
CA LEU D 33 -38.85 -24.48 54.42
C LEU D 33 -38.46 -25.52 53.36
N LYS D 34 -38.22 -25.09 52.14
CA LYS D 34 -37.73 -25.97 51.09
C LYS D 34 -36.21 -26.09 51.07
N LYS D 35 -35.50 -25.34 51.92
CA LYS D 35 -34.06 -25.50 52.05
C LYS D 35 -33.69 -26.59 53.04
N GLU D 36 -34.62 -26.93 53.94
CA GLU D 36 -34.41 -27.97 54.93
C GLU D 36 -34.47 -29.34 54.27
N VAL D 37 -33.99 -30.36 54.98
CA VAL D 37 -34.10 -31.72 54.48
C VAL D 37 -35.50 -32.23 54.76
N SER D 38 -35.98 -33.13 53.90
CA SER D 38 -37.35 -33.63 54.01
C SER D 38 -37.50 -34.59 55.18
N MET D 39 -38.71 -34.63 55.74
CA MET D 39 -39.06 -35.58 56.79
C MET D 39 -40.31 -36.33 56.39
N ASP D 40 -40.31 -37.66 56.51
CA ASP D 40 -41.42 -38.48 56.08
C ASP D 40 -41.78 -39.53 57.13
N ASP D 41 -43.07 -39.79 57.29
CA ASP D 41 -43.55 -40.83 58.19
C ASP D 41 -43.64 -42.15 57.42
N HIS D 42 -42.47 -42.72 57.10
CA HIS D 42 -42.46 -43.93 56.29
C HIS D 42 -42.36 -45.21 57.11
N LYS D 43 -42.17 -45.11 58.42
CA LYS D 43 -41.94 -46.28 59.26
C LYS D 43 -43.20 -46.54 60.07
N LEU D 44 -43.92 -47.59 59.74
CA LEU D 44 -45.10 -47.95 60.52
C LEU D 44 -45.55 -49.38 60.20
N SER D 45 -46.61 -49.83 60.88
CA SER D 45 -47.20 -51.12 60.61
C SER D 45 -47.84 -51.11 59.23
N LEU D 46 -47.93 -52.29 58.60
CA LEU D 46 -48.65 -52.33 57.33
C LEU D 46 -50.08 -51.86 57.55
N ASP D 47 -50.69 -52.32 58.64
CA ASP D 47 -52.02 -51.87 59.01
C ASP D 47 -52.03 -50.38 59.34
N GLU D 48 -50.88 -49.85 59.77
CA GLU D 48 -50.82 -48.45 60.19
C GLU D 48 -50.97 -47.54 58.97
N LEU D 49 -50.31 -47.89 57.88
CA LEU D 49 -50.47 -47.13 56.64
C LEU D 49 -51.92 -47.24 56.19
N HIS D 50 -52.46 -48.46 56.28
CA HIS D 50 -53.85 -48.68 55.94
C HIS D 50 -54.69 -47.70 56.74
N ARG D 51 -54.38 -47.57 58.03
CA ARG D 51 -55.13 -46.68 58.90
C ARG D 51 -54.93 -45.21 58.49
N LYS D 52 -53.71 -44.83 58.14
CA LYS D 52 -53.43 -43.44 57.84
C LYS D 52 -54.15 -43.05 56.54
N TYR D 53 -54.21 -43.97 55.55
CA TYR D 53 -54.72 -43.69 54.21
C TYR D 53 -55.99 -44.43 53.78
N GLY D 54 -56.44 -45.43 54.53
CA GLY D 54 -57.70 -46.05 54.16
C GLY D 54 -57.72 -46.63 52.77
N THR D 55 -56.79 -47.50 52.42
CA THR D 55 -56.71 -48.03 51.06
C THR D 55 -56.57 -49.54 51.10
N ASP D 56 -57.30 -50.23 50.21
CA ASP D 56 -57.18 -51.67 50.13
C ASP D 56 -55.77 -52.04 49.73
N LEU D 57 -55.16 -52.96 50.47
CA LEU D 57 -53.79 -53.35 50.18
C LEU D 57 -53.66 -54.01 48.82
N SER D 58 -54.62 -54.87 48.46
CA SER D 58 -54.51 -55.63 47.22
C SER D 58 -55.59 -55.33 46.18
N ARG D 59 -56.61 -54.52 46.49
CA ARG D 59 -57.70 -54.27 45.56
C ARG D 59 -57.67 -52.85 45.01
N GLY D 60 -56.61 -52.10 45.24
CA GLY D 60 -56.65 -50.71 44.82
C GLY D 60 -57.74 -50.00 45.59
N LEU D 61 -58.65 -49.36 44.87
CA LEU D 61 -59.74 -48.62 45.49
C LEU D 61 -60.90 -48.53 44.51
N THR D 62 -62.04 -48.02 45.01
CA THR D 62 -63.19 -47.79 44.16
C THR D 62 -62.77 -46.73 43.14
N PRO D 63 -63.23 -46.81 41.88
CA PRO D 63 -62.68 -45.84 40.91
C PRO D 63 -62.95 -44.38 41.28
N ALA D 64 -64.12 -44.03 41.80
CA ALA D 64 -64.37 -42.62 42.11
C ALA D 64 -63.70 -42.19 43.39
N ARG D 65 -63.29 -43.14 44.23
CA ARG D 65 -62.60 -42.75 45.44
C ARG D 65 -61.44 -41.91 44.94
N ALA D 66 -60.82 -42.38 43.87
CA ALA D 66 -59.71 -41.66 43.25
C ALA D 66 -60.24 -40.33 42.71
N ALA D 67 -61.45 -40.36 42.12
CA ALA D 67 -61.99 -39.17 41.43
C ALA D 67 -62.12 -37.98 42.37
N GLU D 68 -62.55 -38.22 43.62
CA GLU D 68 -62.77 -37.12 44.54
C GLU D 68 -61.48 -36.32 44.71
N ILE D 69 -60.40 -37.03 45.08
CA ILE D 69 -59.12 -36.37 45.32
C ILE D 69 -58.60 -35.76 44.02
N LEU D 70 -58.87 -36.41 42.88
CA LEU D 70 -58.29 -35.96 41.60
C LEU D 70 -58.70 -34.53 41.30
N ALA D 71 -59.97 -34.19 41.54
CA ALA D 71 -60.44 -32.85 41.29
C ALA D 71 -60.20 -31.98 42.51
N ARG D 72 -59.62 -32.54 43.57
CA ARG D 72 -59.44 -31.81 44.82
C ARG D 72 -58.03 -31.24 44.82
N ASP D 73 -57.00 -32.07 45.08
CA ASP D 73 -55.62 -31.55 45.18
C ASP D 73 -55.04 -31.06 43.86
N GLY D 74 -55.21 -31.82 42.80
CA GLY D 74 -54.62 -31.47 41.53
C GLY D 74 -54.20 -32.76 40.86
N PRO D 75 -53.62 -32.66 39.68
CA PRO D 75 -53.25 -33.88 38.96
C PRO D 75 -51.82 -34.25 39.34
N ASN D 76 -51.43 -35.46 38.93
CA ASN D 76 -50.06 -35.93 39.18
C ASN D 76 -49.15 -35.33 38.11
N ALA D 77 -48.86 -34.05 38.28
CA ALA D 77 -47.95 -33.36 37.37
C ALA D 77 -47.36 -32.17 38.11
N LEU D 78 -46.28 -31.64 37.53
CA LEU D 78 -45.59 -30.50 38.10
C LEU D 78 -46.32 -29.21 37.77
N THR D 79 -45.99 -28.16 38.50
CA THR D 79 -46.39 -26.82 38.09
C THR D 79 -45.38 -26.30 37.08
N PRO D 80 -45.77 -26.16 35.81
CA PRO D 80 -44.83 -25.61 34.82
C PRO D 80 -44.32 -24.27 35.28
N PRO D 81 -43.11 -23.89 34.84
CA PRO D 81 -42.55 -22.62 35.32
C PRO D 81 -43.36 -21.46 34.78
N PRO D 82 -43.32 -20.30 35.44
CA PRO D 82 -44.03 -19.14 34.88
C PRO D 82 -43.46 -18.83 33.51
N THR D 83 -44.34 -18.67 32.53
CA THR D 83 -43.85 -18.30 31.21
C THR D 83 -43.35 -16.87 31.27
N THR D 84 -42.26 -16.60 30.56
CA THR D 84 -41.76 -15.24 30.48
C THR D 84 -42.16 -14.69 29.12
N PRO D 85 -42.88 -13.58 29.08
CA PRO D 85 -43.35 -13.08 27.78
C PRO D 85 -42.18 -12.75 26.87
N GLU D 86 -42.30 -13.19 25.62
CA GLU D 86 -41.26 -12.92 24.64
C GLU D 86 -41.10 -11.42 24.44
N TRP D 87 -42.21 -10.69 24.40
CA TRP D 87 -42.14 -9.25 24.17
C TRP D 87 -41.37 -8.57 25.30
N VAL D 88 -41.54 -9.09 26.53
CA VAL D 88 -40.91 -8.50 27.71
C VAL D 88 -39.40 -8.52 27.55
N LYS D 89 -38.86 -9.57 26.92
CA LYS D 89 -37.42 -9.75 26.83
C LYS D 89 -36.80 -8.56 26.10
N PHE D 90 -37.48 -8.05 25.05
CA PHE D 90 -37.00 -6.88 24.33
C PHE D 90 -36.58 -5.80 25.32
N CYS D 91 -37.52 -5.41 26.19
CA CYS D 91 -37.29 -4.32 27.12
C CYS D 91 -36.05 -4.57 27.97
N ARG D 92 -35.77 -5.84 28.31
CA ARG D 92 -34.65 -6.17 29.18
C ARG D 92 -33.33 -5.69 28.58
N GLN D 93 -33.09 -6.01 27.30
CA GLN D 93 -31.89 -5.51 26.63
C GLN D 93 -32.00 -4.03 26.30
N LEU D 94 -33.21 -3.53 26.12
CA LEU D 94 -33.43 -2.10 25.94
C LEU D 94 -33.11 -1.30 27.20
N PHE D 95 -32.88 -1.96 28.32
CA PHE D 95 -32.63 -1.28 29.58
C PHE D 95 -31.69 -2.15 30.43
N GLY D 96 -31.65 -1.89 31.74
CA GLY D 96 -30.89 -2.71 32.68
C GLY D 96 -29.43 -2.88 32.35
N GLY D 97 -28.73 -1.81 31.97
CA GLY D 97 -27.34 -2.00 31.58
C GLY D 97 -26.73 -0.80 30.90
N PHE D 98 -25.74 -1.10 30.04
CA PHE D 98 -25.07 -0.09 29.25
C PHE D 98 -26.09 0.65 28.41
N SER D 99 -27.08 -0.09 27.94
CA SER D 99 -28.12 0.49 27.10
C SER D 99 -28.79 1.63 27.85
N MET D 100 -29.04 1.43 29.15
CA MET D 100 -29.72 2.47 29.92
C MET D 100 -28.89 3.74 29.94
N LEU D 101 -27.57 3.58 30.09
CA LEU D 101 -26.72 4.75 30.20
C LEU D 101 -26.82 5.54 28.91
N LEU D 102 -26.78 4.84 27.77
CA LEU D 102 -26.85 5.53 26.50
C LEU D 102 -28.17 6.27 26.44
N TRP D 103 -29.24 5.63 26.94
CA TRP D 103 -30.57 6.23 26.90
C TRP D 103 -30.55 7.57 27.61
N ILE D 104 -29.88 7.64 28.77
CA ILE D 104 -29.90 8.88 29.56
C ILE D 104 -29.28 9.97 28.73
N GLY D 105 -28.21 9.64 27.99
CA GLY D 105 -27.56 10.62 27.16
C GLY D 105 -28.51 11.10 26.08
N ALA D 106 -29.24 10.16 25.47
CA ALA D 106 -30.15 10.50 24.37
C ALA D 106 -31.18 11.49 24.88
N ILE D 107 -31.91 11.10 25.94
CA ILE D 107 -32.93 11.99 26.50
C ILE D 107 -32.29 13.33 26.78
N LEU D 108 -31.04 13.30 27.27
CA LEU D 108 -30.32 14.52 27.59
C LEU D 108 -30.09 15.31 26.32
N CYS D 109 -29.75 14.62 25.21
CA CYS D 109 -29.59 15.31 23.94
C CYS D 109 -30.90 15.92 23.53
N PHE D 110 -31.99 15.15 23.64
CA PHE D 110 -33.30 15.61 23.20
C PHE D 110 -33.72 16.80 24.03
N LEU D 111 -33.50 16.73 25.34
CA LEU D 111 -33.86 17.83 26.23
C LEU D 111 -33.04 19.05 25.86
N ALA D 112 -31.76 18.84 25.52
CA ALA D 112 -30.86 19.93 25.22
C ALA D 112 -31.36 20.74 24.04
N TYR D 113 -31.86 20.05 23.00
CA TYR D 113 -32.28 20.76 21.79
C TYR D 113 -33.41 21.73 22.14
N GLY D 114 -34.33 21.28 23.00
CA GLY D 114 -35.46 22.13 23.36
C GLY D 114 -34.98 23.39 24.03
N ILE D 115 -34.05 23.25 24.97
CA ILE D 115 -33.53 24.41 25.68
C ILE D 115 -32.84 25.32 24.66
N GLN D 116 -32.10 24.71 23.74
CA GLN D 116 -31.37 25.48 22.73
C GLN D 116 -32.34 26.23 21.84
N ALA D 117 -33.42 25.55 21.42
CA ALA D 117 -34.36 26.16 20.48
C ALA D 117 -35.00 27.40 21.08
N ALA D 118 -35.36 27.33 22.35
CA ALA D 118 -36.04 28.44 23.00
C ALA D 118 -35.16 29.67 23.05
N THR D 119 -33.86 29.49 23.34
CA THR D 119 -32.96 30.62 23.55
C THR D 119 -32.52 31.26 22.22
N GLU D 120 -31.82 30.49 21.39
CA GLU D 120 -31.25 31.06 20.17
C GLU D 120 -32.32 31.14 19.09
N GLU D 121 -31.91 31.58 17.89
CA GLU D 121 -32.82 31.68 16.77
C GLU D 121 -32.34 30.71 15.69
N GLU D 122 -33.25 29.86 15.22
CA GLU D 122 -32.95 28.87 14.20
C GLU D 122 -31.70 28.04 14.54
N PRO D 123 -31.63 27.45 15.73
CA PRO D 123 -30.40 26.75 16.12
C PRO D 123 -30.18 25.51 15.26
N GLN D 124 -28.91 25.15 15.11
CA GLN D 124 -28.55 24.01 14.27
C GLN D 124 -29.13 22.73 14.86
N ASN D 125 -29.64 21.85 13.99
CA ASN D 125 -30.16 20.56 14.45
C ASN D 125 -29.01 19.54 14.55
N ASP D 126 -28.12 19.79 15.50
CA ASP D 126 -27.02 18.86 15.72
C ASP D 126 -27.28 18.00 16.95
N ASN D 127 -27.59 18.62 18.08
CA ASN D 127 -27.80 17.87 19.30
C ASN D 127 -29.00 16.94 19.14
N LEU D 128 -30.05 17.44 18.46
CA LEU D 128 -31.22 16.62 18.17
C LEU D 128 -30.79 15.39 17.38
N TYR D 129 -30.08 15.60 16.28
CA TYR D 129 -29.69 14.48 15.42
C TYR D 129 -29.00 13.42 16.27
N LEU D 130 -28.21 13.87 17.25
CA LEU D 130 -27.41 12.96 18.06
C LEU D 130 -28.33 11.99 18.81
N GLY D 131 -29.39 12.52 19.40
CA GLY D 131 -30.25 11.68 20.21
C GLY D 131 -30.87 10.57 19.38
N VAL D 132 -31.30 10.90 18.15
CA VAL D 132 -32.00 9.93 17.32
C VAL D 132 -31.08 8.75 17.04
N VAL D 133 -29.84 9.04 16.62
CA VAL D 133 -28.94 7.95 16.27
C VAL D 133 -28.62 7.14 17.52
N LEU D 134 -28.42 7.85 18.64
CA LEU D 134 -28.02 7.17 19.87
C LEU D 134 -29.11 6.18 20.25
N SER D 135 -30.36 6.64 20.22
CA SER D 135 -31.48 5.79 20.61
C SER D 135 -31.59 4.64 19.62
N ALA D 136 -31.45 4.97 18.32
CA ALA D 136 -31.59 3.96 17.26
C ALA D 136 -30.58 2.85 17.49
N VAL D 137 -29.39 3.22 17.98
CA VAL D 137 -28.32 2.24 18.16
C VAL D 137 -28.80 1.20 19.16
N VAL D 138 -29.43 1.66 20.24
CA VAL D 138 -29.89 0.76 21.28
C VAL D 138 -30.96 -0.17 20.71
N ILE D 139 -31.88 0.39 19.92
CA ILE D 139 -32.99 -0.40 19.40
C ILE D 139 -32.41 -1.49 18.50
N ILE D 140 -31.46 -1.10 17.65
CA ILE D 140 -30.86 -2.07 16.74
C ILE D 140 -30.11 -3.08 17.58
N THR D 141 -29.41 -2.61 18.61
CA THR D 141 -28.64 -3.50 19.48
C THR D 141 -29.60 -4.48 20.15
N GLY D 142 -30.73 -3.96 20.65
CA GLY D 142 -31.68 -4.81 21.34
C GLY D 142 -32.21 -5.87 20.40
N CYS D 143 -32.53 -5.47 19.16
CA CYS D 143 -33.11 -6.41 18.20
C CYS D 143 -32.12 -7.54 17.96
N PHE D 144 -30.84 -7.19 17.78
CA PHE D 144 -29.84 -8.22 17.50
C PHE D 144 -29.74 -9.13 18.70
N SER D 145 -29.72 -8.55 19.89
CA SER D 145 -29.54 -9.34 21.10
C SER D 145 -30.70 -10.32 21.24
N TYR D 146 -31.94 -9.83 21.04
CA TYR D 146 -33.09 -10.71 21.25
C TYR D 146 -33.04 -11.86 20.27
N TYR D 147 -32.67 -11.57 19.01
CA TYR D 147 -32.65 -12.61 17.99
C TYR D 147 -31.68 -13.70 18.41
N GLN D 148 -30.49 -13.29 18.87
CA GLN D 148 -29.46 -14.24 19.23
C GLN D 148 -29.90 -15.00 20.47
N GLU D 149 -30.38 -14.28 21.49
CA GLU D 149 -30.75 -14.91 22.76
C GLU D 149 -31.91 -15.87 22.52
N ALA D 150 -32.88 -15.45 21.69
CA ALA D 150 -34.06 -16.27 21.45
C ALA D 150 -33.67 -17.52 20.68
N LYS D 151 -32.62 -17.44 19.85
CA LYS D 151 -32.25 -18.58 19.02
C LYS D 151 -31.96 -19.77 19.90
N SER D 152 -31.26 -19.54 21.01
CA SER D 152 -30.87 -20.61 21.91
C SER D 152 -32.11 -21.26 22.51
N SER D 153 -33.08 -20.46 22.95
CA SER D 153 -34.24 -21.05 23.59
C SER D 153 -34.95 -21.96 22.59
N LYS D 154 -35.07 -21.50 21.34
CA LYS D 154 -35.73 -22.28 20.31
C LYS D 154 -34.98 -23.59 20.05
N ILE D 155 -33.64 -23.51 19.96
CA ILE D 155 -32.85 -24.72 19.73
C ILE D 155 -33.00 -25.65 20.93
N MET D 156 -33.04 -25.08 22.14
CA MET D 156 -33.17 -25.93 23.32
C MET D 156 -34.50 -26.67 23.26
N GLU D 157 -35.56 -25.98 22.84
CA GLU D 157 -36.87 -26.60 22.74
C GLU D 157 -36.86 -27.71 21.71
N SER D 158 -36.02 -27.57 20.68
CA SER D 158 -35.92 -28.62 19.66
C SER D 158 -35.48 -29.95 20.26
N PHE D 159 -34.67 -29.91 21.32
CA PHE D 159 -34.33 -31.11 22.08
C PHE D 159 -35.18 -31.29 23.33
N LYS D 160 -36.10 -30.37 23.61
CA LYS D 160 -37.08 -30.55 24.68
C LYS D 160 -38.32 -31.26 24.20
N ASN D 161 -38.15 -32.21 23.27
CA ASN D 161 -39.26 -33.02 22.77
C ASN D 161 -39.38 -34.25 23.64
N MET D 162 -39.93 -34.05 24.83
CA MET D 162 -40.16 -35.15 25.76
C MET D 162 -41.58 -35.65 25.65
N VAL D 163 -41.82 -36.84 26.21
CA VAL D 163 -43.03 -37.61 25.91
C VAL D 163 -43.73 -37.99 27.21
N PRO D 164 -45.05 -37.80 27.32
CA PRO D 164 -45.77 -38.35 28.47
C PRO D 164 -45.70 -39.88 28.47
N GLN D 165 -45.55 -40.44 29.66
CA GLN D 165 -45.37 -41.88 29.85
C GLN D 165 -46.47 -42.42 30.74
N GLN D 166 -47.32 -43.28 30.18
CA GLN D 166 -48.41 -43.88 30.92
C GLN D 166 -47.88 -44.82 32.00
N ALA D 167 -48.66 -44.99 33.06
CA ALA D 167 -48.25 -45.82 34.18
C ALA D 167 -49.24 -46.94 34.42
N LEU D 168 -48.71 -48.15 34.60
CA LEU D 168 -49.56 -49.29 34.94
C LEU D 168 -50.16 -49.07 36.32
N VAL D 169 -51.48 -49.25 36.43
CA VAL D 169 -52.19 -48.99 37.68
C VAL D 169 -53.24 -50.08 37.89
N ILE D 170 -53.30 -50.64 39.10
CA ILE D 170 -54.35 -51.61 39.43
C ILE D 170 -55.33 -50.94 40.39
N ARG D 171 -56.60 -50.97 40.02
CA ARG D 171 -57.72 -50.61 40.89
C ARG D 171 -58.83 -51.62 40.64
N ASN D 172 -59.76 -51.71 41.58
CA ASN D 172 -60.94 -52.59 41.44
C ASN D 172 -60.52 -54.04 41.22
N GLY D 173 -59.32 -54.42 41.64
CA GLY D 173 -58.79 -55.73 41.37
C GLY D 173 -58.54 -56.02 39.91
N GLU D 174 -58.74 -55.03 39.04
CA GLU D 174 -58.48 -55.12 37.61
C GLU D 174 -57.25 -54.29 37.25
N LYS D 175 -56.79 -54.46 36.01
CA LYS D 175 -55.63 -53.75 35.48
C LYS D 175 -56.07 -52.65 34.52
N MET D 176 -55.43 -51.48 34.64
CA MET D 176 -55.71 -50.37 33.74
C MET D 176 -54.55 -49.38 33.78
N SER D 177 -53.73 -49.38 32.73
CA SER D 177 -52.70 -48.36 32.59
C SER D 177 -53.36 -47.03 32.27
N ILE D 178 -53.09 -46.02 33.10
CA ILE D 178 -53.65 -44.70 32.87
C ILE D 178 -52.51 -43.72 32.67
N ASN D 179 -52.84 -42.46 32.43
CA ASN D 179 -51.79 -41.47 32.25
C ASN D 179 -51.32 -40.97 33.60
N ALA D 180 -50.10 -40.43 33.62
CA ALA D 180 -49.51 -39.98 34.87
C ALA D 180 -50.38 -38.92 35.53
N GLU D 181 -50.81 -37.92 34.77
CA GLU D 181 -51.69 -36.86 35.30
C GLU D 181 -52.91 -37.44 36.00
N GLU D 182 -53.47 -38.53 35.44
CA GLU D 182 -54.68 -39.12 36.01
C GLU D 182 -54.44 -39.77 37.38
N VAL D 183 -53.18 -40.07 37.72
CA VAL D 183 -52.88 -40.79 38.97
C VAL D 183 -53.12 -39.86 40.16
N VAL D 184 -53.42 -40.46 41.32
CA VAL D 184 -53.73 -39.71 42.54
C VAL D 184 -53.22 -40.41 43.79
N VAL D 185 -53.45 -39.79 44.95
CA VAL D 185 -52.94 -40.30 46.22
C VAL D 185 -53.64 -41.60 46.61
N GLY D 186 -52.95 -42.41 47.40
CA GLY D 186 -53.51 -43.64 47.96
C GLY D 186 -53.96 -44.71 46.99
N ASP D 187 -53.21 -44.96 45.92
CA ASP D 187 -53.58 -46.01 44.98
C ASP D 187 -52.52 -47.11 44.96
N LEU D 188 -52.90 -48.23 44.36
CA LEU D 188 -52.01 -49.36 44.16
C LEU D 188 -51.33 -49.23 42.81
N VAL D 189 -50.08 -49.69 42.73
CA VAL D 189 -49.32 -49.58 41.49
C VAL D 189 -48.39 -50.77 41.32
N GLU D 190 -48.51 -51.47 40.20
CA GLU D 190 -47.53 -52.45 39.77
C GLU D 190 -46.45 -51.76 38.95
N VAL D 191 -45.24 -52.30 38.99
CA VAL D 191 -44.12 -51.74 38.23
C VAL D 191 -43.36 -52.89 37.57
N LYS D 192 -43.25 -52.83 36.25
CA LYS D 192 -42.59 -53.86 35.47
C LYS D 192 -41.13 -53.48 35.29
N GLY D 193 -40.27 -54.48 35.08
CA GLY D 193 -38.90 -54.14 34.78
C GLY D 193 -38.90 -53.34 33.49
N GLY D 194 -38.20 -52.22 33.47
CA GLY D 194 -38.26 -51.37 32.30
C GLY D 194 -39.53 -50.57 32.23
N ASP D 195 -40.10 -50.18 33.37
CA ASP D 195 -41.30 -49.36 33.40
C ASP D 195 -41.06 -48.13 34.27
N ARG D 196 -41.80 -47.07 33.98
CA ARG D 196 -41.61 -45.80 34.68
C ARG D 196 -42.09 -45.90 36.12
N ILE D 197 -41.32 -45.31 37.04
CA ILE D 197 -41.78 -45.19 38.42
C ILE D 197 -42.67 -43.96 38.43
N PRO D 198 -43.99 -44.11 38.62
CA PRO D 198 -44.88 -42.96 38.46
C PRO D 198 -44.67 -41.82 39.45
N ALA D 199 -44.52 -42.11 40.73
CA ALA D 199 -44.45 -41.06 41.74
C ALA D 199 -43.86 -41.62 43.01
N ASP D 200 -43.63 -40.73 43.98
CA ASP D 200 -43.16 -41.14 45.30
C ASP D 200 -44.09 -42.22 45.82
N LEU D 201 -43.55 -43.41 46.12
CA LEU D 201 -44.38 -44.52 46.52
C LEU D 201 -43.81 -45.22 47.75
N ARG D 202 -44.66 -46.00 48.42
CA ARG D 202 -44.24 -46.84 49.54
C ARG D 202 -44.45 -48.29 49.14
N ILE D 203 -43.36 -49.05 49.06
CA ILE D 203 -43.42 -50.42 48.57
C ILE D 203 -44.13 -51.32 49.57
N ILE D 204 -44.93 -52.26 49.06
CA ILE D 204 -45.58 -53.26 49.91
C ILE D 204 -45.14 -54.68 49.58
N SER D 205 -44.60 -54.94 48.39
CA SER D 205 -44.18 -56.27 47.97
C SER D 205 -43.00 -56.11 47.03
N ALA D 206 -42.12 -57.11 47.01
CA ALA D 206 -40.93 -57.00 46.18
C ALA D 206 -40.41 -58.36 45.76
N ASN D 207 -39.98 -58.43 44.51
CA ASN D 207 -39.32 -59.61 43.95
C ASN D 207 -38.04 -59.15 43.28
N GLY D 208 -37.32 -58.24 43.96
CA GLY D 208 -36.06 -57.75 43.47
C GLY D 208 -36.11 -56.62 42.47
N CYS D 209 -37.16 -55.80 42.47
CA CYS D 209 -37.17 -54.66 41.54
C CYS D 209 -35.97 -53.77 41.86
N LYS D 210 -35.24 -53.40 40.82
CA LYS D 210 -34.11 -52.49 40.93
C LYS D 210 -34.51 -51.24 40.17
N VAL D 211 -34.36 -50.10 40.81
CA VAL D 211 -34.80 -48.84 40.23
C VAL D 211 -33.61 -47.90 40.18
N ASP D 212 -33.28 -47.45 38.96
CA ASP D 212 -32.23 -46.46 38.83
C ASP D 212 -32.59 -45.24 39.66
N ASN D 213 -31.74 -44.87 40.60
CA ASN D 213 -31.96 -43.69 41.43
C ASN D 213 -30.86 -42.67 41.24
N SER D 214 -30.08 -42.83 40.17
CA SER D 214 -28.92 -41.97 39.94
C SER D 214 -29.35 -40.51 39.81
N SER D 215 -30.49 -40.26 39.16
CA SER D 215 -30.89 -38.88 38.90
C SER D 215 -31.08 -38.10 40.19
N LEU D 216 -31.71 -38.70 41.21
CA LEU D 216 -31.99 -37.96 42.43
C LEU D 216 -31.02 -38.33 43.54
N THR D 217 -30.93 -39.63 43.88
CA THR D 217 -30.07 -40.04 44.97
C THR D 217 -28.61 -39.77 44.64
N GLY D 218 -28.25 -39.92 43.38
CA GLY D 218 -26.88 -39.79 42.96
C GLY D 218 -26.12 -41.08 43.09
N GLU D 219 -26.81 -42.17 43.42
CA GLU D 219 -26.20 -43.47 43.58
C GLU D 219 -26.08 -44.12 42.21
N SER D 220 -24.84 -44.23 41.72
CA SER D 220 -24.63 -44.82 40.40
C SER D 220 -25.08 -46.26 40.42
N GLU D 221 -24.76 -46.98 41.48
CA GLU D 221 -25.15 -48.37 41.59
C GLU D 221 -26.67 -48.43 41.68
N PRO D 222 -27.34 -49.26 40.89
CA PRO D 222 -28.78 -49.41 41.09
C PRO D 222 -28.97 -49.97 42.48
N GLN D 223 -29.92 -49.41 43.22
CA GLN D 223 -30.22 -49.95 44.53
C GLN D 223 -31.52 -50.73 44.47
N THR D 224 -31.49 -51.97 44.97
CA THR D 224 -32.65 -52.82 44.93
C THR D 224 -33.69 -52.29 45.91
N ARG D 225 -34.92 -52.74 45.77
CA ARG D 225 -35.99 -52.23 46.61
C ARG D 225 -36.45 -53.30 47.57
N SER D 226 -36.88 -52.88 48.76
CA SER D 226 -37.44 -53.78 49.76
C SER D 226 -38.67 -53.17 50.41
N PRO D 227 -39.76 -53.92 50.56
CA PRO D 227 -40.94 -53.37 51.25
C PRO D 227 -40.68 -53.04 52.70
N ASP D 228 -39.84 -53.84 53.35
CA ASP D 228 -39.46 -53.58 54.73
C ASP D 228 -38.72 -52.25 54.85
N PHE D 229 -38.69 -51.71 56.06
CA PHE D 229 -37.92 -50.51 56.32
C PHE D 229 -36.45 -50.85 56.47
N THR D 230 -35.58 -49.90 56.14
CA THR D 230 -34.15 -50.09 56.30
C THR D 230 -33.50 -48.94 57.06
N ASN D 231 -33.43 -47.76 56.45
CA ASN D 231 -32.64 -46.66 56.97
C ASN D 231 -33.51 -45.52 57.44
N GLU D 232 -32.98 -44.77 58.42
CA GLU D 232 -33.67 -43.60 58.94
C GLU D 232 -33.94 -42.58 57.84
N ASN D 233 -32.88 -42.09 57.20
CA ASN D 233 -33.03 -41.07 56.17
C ASN D 233 -33.89 -41.64 55.04
N PRO D 234 -35.00 -41.00 54.68
CA PRO D 234 -35.88 -41.56 53.65
C PRO D 234 -35.23 -41.72 52.29
N LEU D 235 -34.10 -41.06 52.03
CA LEU D 235 -33.41 -41.28 50.76
C LEU D 235 -32.81 -42.68 50.69
N GLU D 236 -32.06 -43.08 51.73
CA GLU D 236 -31.24 -44.27 51.69
C GLU D 236 -32.03 -45.56 51.84
N THR D 237 -33.29 -45.48 52.26
CA THR D 237 -34.05 -46.70 52.49
C THR D 237 -34.39 -47.38 51.17
N ARG D 238 -35.03 -48.56 51.27
CA ARG D 238 -35.40 -49.35 50.12
C ARG D 238 -36.90 -49.51 49.98
N ASN D 239 -37.69 -48.77 50.75
CA ASN D 239 -39.13 -48.93 50.79
C ASN D 239 -39.87 -47.77 50.15
N ILE D 240 -39.17 -46.93 49.40
CA ILE D 240 -39.74 -45.71 48.84
C ILE D 240 -39.20 -45.52 47.44
N ALA D 241 -40.10 -45.34 46.48
CA ALA D 241 -39.73 -45.06 45.11
C ALA D 241 -39.78 -43.56 44.90
N PHE D 242 -39.24 -43.10 43.78
CA PHE D 242 -39.15 -41.66 43.58
C PHE D 242 -39.55 -41.28 42.16
N PHE D 243 -40.06 -40.06 42.03
CA PHE D 243 -40.43 -39.55 40.72
C PHE D 243 -39.16 -39.40 39.89
N SER D 244 -39.29 -39.63 38.58
CA SER D 244 -38.22 -39.49 37.58
C SER D 244 -37.28 -40.68 37.61
N THR D 245 -37.59 -41.72 38.40
CA THR D 245 -36.82 -42.95 38.40
C THR D 245 -37.56 -44.01 37.59
N ASN D 246 -36.86 -45.08 37.23
CA ASN D 246 -37.48 -46.19 36.50
C ASN D 246 -37.02 -47.53 37.04
N CYS D 247 -37.94 -48.50 37.12
CA CYS D 247 -37.59 -49.84 37.64
C CYS D 247 -36.96 -50.61 36.48
N VAL D 248 -35.63 -50.71 36.50
CA VAL D 248 -34.90 -51.35 35.41
C VAL D 248 -35.18 -52.85 35.35
N GLU D 249 -35.14 -53.53 36.49
CA GLU D 249 -35.29 -54.98 36.51
C GLU D 249 -36.13 -55.38 37.72
N GLY D 250 -36.59 -56.63 37.73
CA GLY D 250 -37.49 -57.09 38.76
C GLY D 250 -38.82 -56.38 38.75
N THR D 251 -39.72 -56.76 39.66
CA THR D 251 -41.02 -56.12 39.75
C THR D 251 -41.42 -56.00 41.21
N ALA D 252 -42.44 -55.20 41.47
CA ALA D 252 -42.89 -54.88 42.82
C ALA D 252 -44.24 -54.18 42.73
N ARG D 253 -44.85 -53.97 43.89
CA ARG D 253 -46.04 -53.14 44.00
C ARG D 253 -45.91 -52.24 45.22
N GLY D 254 -46.80 -51.26 45.32
CA GLY D 254 -46.71 -50.29 46.39
C GLY D 254 -47.89 -49.34 46.34
N ILE D 255 -47.93 -48.43 47.31
CA ILE D 255 -49.06 -47.53 47.49
C ILE D 255 -48.54 -46.10 47.57
N VAL D 256 -49.29 -45.18 46.96
CA VAL D 256 -48.96 -43.76 46.83
C VAL D 256 -48.65 -43.14 48.19
N VAL D 257 -47.80 -42.11 48.18
CA VAL D 257 -47.63 -41.20 49.30
C VAL D 257 -47.73 -39.76 48.78
N TYR D 258 -46.78 -39.35 47.95
CA TYR D 258 -46.66 -37.99 47.46
C TYR D 258 -46.87 -37.95 45.95
N THR D 259 -47.68 -37.00 45.49
CA THR D 259 -47.95 -36.81 44.07
C THR D 259 -47.63 -35.38 43.65
N GLY D 260 -47.34 -35.22 42.36
CA GLY D 260 -47.14 -33.93 41.74
C GLY D 260 -46.14 -33.04 42.46
N ASP D 261 -46.44 -31.74 42.50
CA ASP D 261 -45.52 -30.76 43.09
C ASP D 261 -45.13 -31.10 44.52
N ARG D 262 -45.86 -31.99 45.19
CA ARG D 262 -45.47 -32.46 46.51
C ARG D 262 -44.49 -33.64 46.48
N THR D 263 -44.15 -34.17 45.30
CA THR D 263 -43.05 -35.13 45.24
C THR D 263 -41.74 -34.47 45.62
N VAL D 264 -40.71 -35.29 45.79
CA VAL D 264 -39.39 -34.77 46.13
C VAL D 264 -38.88 -33.85 45.01
N MET D 265 -38.82 -34.37 43.78
CA MET D 265 -38.16 -33.62 42.71
C MET D 265 -38.92 -32.35 42.37
N GLY D 266 -40.25 -32.42 42.34
CA GLY D 266 -41.05 -31.22 42.10
C GLY D 266 -40.77 -30.14 43.12
N ARG D 267 -40.75 -30.52 44.40
CA ARG D 267 -40.32 -29.61 45.45
C ARG D 267 -38.89 -29.14 45.20
N ILE D 268 -38.01 -30.03 44.73
CA ILE D 268 -36.64 -29.64 44.43
C ILE D 268 -36.63 -28.65 43.26
N ALA D 269 -37.41 -28.93 42.21
CA ALA D 269 -37.45 -28.06 41.04
C ALA D 269 -37.99 -26.69 41.41
N THR D 270 -39.21 -26.65 41.96
CA THR D 270 -39.80 -25.43 42.49
C THR D 270 -38.78 -24.59 43.25
N LEU D 271 -38.03 -25.22 44.15
CA LEU D 271 -36.93 -24.56 44.82
C LEU D 271 -35.99 -23.90 43.81
N ALA D 272 -35.45 -24.70 42.89
CA ALA D 272 -34.48 -24.20 41.91
C ALA D 272 -35.03 -23.01 41.13
N SER D 273 -36.21 -23.18 40.53
CA SER D 273 -36.77 -22.13 39.67
C SER D 273 -36.99 -20.83 40.44
N GLY D 274 -37.27 -20.92 41.73
CA GLY D 274 -37.53 -19.72 42.52
C GLY D 274 -36.32 -19.21 43.28
N LEU D 275 -35.18 -19.14 42.62
CA LEU D 275 -33.95 -18.64 43.21
C LEU D 275 -33.40 -17.49 42.38
N GLU D 276 -32.30 -16.93 42.86
CA GLU D 276 -31.75 -15.70 42.31
C GLU D 276 -30.56 -16.05 41.43
N GLY D 277 -30.67 -15.76 40.13
CA GLY D 277 -29.64 -16.12 39.18
C GLY D 277 -28.30 -15.47 39.45
N GLY D 278 -28.24 -14.54 40.40
CA GLY D 278 -27.01 -13.90 40.79
C GLY D 278 -26.49 -12.94 39.75
N GLN D 279 -25.67 -11.97 40.19
CA GLN D 279 -25.04 -11.05 39.25
C GLN D 279 -23.87 -11.73 38.57
N THR D 280 -23.88 -11.72 37.25
CA THR D 280 -22.81 -12.34 36.49
C THR D 280 -21.58 -11.44 36.47
N PRO D 281 -20.37 -12.01 36.54
CA PRO D 281 -19.19 -11.18 36.80
C PRO D 281 -18.91 -10.16 35.72
N ILE D 282 -19.13 -10.52 34.45
CA ILE D 282 -18.92 -9.61 33.33
C ILE D 282 -19.66 -8.29 33.54
N ALA D 283 -20.99 -8.36 33.62
CA ALA D 283 -21.81 -7.14 33.71
C ALA D 283 -21.44 -6.29 34.92
N ALA D 284 -20.93 -6.92 35.99
CA ALA D 284 -20.47 -6.15 37.15
C ALA D 284 -19.29 -5.27 36.77
N GLU D 285 -18.38 -5.79 35.95
CA GLU D 285 -17.24 -4.98 35.50
C GLU D 285 -17.71 -3.80 34.66
N ILE D 286 -18.75 -4.00 33.85
CA ILE D 286 -19.40 -2.91 33.14
C ILE D 286 -19.88 -1.85 34.13
N GLU D 287 -20.54 -2.28 35.20
CA GLU D 287 -21.14 -1.33 36.13
C GLU D 287 -20.07 -0.48 36.81
N HIS D 288 -18.96 -1.10 37.24
CA HIS D 288 -17.83 -0.32 37.72
C HIS D 288 -17.17 0.42 36.57
N PHE D 289 -17.24 -0.12 35.35
CA PHE D 289 -16.70 0.58 34.20
C PHE D 289 -17.49 1.86 33.97
N ILE D 290 -18.82 1.77 34.05
CA ILE D 290 -19.68 2.93 33.81
C ILE D 290 -19.34 4.02 34.81
N HIS D 291 -19.07 3.63 36.06
CA HIS D 291 -18.85 4.60 37.12
C HIS D 291 -17.70 5.54 36.77
N ILE D 292 -16.60 4.98 36.26
CA ILE D 292 -15.43 5.80 36.00
C ILE D 292 -15.69 6.68 34.77
N ILE D 293 -16.37 6.12 33.77
CA ILE D 293 -16.67 6.85 32.54
C ILE D 293 -17.34 8.17 32.86
N THR D 294 -18.53 8.08 33.46
CA THR D 294 -19.29 9.28 33.80
C THR D 294 -18.53 10.10 34.85
N GLY D 295 -17.79 9.43 35.72
CA GLY D 295 -17.13 10.13 36.81
C GLY D 295 -16.12 11.14 36.30
N VAL D 296 -15.31 10.74 35.32
CA VAL D 296 -14.41 11.71 34.70
C VAL D 296 -15.22 12.72 33.92
N ALA D 297 -16.32 12.27 33.28
CA ALA D 297 -17.10 13.15 32.42
C ALA D 297 -17.65 14.31 33.22
N VAL D 298 -18.21 14.03 34.40
CA VAL D 298 -18.81 15.10 35.18
C VAL D 298 -17.72 16.07 35.59
N PHE D 299 -16.55 15.53 35.96
CA PHE D 299 -15.46 16.38 36.42
C PHE D 299 -15.08 17.33 35.30
N LEU D 300 -14.96 16.79 34.09
CA LEU D 300 -14.60 17.62 32.93
C LEU D 300 -15.71 18.62 32.68
N GLY D 301 -16.96 18.14 32.72
CA GLY D 301 -18.08 19.03 32.43
C GLY D 301 -18.19 20.10 33.49
N VAL D 302 -18.03 19.72 34.76
CA VAL D 302 -18.10 20.69 35.85
C VAL D 302 -16.96 21.67 35.73
N SER D 303 -15.75 21.17 35.46
CA SER D 303 -14.60 22.05 35.40
C SER D 303 -14.79 23.05 34.27
N PHE D 304 -15.29 22.56 33.12
CA PHE D 304 -15.57 23.45 32.00
C PHE D 304 -16.70 24.39 32.37
N PHE D 305 -17.70 23.89 33.09
CA PHE D 305 -18.83 24.71 33.50
C PHE D 305 -18.32 25.86 34.35
N ILE D 306 -17.29 25.60 35.18
CA ILE D 306 -16.67 26.66 35.93
C ILE D 306 -15.99 27.63 34.97
N LEU D 307 -14.99 27.12 34.22
CA LEU D 307 -14.23 27.99 33.33
C LEU D 307 -15.12 28.66 32.29
N SER D 308 -16.31 28.11 32.03
CA SER D 308 -17.26 28.73 31.10
C SER D 308 -17.67 30.11 31.62
N LEU D 309 -18.25 30.14 32.82
CA LEU D 309 -18.67 31.39 33.42
C LEU D 309 -17.48 32.19 33.91
N ILE D 310 -16.31 31.55 34.02
CA ILE D 310 -15.11 32.30 34.34
C ILE D 310 -14.90 33.29 33.21
N LEU D 311 -15.09 32.83 31.98
CA LEU D 311 -15.08 33.65 30.78
C LEU D 311 -16.46 34.27 30.65
N GLU D 312 -16.65 35.17 29.69
CA GLU D 312 -17.94 35.86 29.60
C GLU D 312 -18.96 34.99 28.87
N TYR D 313 -19.52 34.03 29.61
CA TYR D 313 -20.57 33.15 29.10
C TYR D 313 -21.69 33.10 30.12
N THR D 314 -22.94 33.01 29.66
CA THR D 314 -24.10 33.05 30.54
C THR D 314 -24.48 31.65 31.00
N TRP D 315 -25.07 31.57 32.21
CA TRP D 315 -25.58 30.31 32.75
C TRP D 315 -26.38 29.56 31.70
N LEU D 316 -27.11 30.31 30.88
CA LEU D 316 -28.01 29.69 29.90
C LEU D 316 -27.25 28.75 28.99
N GLU D 317 -26.08 29.18 28.50
CA GLU D 317 -25.32 28.39 27.57
C GLU D 317 -24.33 27.48 28.29
N ALA D 318 -23.84 27.92 29.46
CA ALA D 318 -22.86 27.14 30.21
C ALA D 318 -23.40 25.74 30.51
N VAL D 319 -24.69 25.67 30.87
CA VAL D 319 -25.32 24.37 31.07
C VAL D 319 -25.27 23.56 29.79
N ILE D 320 -25.66 24.19 28.66
CA ILE D 320 -25.68 23.49 27.37
C ILE D 320 -24.35 22.77 27.14
N PHE D 321 -23.24 23.42 27.48
CA PHE D 321 -21.93 22.80 27.34
C PHE D 321 -21.82 21.60 28.27
N LEU D 322 -22.05 21.83 29.58
CA LEU D 322 -21.94 20.75 30.56
C LEU D 322 -22.71 19.54 30.07
N ILE D 323 -23.92 19.75 29.56
CA ILE D 323 -24.67 18.63 29.03
C ILE D 323 -23.88 18.05 27.86
N GLY D 324 -23.49 18.92 26.92
CA GLY D 324 -22.84 18.46 25.70
C GLY D 324 -21.53 17.75 25.99
N ILE D 325 -20.74 18.31 26.92
CA ILE D 325 -19.43 17.71 27.20
C ILE D 325 -19.64 16.31 27.75
N ILE D 326 -20.55 16.18 28.70
CA ILE D 326 -20.82 14.88 29.31
C ILE D 326 -21.38 13.95 28.24
N VAL D 327 -22.24 14.49 27.37
CA VAL D 327 -22.87 13.69 26.31
C VAL D 327 -21.81 13.14 25.38
N ALA D 328 -21.10 14.02 24.66
CA ALA D 328 -20.10 13.56 23.71
C ALA D 328 -19.05 12.68 24.37
N ASN D 329 -18.88 12.79 25.70
CA ASN D 329 -17.95 11.92 26.40
C ASN D 329 -18.45 10.49 26.39
N VAL D 330 -19.76 10.30 26.40
CA VAL D 330 -20.35 8.97 26.52
C VAL D 330 -19.98 8.14 25.30
N PRO D 331 -19.48 6.92 25.47
CA PRO D 331 -19.23 6.06 24.31
C PRO D 331 -20.56 5.66 23.69
N GLU D 332 -20.57 5.55 22.36
CA GLU D 332 -21.77 5.27 21.60
C GLU D 332 -21.65 3.96 20.84
N GLY D 333 -20.70 3.86 19.91
CA GLY D 333 -20.60 2.67 19.09
C GLY D 333 -20.18 1.46 19.88
N LEU D 334 -19.55 1.67 21.04
CA LEU D 334 -18.99 0.57 21.81
C LEU D 334 -20.04 -0.48 22.12
N LEU D 335 -21.25 -0.05 22.48
CA LEU D 335 -22.30 -0.99 22.88
C LEU D 335 -22.42 -2.11 21.85
N ALA D 336 -22.62 -1.75 20.58
CA ALA D 336 -22.83 -2.76 19.56
C ALA D 336 -21.54 -3.53 19.29
N THR D 337 -20.38 -2.86 19.37
CA THR D 337 -19.10 -3.55 19.21
C THR D 337 -19.01 -4.70 20.21
N VAL D 338 -19.16 -4.38 21.50
CA VAL D 338 -18.97 -5.40 22.54
C VAL D 338 -19.97 -6.52 22.33
N THR D 339 -21.23 -6.15 22.07
CA THR D 339 -22.27 -7.16 21.95
C THR D 339 -21.95 -8.06 20.78
N VAL D 340 -21.56 -7.47 19.64
CA VAL D 340 -21.30 -8.27 18.45
C VAL D 340 -20.14 -9.20 18.75
N CYS D 341 -19.13 -8.67 19.43
CA CYS D 341 -17.93 -9.45 19.74
C CYS D 341 -18.31 -10.65 20.59
N LEU D 342 -19.18 -10.41 21.59
CA LEU D 342 -19.54 -11.48 22.52
C LEU D 342 -20.25 -12.59 21.76
N THR D 343 -21.18 -12.21 20.88
CA THR D 343 -21.96 -13.21 20.17
C THR D 343 -21.03 -14.04 19.30
N LEU D 344 -20.03 -13.37 18.71
CA LEU D 344 -19.11 -14.06 17.79
C LEU D 344 -18.38 -15.15 18.54
N THR D 345 -17.92 -14.86 19.76
CA THR D 345 -17.15 -15.85 20.51
C THR D 345 -18.03 -17.04 20.79
N ALA D 346 -19.30 -16.78 21.14
CA ALA D 346 -20.24 -17.85 21.46
C ALA D 346 -20.43 -18.73 20.24
N LYS D 347 -20.47 -18.13 19.04
CA LYS D 347 -20.68 -18.88 17.81
C LYS D 347 -19.73 -20.08 17.77
N ARG D 348 -18.45 -19.83 18.00
CA ARG D 348 -17.46 -20.90 17.90
C ARG D 348 -17.69 -21.94 19.00
N MET D 349 -18.19 -21.50 20.17
CA MET D 349 -18.68 -22.45 21.17
C MET D 349 -19.82 -23.29 20.60
N ALA D 350 -20.80 -22.63 19.98
CA ALA D 350 -21.91 -23.34 19.35
C ALA D 350 -21.42 -24.22 18.20
N ARG D 351 -20.36 -23.79 17.51
CA ARG D 351 -19.74 -24.65 16.51
C ARG D 351 -19.27 -25.96 17.11
N LYS D 352 -18.81 -25.93 18.36
CA LYS D 352 -18.37 -27.12 19.08
C LYS D 352 -19.38 -27.53 20.15
N ASN D 353 -20.68 -27.31 19.88
CA ASN D 353 -21.77 -27.84 20.71
C ASN D 353 -21.72 -27.34 22.15
N CYS D 354 -21.14 -26.15 22.35
CA CYS D 354 -21.19 -25.46 23.64
C CYS D 354 -22.15 -24.29 23.51
N LEU D 355 -23.34 -24.45 24.07
CA LEU D 355 -24.40 -23.45 23.95
C LEU D 355 -24.65 -22.76 25.29
N VAL D 356 -25.03 -21.49 25.22
CA VAL D 356 -25.35 -20.67 26.39
C VAL D 356 -26.67 -19.96 26.14
N LYS D 357 -27.67 -20.20 27.00
CA LYS D 357 -28.92 -19.47 26.85
C LYS D 357 -28.70 -17.98 27.08
N ASN D 358 -27.91 -17.63 28.09
CA ASN D 358 -27.66 -16.24 28.43
C ASN D 358 -26.40 -15.84 27.67
N LEU D 359 -26.49 -14.78 26.87
CA LEU D 359 -25.34 -14.41 26.04
C LEU D 359 -24.18 -13.92 26.88
N GLU D 360 -24.47 -13.19 27.97
CA GLU D 360 -23.39 -12.59 28.74
C GLU D 360 -22.63 -13.62 29.59
N ALA D 361 -22.90 -14.92 29.43
CA ALA D 361 -22.31 -15.93 30.29
C ALA D 361 -21.02 -16.53 29.75
N VAL D 362 -20.64 -16.22 28.51
CA VAL D 362 -19.46 -16.88 27.93
C VAL D 362 -18.22 -16.56 28.75
N GLU D 363 -18.10 -15.29 29.17
CA GLU D 363 -16.90 -14.85 29.88
C GLU D 363 -16.73 -15.55 31.22
N THR D 364 -17.85 -15.97 31.84
CA THR D 364 -17.78 -16.49 33.18
C THR D 364 -16.82 -17.69 33.29
N LEU D 365 -16.82 -18.58 32.30
CA LEU D 365 -16.00 -19.79 32.42
C LEU D 365 -14.53 -19.42 32.57
N GLY D 366 -14.05 -18.48 31.76
CA GLY D 366 -12.66 -18.07 31.89
C GLY D 366 -12.43 -17.44 33.25
N SER D 367 -13.36 -16.59 33.67
CA SER D 367 -13.27 -15.93 34.97
C SER D 367 -13.89 -16.79 36.07
N THR D 368 -13.18 -17.87 36.43
CA THR D 368 -13.59 -18.73 37.53
C THR D 368 -12.36 -19.08 38.36
N SER D 369 -12.59 -19.40 39.62
CA SER D 369 -11.52 -19.70 40.55
C SER D 369 -11.75 -21.00 41.32
N THR D 370 -12.91 -21.63 41.17
CA THR D 370 -13.27 -22.82 41.93
C THR D 370 -14.45 -23.48 41.23
N ILE D 371 -14.44 -24.81 41.16
CA ILE D 371 -15.43 -25.59 40.41
C ILE D 371 -15.96 -26.70 41.31
N CYS D 372 -17.17 -27.18 40.98
CA CYS D 372 -17.79 -28.28 41.71
C CYS D 372 -18.65 -29.10 40.75
N SER D 373 -18.28 -30.36 40.51
CA SER D 373 -19.01 -31.19 39.55
C SER D 373 -19.59 -32.44 40.22
N ASP D 374 -20.65 -32.96 39.61
CA ASP D 374 -21.35 -34.14 40.10
C ASP D 374 -20.74 -35.44 39.57
N LYS D 375 -20.33 -36.35 40.46
CA LYS D 375 -19.67 -37.54 39.93
C LYS D 375 -20.55 -38.30 38.93
N THR D 376 -21.82 -38.55 39.28
CA THR D 376 -22.69 -39.36 38.41
C THR D 376 -23.02 -38.51 37.17
N GLY D 377 -23.03 -39.14 36.00
CA GLY D 377 -23.45 -38.53 34.74
C GLY D 377 -22.46 -37.47 34.29
N THR D 378 -22.20 -36.49 35.15
CA THR D 378 -21.28 -35.43 34.73
C THR D 378 -19.89 -36.01 34.54
N LEU D 379 -19.39 -36.74 35.55
CA LEU D 379 -18.05 -37.27 35.44
C LEU D 379 -18.06 -38.71 34.93
N THR D 380 -18.88 -39.55 35.55
CA THR D 380 -19.08 -40.92 35.12
C THR D 380 -19.85 -40.94 33.80
N GLN D 381 -19.91 -42.13 33.23
CA GLN D 381 -20.76 -42.35 32.09
C GLN D 381 -22.10 -42.94 32.55
N ASN D 382 -22.24 -43.22 33.85
CA ASN D 382 -23.46 -43.74 34.48
C ASN D 382 -23.92 -45.02 33.88
N ARG D 383 -22.94 -45.83 33.51
CA ARG D 383 -23.22 -47.14 32.99
C ARG D 383 -22.38 -48.17 33.73
N MET D 384 -23.04 -49.20 34.23
CA MET D 384 -22.27 -50.31 34.77
C MET D 384 -21.46 -50.84 33.60
N THR D 385 -20.14 -50.92 33.76
CA THR D 385 -19.32 -51.26 32.62
C THR D 385 -18.14 -52.10 33.08
N VAL D 386 -17.72 -53.01 32.20
CA VAL D 386 -16.62 -53.91 32.52
C VAL D 386 -15.36 -53.11 32.83
N ALA D 387 -14.77 -53.38 34.00
CA ALA D 387 -13.64 -52.60 34.48
C ALA D 387 -12.37 -53.43 34.36
N HIS D 388 -12.09 -54.28 35.34
CA HIS D 388 -10.87 -55.06 35.36
C HIS D 388 -11.19 -56.54 35.34
N MET D 389 -10.26 -57.32 34.78
CA MET D 389 -10.34 -58.78 34.79
C MET D 389 -9.05 -59.35 35.39
N TRP D 390 -9.11 -60.62 35.80
CA TRP D 390 -7.98 -61.26 36.47
C TRP D 390 -7.79 -62.68 35.96
N SER D 391 -6.74 -62.91 35.15
CA SER D 391 -6.46 -64.24 34.60
C SER D 391 -5.00 -64.59 34.88
N ASP D 392 -4.76 -65.82 35.34
CA ASP D 392 -3.41 -66.33 35.59
C ASP D 392 -2.66 -65.42 36.56
N ASN D 393 -3.37 -64.93 37.58
CA ASN D 393 -2.81 -64.02 38.59
C ASN D 393 -2.26 -62.75 37.95
N GLN D 394 -2.90 -62.30 36.86
CA GLN D 394 -2.53 -61.07 36.17
C GLN D 394 -3.76 -60.21 35.94
N ILE D 395 -3.64 -58.90 36.20
CA ILE D 395 -4.77 -57.98 36.06
C ILE D 395 -4.77 -57.42 34.66
N HIS D 396 -5.97 -57.24 34.10
CA HIS D 396 -6.14 -56.65 32.78
C HIS D 396 -7.29 -55.66 32.85
N GLU D 397 -6.97 -54.39 33.06
CA GLU D 397 -7.98 -53.34 33.08
C GLU D 397 -8.54 -53.16 31.67
N ALA D 398 -9.81 -53.52 31.48
CA ALA D 398 -10.46 -53.26 30.20
C ALA D 398 -10.47 -51.77 29.93
N ASP D 399 -10.37 -51.40 28.66
CA ASP D 399 -10.49 -49.99 28.30
C ASP D 399 -11.88 -49.49 28.68
N THR D 400 -11.90 -48.45 29.50
CA THR D 400 -13.14 -47.92 30.06
C THR D 400 -13.79 -46.88 29.16
N THR D 401 -13.29 -46.71 27.95
CA THR D 401 -13.59 -45.54 27.14
C THR D 401 -14.97 -45.66 26.49
N GLU D 402 -15.73 -44.57 26.57
CA GLU D 402 -16.99 -44.45 25.85
C GLU D 402 -16.81 -44.70 24.35
N ASN D 403 -15.77 -44.12 23.76
CA ASN D 403 -15.57 -44.14 22.32
C ASN D 403 -14.65 -45.27 21.85
N GLN D 404 -14.28 -46.17 22.75
CA GLN D 404 -13.35 -47.26 22.46
C GLN D 404 -11.97 -46.74 22.05
N SER D 405 -11.48 -45.73 22.76
CA SER D 405 -10.15 -45.21 22.51
C SER D 405 -9.09 -45.86 23.38
N GLY D 406 -9.50 -46.60 24.40
CA GLY D 406 -8.54 -47.17 25.33
C GLY D 406 -7.75 -48.31 24.71
N VAL D 407 -6.53 -48.52 25.22
CA VAL D 407 -5.72 -49.61 24.75
C VAL D 407 -6.39 -50.94 25.10
N SER D 408 -6.45 -51.84 24.13
CA SER D 408 -7.03 -53.16 24.38
C SER D 408 -6.06 -54.00 25.20
N PHE D 409 -6.61 -54.79 26.12
CA PHE D 409 -5.79 -55.70 26.91
C PHE D 409 -5.31 -56.84 26.03
N ASP D 410 -4.17 -57.42 26.40
CA ASP D 410 -3.66 -58.58 25.68
C ASP D 410 -4.56 -59.77 25.96
N LYS D 411 -5.00 -60.49 24.92
CA LYS D 411 -5.82 -61.69 25.10
C LYS D 411 -5.34 -62.86 24.21
N THR D 412 -4.16 -63.41 24.49
CA THR D 412 -3.63 -64.48 23.64
C THR D 412 -3.93 -65.85 24.23
N SER D 413 -3.85 -65.96 25.56
CA SER D 413 -4.06 -67.23 26.23
C SER D 413 -5.48 -67.73 25.98
N ALA D 414 -5.64 -69.05 26.07
CA ALA D 414 -6.96 -69.64 25.90
C ALA D 414 -7.88 -69.35 27.09
N THR D 415 -7.31 -68.98 28.24
CA THR D 415 -8.13 -68.69 29.41
C THR D 415 -9.14 -67.58 29.14
N TRP D 416 -8.75 -66.58 28.33
CA TRP D 416 -9.69 -65.57 27.87
C TRP D 416 -10.92 -66.20 27.21
N LEU D 417 -10.70 -67.20 26.35
CA LEU D 417 -11.82 -67.85 25.69
C LEU D 417 -12.69 -68.60 26.70
N ALA D 418 -12.09 -69.53 27.44
CA ALA D 418 -12.83 -70.25 28.48
C ALA D 418 -13.51 -69.29 29.45
N LEU D 419 -12.95 -68.09 29.62
CA LEU D 419 -13.61 -67.05 30.38
C LEU D 419 -14.77 -66.44 29.59
N SER D 420 -14.45 -65.82 28.44
CA SER D 420 -15.44 -65.04 27.69
C SER D 420 -16.68 -65.86 27.36
N ARG D 421 -16.53 -67.16 27.15
CA ARG D 421 -17.69 -68.02 26.92
C ARG D 421 -18.64 -67.99 28.11
N ILE D 422 -18.08 -68.01 29.34
CA ILE D 422 -18.91 -68.06 30.54
C ILE D 422 -19.93 -66.94 30.55
N ALA D 423 -19.45 -65.69 30.41
CA ALA D 423 -20.31 -64.51 30.45
C ALA D 423 -21.57 -64.73 29.61
N GLY D 424 -21.38 -65.02 28.32
CA GLY D 424 -22.53 -65.13 27.44
C GLY D 424 -23.46 -66.24 27.87
N LEU D 425 -22.89 -67.37 28.30
CA LEU D 425 -23.70 -68.52 28.70
C LEU D 425 -24.51 -68.18 29.96
N CYS D 426 -23.85 -67.58 30.96
CA CYS D 426 -24.49 -67.24 32.23
C CYS D 426 -25.13 -65.88 32.18
N ASN D 427 -25.71 -65.54 31.02
CA ASN D 427 -26.31 -64.25 30.78
C ASN D 427 -27.69 -64.38 30.16
N ARG D 428 -28.59 -63.45 30.53
CA ARG D 428 -29.93 -63.40 29.96
C ARG D 428 -30.11 -62.20 29.03
N ALA D 429 -29.25 -61.19 29.13
CA ALA D 429 -29.39 -59.97 28.36
C ALA D 429 -29.12 -60.20 26.87
N VAL D 430 -29.90 -59.51 26.02
CA VAL D 430 -29.71 -59.57 24.57
C VAL D 430 -30.01 -58.20 23.98
N PHE D 431 -29.45 -57.95 22.80
CA PHE D 431 -29.71 -56.68 22.13
C PHE D 431 -31.16 -56.60 21.69
N GLN D 432 -31.77 -55.44 21.87
CA GLN D 432 -33.11 -55.23 21.34
C GLN D 432 -33.01 -55.04 19.82
N ALA D 433 -34.10 -55.36 19.12
CA ALA D 433 -34.08 -55.29 17.66
C ALA D 433 -33.70 -53.90 17.16
N ASN D 434 -34.16 -52.86 17.85
CA ASN D 434 -33.92 -51.48 17.41
C ASN D 434 -32.47 -51.22 17.04
N GLN D 435 -31.54 -51.78 17.80
CA GLN D 435 -30.12 -51.48 17.63
C GLN D 435 -29.48 -52.45 16.64
N GLU D 436 -29.03 -51.92 15.50
CA GLU D 436 -28.31 -52.67 14.48
C GLU D 436 -27.10 -51.83 14.07
N ASN D 437 -27.34 -50.76 13.31
CA ASN D 437 -26.27 -49.86 12.91
C ASN D 437 -25.85 -48.96 14.05
N LEU D 438 -26.44 -49.17 15.23
CA LEU D 438 -26.17 -48.39 16.41
C LEU D 438 -24.79 -48.71 16.97
N PRO D 439 -24.18 -47.79 17.72
CA PRO D 439 -22.89 -48.08 18.34
C PRO D 439 -23.04 -49.18 19.39
N ILE D 440 -22.02 -50.04 19.48
CA ILE D 440 -22.08 -51.20 20.38
C ILE D 440 -22.49 -50.78 21.78
N LEU D 441 -21.70 -49.88 22.39
CA LEU D 441 -21.92 -49.52 23.79
C LEU D 441 -23.21 -48.74 24.01
N LYS D 442 -23.44 -47.69 23.21
CA LYS D 442 -24.58 -46.82 23.51
C LYS D 442 -25.90 -47.57 23.46
N ARG D 443 -26.02 -48.53 22.53
CA ARG D 443 -27.24 -49.31 22.31
C ARG D 443 -27.86 -49.83 23.61
N ALA D 444 -29.17 -49.61 23.76
CA ALA D 444 -29.91 -50.04 24.94
C ALA D 444 -30.11 -51.57 24.97
N VAL D 445 -30.23 -52.10 26.18
CA VAL D 445 -30.34 -53.54 26.42
C VAL D 445 -31.21 -53.74 27.67
N ALA D 446 -31.99 -54.82 27.68
CA ALA D 446 -32.79 -55.19 28.84
C ALA D 446 -32.02 -56.14 29.75
N GLY D 447 -32.59 -56.41 30.92
CA GLY D 447 -31.92 -57.20 31.93
C GLY D 447 -31.01 -56.35 32.81
N ASP D 448 -30.44 -57.00 33.82
CA ASP D 448 -29.59 -56.31 34.78
C ASP D 448 -28.46 -55.59 34.04
N ALA D 449 -28.04 -54.45 34.60
CA ALA D 449 -26.95 -53.68 33.99
C ALA D 449 -25.67 -54.50 33.92
N SER D 450 -25.32 -55.16 35.03
CA SER D 450 -24.14 -56.02 35.07
C SER D 450 -24.09 -56.95 33.86
N GLU D 451 -25.21 -57.62 33.57
CA GLU D 451 -25.26 -58.52 32.42
C GLU D 451 -25.00 -57.78 31.11
N SER D 452 -25.52 -56.55 30.98
CA SER D 452 -25.29 -55.78 29.76
C SER D 452 -23.81 -55.54 29.52
N ALA D 453 -23.10 -55.01 30.52
CA ALA D 453 -21.67 -54.81 30.41
C ALA D 453 -20.93 -56.07 29.97
N LEU D 454 -21.32 -57.23 30.50
CA LEU D 454 -20.71 -58.48 30.07
C LEU D 454 -21.01 -58.79 28.61
N LEU D 455 -22.28 -58.67 28.21
CA LEU D 455 -22.63 -58.80 26.80
C LEU D 455 -21.81 -57.86 25.93
N LYS D 456 -21.60 -56.62 26.38
CA LYS D 456 -20.77 -55.67 25.63
C LYS D 456 -19.32 -56.14 25.55
N CYS D 457 -18.68 -56.42 26.70
CA CYS D 457 -17.26 -56.73 26.71
C CYS D 457 -16.91 -57.82 25.70
N ILE D 458 -17.74 -58.85 25.63
CA ILE D 458 -17.59 -59.83 24.55
C ILE D 458 -17.73 -59.14 23.20
N GLU D 459 -18.83 -58.39 23.01
CA GLU D 459 -19.18 -57.86 21.68
C GLU D 459 -18.08 -57.00 21.10
N LEU D 460 -17.33 -56.29 21.94
CA LEU D 460 -16.16 -55.57 21.46
C LEU D 460 -14.96 -56.50 21.26
N CYS D 461 -14.60 -57.25 22.30
CA CYS D 461 -13.32 -57.94 22.34
C CYS D 461 -13.39 -59.35 21.77
N CYS D 462 -14.43 -60.11 22.12
CA CYS D 462 -14.50 -61.52 21.75
C CYS D 462 -15.59 -61.76 20.70
N GLY D 463 -15.54 -61.01 19.60
CA GLY D 463 -16.51 -61.21 18.51
C GLY D 463 -17.92 -60.77 18.86
N SER D 464 -18.91 -61.50 18.33
CA SER D 464 -20.32 -61.19 18.53
C SER D 464 -20.99 -62.23 19.42
N VAL D 465 -21.48 -61.82 20.59
CA VAL D 465 -22.12 -62.76 21.50
C VAL D 465 -23.40 -63.35 20.89
N LYS D 466 -24.15 -62.54 20.14
CA LYS D 466 -25.47 -62.95 19.67
C LYS D 466 -25.37 -64.21 18.80
N GLU D 467 -24.41 -64.25 17.87
CA GLU D 467 -24.22 -65.48 17.10
C GLU D 467 -23.79 -66.62 18.01
N MET D 468 -22.88 -66.32 18.94
CA MET D 468 -22.40 -67.34 19.87
C MET D 468 -23.50 -67.83 20.80
N ARG D 469 -24.47 -66.96 21.11
CA ARG D 469 -25.50 -67.36 22.08
C ARG D 469 -26.31 -68.52 21.56
N GLU D 470 -26.69 -68.49 20.28
CA GLU D 470 -27.46 -69.60 19.71
C GLU D 470 -26.56 -70.77 19.33
N ARG D 471 -25.28 -70.52 19.07
CA ARG D 471 -24.39 -71.57 18.61
C ARG D 471 -24.20 -72.65 19.67
N TYR D 472 -24.16 -72.27 20.94
CA TYR D 472 -24.15 -73.20 22.06
C TYR D 472 -25.57 -73.24 22.59
N THR D 473 -26.22 -74.39 22.45
CA THR D 473 -27.66 -74.50 22.74
C THR D 473 -27.86 -74.90 24.20
N LYS D 474 -28.51 -74.02 24.96
CA LYS D 474 -28.89 -74.28 26.34
C LYS D 474 -29.86 -75.46 26.42
N ILE D 475 -30.00 -76.00 27.62
CA ILE D 475 -31.08 -76.94 27.92
C ILE D 475 -31.88 -76.39 29.10
N VAL D 476 -31.23 -76.27 30.25
CA VAL D 476 -31.88 -75.78 31.47
C VAL D 476 -31.04 -74.65 32.04
N GLU D 477 -31.72 -73.60 32.51
CA GLU D 477 -31.09 -72.47 33.17
C GLU D 477 -31.69 -72.29 34.56
N ILE D 478 -30.83 -71.99 35.53
CA ILE D 478 -31.25 -71.73 36.91
C ILE D 478 -30.94 -70.27 37.23
N PRO D 479 -31.96 -69.44 37.54
CA PRO D 479 -31.67 -68.04 37.91
C PRO D 479 -31.06 -67.91 39.30
N PHE D 480 -30.95 -66.69 39.81
CA PHE D 480 -30.28 -66.47 41.09
C PHE D 480 -31.29 -66.44 42.25
N ASN D 481 -30.98 -67.19 43.31
CA ASN D 481 -31.76 -67.19 44.54
C ASN D 481 -30.80 -66.92 45.69
N SER D 482 -31.14 -65.98 46.57
CA SER D 482 -30.20 -65.62 47.64
C SER D 482 -29.92 -66.83 48.52
N THR D 483 -30.97 -67.56 48.90
CA THR D 483 -30.75 -68.81 49.62
C THR D 483 -30.22 -69.77 48.57
N ASN D 484 -29.27 -70.63 48.95
CA ASN D 484 -28.62 -71.48 47.95
C ASN D 484 -28.12 -70.58 46.83
N LYS D 485 -27.33 -69.56 47.18
CA LYS D 485 -26.95 -68.58 46.19
C LYS D 485 -26.30 -69.27 44.99
N TYR D 486 -26.83 -68.99 43.80
CA TYR D 486 -26.35 -69.55 42.55
C TYR D 486 -26.85 -68.71 41.39
N GLN D 487 -26.26 -68.95 40.23
CA GLN D 487 -26.64 -68.36 38.96
C GLN D 487 -25.93 -69.19 37.89
N LEU D 488 -26.62 -70.13 37.27
CA LEU D 488 -25.94 -71.10 36.42
C LEU D 488 -26.81 -71.55 35.27
N SER D 489 -26.15 -72.19 34.30
CA SER D 489 -26.81 -72.82 33.16
C SER D 489 -25.89 -73.89 32.61
N ILE D 490 -26.39 -74.64 31.62
CA ILE D 490 -25.65 -75.78 31.06
C ILE D 490 -26.08 -76.02 29.63
N HIS D 491 -25.16 -75.83 28.68
CA HIS D 491 -25.44 -75.81 27.24
C HIS D 491 -24.72 -76.96 26.54
N LYS D 492 -24.93 -77.05 25.23
CA LYS D 492 -24.34 -78.11 24.43
C LYS D 492 -22.92 -77.73 24.04
N ASN D 493 -22.16 -78.71 23.56
CA ASN D 493 -20.75 -78.48 23.22
C ASN D 493 -20.48 -78.82 21.76
N PRO D 494 -19.97 -77.87 20.96
CA PRO D 494 -19.65 -78.17 19.55
C PRO D 494 -18.19 -78.52 19.28
N ASN D 495 -17.37 -78.71 20.31
CA ASN D 495 -15.95 -78.95 20.15
C ASN D 495 -15.69 -80.26 19.40
N THR D 496 -14.62 -80.27 18.60
CA THR D 496 -14.22 -81.50 17.92
C THR D 496 -13.81 -82.54 18.94
N ALA D 497 -13.22 -82.09 20.05
CA ALA D 497 -12.88 -82.99 21.15
C ALA D 497 -14.16 -83.63 21.67
N GLU D 498 -15.25 -82.89 21.55
CA GLU D 498 -16.60 -83.33 21.87
C GLU D 498 -16.80 -83.80 23.30
N PRO D 499 -16.49 -82.99 24.32
CA PRO D 499 -16.88 -83.38 25.67
C PRO D 499 -18.38 -83.59 25.72
N ARG D 500 -19.10 -82.80 24.90
CA ARG D 500 -20.53 -82.84 24.62
C ARG D 500 -21.32 -82.13 25.70
N HIS D 501 -20.66 -81.59 26.72
CA HIS D 501 -21.38 -80.96 27.82
C HIS D 501 -20.53 -79.84 28.38
N LEU D 502 -21.18 -78.85 28.96
CA LEU D 502 -20.47 -77.75 29.58
C LEU D 502 -21.41 -77.07 30.56
N LEU D 503 -20.91 -76.83 31.78
CA LEU D 503 -21.69 -76.22 32.85
C LEU D 503 -21.00 -74.94 33.28
N VAL D 504 -21.78 -73.88 33.49
CA VAL D 504 -21.24 -72.58 33.87
C VAL D 504 -22.03 -72.04 35.06
N MET D 505 -21.33 -71.29 35.93
CA MET D 505 -21.95 -70.69 37.10
C MET D 505 -21.22 -69.40 37.45
N LYS D 506 -21.97 -68.42 37.92
CA LYS D 506 -21.41 -67.14 38.33
C LYS D 506 -22.04 -66.71 39.65
N GLY D 507 -21.33 -65.85 40.37
CA GLY D 507 -21.81 -65.38 41.65
C GLY D 507 -20.72 -64.63 42.39
N ALA D 508 -21.05 -64.27 43.63
CA ALA D 508 -20.11 -63.52 44.46
C ALA D 508 -18.86 -64.36 44.72
N PRO D 509 -17.68 -63.74 44.76
CA PRO D 509 -16.44 -64.52 44.72
C PRO D 509 -16.25 -65.49 45.89
N GLU D 510 -16.57 -65.07 47.11
CA GLU D 510 -16.30 -65.94 48.26
C GLU D 510 -17.23 -67.15 48.32
N ARG D 511 -18.20 -67.26 47.43
CA ARG D 511 -19.03 -68.47 47.31
C ARG D 511 -18.56 -69.38 46.19
N ILE D 512 -18.14 -68.81 45.06
CA ILE D 512 -17.65 -69.62 43.95
C ILE D 512 -16.33 -70.27 44.29
N LEU D 513 -15.59 -69.72 45.25
CA LEU D 513 -14.31 -70.30 45.66
C LEU D 513 -14.54 -71.58 46.46
N ASP D 514 -15.50 -71.55 47.38
CA ASP D 514 -15.82 -72.73 48.19
C ASP D 514 -16.12 -73.95 47.33
N ARG D 515 -16.74 -73.72 46.17
CA ARG D 515 -17.30 -74.77 45.32
C ARG D 515 -16.52 -74.92 44.02
N CYS D 516 -15.18 -74.86 44.10
CA CYS D 516 -14.32 -74.93 42.93
C CYS D 516 -12.98 -75.58 43.25
N SER D 517 -12.62 -76.62 42.49
CA SER D 517 -11.32 -77.26 42.67
C SER D 517 -10.31 -76.94 41.57
N SER D 518 -10.69 -77.10 40.30
CA SER D 518 -9.74 -76.91 39.21
C SER D 518 -9.60 -75.43 38.88
N ILE D 519 -8.45 -75.06 38.28
CA ILE D 519 -8.22 -73.67 37.89
C ILE D 519 -7.36 -73.62 36.62
N LEU D 520 -7.93 -73.15 35.52
CA LEU D 520 -7.18 -72.95 34.28
C LEU D 520 -5.98 -72.02 34.49
N ILE D 521 -4.89 -72.31 33.78
CA ILE D 521 -3.72 -71.41 33.77
C ILE D 521 -2.97 -71.55 32.45
N HIS D 522 -2.98 -70.49 31.64
CA HIS D 522 -2.25 -70.43 30.37
C HIS D 522 -2.73 -71.47 29.37
N GLY D 523 -3.72 -72.26 29.74
CA GLY D 523 -4.29 -73.30 28.90
C GLY D 523 -4.30 -74.67 29.53
N LYS D 524 -3.86 -74.81 30.79
CA LYS D 524 -3.75 -76.09 31.47
C LYS D 524 -4.51 -76.10 32.78
N GLU D 525 -5.14 -77.23 33.09
CA GLU D 525 -5.87 -77.38 34.34
C GLU D 525 -4.92 -77.46 35.52
N GLN D 526 -5.35 -76.94 36.67
CA GLN D 526 -4.55 -76.99 37.89
C GLN D 526 -5.49 -77.07 39.10
N PRO D 527 -5.08 -77.71 40.19
CA PRO D 527 -5.93 -77.77 41.39
C PRO D 527 -5.83 -76.51 42.25
N LEU D 528 -6.61 -76.50 43.35
CA LEU D 528 -6.68 -75.35 44.26
C LEU D 528 -5.55 -75.33 45.29
N ASP D 529 -4.32 -75.12 44.83
CA ASP D 529 -3.26 -74.97 45.83
C ASP D 529 -3.50 -73.66 46.58
N GLU D 530 -3.39 -73.70 47.91
CA GLU D 530 -3.69 -72.50 48.71
C GLU D 530 -2.76 -71.34 48.38
N GLU D 531 -1.56 -71.63 47.86
CA GLU D 531 -0.62 -70.57 47.51
C GLU D 531 -1.25 -69.62 46.51
N LEU D 532 -1.72 -70.15 45.38
CA LEU D 532 -2.42 -69.34 44.40
C LEU D 532 -3.80 -68.91 44.89
N LYS D 533 -4.40 -69.65 45.83
CA LYS D 533 -5.71 -69.30 46.36
C LYS D 533 -5.64 -68.06 47.24
N ASP D 534 -4.45 -67.72 47.73
CA ASP D 534 -4.22 -66.42 48.35
C ASP D 534 -3.84 -65.36 47.32
N ALA D 535 -3.35 -65.78 46.15
CA ALA D 535 -3.13 -64.86 45.05
C ALA D 535 -4.45 -64.45 44.40
N PHE D 536 -5.56 -65.07 44.79
CA PHE D 536 -6.90 -64.62 44.47
C PHE D 536 -7.48 -63.71 45.54
N GLN D 537 -7.29 -64.06 46.83
CA GLN D 537 -7.85 -63.25 47.90
C GLN D 537 -7.21 -61.86 47.92
N ASN D 538 -5.90 -61.78 47.68
CA ASN D 538 -5.23 -60.49 47.68
C ASN D 538 -5.79 -59.61 46.57
N ALA D 539 -6.06 -60.20 45.40
CA ALA D 539 -6.63 -59.45 44.30
C ALA D 539 -8.00 -58.91 44.70
N TYR D 540 -8.78 -59.72 45.42
CA TYR D 540 -10.09 -59.28 45.87
C TYR D 540 -9.93 -58.07 46.78
N LEU D 541 -8.91 -58.11 47.65
CA LEU D 541 -8.64 -56.99 48.56
C LEU D 541 -8.27 -55.74 47.77
N GLU D 542 -7.40 -55.88 46.77
CA GLU D 542 -6.97 -54.72 45.99
C GLU D 542 -8.14 -54.12 45.22
N LEU D 543 -8.98 -54.99 44.63
CA LEU D 543 -10.15 -54.50 43.92
C LEU D 543 -11.09 -53.79 44.90
N GLY D 544 -11.17 -54.30 46.12
CA GLY D 544 -11.99 -53.65 47.14
C GLY D 544 -11.54 -52.24 47.42
N GLY D 545 -10.22 -52.01 47.45
CA GLY D 545 -9.73 -50.65 47.59
C GLY D 545 -10.16 -49.77 46.43
N LEU D 546 -10.15 -50.33 45.22
CA LEU D 546 -10.64 -49.62 44.05
C LEU D 546 -12.12 -49.33 44.20
N GLY D 547 -12.87 -50.27 44.77
CA GLY D 547 -14.28 -50.11 45.04
C GLY D 547 -15.21 -50.73 44.02
N GLU D 548 -14.67 -51.21 42.89
CA GLU D 548 -15.48 -51.87 41.88
C GLU D 548 -16.08 -53.15 42.44
N ARG D 549 -17.35 -53.41 42.13
CA ARG D 549 -17.96 -54.68 42.54
C ARG D 549 -17.25 -55.84 41.85
N VAL D 550 -17.05 -56.95 42.57
CA VAL D 550 -16.28 -58.07 42.04
C VAL D 550 -17.20 -59.25 41.80
N LEU D 551 -17.04 -59.90 40.64
CA LEU D 551 -17.80 -61.09 40.27
C LEU D 551 -16.85 -62.21 39.87
N GLY D 552 -17.17 -63.43 40.29
CA GLY D 552 -16.37 -64.61 39.97
C GLY D 552 -17.14 -65.56 39.08
N PHE D 553 -16.46 -66.06 38.04
CA PHE D 553 -17.07 -66.91 37.02
C PHE D 553 -16.43 -68.29 37.02
N CYS D 554 -17.26 -69.34 36.97
CA CYS D 554 -16.81 -70.73 37.00
C CYS D 554 -17.44 -71.57 35.90
N HIS D 555 -16.70 -72.59 35.42
CA HIS D 555 -17.20 -73.49 34.39
C HIS D 555 -16.53 -74.87 34.51
N LEU D 556 -17.21 -75.92 34.06
CA LEU D 556 -16.62 -77.25 34.00
C LEU D 556 -17.27 -78.11 32.92
N PHE D 557 -16.48 -79.01 32.32
CA PHE D 557 -16.98 -79.99 31.35
C PHE D 557 -17.59 -81.20 32.06
N LEU D 558 -18.47 -81.91 31.38
CA LEU D 558 -19.12 -83.08 31.98
C LEU D 558 -18.76 -84.36 31.25
N PRO D 559 -18.28 -85.39 31.96
CA PRO D 559 -17.90 -86.65 31.31
C PRO D 559 -19.08 -87.42 30.72
N ASP D 560 -18.86 -87.99 29.52
CA ASP D 560 -19.88 -88.82 28.89
C ASP D 560 -20.14 -90.08 29.71
N GLU D 561 -19.09 -90.63 30.33
CA GLU D 561 -19.25 -91.79 31.19
C GLU D 561 -20.15 -91.44 32.36
N GLN D 562 -19.95 -90.25 32.94
CA GLN D 562 -20.73 -89.83 34.08
C GLN D 562 -22.20 -89.68 33.71
N PHE D 563 -22.49 -89.05 32.56
CA PHE D 563 -23.84 -88.80 32.08
C PHE D 563 -23.90 -89.03 30.56
N PRO D 564 -24.93 -89.73 30.07
CA PRO D 564 -24.99 -90.05 28.64
C PRO D 564 -25.00 -88.81 27.77
N GLU D 565 -24.20 -88.84 26.68
CA GLU D 565 -24.08 -87.68 25.81
C GLU D 565 -25.40 -87.34 25.12
N GLY D 566 -26.15 -88.36 24.68
CA GLY D 566 -27.35 -88.08 23.91
C GLY D 566 -28.41 -87.34 24.72
N PHE D 567 -28.67 -87.81 25.95
CA PHE D 567 -29.58 -87.08 26.82
C PHE D 567 -29.41 -87.52 28.27
N GLN D 568 -29.52 -86.56 29.19
CA GLN D 568 -29.53 -86.85 30.62
C GLN D 568 -30.31 -85.74 31.31
N PHE D 569 -31.07 -86.09 32.33
CA PHE D 569 -31.80 -85.09 33.09
C PHE D 569 -31.71 -85.25 34.61
N ASP D 570 -31.29 -84.19 35.31
CA ASP D 570 -31.29 -84.15 36.77
C ASP D 570 -31.89 -82.87 37.33
N THR D 571 -32.81 -82.23 36.61
CA THR D 571 -33.31 -80.92 37.05
C THR D 571 -33.96 -81.03 38.41
N ASP D 572 -34.67 -82.15 38.68
CA ASP D 572 -35.47 -82.25 39.89
C ASP D 572 -34.62 -82.14 41.14
N ASP D 573 -33.44 -82.75 41.15
CA ASP D 573 -32.61 -82.76 42.34
C ASP D 573 -31.21 -82.23 42.01
N VAL D 574 -30.59 -81.61 43.01
CA VAL D 574 -29.26 -81.03 42.87
C VAL D 574 -28.19 -82.11 43.04
N ASN D 575 -28.20 -83.10 42.14
CA ASN D 575 -27.20 -84.17 42.21
C ASN D 575 -25.80 -83.68 41.87
N PHE D 576 -25.65 -82.78 40.88
CA PHE D 576 -24.32 -82.42 40.42
C PHE D 576 -23.45 -81.90 41.58
N PRO D 577 -22.20 -82.35 41.66
CA PRO D 577 -21.31 -81.93 42.77
C PRO D 577 -20.96 -80.46 42.63
N LEU D 578 -21.17 -79.70 43.70
CA LEU D 578 -20.83 -78.28 43.67
C LEU D 578 -19.32 -78.08 43.54
N ASP D 579 -18.53 -78.87 44.26
CA ASP D 579 -17.08 -78.73 44.22
C ASP D 579 -16.53 -79.42 42.97
N ASN D 580 -15.25 -79.19 42.70
CA ASN D 580 -14.47 -79.78 41.60
C ASN D 580 -14.66 -79.02 40.29
N LEU D 581 -15.40 -77.91 40.29
CA LEU D 581 -15.57 -77.09 39.10
C LEU D 581 -14.32 -76.22 38.92
N CYS D 582 -14.19 -75.60 37.74
CA CYS D 582 -13.04 -74.72 37.45
C CYS D 582 -13.45 -73.25 37.41
N PHE D 583 -12.79 -72.41 38.21
CA PHE D 583 -13.03 -70.97 38.24
C PHE D 583 -11.99 -70.29 37.34
N VAL D 584 -12.43 -69.40 36.45
CA VAL D 584 -11.54 -68.82 35.46
C VAL D 584 -11.06 -67.41 35.85
N GLY D 585 -11.97 -66.51 36.24
CA GLY D 585 -11.49 -65.15 36.48
C GLY D 585 -12.42 -64.31 37.33
N LEU D 586 -11.85 -63.19 37.78
CA LEU D 586 -12.57 -62.20 38.58
C LEU D 586 -12.81 -60.97 37.70
N ILE D 587 -14.06 -60.48 37.65
CA ILE D 587 -14.40 -59.35 36.78
C ILE D 587 -15.00 -58.22 37.60
N SER D 588 -14.23 -57.15 37.81
CA SER D 588 -14.73 -55.97 38.51
C SER D 588 -15.69 -55.17 37.62
N MET D 589 -16.76 -54.64 38.23
CA MET D 589 -17.74 -53.81 37.51
C MET D 589 -17.91 -52.46 38.19
N ILE D 590 -17.87 -51.37 37.41
CA ILE D 590 -17.95 -50.02 37.94
C ILE D 590 -18.37 -49.03 36.86
N ASP D 591 -18.68 -47.79 37.28
CA ASP D 591 -19.06 -46.74 36.34
C ASP D 591 -17.82 -46.01 35.86
N PRO D 592 -17.44 -46.13 34.59
CA PRO D 592 -16.25 -45.44 34.11
C PRO D 592 -16.50 -43.95 33.96
N PRO D 593 -15.49 -43.11 34.18
CA PRO D 593 -15.64 -41.68 33.93
C PRO D 593 -15.58 -41.44 32.43
N ARG D 594 -15.89 -40.22 32.01
CA ARG D 594 -15.72 -39.90 30.61
C ARG D 594 -14.24 -39.90 30.28
N ALA D 595 -13.93 -40.31 29.04
CA ALA D 595 -12.52 -40.52 28.68
C ALA D 595 -11.71 -39.26 28.87
N ALA D 596 -12.26 -38.09 28.47
CA ALA D 596 -11.47 -36.88 28.51
C ALA D 596 -11.54 -36.17 29.86
N VAL D 597 -12.36 -36.70 30.79
CA VAL D 597 -12.59 -36.02 32.06
C VAL D 597 -11.31 -35.85 32.86
N PRO D 598 -10.47 -36.87 33.05
CA PRO D 598 -9.32 -36.70 33.95
C PRO D 598 -8.32 -35.67 33.46
N ASP D 599 -7.95 -35.69 32.18
CA ASP D 599 -6.92 -34.77 31.72
C ASP D 599 -7.41 -33.35 31.87
N ALA D 600 -8.67 -33.10 31.54
CA ALA D 600 -9.24 -31.76 31.65
C ALA D 600 -9.00 -31.23 33.06
N VAL D 601 -9.29 -32.07 34.07
CA VAL D 601 -9.13 -31.66 35.46
C VAL D 601 -7.74 -31.08 35.69
N GLY D 602 -6.72 -31.79 35.21
CA GLY D 602 -5.36 -31.31 35.38
C GLY D 602 -5.15 -29.95 34.76
N LYS D 603 -5.66 -29.76 33.53
CA LYS D 603 -5.58 -28.46 32.88
C LYS D 603 -6.19 -27.36 33.75
N CYS D 604 -7.32 -27.67 34.40
CA CYS D 604 -7.93 -26.70 35.30
C CYS D 604 -7.12 -26.58 36.58
N ARG D 605 -6.59 -27.70 37.08
CA ARG D 605 -5.61 -27.62 38.16
C ARG D 605 -4.37 -26.86 37.72
N SER D 606 -4.06 -26.87 36.42
CA SER D 606 -2.87 -26.17 35.92
C SER D 606 -3.06 -24.67 35.99
N ALA D 607 -4.28 -24.18 35.76
CA ALA D 607 -4.60 -22.78 35.91
C ALA D 607 -4.75 -22.36 37.36
N GLY D 608 -4.39 -23.22 38.31
CA GLY D 608 -4.59 -22.93 39.72
C GLY D 608 -6.02 -22.97 40.19
N ILE D 609 -6.94 -23.47 39.36
CA ILE D 609 -8.35 -23.52 39.73
C ILE D 609 -8.57 -24.66 40.71
N LYS D 610 -9.49 -24.45 41.66
CA LYS D 610 -9.78 -25.44 42.68
C LYS D 610 -10.82 -26.43 42.16
N VAL D 611 -10.56 -27.70 42.35
CA VAL D 611 -11.39 -28.78 41.82
C VAL D 611 -12.01 -29.53 42.99
N ILE D 612 -13.33 -29.70 42.96
CA ILE D 612 -14.05 -30.32 44.07
C ILE D 612 -15.21 -31.14 43.52
N MET D 613 -15.30 -32.39 43.98
CA MET D 613 -16.41 -33.26 43.66
C MET D 613 -17.50 -33.08 44.71
N VAL D 614 -18.76 -33.15 44.29
CA VAL D 614 -19.90 -33.18 45.18
C VAL D 614 -20.89 -34.13 44.56
N THR D 615 -21.18 -35.23 45.25
CA THR D 615 -22.31 -36.09 44.89
C THR D 615 -22.99 -36.66 46.12
N GLY D 616 -24.13 -37.29 45.87
CA GLY D 616 -24.91 -37.91 46.92
C GLY D 616 -24.61 -39.39 47.03
N ASP D 617 -23.63 -39.87 46.27
CA ASP D 617 -23.32 -41.29 46.17
C ASP D 617 -22.46 -41.74 47.35
N HIS D 618 -22.20 -43.03 47.41
CA HIS D 618 -21.49 -43.60 48.55
C HIS D 618 -20.02 -43.20 48.51
N PRO D 619 -19.39 -42.99 49.68
CA PRO D 619 -17.98 -42.58 49.70
C PRO D 619 -17.06 -43.58 49.01
N ILE D 620 -17.29 -44.87 49.25
CA ILE D 620 -16.47 -45.94 48.67
C ILE D 620 -16.22 -45.69 47.18
N THR D 621 -17.29 -45.52 46.41
CA THR D 621 -17.14 -45.25 44.99
C THR D 621 -16.45 -43.92 44.73
N ALA D 622 -16.81 -42.90 45.51
CA ALA D 622 -16.35 -41.53 45.23
C ALA D 622 -14.84 -41.40 45.37
N LYS D 623 -14.30 -41.80 46.52
CA LYS D 623 -12.87 -41.64 46.82
C LYS D 623 -11.99 -42.09 45.66
N ALA D 624 -12.26 -43.28 45.11
CA ALA D 624 -11.44 -43.78 44.00
C ALA D 624 -11.56 -42.90 42.77
N ILE D 625 -12.75 -42.39 42.49
CA ILE D 625 -12.97 -41.61 41.27
C ILE D 625 -12.06 -40.39 41.27
N ALA D 626 -12.05 -39.63 42.38
CA ALA D 626 -11.22 -38.45 42.45
C ALA D 626 -9.74 -38.80 42.38
N LYS D 627 -9.35 -39.95 42.94
CA LYS D 627 -7.98 -40.44 42.78
C LYS D 627 -7.68 -40.69 41.30
N GLY D 628 -8.63 -41.27 40.56
CA GLY D 628 -8.39 -41.64 39.18
C GLY D 628 -8.51 -40.51 38.18
N VAL D 629 -9.19 -39.42 38.54
CA VAL D 629 -9.44 -38.33 37.60
C VAL D 629 -8.57 -37.11 37.86
N GLY D 630 -7.92 -37.03 39.02
CA GLY D 630 -7.01 -35.92 39.30
C GLY D 630 -7.49 -34.93 40.32
N ILE D 631 -8.71 -35.06 40.86
CA ILE D 631 -9.10 -34.21 41.97
C ILE D 631 -8.27 -34.55 43.20
N ILE D 632 -7.93 -35.83 43.37
CA ILE D 632 -7.05 -36.29 44.44
C ILE D 632 -5.74 -36.71 43.79
N SER D 633 -4.68 -35.92 44.03
CA SER D 633 -3.35 -36.34 43.60
C SER D 633 -2.92 -37.58 44.37
N GLU D 634 -2.25 -38.49 43.66
CA GLU D 634 -1.60 -39.61 44.31
C GLU D 634 -0.65 -39.11 45.39
N GLY D 635 -0.70 -39.75 46.56
CA GLY D 635 0.20 -39.48 47.65
C GLY D 635 -0.30 -38.48 48.67
N ASN D 636 -1.07 -37.47 48.26
CA ASN D 636 -1.84 -36.70 49.23
C ASN D 636 -2.97 -37.56 49.75
N GLU D 637 -3.22 -37.48 51.05
CA GLU D 637 -4.08 -38.48 51.68
C GLU D 637 -5.04 -37.85 52.67
N THR D 638 -6.18 -38.52 52.83
CA THR D 638 -7.25 -38.11 53.71
C THR D 638 -6.83 -38.26 55.18
N VAL D 639 -7.65 -37.68 56.06
CA VAL D 639 -7.38 -37.80 57.50
C VAL D 639 -7.34 -39.28 57.87
N GLU D 640 -8.29 -40.04 57.33
CA GLU D 640 -8.38 -41.46 57.64
C GLU D 640 -7.14 -42.19 57.16
N ASP D 641 -6.65 -41.84 55.96
CA ASP D 641 -5.51 -42.54 55.39
C ASP D 641 -4.30 -42.38 56.31
N ILE D 642 -4.13 -41.18 56.89
CA ILE D 642 -3.02 -40.94 57.79
C ILE D 642 -3.14 -41.90 58.97
N ALA D 643 -4.36 -42.03 59.49
CA ALA D 643 -4.61 -42.91 60.63
C ALA D 643 -4.31 -44.35 60.28
N ALA D 644 -4.69 -44.78 59.08
CA ALA D 644 -4.50 -46.17 58.66
C ALA D 644 -3.02 -46.53 58.65
N ARG D 645 -2.17 -45.58 58.26
CA ARG D 645 -0.74 -45.84 58.13
C ARG D 645 -0.11 -46.23 59.47
N LEU D 646 -0.54 -45.60 60.57
CA LEU D 646 0.11 -45.81 61.85
C LEU D 646 -0.82 -46.33 62.95
N ASN D 647 -1.99 -46.88 62.61
CA ASN D 647 -2.87 -47.48 63.62
C ASN D 647 -3.13 -46.52 64.77
N ILE D 648 -3.38 -45.26 64.43
CA ILE D 648 -3.59 -44.20 65.40
C ILE D 648 -5.01 -43.66 65.33
N PRO D 649 -5.56 -43.15 66.44
CA PRO D 649 -6.94 -42.69 66.45
C PRO D 649 -7.18 -41.59 65.42
N VAL D 650 -8.37 -41.61 64.81
CA VAL D 650 -8.69 -40.55 63.88
C VAL D 650 -8.66 -39.21 64.61
N SER D 651 -9.14 -39.22 65.86
CA SER D 651 -9.10 -38.03 66.70
C SER D 651 -7.65 -37.59 66.92
N GLN D 652 -6.75 -38.57 67.07
CA GLN D 652 -5.35 -38.27 67.41
C GLN D 652 -4.69 -37.43 66.32
N VAL D 653 -4.86 -37.79 65.04
CA VAL D 653 -4.09 -37.07 64.02
C VAL D 653 -4.69 -35.69 63.86
N ASN D 654 -3.85 -34.69 63.65
CA ASN D 654 -4.36 -33.35 63.41
C ASN D 654 -4.86 -33.25 61.98
N PRO D 655 -5.97 -32.55 61.73
CA PRO D 655 -6.49 -32.49 60.34
C PRO D 655 -5.55 -31.77 59.38
N ARG D 656 -4.75 -30.82 59.86
CA ARG D 656 -3.82 -30.10 58.98
C ARG D 656 -2.89 -31.05 58.23
N ASP D 657 -2.46 -32.12 58.89
CA ASP D 657 -1.53 -33.07 58.26
C ASP D 657 -2.12 -33.64 56.97
N ALA D 658 -3.43 -33.91 56.97
CA ALA D 658 -4.13 -34.37 55.78
C ALA D 658 -4.39 -33.19 54.85
N LYS D 659 -3.66 -33.12 53.74
CA LYS D 659 -3.94 -32.08 52.74
C LYS D 659 -5.34 -32.20 52.19
N ALA D 660 -5.85 -33.41 52.05
CA ALA D 660 -7.20 -33.66 51.58
C ALA D 660 -8.08 -34.19 52.71
N CYS D 661 -9.39 -34.07 52.53
CA CYS D 661 -10.34 -34.53 53.53
C CYS D 661 -11.60 -35.03 52.84
N VAL D 662 -12.16 -36.10 53.38
CA VAL D 662 -13.45 -36.61 52.92
C VAL D 662 -14.49 -36.21 53.95
N VAL D 663 -15.71 -35.99 53.48
CA VAL D 663 -16.82 -35.61 54.36
C VAL D 663 -18.08 -36.32 53.89
N HIS D 664 -18.71 -37.05 54.81
CA HIS D 664 -19.98 -37.72 54.54
C HIS D 664 -21.12 -36.75 54.78
N GLY D 665 -22.18 -36.88 53.97
CA GLY D 665 -23.30 -35.95 54.08
C GLY D 665 -23.97 -36.02 55.44
N SER D 666 -24.03 -37.21 56.02
CA SER D 666 -24.75 -37.36 57.29
C SER D 666 -24.12 -36.46 58.34
N ASP D 667 -22.79 -36.40 58.38
CA ASP D 667 -22.11 -35.49 59.28
C ASP D 667 -22.43 -34.04 58.91
N LEU D 668 -22.48 -33.75 57.61
CA LEU D 668 -22.68 -32.38 57.13
C LEU D 668 -23.90 -31.73 57.76
N LYS D 669 -24.94 -32.51 58.07
CA LYS D 669 -26.17 -31.92 58.58
C LYS D 669 -25.90 -31.10 59.84
N ASP D 670 -25.13 -31.67 60.77
CA ASP D 670 -24.77 -31.03 62.02
C ASP D 670 -23.58 -30.06 61.90
N MET D 671 -23.51 -29.27 60.84
CA MET D 671 -22.36 -28.40 60.62
C MET D 671 -22.79 -26.96 60.46
N THR D 672 -21.97 -26.04 60.97
CA THR D 672 -22.25 -24.62 60.96
C THR D 672 -21.50 -23.95 59.82
N SER D 673 -22.00 -22.77 59.42
CA SER D 673 -21.40 -22.05 58.30
C SER D 673 -19.95 -21.69 58.63
N GLU D 674 -19.69 -21.27 59.87
CA GLU D 674 -18.35 -20.85 60.23
C GLU D 674 -17.39 -22.02 60.04
N GLN D 675 -17.82 -23.21 60.47
CA GLN D 675 -16.98 -24.40 60.37
C GLN D 675 -16.65 -24.69 58.92
N LEU D 676 -17.63 -24.50 58.04
CA LEU D 676 -17.46 -24.84 56.64
C LEU D 676 -16.29 -24.06 56.05
N ASP D 677 -16.22 -22.76 56.34
CA ASP D 677 -15.13 -21.92 55.85
C ASP D 677 -13.79 -22.57 56.13
N ASP D 678 -13.54 -22.90 57.40
CA ASP D 678 -12.27 -23.50 57.80
C ASP D 678 -11.97 -24.74 56.96
N ILE D 679 -12.94 -25.65 56.83
CA ILE D 679 -12.73 -26.87 56.05
C ILE D 679 -12.25 -26.53 54.64
N LEU D 680 -12.78 -25.46 54.05
CA LEU D 680 -12.39 -25.06 52.71
C LEU D 680 -10.93 -24.59 52.66
N LYS D 681 -10.62 -23.51 53.38
CA LYS D 681 -9.30 -22.89 53.25
C LYS D 681 -8.17 -23.86 53.52
N TYR D 682 -8.24 -24.60 54.62
CA TYR D 682 -7.12 -25.43 55.07
C TYR D 682 -6.99 -26.73 54.29
N HIS D 683 -7.74 -26.92 53.22
CA HIS D 683 -7.60 -28.08 52.35
C HIS D 683 -7.60 -27.62 50.91
N THR D 684 -7.35 -28.57 50.00
CA THR D 684 -7.50 -28.31 48.57
C THR D 684 -8.39 -29.38 47.94
N GLU D 685 -7.81 -30.54 47.66
CA GLU D 685 -8.60 -31.69 47.23
C GLU D 685 -9.64 -32.01 48.29
N ILE D 686 -10.91 -31.95 47.90
CA ILE D 686 -12.03 -32.01 48.84
C ILE D 686 -13.21 -32.64 48.13
N VAL D 687 -13.87 -33.58 48.80
CA VAL D 687 -15.03 -34.28 48.24
C VAL D 687 -16.05 -34.50 49.35
N PHE D 688 -17.31 -34.27 49.03
CA PHE D 688 -18.42 -34.54 49.93
C PHE D 688 -19.30 -35.60 49.28
N ALA D 689 -19.96 -36.41 50.11
CA ALA D 689 -20.76 -37.52 49.59
C ALA D 689 -22.00 -37.66 50.45
N ARG D 690 -22.96 -38.45 49.96
CA ARG D 690 -24.25 -38.62 50.64
C ARG D 690 -24.87 -37.27 50.94
N THR D 691 -24.74 -36.34 49.99
CA THR D 691 -25.22 -34.98 50.17
C THR D 691 -26.58 -34.80 49.49
N SER D 692 -27.50 -34.14 50.19
CA SER D 692 -28.76 -33.78 49.56
C SER D 692 -28.53 -32.63 48.59
N PRO D 693 -29.38 -32.48 47.58
CA PRO D 693 -29.31 -31.30 46.71
C PRO D 693 -29.28 -29.99 47.47
N GLN D 694 -30.17 -29.81 48.45
CA GLN D 694 -30.11 -28.65 49.33
C GLN D 694 -28.71 -28.45 49.89
N GLN D 695 -28.12 -29.51 50.44
CA GLN D 695 -26.76 -29.43 50.98
C GLN D 695 -25.76 -28.97 49.93
N LYS D 696 -25.90 -29.45 48.68
CA LYS D 696 -25.07 -28.93 47.59
C LYS D 696 -25.12 -27.42 47.51
N LEU D 697 -26.34 -26.86 47.49
CA LEU D 697 -26.48 -25.40 47.38
C LEU D 697 -25.69 -24.69 48.49
N ILE D 698 -25.79 -25.20 49.72
CA ILE D 698 -25.05 -24.59 50.83
C ILE D 698 -23.56 -24.58 50.54
N ILE D 699 -23.04 -25.65 49.94
CA ILE D 699 -21.63 -25.69 49.55
C ILE D 699 -21.28 -24.51 48.65
N VAL D 700 -22.07 -24.31 47.59
CA VAL D 700 -21.79 -23.25 46.63
C VAL D 700 -21.77 -21.90 47.33
N GLU D 701 -22.79 -21.62 48.15
CA GLU D 701 -22.80 -20.39 48.92
C GLU D 701 -21.57 -20.28 49.80
N GLY D 702 -21.18 -21.37 50.46
CA GLY D 702 -19.96 -21.36 51.25
C GLY D 702 -18.74 -21.04 50.43
N CYS D 703 -18.65 -21.61 49.23
CA CYS D 703 -17.60 -21.20 48.30
C CYS D 703 -17.76 -19.73 47.95
N GLN D 704 -19.00 -19.29 47.70
CA GLN D 704 -19.25 -17.89 47.39
C GLN D 704 -18.91 -16.99 48.57
N ARG D 705 -19.12 -17.45 49.79
CA ARG D 705 -18.86 -16.61 50.97
C ARG D 705 -17.40 -16.17 51.03
N GLN D 706 -16.48 -16.97 50.46
CA GLN D 706 -15.11 -16.53 50.26
C GLN D 706 -15.02 -15.29 49.38
N GLY D 707 -16.07 -14.99 48.61
CA GLY D 707 -16.03 -13.88 47.68
C GLY D 707 -15.38 -14.24 46.37
N ALA D 708 -15.33 -15.52 46.02
CA ALA D 708 -14.71 -16.02 44.81
C ALA D 708 -15.78 -16.44 43.81
N ILE D 709 -15.34 -16.72 42.59
CA ILE D 709 -16.24 -17.00 41.47
C ILE D 709 -16.25 -18.52 41.26
N VAL D 710 -17.43 -19.11 41.39
CA VAL D 710 -17.59 -20.56 41.43
C VAL D 710 -18.55 -20.99 40.33
N ALA D 711 -18.23 -22.11 39.67
CA ALA D 711 -19.05 -22.67 38.61
C ALA D 711 -19.47 -24.08 38.98
N VAL D 712 -20.45 -24.61 38.24
CA VAL D 712 -21.12 -25.85 38.63
C VAL D 712 -21.49 -26.63 37.37
N THR D 713 -21.37 -27.96 37.44
CA THR D 713 -21.76 -28.86 36.36
C THR D 713 -22.58 -30.00 36.95
N GLY D 714 -23.59 -30.46 36.22
CA GLY D 714 -24.49 -31.47 36.73
C GLY D 714 -25.13 -32.36 35.68
N ASP D 715 -25.66 -33.52 36.13
CA ASP D 715 -26.35 -34.45 35.24
C ASP D 715 -27.79 -34.76 35.63
N GLY D 716 -28.22 -34.42 36.84
CA GLY D 716 -29.51 -34.85 37.31
C GLY D 716 -30.21 -33.79 38.14
N VAL D 717 -31.48 -34.07 38.46
CA VAL D 717 -32.30 -33.12 39.21
C VAL D 717 -31.55 -32.63 40.44
N ASN D 718 -30.94 -33.55 41.18
CA ASN D 718 -30.19 -33.21 42.40
C ASN D 718 -29.29 -32.00 42.18
N ASP D 719 -28.82 -31.81 40.94
CA ASP D 719 -27.84 -30.79 40.59
C ASP D 719 -28.46 -29.43 40.32
N SER D 720 -29.77 -29.38 40.03
CA SER D 720 -30.44 -28.18 39.55
C SER D 720 -30.20 -26.96 40.44
N PRO D 721 -30.62 -26.97 41.71
CA PRO D 721 -30.65 -25.71 42.47
C PRO D 721 -29.30 -25.01 42.55
N ALA D 722 -28.21 -25.77 42.53
CA ALA D 722 -26.88 -25.15 42.52
C ALA D 722 -26.63 -24.39 41.23
N SER D 723 -26.63 -25.10 40.10
CA SER D 723 -26.39 -24.54 38.77
C SER D 723 -27.14 -23.23 38.53
N LYS D 724 -28.32 -23.10 39.13
CA LYS D 724 -29.02 -21.81 39.17
C LYS D 724 -28.24 -20.81 40.02
N LYS D 725 -28.18 -21.05 41.34
CA LYS D 725 -27.50 -20.14 42.26
C LYS D 725 -26.00 -20.01 41.98
N ALA D 726 -25.43 -20.93 41.22
CA ALA D 726 -24.06 -20.76 40.73
C ALA D 726 -23.96 -19.48 39.92
N ASP D 727 -22.77 -18.87 39.94
CA ASP D 727 -22.47 -17.80 38.99
C ASP D 727 -22.81 -18.25 37.58
N ILE D 728 -22.56 -19.53 37.29
CA ILE D 728 -22.92 -20.13 36.01
C ILE D 728 -23.06 -21.64 36.19
N GLY D 729 -24.16 -22.20 35.69
CA GLY D 729 -24.41 -23.63 35.74
C GLY D 729 -24.25 -24.27 34.37
N VAL D 730 -23.91 -25.55 34.36
CA VAL D 730 -23.68 -26.29 33.14
C VAL D 730 -24.26 -27.69 33.31
N ALA D 731 -24.67 -28.31 32.20
CA ALA D 731 -25.17 -29.67 32.24
C ALA D 731 -24.93 -30.32 30.87
N MET D 732 -25.28 -31.61 30.79
CA MET D 732 -25.14 -32.39 29.56
C MET D 732 -26.50 -32.52 28.90
N GLY D 733 -26.58 -32.13 27.63
CA GLY D 733 -27.87 -32.07 26.97
C GLY D 733 -28.58 -33.40 26.82
N ILE D 734 -27.85 -34.45 26.40
CA ILE D 734 -28.53 -35.71 26.14
C ILE D 734 -28.62 -36.63 27.36
N ALA D 735 -27.83 -36.36 28.40
CA ALA D 735 -27.77 -37.24 29.56
C ALA D 735 -28.11 -36.50 30.86
N GLY D 736 -28.93 -35.45 30.77
CA GLY D 736 -29.20 -34.64 31.93
C GLY D 736 -30.69 -34.47 32.17
N SER D 737 -31.01 -34.13 33.42
CA SER D 737 -32.39 -33.86 33.81
C SER D 737 -32.86 -32.57 33.15
N ASP D 738 -34.09 -32.60 32.62
CA ASP D 738 -34.63 -31.42 31.94
C ASP D 738 -34.69 -30.22 32.87
N VAL D 739 -35.14 -30.43 34.12
CA VAL D 739 -35.28 -29.29 35.02
C VAL D 739 -33.92 -28.62 35.22
N SER D 740 -32.88 -29.44 35.44
CA SER D 740 -31.55 -28.91 35.67
C SER D 740 -31.05 -28.14 34.45
N LYS D 741 -31.34 -28.65 33.24
CA LYS D 741 -30.83 -28.01 32.03
C LYS D 741 -31.36 -26.59 31.95
N GLN D 742 -32.65 -26.39 32.24
CA GLN D 742 -33.23 -25.06 32.13
C GLN D 742 -32.56 -24.13 33.13
N ALA D 743 -32.34 -24.62 34.35
CA ALA D 743 -31.75 -23.82 35.41
C ALA D 743 -30.33 -23.42 35.02
N ALA D 744 -29.63 -24.31 34.33
CA ALA D 744 -28.23 -24.09 33.97
C ALA D 744 -28.11 -22.91 33.02
N ASP D 745 -26.97 -22.24 33.09
CA ASP D 745 -26.65 -21.14 32.17
C ASP D 745 -25.85 -21.58 30.95
N MET D 746 -25.62 -22.88 30.77
CA MET D 746 -24.84 -23.35 29.64
C MET D 746 -25.09 -24.83 29.42
N ILE D 747 -25.21 -25.22 28.14
CA ILE D 747 -25.59 -26.57 27.76
C ILE D 747 -24.51 -27.15 26.87
N LEU D 748 -24.20 -28.43 27.09
CA LEU D 748 -23.24 -29.17 26.28
C LEU D 748 -23.99 -30.24 25.49
N LEU D 749 -23.99 -30.11 24.17
CA LEU D 749 -24.76 -31.04 23.35
C LEU D 749 -23.99 -32.34 23.17
N ASP D 750 -22.72 -32.25 22.76
CA ASP D 750 -21.94 -33.45 22.52
C ASP D 750 -21.72 -34.24 23.80
N ASP D 751 -21.69 -33.55 24.95
CA ASP D 751 -21.41 -34.08 26.29
C ASP D 751 -19.90 -34.20 26.50
N ASN D 752 -19.12 -33.69 25.56
CA ASN D 752 -17.67 -33.65 25.72
C ASN D 752 -17.32 -32.69 26.85
N PHE D 753 -16.87 -33.26 27.96
CA PHE D 753 -16.54 -32.43 29.12
C PHE D 753 -15.39 -31.50 28.78
N ALA D 754 -14.66 -31.81 27.71
CA ALA D 754 -13.49 -31.05 27.31
C ALA D 754 -13.87 -29.61 27.01
N SER D 755 -15.15 -29.34 26.73
CA SER D 755 -15.56 -28.01 26.33
C SER D 755 -15.17 -27.01 27.40
N ILE D 756 -15.28 -27.41 28.67
CA ILE D 756 -14.86 -26.57 29.79
C ILE D 756 -13.48 -25.98 29.52
N VAL D 757 -12.56 -26.81 29.03
CA VAL D 757 -11.18 -26.37 28.81
C VAL D 757 -11.17 -25.23 27.81
N THR D 758 -11.68 -25.49 26.60
CA THR D 758 -11.89 -24.42 25.63
C THR D 758 -12.65 -23.26 26.25
N GLY D 759 -13.66 -23.58 27.08
CA GLY D 759 -14.47 -22.57 27.74
C GLY D 759 -13.68 -21.54 28.52
N VAL D 760 -12.87 -21.98 29.49
CA VAL D 760 -12.06 -21.04 30.24
C VAL D 760 -11.03 -20.38 29.33
N GLU D 761 -10.45 -21.16 28.41
CA GLU D 761 -9.53 -20.62 27.41
C GLU D 761 -10.11 -19.40 26.72
N GLU D 762 -11.28 -19.55 26.10
CA GLU D 762 -11.96 -18.41 25.49
C GLU D 762 -12.22 -17.31 26.52
N GLY D 763 -12.81 -17.68 27.65
CA GLY D 763 -13.13 -16.74 28.71
C GLY D 763 -11.98 -15.81 29.06
N ARG D 764 -10.87 -16.38 29.55
CA ARG D 764 -9.67 -15.57 29.79
C ARG D 764 -9.19 -14.87 28.54
N LEU D 765 -9.47 -15.42 27.36
CA LEU D 765 -9.00 -14.79 26.13
C LEU D 765 -9.88 -13.60 25.79
N ILE D 766 -11.19 -13.82 25.72
CA ILE D 766 -12.08 -12.74 25.33
C ILE D 766 -11.95 -11.61 26.33
N PHE D 767 -11.72 -11.93 27.60
CA PHE D 767 -11.64 -10.92 28.65
C PHE D 767 -10.58 -9.91 28.29
N ASP D 768 -9.43 -10.39 27.80
CA ASP D 768 -8.33 -9.50 27.45
C ASP D 768 -8.69 -8.71 26.21
N ASN D 769 -9.02 -9.42 25.11
CA ASN D 769 -9.34 -8.78 23.85
C ASN D 769 -10.36 -7.65 24.01
N LEU D 770 -11.23 -7.74 25.02
CA LEU D 770 -12.16 -6.64 25.31
C LEU D 770 -11.42 -5.41 25.84
N LYS D 771 -10.55 -5.60 26.85
CA LYS D 771 -9.61 -4.56 27.27
C LYS D 771 -9.01 -3.86 26.05
N LYS D 772 -8.50 -4.65 25.10
CA LYS D 772 -7.99 -4.10 23.85
C LYS D 772 -9.08 -3.34 23.11
N SER D 773 -10.22 -3.99 22.88
CA SER D 773 -11.29 -3.40 22.07
C SER D 773 -11.76 -2.10 22.70
N ILE D 774 -12.10 -2.12 23.99
CA ILE D 774 -12.62 -0.93 24.66
C ILE D 774 -11.65 0.22 24.47
N ALA D 775 -10.35 -0.07 24.56
CA ALA D 775 -9.34 0.99 24.51
C ALA D 775 -9.38 1.72 23.19
N TYR D 776 -9.57 0.98 22.08
CA TYR D 776 -9.50 1.59 20.76
C TYR D 776 -10.54 2.70 20.64
N THR D 777 -11.78 2.40 21.03
CA THR D 777 -12.86 3.37 20.91
C THR D 777 -12.64 4.53 21.87
N LEU D 778 -12.16 4.24 23.08
CA LEU D 778 -12.04 5.27 24.10
C LEU D 778 -11.04 6.33 23.67
N THR D 779 -9.89 5.90 23.13
CA THR D 779 -8.85 6.84 22.73
C THR D 779 -9.44 7.88 21.80
N SER D 780 -10.31 7.42 20.89
CA SER D 780 -10.93 8.28 19.88
C SER D 780 -11.64 9.49 20.49
N ASN D 781 -12.16 9.38 21.72
CA ASN D 781 -12.95 10.47 22.27
C ASN D 781 -12.12 11.70 22.58
N ILE D 782 -10.86 11.54 22.98
CA ILE D 782 -10.05 12.71 23.29
C ILE D 782 -9.96 13.62 22.07
N PRO D 783 -9.56 13.15 20.88
CA PRO D 783 -9.60 14.04 19.71
C PRO D 783 -11.02 14.40 19.28
N GLU D 784 -11.99 13.49 19.46
CA GLU D 784 -13.39 13.82 19.19
C GLU D 784 -13.82 15.08 19.93
N ILE D 785 -13.56 15.14 21.24
CA ILE D 785 -14.11 16.19 22.07
C ILE D 785 -13.27 17.46 21.96
N THR D 786 -11.94 17.32 21.91
CA THR D 786 -10.99 18.43 22.00
C THR D 786 -11.37 19.69 21.24
N PRO D 787 -11.75 19.64 19.95
CA PRO D 787 -12.05 20.91 19.24
C PRO D 787 -13.13 21.71 19.93
N PHE D 788 -14.27 21.07 20.23
CA PHE D 788 -15.37 21.71 20.93
C PHE D 788 -14.82 22.52 22.11
N LEU D 789 -13.87 21.94 22.85
CA LEU D 789 -13.37 22.58 24.05
C LEU D 789 -12.67 23.89 23.72
N ILE D 790 -11.72 23.84 22.77
CA ILE D 790 -10.95 25.05 22.45
C ILE D 790 -11.86 26.01 21.72
N PHE D 791 -12.91 25.49 21.07
CA PHE D 791 -13.83 26.32 20.30
C PHE D 791 -14.43 27.36 21.23
N ILE D 792 -14.67 26.97 22.48
CA ILE D 792 -15.18 27.88 23.49
C ILE D 792 -14.03 28.65 24.13
N ILE D 793 -12.90 27.97 24.39
CA ILE D 793 -11.79 28.58 25.14
C ILE D 793 -11.21 29.76 24.38
N ALA D 794 -10.96 29.61 23.09
CA ALA D 794 -10.27 30.66 22.34
C ALA D 794 -11.12 31.30 21.25
N ASN D 795 -12.42 30.98 21.20
CA ASN D 795 -13.34 31.59 20.25
C ASN D 795 -12.77 31.51 18.84
N ILE D 796 -12.50 30.28 18.40
CA ILE D 796 -11.97 30.06 17.07
C ILE D 796 -13.04 29.37 16.23
N PRO D 797 -12.91 29.33 14.90
CA PRO D 797 -13.86 28.52 14.11
C PRO D 797 -13.81 27.07 14.54
N LEU D 798 -14.96 26.41 14.43
CA LEU D 798 -15.11 25.07 15.01
C LEU D 798 -14.31 24.06 14.20
N PRO D 799 -13.29 23.44 14.78
CA PRO D 799 -12.39 22.58 13.98
C PRO D 799 -13.00 21.26 13.57
N LEU D 800 -14.09 20.82 14.19
CA LEU D 800 -14.59 19.48 13.93
C LEU D 800 -16.11 19.48 14.03
N GLY D 801 -16.75 18.87 13.03
CA GLY D 801 -18.20 18.78 13.01
C GLY D 801 -18.73 17.57 13.76
N THR D 802 -19.92 17.72 14.34
CA THR D 802 -20.53 16.61 15.06
C THR D 802 -20.85 15.47 14.10
N VAL D 803 -21.14 15.79 12.84
CA VAL D 803 -21.53 14.77 11.87
C VAL D 803 -20.38 13.78 11.70
N THR D 804 -19.15 14.31 11.58
CA THR D 804 -17.99 13.47 11.36
C THR D 804 -17.78 12.54 12.54
N ILE D 805 -17.95 13.06 13.77
CA ILE D 805 -17.70 12.27 14.97
C ILE D 805 -18.46 10.95 14.86
N LEU D 806 -19.72 11.04 14.44
CA LEU D 806 -20.57 9.86 14.26
C LEU D 806 -19.93 8.88 13.28
N CYS D 807 -19.31 9.40 12.23
CA CYS D 807 -18.59 8.57 11.28
C CYS D 807 -17.35 7.91 11.88
N ILE D 808 -16.93 8.34 13.07
CA ILE D 808 -15.80 7.70 13.72
C ILE D 808 -16.33 6.70 14.73
N ASP D 809 -17.10 7.17 15.70
CA ASP D 809 -17.61 6.29 16.75
C ASP D 809 -18.43 5.15 16.16
N LEU D 810 -19.20 5.44 15.11
CA LEU D 810 -20.15 4.49 14.55
C LEU D 810 -19.94 4.20 13.07
N GLY D 811 -18.93 4.82 12.45
CA GLY D 811 -18.69 4.57 11.03
C GLY D 811 -17.45 3.76 10.77
N THR D 812 -16.29 4.41 10.78
CA THR D 812 -15.04 3.71 10.45
C THR D 812 -14.61 2.82 11.60
N ASP D 813 -14.50 3.40 12.80
CA ASP D 813 -13.86 2.72 13.94
C ASP D 813 -14.44 1.34 14.20
N MET D 814 -15.76 1.18 13.98
CA MET D 814 -16.43 -0.06 14.36
C MET D 814 -15.76 -1.28 13.74
N VAL D 815 -15.50 -1.24 12.43
CA VAL D 815 -14.99 -2.43 11.76
C VAL D 815 -13.68 -2.90 12.38
N PRO D 816 -12.67 -2.03 12.58
CA PRO D 816 -11.47 -2.48 13.30
C PRO D 816 -11.83 -2.99 14.68
N ALA D 817 -12.77 -2.34 15.36
CA ALA D 817 -13.10 -2.71 16.73
C ALA D 817 -13.56 -4.15 16.80
N ILE D 818 -14.40 -4.56 15.84
CA ILE D 818 -14.86 -5.95 15.78
C ILE D 818 -13.67 -6.87 15.54
N SER D 819 -12.76 -6.42 14.66
CA SER D 819 -11.62 -7.25 14.25
C SER D 819 -10.71 -7.57 15.41
N LEU D 820 -10.69 -6.72 16.43
CA LEU D 820 -9.77 -6.90 17.54
C LEU D 820 -10.02 -8.23 18.25
N ALA D 821 -11.29 -8.62 18.34
CA ALA D 821 -11.65 -9.82 19.10
C ALA D 821 -10.99 -11.06 18.53
N TYR D 822 -10.78 -11.11 17.21
CA TYR D 822 -10.24 -12.29 16.56
C TYR D 822 -8.80 -12.57 16.96
N GLU D 823 -8.16 -11.61 17.62
CA GLU D 823 -6.75 -11.71 17.96
C GLU D 823 -6.47 -12.93 18.85
N GLN D 824 -5.39 -13.62 18.56
CA GLN D 824 -4.99 -14.78 19.34
C GLN D 824 -4.27 -14.35 20.62
N ALA D 825 -4.09 -15.31 21.52
CA ALA D 825 -3.50 -15.02 22.83
C ALA D 825 -2.03 -14.67 22.71
N GLU D 826 -1.58 -13.71 23.54
CA GLU D 826 -0.17 -13.35 23.55
C GLU D 826 0.70 -14.49 24.03
N SER D 827 0.26 -15.19 25.09
CA SER D 827 0.99 -16.30 25.67
C SER D 827 -0.04 -17.37 25.96
N ASP D 828 0.37 -18.50 26.52
CA ASP D 828 -0.63 -19.50 26.84
C ASP D 828 -1.28 -19.04 28.14
N ILE D 829 -2.52 -18.57 28.03
CA ILE D 829 -3.21 -18.01 29.19
C ILE D 829 -3.45 -19.07 30.25
N MET D 830 -3.72 -20.30 29.81
CA MET D 830 -4.03 -21.38 30.75
C MET D 830 -2.98 -21.48 31.86
N LYS D 831 -1.79 -20.93 31.63
CA LYS D 831 -0.71 -20.99 32.61
C LYS D 831 -0.88 -19.99 33.75
N ARG D 832 -1.72 -18.97 33.59
CA ARG D 832 -1.82 -17.95 34.63
C ARG D 832 -2.94 -18.28 35.60
N GLN D 833 -2.83 -17.70 36.79
CA GLN D 833 -3.83 -17.88 37.83
C GLN D 833 -5.13 -17.20 37.43
N PRO D 834 -6.23 -17.52 38.11
CA PRO D 834 -7.44 -16.71 37.94
C PRO D 834 -7.16 -15.28 38.34
N ARG D 835 -7.72 -14.34 37.57
CA ARG D 835 -7.75 -12.95 37.99
C ARG D 835 -8.34 -12.85 39.39
N ASN D 836 -8.02 -11.81 40.08
CA ASN D 836 -8.82 -11.63 41.29
C ASN D 836 -9.83 -10.52 41.02
N PRO D 837 -11.11 -10.74 41.32
CA PRO D 837 -12.12 -9.72 40.97
C PRO D 837 -11.93 -8.41 41.71
N LYS D 838 -11.24 -8.41 42.85
CA LYS D 838 -10.93 -7.15 43.52
C LYS D 838 -9.65 -6.55 42.96
N THR D 839 -8.56 -7.32 42.93
CA THR D 839 -7.26 -6.78 42.52
C THR D 839 -7.25 -6.34 41.05
N ASP D 840 -7.80 -7.17 40.16
CA ASP D 840 -7.76 -6.92 38.72
C ASP D 840 -9.16 -6.62 38.21
N LYS D 841 -9.27 -5.53 37.45
CA LYS D 841 -10.55 -5.06 36.94
C LYS D 841 -10.48 -4.86 35.45
N LEU D 842 -11.65 -4.85 34.80
CA LEU D 842 -11.72 -4.70 33.34
C LEU D 842 -11.08 -3.39 32.90
N VAL D 843 -11.72 -2.26 33.22
CA VAL D 843 -11.16 -0.96 32.90
C VAL D 843 -10.42 -0.49 34.16
N ASN D 844 -9.10 -0.66 34.13
CA ASN D 844 -8.27 -0.22 35.24
C ASN D 844 -7.96 1.26 35.08
N GLU D 845 -7.40 1.85 36.13
CA GLU D 845 -6.99 3.25 36.06
C GLU D 845 -5.95 3.43 34.96
N GLN D 846 -5.12 2.41 34.74
CA GLN D 846 -4.02 2.51 33.78
C GLN D 846 -4.55 2.80 32.38
N LEU D 847 -5.61 2.07 31.97
CA LEU D 847 -6.13 2.22 30.62
C LEU D 847 -6.39 3.70 30.34
N ILE D 848 -7.08 4.37 31.27
CA ILE D 848 -7.45 5.77 31.10
C ILE D 848 -6.20 6.59 30.80
N SER D 849 -5.24 6.56 31.74
CA SER D 849 -4.03 7.36 31.59
C SER D 849 -3.39 7.08 30.24
N MET D 850 -3.40 5.80 29.83
CA MET D 850 -2.77 5.40 28.58
C MET D 850 -3.46 6.02 27.37
N ALA D 851 -4.80 6.03 27.35
CA ALA D 851 -5.51 6.49 26.17
C ALA D 851 -5.82 7.97 26.33
N TYR D 852 -6.62 8.31 27.34
CA TYR D 852 -7.01 9.70 27.49
C TYR D 852 -5.79 10.58 27.74
N GLY D 853 -4.89 10.10 28.61
CA GLY D 853 -3.70 10.86 28.95
C GLY D 853 -2.67 10.99 27.84
N GLN D 854 -2.43 9.92 27.08
CA GLN D 854 -1.32 9.94 26.12
C GLN D 854 -1.73 9.71 24.67
N ILE D 855 -2.16 8.49 24.29
CA ILE D 855 -2.37 8.19 22.88
C ILE D 855 -3.38 9.14 22.28
N GLY D 856 -4.50 9.36 22.99
CA GLY D 856 -5.54 10.22 22.44
C GLY D 856 -5.04 11.64 22.31
N MET D 857 -4.28 12.10 23.30
CA MET D 857 -3.80 13.48 23.28
C MET D 857 -2.89 13.68 22.08
N ILE D 858 -2.01 12.71 21.81
CA ILE D 858 -1.18 12.78 20.62
C ILE D 858 -2.08 12.75 19.38
N GLN D 859 -3.12 11.90 19.43
CA GLN D 859 -4.01 11.76 18.27
C GLN D 859 -4.66 13.09 17.98
N ALA D 860 -5.08 13.78 19.04
CA ALA D 860 -5.76 15.07 18.87
C ALA D 860 -4.80 16.08 18.26
N LEU D 861 -3.54 16.06 18.72
CA LEU D 861 -2.59 17.06 18.26
C LEU D 861 -2.43 16.97 16.75
N GLY D 862 -2.38 15.74 16.23
CA GLY D 862 -2.32 15.55 14.78
C GLY D 862 -3.48 16.23 14.09
N GLY D 863 -4.67 16.18 14.71
CA GLY D 863 -5.85 16.72 14.07
C GLY D 863 -5.75 18.24 13.98
N PHE D 864 -5.36 18.88 15.09
CA PHE D 864 -5.28 20.33 15.12
C PHE D 864 -4.26 20.79 14.08
N PHE D 865 -3.17 20.02 13.94
CA PHE D 865 -2.12 20.40 13.00
C PHE D 865 -2.77 20.57 11.64
N THR D 866 -3.54 19.55 11.22
CA THR D 866 -4.17 19.59 9.90
C THR D 866 -5.09 20.80 9.84
N TYR D 867 -5.80 21.06 10.95
CA TYR D 867 -6.76 22.15 10.97
C TYR D 867 -6.03 23.46 10.69
N PHE D 868 -4.96 23.71 11.46
CA PHE D 868 -4.23 24.95 11.32
C PHE D 868 -3.65 25.05 9.91
N VAL D 869 -3.21 23.89 9.37
CA VAL D 869 -2.53 23.85 8.08
C VAL D 869 -3.47 24.31 6.97
N ILE D 870 -4.68 23.76 6.94
CA ILE D 870 -5.59 24.06 5.84
C ILE D 870 -5.92 25.54 5.85
N LEU D 871 -6.22 26.06 7.04
CA LEU D 871 -6.64 27.44 7.15
C LEU D 871 -5.54 28.35 6.60
N ALA D 872 -4.32 28.19 7.11
CA ALA D 872 -3.19 28.98 6.65
C ALA D 872 -3.05 28.89 5.12
N GLU D 873 -3.09 27.66 4.59
CA GLU D 873 -2.91 27.45 3.15
C GLU D 873 -3.90 28.24 2.31
N ASN D 874 -4.99 28.71 2.93
CA ASN D 874 -5.91 29.66 2.32
C ASN D 874 -5.87 30.99 3.05
N GLY D 875 -4.70 31.34 3.59
CA GLY D 875 -4.49 32.65 4.14
C GLY D 875 -5.20 32.99 5.42
N PHE D 876 -5.50 32.01 6.26
CA PHE D 876 -6.09 32.27 7.56
C PHE D 876 -5.07 31.82 8.59
N LEU D 877 -4.33 32.76 9.13
CA LEU D 877 -3.11 32.45 9.86
C LEU D 877 -3.44 32.08 11.29
N PRO D 878 -2.77 31.06 11.85
CA PRO D 878 -3.14 30.55 13.18
C PRO D 878 -3.22 31.63 14.24
N ILE D 879 -2.16 32.43 14.39
CA ILE D 879 -2.15 33.55 15.32
C ILE D 879 -3.39 34.43 15.15
N HIS D 880 -3.81 34.65 13.91
CA HIS D 880 -4.93 35.52 13.56
C HIS D 880 -6.30 34.89 13.81
N LEU D 881 -6.37 33.57 14.04
CA LEU D 881 -7.65 32.89 14.20
C LEU D 881 -8.25 33.02 15.59
N LEU D 882 -7.52 33.59 16.54
CA LEU D 882 -8.03 33.72 17.89
C LEU D 882 -9.25 34.65 17.91
N GLY D 883 -10.16 34.38 18.85
CA GLY D 883 -11.35 35.19 19.03
C GLY D 883 -12.22 35.39 17.80
N LEU D 884 -11.91 34.69 16.72
CA LEU D 884 -12.57 34.91 15.43
C LEU D 884 -13.95 34.28 15.38
N ARG D 885 -14.31 33.44 16.35
CA ARG D 885 -15.57 32.69 16.29
C ARG D 885 -16.79 33.59 16.11
N VAL D 886 -16.88 34.66 16.90
CA VAL D 886 -18.09 35.47 16.99
C VAL D 886 -18.50 35.95 15.60
N ASN D 887 -17.68 36.80 15.00
CA ASN D 887 -17.95 37.25 13.64
C ASN D 887 -17.99 36.08 12.66
N TRP D 888 -17.31 34.98 12.97
CA TRP D 888 -17.26 33.84 12.06
C TRP D 888 -18.64 33.25 11.83
N ASP D 889 -19.30 32.83 12.91
CA ASP D 889 -20.53 32.06 12.77
C ASP D 889 -21.75 32.91 12.42
N ASP D 890 -21.60 34.23 12.35
CA ASP D 890 -22.70 35.09 11.98
C ASP D 890 -23.10 34.81 10.53
N ARG D 891 -24.41 34.75 10.28
CA ARG D 891 -24.94 34.41 8.96
C ARG D 891 -25.12 35.62 8.05
N TRP D 892 -24.60 36.78 8.45
CA TRP D 892 -24.85 38.00 7.72
C TRP D 892 -23.58 38.78 7.45
N ILE D 893 -22.52 38.54 8.21
CA ILE D 893 -21.28 39.29 8.05
C ILE D 893 -20.52 38.63 6.91
N ASN D 894 -20.43 39.31 5.77
CA ASN D 894 -19.79 38.73 4.59
C ASN D 894 -18.53 39.51 4.21
N ASP D 895 -17.98 40.30 5.14
CA ASP D 895 -16.75 41.04 4.91
C ASP D 895 -15.70 40.64 5.94
N VAL D 896 -15.59 39.35 6.24
CA VAL D 896 -14.58 38.91 7.20
C VAL D 896 -13.20 39.06 6.56
N GLU D 897 -12.24 39.51 7.34
CA GLU D 897 -10.91 39.82 6.82
C GLU D 897 -9.90 38.80 7.30
N ASP D 898 -9.23 38.15 6.36
CA ASP D 898 -8.16 37.23 6.69
C ASP D 898 -6.87 38.02 6.86
N SER D 899 -5.89 37.40 7.50
CA SER D 899 -4.63 38.09 7.74
C SER D 899 -3.94 38.46 6.43
N TYR D 900 -4.15 37.68 5.37
CA TYR D 900 -3.62 38.04 4.06
C TYR D 900 -4.28 39.33 3.58
N GLY D 901 -5.55 39.54 3.95
CA GLY D 901 -6.31 40.75 3.68
C GLY D 901 -7.56 40.59 2.83
N GLN D 902 -7.91 39.39 2.37
CA GLN D 902 -9.06 39.22 1.50
C GLN D 902 -10.36 39.25 2.31
N GLN D 903 -11.49 39.35 1.60
CA GLN D 903 -12.82 39.38 2.22
C GLN D 903 -13.61 38.14 1.80
N TRP D 904 -14.31 37.50 2.74
CA TRP D 904 -14.98 36.22 2.49
C TRP D 904 -16.46 36.28 2.86
N THR D 905 -17.31 35.65 2.05
CA THR D 905 -18.75 35.52 2.33
C THR D 905 -18.98 34.37 3.32
N TYR D 906 -20.19 34.33 3.91
CA TYR D 906 -20.50 33.34 4.93
C TYR D 906 -20.43 31.90 4.40
N GLU D 907 -21.07 31.63 3.26
CA GLU D 907 -21.10 30.23 2.81
C GLU D 907 -19.70 29.73 2.47
N GLN D 908 -18.91 30.55 1.77
CA GLN D 908 -17.55 30.17 1.40
C GLN D 908 -16.77 29.75 2.65
N ARG D 909 -16.54 30.70 3.57
CA ARG D 909 -15.77 30.39 4.76
C ARG D 909 -16.40 29.24 5.55
N LYS D 910 -17.71 29.03 5.41
CA LYS D 910 -18.33 27.83 5.98
C LYS D 910 -17.94 26.61 5.16
N ILE D 911 -18.07 26.69 3.83
CA ILE D 911 -17.64 25.61 2.95
C ILE D 911 -16.22 25.21 3.31
N VAL D 912 -15.42 26.18 3.77
CA VAL D 912 -14.06 25.90 4.19
C VAL D 912 -14.09 25.20 5.54
N GLU D 913 -14.94 25.68 6.44
CA GLU D 913 -14.98 25.08 7.77
C GLU D 913 -15.43 23.63 7.62
N PHE D 914 -16.43 23.39 6.76
CA PHE D 914 -16.84 22.02 6.47
C PHE D 914 -15.71 21.26 5.80
N THR D 915 -15.04 21.88 4.82
CA THR D 915 -13.99 21.14 4.12
C THR D 915 -12.90 20.82 5.13
N CYS D 916 -12.67 21.76 6.06
CA CYS D 916 -11.68 21.56 7.12
C CYS D 916 -12.11 20.40 8.01
N HIS D 917 -13.41 20.26 8.25
CA HIS D 917 -13.87 19.20 9.15
C HIS D 917 -13.50 17.84 8.57
N THR D 918 -13.60 17.69 7.25
CA THR D 918 -13.43 16.38 6.62
C THR D 918 -12.07 15.76 6.88
N PRO D 919 -10.93 16.46 6.72
CA PRO D 919 -9.65 15.83 7.07
C PRO D 919 -9.52 15.54 8.55
N PHE D 920 -10.04 16.40 9.43
CA PHE D 920 -10.01 16.07 10.85
C PHE D 920 -10.47 14.63 11.00
N PHE D 921 -11.66 14.34 10.44
CA PHE D 921 -12.15 12.98 10.37
C PHE D 921 -11.11 12.06 9.74
N VAL D 922 -10.55 12.47 8.59
CA VAL D 922 -9.58 11.64 7.88
C VAL D 922 -8.37 11.39 8.76
N THR D 923 -7.73 12.47 9.22
CA THR D 923 -6.61 12.38 10.14
C THR D 923 -6.91 11.43 11.30
N ILE D 924 -8.14 11.50 11.83
CA ILE D 924 -8.54 10.63 12.93
C ILE D 924 -8.34 9.17 12.54
N VAL D 925 -8.75 8.80 11.33
CA VAL D 925 -8.52 7.44 10.86
C VAL D 925 -7.02 7.17 10.77
N VAL D 926 -6.24 8.16 10.34
CA VAL D 926 -4.80 7.96 10.22
C VAL D 926 -4.18 7.64 11.57
N VAL D 927 -4.56 8.36 12.61
CA VAL D 927 -4.02 8.05 13.93
C VAL D 927 -4.63 6.76 14.46
N GLN D 928 -5.93 6.54 14.19
CA GLN D 928 -6.59 5.33 14.67
C GLN D 928 -5.99 4.07 14.06
N TRP D 929 -5.24 4.22 12.97
CA TRP D 929 -4.41 3.15 12.42
C TRP D 929 -3.45 2.67 13.51
N ALA D 930 -2.55 3.55 13.93
CA ALA D 930 -1.55 3.22 14.94
C ALA D 930 -2.21 2.65 16.21
N ASP D 931 -3.16 3.41 16.77
CA ASP D 931 -3.83 2.98 18.00
C ASP D 931 -4.41 1.57 17.86
N LEU D 932 -4.89 1.22 16.66
CA LEU D 932 -5.34 -0.13 16.40
C LEU D 932 -4.21 -1.15 16.58
N VAL D 933 -3.08 -0.90 15.92
CA VAL D 933 -1.97 -1.86 15.94
C VAL D 933 -1.44 -2.03 17.35
N ILE D 934 -1.16 -0.92 18.03
CA ILE D 934 -0.54 -0.99 19.35
C ILE D 934 -1.47 -1.71 20.33
N CYS D 935 -2.77 -1.42 20.26
CA CYS D 935 -3.76 -2.09 21.09
C CYS D 935 -4.07 -3.52 20.64
N LYS D 936 -3.40 -4.04 19.60
CA LYS D 936 -3.52 -5.46 19.28
C LYS D 936 -2.78 -6.35 20.26
N THR D 937 -1.79 -5.81 20.96
CA THR D 937 -0.99 -6.55 21.92
C THR D 937 -0.91 -5.75 23.21
N ARG D 938 -0.93 -6.46 24.33
CA ARG D 938 -0.69 -5.82 25.63
C ARG D 938 0.76 -5.81 26.04
N ARG D 939 1.49 -6.89 25.74
CA ARG D 939 2.82 -7.10 26.31
C ARG D 939 3.88 -7.30 25.23
N ASN D 940 3.72 -8.29 24.36
CA ASN D 940 4.72 -8.57 23.34
C ASN D 940 4.79 -7.44 22.33
N SER D 941 5.90 -7.41 21.60
CA SER D 941 6.07 -6.44 20.53
C SER D 941 5.08 -6.72 19.40
N VAL D 942 5.02 -5.78 18.46
CA VAL D 942 4.05 -5.89 17.38
C VAL D 942 4.45 -7.03 16.47
N PHE D 943 5.73 -7.04 16.04
CA PHE D 943 6.18 -8.10 15.14
C PHE D 943 6.06 -9.45 15.83
N GLN D 944 6.31 -9.47 17.15
CA GLN D 944 6.30 -10.72 17.89
C GLN D 944 4.96 -11.41 17.77
N GLN D 945 3.88 -10.65 17.93
CA GLN D 945 2.54 -11.19 17.80
C GLN D 945 2.28 -11.62 16.36
N GLY D 946 2.74 -10.83 15.40
CA GLY D 946 2.50 -11.08 14.00
C GLY D 946 1.15 -10.54 13.56
N MET D 947 1.09 -9.98 12.36
CA MET D 947 -0.19 -9.51 11.83
C MET D 947 -0.80 -10.57 10.93
N LYS D 948 -1.31 -11.63 11.57
CA LYS D 948 -1.99 -12.69 10.85
C LYS D 948 -3.50 -12.59 10.95
N ASN D 949 -4.01 -11.56 11.62
CA ASN D 949 -5.44 -11.43 11.85
C ASN D 949 -6.06 -10.83 10.59
N LYS D 950 -6.72 -11.67 9.79
CA LYS D 950 -7.24 -11.21 8.51
C LYS D 950 -8.26 -10.11 8.72
N ILE D 951 -9.10 -10.25 9.74
CA ILE D 951 -10.17 -9.29 9.94
C ILE D 951 -9.56 -7.91 10.16
N LEU D 952 -8.47 -7.86 10.94
CA LEU D 952 -7.86 -6.56 11.24
C LEU D 952 -7.42 -5.91 9.94
N ILE D 953 -6.82 -6.71 9.05
CA ILE D 953 -6.28 -6.17 7.81
C ILE D 953 -7.42 -5.67 6.94
N PHE D 954 -8.47 -6.47 6.79
CA PHE D 954 -9.56 -6.07 5.93
C PHE D 954 -10.15 -4.76 6.44
N GLY D 955 -10.26 -4.65 7.78
CA GLY D 955 -10.84 -3.46 8.38
C GLY D 955 -10.06 -2.22 8.02
N LEU D 956 -8.71 -2.30 8.03
CA LEU D 956 -7.93 -1.10 7.77
C LEU D 956 -8.27 -0.59 6.38
N PHE D 957 -8.30 -1.51 5.41
CA PHE D 957 -8.61 -1.12 4.04
C PHE D 957 -10.05 -0.62 3.98
N GLU D 958 -10.96 -1.34 4.63
CA GLU D 958 -12.36 -0.94 4.58
C GLU D 958 -12.51 0.44 5.19
N GLU D 959 -11.85 0.65 6.34
CA GLU D 959 -11.94 1.91 7.04
C GLU D 959 -11.42 3.02 6.14
N THR D 960 -10.26 2.77 5.51
CA THR D 960 -9.63 3.76 4.66
C THR D 960 -10.54 4.07 3.49
N ALA D 961 -11.09 3.03 2.86
CA ALA D 961 -11.91 3.22 1.68
C ALA D 961 -13.13 4.06 2.04
N LEU D 962 -13.78 3.73 3.16
CA LEU D 962 -15.00 4.43 3.55
C LEU D 962 -14.68 5.91 3.68
N ALA D 963 -13.64 6.22 4.46
CA ALA D 963 -13.24 7.61 4.69
C ALA D 963 -13.03 8.34 3.37
N ALA D 964 -12.20 7.74 2.50
CA ALA D 964 -11.95 8.30 1.17
C ALA D 964 -13.24 8.57 0.42
N PHE D 965 -14.08 7.54 0.30
CA PHE D 965 -15.38 7.70 -0.36
C PHE D 965 -16.20 8.80 0.30
N LEU D 966 -16.20 8.86 1.63
CA LEU D 966 -17.01 9.84 2.36
C LEU D 966 -16.74 11.26 1.89
N SER D 967 -15.54 11.52 1.38
CA SER D 967 -15.16 12.86 0.96
C SER D 967 -15.31 13.10 -0.54
N TYR D 968 -15.34 12.05 -1.35
CA TYR D 968 -15.27 12.19 -2.80
C TYR D 968 -16.50 11.70 -3.55
N CYS D 969 -17.55 11.29 -2.84
CA CYS D 969 -18.79 10.97 -3.53
C CYS D 969 -19.48 12.25 -3.98
N PRO D 970 -20.24 12.20 -5.09
CA PRO D 970 -20.99 13.40 -5.52
C PRO D 970 -21.85 14.02 -4.41
N GLY D 971 -21.63 15.30 -4.15
CA GLY D 971 -22.53 16.06 -3.30
C GLY D 971 -22.57 15.66 -1.84
N MET D 972 -21.53 15.01 -1.33
CA MET D 972 -21.45 14.80 0.11
C MET D 972 -21.43 16.12 0.86
N GLY D 973 -20.76 17.13 0.29
CA GLY D 973 -20.84 18.49 0.82
C GLY D 973 -22.23 19.08 0.81
N VAL D 974 -23.17 18.45 0.11
CA VAL D 974 -24.56 18.89 0.08
C VAL D 974 -25.36 18.14 1.13
N ALA D 975 -25.32 16.81 1.06
CA ALA D 975 -26.15 16.00 1.95
C ALA D 975 -25.61 15.92 3.38
N LEU D 976 -24.30 15.70 3.54
CA LEU D 976 -23.70 15.59 4.87
C LEU D 976 -22.75 16.73 5.17
N ARG D 977 -22.71 17.75 4.28
CA ARG D 977 -21.85 18.93 4.47
C ARG D 977 -20.38 18.55 4.63
N MET D 978 -19.92 17.60 3.81
CA MET D 978 -18.54 17.12 3.83
C MET D 978 -18.00 17.16 2.41
N TYR D 979 -16.96 17.97 2.20
CA TYR D 979 -16.46 18.28 0.88
C TYR D 979 -15.18 17.51 0.59
N PRO D 980 -14.77 17.45 -0.68
CA PRO D 980 -13.54 16.74 -1.06
C PRO D 980 -12.29 17.35 -0.45
N LEU D 981 -11.18 16.63 -0.64
CA LEU D 981 -9.89 16.88 0.00
C LEU D 981 -8.79 17.01 -1.03
N LYS D 982 -7.98 18.03 -0.87
CA LYS D 982 -6.84 18.30 -1.73
C LYS D 982 -5.70 17.35 -1.34
N PRO D 983 -5.11 16.63 -2.30
CA PRO D 983 -4.26 15.47 -1.96
C PRO D 983 -3.26 15.68 -0.83
N THR D 984 -2.46 16.75 -0.87
CA THR D 984 -1.45 16.96 0.15
C THR D 984 -2.03 16.85 1.56
N TRP D 985 -3.35 17.07 1.70
CA TRP D 985 -3.99 17.00 3.01
C TRP D 985 -3.87 15.61 3.61
N TRP D 986 -3.96 14.56 2.77
CA TRP D 986 -4.02 13.20 3.28
C TRP D 986 -2.80 12.86 4.12
N PHE D 987 -1.63 13.34 3.70
CA PHE D 987 -0.39 12.98 4.39
C PHE D 987 -0.11 13.97 5.53
N CYS D 988 -1.10 14.77 5.92
CA CYS D 988 -0.88 15.83 6.91
C CYS D 988 -0.37 15.27 8.22
N ALA D 989 -0.97 14.18 8.70
CA ALA D 989 -0.62 13.67 10.01
C ALA D 989 -0.04 12.26 9.98
N PHE D 990 0.48 11.84 8.83
CA PHE D 990 1.12 10.53 8.78
C PHE D 990 2.22 10.45 9.83
N PRO D 991 3.06 11.49 10.00
CA PRO D 991 4.07 11.45 11.06
C PRO D 991 3.48 11.31 12.44
N TYR D 992 2.37 12.01 12.71
CA TYR D 992 1.83 12.01 14.06
C TYR D 992 1.48 10.59 14.46
N SER D 993 0.86 9.84 13.55
CA SER D 993 0.46 8.48 13.86
C SER D 993 1.71 7.62 14.03
N LEU D 994 2.65 7.72 13.08
CA LEU D 994 3.90 6.99 13.17
C LEU D 994 4.53 7.19 14.54
N LEU D 995 4.64 8.46 14.97
CA LEU D 995 5.16 8.76 16.30
C LEU D 995 4.42 7.94 17.35
N ILE D 996 3.09 7.85 17.22
CA ILE D 996 2.30 7.06 18.17
C ILE D 996 2.78 5.62 18.15
N PHE D 997 2.93 5.05 16.96
CA PHE D 997 3.31 3.65 16.85
C PHE D 997 4.65 3.43 17.54
N VAL D 998 5.58 4.36 17.32
CA VAL D 998 6.92 4.22 17.89
C VAL D 998 6.83 4.24 19.40
N TYR D 999 6.03 5.17 19.95
CA TYR D 999 5.98 5.34 21.39
C TYR D 999 5.47 4.08 22.07
N ASP D 1000 4.38 3.50 21.57
CA ASP D 1000 3.83 2.35 22.28
C ASP D 1000 4.78 1.16 22.17
N GLU D 1001 5.37 0.95 20.99
CA GLU D 1001 6.21 -0.23 20.82
C GLU D 1001 7.37 -0.17 21.80
N VAL D 1002 8.00 1.00 21.94
CA VAL D 1002 9.18 1.08 22.80
C VAL D 1002 8.77 0.79 24.24
N ARG D 1003 7.54 1.19 24.63
CA ARG D 1003 7.10 0.89 25.99
C ARG D 1003 6.88 -0.61 26.13
N LYS D 1004 6.39 -1.26 25.07
CA LYS D 1004 6.12 -2.69 25.15
C LYS D 1004 7.44 -3.40 25.40
N LEU D 1005 8.50 -2.94 24.70
CA LEU D 1005 9.82 -3.51 24.91
C LEU D 1005 10.26 -3.25 26.34
N ILE D 1006 9.99 -2.03 26.85
CA ILE D 1006 10.42 -1.70 28.21
C ILE D 1006 9.67 -2.58 29.20
N ILE D 1007 8.39 -2.88 28.92
CA ILE D 1007 7.66 -3.79 29.78
C ILE D 1007 8.34 -5.15 29.73
N ARG D 1008 8.71 -5.59 28.52
CA ARG D 1008 9.35 -6.89 28.37
C ARG D 1008 10.66 -6.95 29.14
N ARG D 1009 11.64 -6.11 28.75
CA ARG D 1009 12.97 -6.15 29.35
C ARG D 1009 12.88 -6.22 30.87
N ARG D 1010 12.15 -5.29 31.49
CA ARG D 1010 12.09 -5.24 32.93
C ARG D 1010 10.68 -5.48 33.43
N PRO D 1011 10.46 -6.42 34.35
CA PRO D 1011 9.13 -6.62 34.92
C PRO D 1011 8.84 -5.67 36.06
N GLY D 1012 9.70 -4.66 36.16
CA GLY D 1012 9.59 -3.65 37.20
C GLY D 1012 8.25 -2.94 37.16
N GLY D 1013 7.80 -2.54 38.35
CA GLY D 1013 6.47 -1.97 38.48
C GLY D 1013 6.20 -0.68 37.74
N TRP D 1014 7.16 0.26 37.70
CA TRP D 1014 6.81 1.58 37.16
C TRP D 1014 6.26 1.49 35.74
N VAL D 1015 6.90 0.71 34.86
CA VAL D 1015 6.32 0.54 33.54
C VAL D 1015 5.02 -0.23 33.64
N GLU D 1016 5.00 -1.27 34.49
CA GLU D 1016 3.85 -2.16 34.63
C GLU D 1016 2.67 -1.47 35.28
N LYS D 1017 2.82 -1.07 36.55
CA LYS D 1017 1.68 -0.56 37.29
C LYS D 1017 1.11 0.70 36.62
N GLU D 1018 1.98 1.59 36.17
CA GLU D 1018 1.51 2.86 35.59
C GLU D 1018 0.80 2.63 34.27
N THR D 1019 1.34 1.75 33.42
CA THR D 1019 0.80 1.64 32.08
C THR D 1019 0.27 0.28 31.65
N TYR D 1020 0.45 -0.79 32.43
CA TYR D 1020 0.02 -2.11 31.95
C TYR D 1020 -1.47 -2.27 32.21
N TYR D 1021 -2.29 -1.74 31.30
CA TYR D 1021 -3.73 -1.94 31.42
C TYR D 1021 -4.07 -3.41 31.14
N LYS E 13 -18.73 7.16 51.08
CA LYS E 13 -18.24 6.46 49.90
C LYS E 13 -16.97 7.13 49.39
N LYS E 14 -16.73 8.34 49.89
CA LYS E 14 -15.70 9.22 49.34
C LYS E 14 -14.63 9.53 50.39
N PHE E 15 -13.94 8.48 50.85
CA PHE E 15 -12.91 8.62 51.87
C PHE E 15 -11.55 8.17 51.36
N ILE E 16 -11.17 8.69 50.19
CA ILE E 16 -9.87 8.39 49.58
C ILE E 16 -8.85 9.45 49.98
N TRP E 17 -9.24 10.40 50.84
CA TRP E 17 -8.37 11.50 51.22
C TRP E 17 -7.09 10.99 51.86
N ASN E 18 -7.22 9.98 52.73
CA ASN E 18 -6.09 9.40 53.46
C ASN E 18 -6.30 7.90 53.67
N SER E 19 -5.20 7.21 53.91
CA SER E 19 -5.18 5.77 54.17
C SER E 19 -4.00 5.46 55.08
N GLU E 20 -3.95 4.22 55.59
CA GLU E 20 -2.81 3.81 56.40
C GLU E 20 -1.53 3.88 55.58
N LYS E 21 -1.60 3.53 54.29
CA LYS E 21 -0.42 3.58 53.42
C LYS E 21 -0.07 5.02 53.07
N LYS E 22 -0.82 5.99 53.62
CA LYS E 22 -0.62 7.42 53.37
C LYS E 22 -0.92 7.77 51.91
N GLU E 23 -1.90 7.07 51.34
CA GLU E 23 -2.32 7.35 49.98
C GLU E 23 -3.16 8.64 49.98
N PHE E 24 -2.84 9.55 49.07
CA PHE E 24 -3.59 10.79 48.90
C PHE E 24 -4.40 10.62 47.62
N LEU E 25 -5.72 10.76 47.73
CA LEU E 25 -6.60 10.48 46.60
C LEU E 25 -6.31 9.07 46.11
N GLY E 26 -6.01 8.19 47.07
CA GLY E 26 -5.67 6.80 46.83
C GLY E 26 -4.31 6.59 46.20
N ARG E 27 -3.38 7.55 46.35
CA ARG E 27 -2.08 7.45 45.68
C ARG E 27 -0.94 7.90 46.59
N THR E 28 0.23 7.25 46.49
CA THR E 28 1.38 7.62 47.32
C THR E 28 1.95 9.00 46.96
N GLY E 29 2.47 9.68 47.99
CA GLY E 29 3.02 11.01 47.80
C GLY E 29 4.22 11.09 46.87
N GLY E 30 5.17 10.15 47.00
CA GLY E 30 6.37 10.22 46.17
C GLY E 30 6.05 9.95 44.72
N SER E 31 5.30 8.88 44.50
CA SER E 31 4.90 8.47 43.17
C SER E 31 4.15 9.63 42.47
N TRP E 32 3.30 10.37 43.22
CA TRP E 32 2.59 11.54 42.69
C TRP E 32 3.61 12.39 41.96
N PHE E 33 4.70 12.68 42.65
CA PHE E 33 5.76 13.50 42.08
C PHE E 33 6.26 12.82 40.83
N LYS E 34 6.43 11.49 40.88
CA LYS E 34 6.95 10.78 39.72
C LYS E 34 5.99 10.90 38.54
N ILE E 35 4.67 10.73 38.79
CA ILE E 35 3.69 10.85 37.72
C ILE E 35 3.70 12.27 37.20
N LEU E 36 3.80 13.24 38.12
CA LEU E 36 3.75 14.65 37.75
C LEU E 36 4.90 14.93 36.81
N LEU E 37 6.08 14.40 37.13
CA LEU E 37 7.25 14.64 36.31
C LEU E 37 7.04 14.04 34.93
N PHE E 38 6.49 12.83 34.88
CA PHE E 38 6.32 12.15 33.59
C PHE E 38 5.40 13.00 32.72
N TYR E 39 4.23 13.36 33.25
CA TYR E 39 3.26 14.11 32.48
C TYR E 39 3.87 15.40 31.99
N VAL E 40 4.56 16.12 32.88
CA VAL E 40 5.09 17.43 32.52
C VAL E 40 6.08 17.26 31.38
N ILE E 41 6.99 16.29 31.51
CA ILE E 41 8.01 16.11 30.49
C ILE E 41 7.34 15.68 29.20
N PHE E 42 6.38 14.76 29.30
CA PHE E 42 5.71 14.22 28.12
C PHE E 42 4.93 15.32 27.43
N TYR E 43 4.16 16.10 28.20
CA TYR E 43 3.31 17.11 27.61
C TYR E 43 4.17 18.17 26.93
N GLY E 44 5.28 18.54 27.58
CA GLY E 44 6.18 19.51 27.00
C GLY E 44 6.72 18.97 25.68
N CYS E 45 7.04 17.68 25.65
CA CYS E 45 7.60 17.07 24.46
C CYS E 45 6.59 17.16 23.33
N LEU E 46 5.32 16.84 23.62
CA LEU E 46 4.32 16.82 22.56
C LEU E 46 4.17 18.23 22.00
N ALA E 47 4.08 19.21 22.90
CA ALA E 47 3.89 20.59 22.46
C ALA E 47 5.10 21.02 21.66
N GLY E 48 6.29 20.61 22.13
CA GLY E 48 7.51 20.97 21.44
C GLY E 48 7.49 20.42 20.03
N ILE E 49 7.00 19.19 19.88
CA ILE E 49 6.83 18.63 18.55
C ILE E 49 5.82 19.47 17.79
N PHE E 50 4.60 19.56 18.35
CA PHE E 50 3.50 20.26 17.68
C PHE E 50 3.93 21.63 17.16
N ILE E 51 4.50 22.45 18.04
CA ILE E 51 4.93 23.78 17.65
C ILE E 51 5.94 23.70 16.53
N GLY E 52 6.94 22.83 16.67
CA GLY E 52 7.95 22.67 15.63
C GLY E 52 7.33 22.29 14.29
N THR E 53 6.39 21.35 14.31
CA THR E 53 5.63 21.04 13.10
C THR E 53 4.94 22.28 12.55
N ILE E 54 4.37 23.11 13.43
CA ILE E 54 3.71 24.33 12.97
C ILE E 54 4.71 25.28 12.35
N GLN E 55 5.88 25.44 12.98
CA GLN E 55 6.94 26.29 12.41
C GLN E 55 7.22 25.91 10.96
N VAL E 56 7.35 24.60 10.71
CA VAL E 56 7.46 24.10 9.34
C VAL E 56 6.35 24.70 8.48
N MET E 57 5.11 24.47 8.90
CA MET E 57 3.95 24.91 8.13
C MET E 57 4.01 26.40 7.81
N LEU E 58 4.49 27.21 8.76
CA LEU E 58 4.66 28.64 8.51
C LEU E 58 5.51 28.85 7.27
N LEU E 59 6.60 28.10 7.17
CA LEU E 59 7.57 28.28 6.09
C LEU E 59 7.12 27.63 4.78
N THR E 60 5.97 26.95 4.78
CA THR E 60 5.47 26.37 3.55
C THR E 60 4.47 27.31 2.88
N ILE E 61 4.22 28.45 3.51
CA ILE E 61 3.33 29.48 3.00
C ILE E 61 4.14 30.71 2.69
N SER E 62 3.87 31.32 1.54
CA SER E 62 4.53 32.57 1.23
C SER E 62 3.95 33.67 2.11
N GLU E 63 4.64 34.81 2.17
CA GLU E 63 4.10 35.92 2.92
C GLU E 63 3.31 36.90 2.06
N PHE E 64 3.41 36.81 0.72
CA PHE E 64 2.75 37.75 -0.18
C PHE E 64 1.49 37.18 -0.80
N LYS E 65 1.50 35.90 -1.18
CA LYS E 65 0.37 35.30 -1.88
C LYS E 65 -0.08 34.03 -1.17
N PRO E 66 -1.38 33.84 -0.97
CA PRO E 66 -1.86 32.57 -0.40
C PRO E 66 -1.68 31.42 -1.38
N THR E 67 -1.53 30.21 -0.83
CA THR E 67 -1.27 29.06 -1.68
C THR E 67 -2.51 28.60 -2.42
N TYR E 68 -3.70 28.87 -1.88
CA TYR E 68 -4.93 28.38 -2.48
C TYR E 68 -5.95 29.49 -2.53
N GLN E 69 -6.46 29.79 -3.74
CA GLN E 69 -7.44 30.86 -3.90
C GLN E 69 -8.69 30.39 -4.62
N ASP E 70 -8.83 29.08 -4.84
CA ASP E 70 -9.94 28.56 -5.63
C ASP E 70 -11.28 28.85 -4.98
N ARG E 71 -11.33 28.87 -3.65
CA ARG E 71 -12.60 28.97 -2.94
C ARG E 71 -13.28 30.31 -3.19
N VAL E 72 -12.52 31.40 -3.31
CA VAL E 72 -13.09 32.74 -3.41
C VAL E 72 -13.30 33.10 -4.89
N ALA E 73 -13.31 32.09 -5.77
CA ALA E 73 -13.37 32.41 -7.19
C ALA E 73 -14.60 33.26 -7.49
N PRO E 74 -15.79 32.95 -7.00
CA PRO E 74 -16.89 33.89 -7.16
C PRO E 74 -16.71 35.03 -6.17
N PRO E 75 -16.74 36.28 -6.61
CA PRO E 75 -16.61 37.40 -5.67
C PRO E 75 -17.91 37.65 -4.92
N GLY E 76 -17.81 38.48 -3.88
CA GLY E 76 -18.96 38.74 -3.03
C GLY E 76 -19.39 40.19 -3.04
N LEU E 77 -20.63 40.48 -2.64
CA LEU E 77 -21.20 41.84 -2.71
C LEU E 77 -21.77 42.31 -1.36
N THR E 78 -20.91 42.78 -0.46
CA THR E 78 -21.33 43.21 0.88
C THR E 78 -22.08 44.55 0.84
N GLN E 79 -22.75 44.88 1.95
CA GLN E 79 -23.49 46.12 2.12
C GLN E 79 -22.84 46.97 3.21
N ILE E 80 -22.92 48.30 3.11
CA ILE E 80 -22.37 49.12 4.19
C ILE E 80 -23.14 48.93 5.48
N PRO E 81 -24.50 48.95 5.49
CA PRO E 81 -25.17 48.84 6.80
C PRO E 81 -25.42 47.37 7.04
N GLN E 82 -24.63 46.75 7.91
CA GLN E 82 -24.78 45.32 8.11
C GLN E 82 -25.93 45.12 9.09
N SER E 83 -27.11 44.83 8.55
CA SER E 83 -28.28 44.62 9.36
C SER E 83 -28.24 43.22 9.92
N GLN E 84 -28.79 43.05 11.14
CA GLN E 84 -28.85 41.73 11.74
C GLN E 84 -29.42 40.69 10.78
N LYS E 85 -30.25 41.12 9.82
CA LYS E 85 -30.91 40.21 8.89
C LYS E 85 -31.06 40.82 7.50
N THR E 86 -30.14 41.72 7.12
CA THR E 86 -30.25 42.50 5.89
C THR E 86 -31.53 43.31 5.83
N GLU E 87 -32.15 43.60 6.97
CA GLU E 87 -33.39 44.36 7.02
C GLU E 87 -33.15 45.72 7.67
N ILE E 88 -33.70 46.76 7.05
CA ILE E 88 -33.59 48.13 7.55
C ILE E 88 -34.99 48.60 7.89
N SER E 89 -35.23 48.85 9.17
CA SER E 89 -36.51 49.31 9.66
C SER E 89 -36.26 50.35 10.73
N PHE E 90 -36.89 51.51 10.57
CA PHE E 90 -36.60 52.65 11.43
C PHE E 90 -37.66 53.71 11.18
N ARG E 91 -37.65 54.73 12.02
CA ARG E 91 -38.50 55.90 11.84
C ARG E 91 -37.72 57.00 11.16
N PRO E 92 -38.20 57.58 10.06
CA PRO E 92 -37.47 58.72 9.48
C PRO E 92 -37.36 59.85 10.48
N ASN E 93 -38.46 60.10 11.21
CA ASN E 93 -38.51 61.18 12.17
C ASN E 93 -37.57 60.94 13.35
N ASP E 94 -37.43 59.70 13.81
CA ASP E 94 -36.68 59.43 15.03
C ASP E 94 -35.19 59.25 14.72
N PRO E 95 -34.32 60.13 15.24
CA PRO E 95 -32.87 59.92 15.06
C PRO E 95 -32.41 58.65 15.74
N GLN E 96 -32.94 58.37 16.93
CA GLN E 96 -32.50 57.23 17.72
C GLN E 96 -32.74 55.94 16.95
N SER E 97 -33.85 55.88 16.21
CA SER E 97 -34.20 54.65 15.49
C SER E 97 -33.12 54.30 14.48
N TYR E 98 -32.59 55.29 13.77
CA TYR E 98 -31.57 55.05 12.75
C TYR E 98 -30.17 55.43 13.23
N GLU E 99 -30.04 55.82 14.50
CA GLU E 99 -28.73 56.21 15.03
C GLU E 99 -27.75 55.06 14.90
N SER E 100 -28.16 53.86 15.33
CA SER E 100 -27.27 52.71 15.32
C SER E 100 -26.85 52.40 13.89
N TYR E 101 -27.79 52.48 12.94
CA TYR E 101 -27.48 52.20 11.54
C TYR E 101 -26.45 53.19 11.05
N VAL E 102 -26.58 54.45 11.46
CA VAL E 102 -25.71 55.53 11.02
C VAL E 102 -24.28 55.25 11.49
N VAL E 103 -24.13 54.71 12.69
CA VAL E 103 -22.79 54.52 13.27
C VAL E 103 -21.96 53.63 12.36
N SER E 104 -22.58 52.58 11.81
CA SER E 104 -21.83 51.65 10.97
C SER E 104 -21.29 52.40 9.77
N ILE E 105 -22.11 53.28 9.19
CA ILE E 105 -21.69 54.04 8.02
C ILE E 105 -20.49 54.90 8.39
N VAL E 106 -20.51 55.47 9.60
CA VAL E 106 -19.47 56.40 10.03
C VAL E 106 -18.11 55.69 10.07
N ARG E 107 -18.06 54.51 10.68
CA ARG E 107 -16.78 53.84 10.85
C ARG E 107 -16.16 53.49 9.50
N PHE E 108 -16.99 52.99 8.57
CA PHE E 108 -16.47 52.56 7.28
C PHE E 108 -15.88 53.72 6.51
N LEU E 109 -16.57 54.85 6.51
CA LEU E 109 -16.16 55.98 5.68
C LEU E 109 -15.07 56.80 6.35
N GLU E 110 -14.77 56.52 7.62
CA GLU E 110 -13.80 57.32 8.37
C GLU E 110 -12.43 57.36 7.68
N LYS E 111 -11.99 56.22 7.13
CA LYS E 111 -10.72 56.14 6.42
C LYS E 111 -10.87 56.43 4.93
N TYR E 112 -11.57 57.51 4.59
CA TYR E 112 -11.76 57.86 3.19
C TYR E 112 -11.70 59.35 2.92
N LYS E 113 -11.39 60.18 3.90
CA LYS E 113 -11.40 61.63 3.71
C LYS E 113 -10.18 62.05 2.90
N ASP E 114 -10.26 63.23 2.26
CA ASP E 114 -9.10 63.76 1.55
C ASP E 114 -7.97 63.99 2.55
N LEU E 115 -8.32 64.45 3.76
CA LEU E 115 -7.35 64.65 4.82
C LEU E 115 -6.71 63.32 5.19
N ALA E 116 -7.50 62.26 5.21
CA ALA E 116 -6.97 60.95 5.60
C ALA E 116 -5.87 60.52 4.64
N GLN E 117 -6.05 60.80 3.35
CA GLN E 117 -5.04 60.51 2.34
C GLN E 117 -4.05 61.66 2.32
N LYS E 118 -3.48 61.98 3.49
CA LYS E 118 -2.56 63.11 3.62
C LYS E 118 -1.26 62.88 2.89
N ASP E 119 -0.68 61.69 2.99
CA ASP E 119 0.65 61.46 2.44
C ASP E 119 0.56 61.22 0.95
N ASP E 120 1.02 62.20 0.15
CA ASP E 120 1.00 62.05 -1.29
C ASP E 120 1.90 60.90 -1.71
N MET E 121 2.88 60.57 -0.85
CA MET E 121 3.85 59.53 -1.17
C MET E 121 3.16 58.19 -1.40
N ILE E 122 2.12 57.87 -0.61
CA ILE E 122 1.49 56.55 -0.72
C ILE E 122 0.16 56.61 -1.47
N PHE E 123 -0.14 57.71 -2.16
CA PHE E 123 -1.43 57.85 -2.82
C PHE E 123 -1.28 58.36 -4.25
N GLU E 124 -1.88 57.62 -5.19
CA GLU E 124 -1.84 57.94 -6.61
C GLU E 124 -3.21 58.40 -7.06
N ASP E 125 -3.29 59.56 -7.71
CA ASP E 125 -4.58 59.99 -8.24
C ASP E 125 -4.79 59.20 -9.54
N CYS E 126 -5.65 58.19 -9.47
CA CYS E 126 -5.85 57.33 -10.64
C CYS E 126 -6.44 58.12 -11.80
N GLY E 127 -7.39 58.98 -11.51
CA GLY E 127 -7.97 59.86 -12.50
C GLY E 127 -9.43 60.12 -12.17
N ASN E 128 -10.06 60.93 -13.02
CA ASN E 128 -11.44 61.33 -12.81
C ASN E 128 -12.37 60.64 -13.79
N VAL E 129 -11.88 59.60 -14.45
CA VAL E 129 -12.65 58.81 -15.40
C VAL E 129 -12.08 57.39 -15.34
N PRO E 130 -12.85 56.35 -15.67
CA PRO E 130 -12.28 55.00 -15.72
C PRO E 130 -11.18 54.87 -16.78
N SER E 131 -10.13 54.11 -16.44
CA SER E 131 -8.99 53.97 -17.35
C SER E 131 -8.47 52.54 -17.17
N GLU E 132 -7.39 52.24 -17.89
CA GLU E 132 -6.84 50.88 -17.96
C GLU E 132 -6.51 50.34 -16.58
N LEU E 133 -6.81 49.05 -16.35
CA LEU E 133 -6.45 48.39 -15.09
C LEU E 133 -4.94 48.48 -14.94
N LYS E 134 -4.48 48.83 -13.75
CA LYS E 134 -3.05 49.10 -13.56
C LYS E 134 -2.28 47.91 -12.98
N GLU E 135 -1.90 46.96 -13.85
CA GLU E 135 -1.02 45.90 -13.39
C GLU E 135 0.20 46.54 -12.77
N ARG E 136 0.62 46.04 -11.61
CA ARG E 136 1.75 46.65 -10.92
C ARG E 136 2.78 45.55 -10.64
N GLY E 137 3.45 45.08 -11.69
CA GLY E 137 4.56 44.18 -11.46
C GLY E 137 4.08 42.79 -11.09
N GLU E 138 5.06 41.89 -10.95
CA GLU E 138 4.80 40.56 -10.46
C GLU E 138 4.70 40.65 -8.94
N TYR E 139 3.96 39.74 -8.31
CA TYR E 139 3.68 39.87 -6.88
C TYR E 139 4.88 39.42 -6.06
N ASN E 140 5.90 40.26 -6.02
CA ASN E 140 7.10 39.95 -5.25
C ASN E 140 7.55 41.22 -4.55
N ASN E 141 8.33 41.06 -3.49
CA ASN E 141 8.91 42.21 -2.81
C ASN E 141 10.19 42.69 -3.43
N GLU E 142 10.48 42.25 -4.65
CA GLU E 142 11.65 42.77 -5.35
C GLU E 142 11.45 44.25 -5.63
N ARG E 143 10.25 44.64 -6.08
CA ARG E 143 9.88 46.04 -6.08
C ARG E 143 9.65 46.51 -4.64
N GLY E 144 9.28 47.78 -4.50
CA GLY E 144 9.02 48.34 -3.20
C GLY E 144 7.57 48.18 -2.77
N GLU E 145 7.26 48.78 -1.62
CA GLU E 145 5.87 48.96 -1.18
C GLU E 145 5.09 49.67 -2.27
N ARG E 146 4.11 49.00 -2.86
CA ARG E 146 3.48 49.54 -4.05
C ARG E 146 2.48 50.64 -3.69
N LYS E 147 1.80 51.15 -4.71
CA LYS E 147 1.03 52.37 -4.60
C LYS E 147 -0.46 52.07 -4.61
N VAL E 148 -1.22 52.98 -4.01
CA VAL E 148 -2.67 52.86 -3.88
C VAL E 148 -3.30 53.97 -4.73
N CYS E 149 -4.41 53.67 -5.38
CA CYS E 149 -5.18 54.71 -6.06
C CYS E 149 -6.20 55.32 -5.11
N ARG E 150 -6.29 56.64 -5.16
CA ARG E 150 -7.10 57.42 -4.24
C ARG E 150 -8.58 57.21 -4.54
N PHE E 151 -9.41 57.89 -3.77
CA PHE E 151 -10.86 57.88 -3.95
C PHE E 151 -11.50 58.92 -3.05
N ARG E 152 -12.06 59.97 -3.65
CA ARG E 152 -12.62 61.08 -2.90
C ARG E 152 -14.06 60.79 -2.51
N LEU E 153 -14.45 61.27 -1.33
CA LEU E 153 -15.82 61.11 -0.90
C LEU E 153 -16.73 61.85 -1.87
N GLU E 154 -16.21 62.90 -2.50
CA GLU E 154 -16.99 63.71 -3.43
C GLU E 154 -17.53 62.85 -4.56
N TRP E 155 -16.82 61.76 -4.88
CA TRP E 155 -17.22 60.89 -5.96
C TRP E 155 -18.60 60.33 -5.71
N LEU E 156 -18.88 60.01 -4.44
CA LEU E 156 -20.21 59.58 -4.07
C LEU E 156 -21.16 60.74 -4.30
N GLY E 157 -22.29 60.47 -4.93
CA GLY E 157 -23.15 61.57 -5.27
C GLY E 157 -24.40 61.70 -4.43
N ASN E 158 -24.50 62.80 -3.68
CA ASN E 158 -25.66 63.17 -2.87
C ASN E 158 -25.80 62.16 -1.73
N CYS E 159 -24.78 61.30 -1.57
CA CYS E 159 -24.68 60.32 -0.51
C CYS E 159 -23.35 60.47 0.21
N SER E 160 -22.71 61.62 0.02
CA SER E 160 -21.46 61.92 0.70
C SER E 160 -21.72 61.97 2.19
N GLY E 161 -20.95 61.20 2.96
CA GLY E 161 -21.20 61.12 4.39
C GLY E 161 -20.91 62.42 5.12
N LEU E 162 -19.82 63.09 4.79
CA LEU E 162 -19.41 64.29 5.53
C LEU E 162 -19.74 65.60 4.83
N ASN E 163 -20.48 65.58 3.71
CA ASN E 163 -20.70 66.80 2.94
C ASN E 163 -22.09 67.39 3.15
N ASP E 164 -23.01 67.12 2.22
CA ASP E 164 -24.33 67.74 2.29
C ASP E 164 -25.04 67.33 3.57
N GLU E 165 -24.84 66.09 4.00
CA GLU E 165 -25.47 65.55 5.20
C GLU E 165 -24.36 64.98 6.08
N THR E 166 -23.59 65.87 6.71
CA THR E 166 -22.40 65.46 7.45
C THR E 166 -22.73 64.50 8.58
N TYR E 167 -23.76 64.80 9.37
CA TYR E 167 -24.24 63.88 10.39
C TYR E 167 -25.61 63.32 10.06
N GLY E 168 -26.36 64.03 9.20
CA GLY E 168 -27.70 63.61 8.85
C GLY E 168 -27.72 62.30 8.09
N TYR E 169 -26.78 62.12 7.16
CA TYR E 169 -26.80 60.97 6.24
C TYR E 169 -28.17 61.09 5.58
N LYS E 170 -29.00 60.05 5.57
CA LYS E 170 -30.32 60.19 4.95
C LYS E 170 -31.46 60.02 5.95
N ASP E 171 -32.15 61.13 6.24
CA ASP E 171 -33.36 61.14 7.04
C ASP E 171 -34.47 60.93 6.02
N GLY E 172 -34.76 59.68 5.72
CA GLY E 172 -35.69 59.39 4.64
C GLY E 172 -34.92 59.22 3.34
N LYS E 173 -35.48 58.44 2.43
CA LYS E 173 -34.84 58.15 1.15
C LYS E 173 -33.38 57.73 1.39
N PRO E 174 -33.15 56.73 2.27
CA PRO E 174 -31.78 56.40 2.66
C PRO E 174 -30.87 55.94 1.53
N CYS E 175 -29.59 56.31 1.65
CA CYS E 175 -28.55 55.87 0.74
C CYS E 175 -28.03 54.52 1.23
N VAL E 176 -27.59 53.69 0.29
CA VAL E 176 -26.98 52.40 0.59
C VAL E 176 -25.97 52.08 -0.51
N ILE E 177 -24.73 51.75 -0.13
CA ILE E 177 -23.73 51.45 -1.14
C ILE E 177 -23.48 49.95 -1.09
N ILE E 178 -22.93 49.42 -2.18
CA ILE E 178 -22.41 48.06 -2.19
C ILE E 178 -20.89 48.14 -2.32
N LYS E 179 -20.22 47.02 -2.07
CA LYS E 179 -18.77 46.94 -2.16
C LYS E 179 -18.38 45.59 -2.74
N LEU E 180 -17.32 45.58 -3.53
CA LEU E 180 -16.75 44.31 -3.97
C LEU E 180 -15.78 43.79 -2.92
N ASN E 181 -15.92 42.51 -2.59
CA ASN E 181 -14.95 41.83 -1.74
C ASN E 181 -13.54 42.07 -2.27
N ARG E 182 -12.68 42.63 -1.42
CA ARG E 182 -11.29 42.82 -1.79
C ARG E 182 -10.63 41.45 -1.96
N VAL E 183 -10.02 41.25 -3.13
CA VAL E 183 -9.54 39.93 -3.55
C VAL E 183 -8.20 40.10 -4.25
N LEU E 184 -7.20 39.31 -3.85
CA LEU E 184 -5.87 39.43 -4.41
C LEU E 184 -5.88 39.00 -5.87
N GLY E 185 -5.47 39.91 -6.76
CA GLY E 185 -5.19 39.56 -8.13
C GLY E 185 -6.36 39.42 -9.05
N PHE E 186 -7.57 39.80 -8.62
CA PHE E 186 -8.71 39.67 -9.51
C PHE E 186 -8.59 40.69 -10.64
N LYS E 187 -8.60 40.20 -11.87
CA LYS E 187 -8.72 41.04 -13.06
C LYS E 187 -10.17 41.01 -13.51
N PRO E 188 -11.00 41.98 -13.12
CA PRO E 188 -12.38 41.99 -13.63
C PRO E 188 -12.40 42.05 -15.14
N LYS E 189 -13.39 41.39 -15.73
CA LYS E 189 -13.57 41.44 -17.19
C LYS E 189 -14.97 41.93 -17.48
N PRO E 190 -15.13 43.18 -17.95
CA PRO E 190 -16.47 43.70 -18.17
C PRO E 190 -17.19 42.93 -19.25
N PRO E 191 -18.51 42.83 -19.18
CA PRO E 191 -19.26 42.03 -20.17
C PRO E 191 -19.17 42.61 -21.57
N LYS E 192 -19.38 41.74 -22.56
CA LYS E 192 -19.31 42.17 -23.94
C LYS E 192 -20.54 43.03 -24.28
N ASN E 193 -20.50 43.67 -25.44
CA ASN E 193 -21.57 44.58 -25.80
C ASN E 193 -22.93 43.89 -25.85
N GLU E 194 -22.96 42.67 -26.38
CA GLU E 194 -24.21 41.97 -26.66
C GLU E 194 -24.58 40.99 -25.55
N SER E 195 -25.37 41.45 -24.58
CA SER E 195 -25.92 40.53 -23.59
C SER E 195 -27.42 40.72 -23.56
N LEU E 196 -28.17 39.63 -23.75
CA LEU E 196 -29.62 39.74 -23.85
C LEU E 196 -30.23 40.28 -22.56
N GLU E 197 -29.81 39.74 -21.41
CA GLU E 197 -30.33 40.26 -20.14
C GLU E 197 -29.86 41.68 -19.89
N THR E 198 -28.62 42.00 -20.28
CA THR E 198 -28.03 43.31 -20.01
C THR E 198 -28.97 44.46 -20.36
N TYR E 199 -29.26 45.27 -19.35
CA TYR E 199 -30.05 46.46 -19.55
C TYR E 199 -29.05 47.61 -19.57
N PRO E 200 -28.84 48.27 -20.70
CA PRO E 200 -27.78 49.28 -20.81
C PRO E 200 -28.18 50.63 -20.24
N VAL E 201 -28.16 50.73 -18.91
CA VAL E 201 -28.43 52.02 -18.31
C VAL E 201 -27.30 52.98 -18.66
N MET E 202 -26.16 52.44 -19.07
CA MET E 202 -24.98 53.17 -19.52
C MET E 202 -24.34 52.44 -20.68
N LYS E 203 -23.61 53.20 -21.49
CA LYS E 203 -22.95 52.67 -22.67
C LYS E 203 -21.48 52.37 -22.41
N TYR E 204 -21.02 52.47 -21.16
CA TYR E 204 -19.59 52.34 -20.87
C TYR E 204 -19.17 50.86 -20.81
N ASN E 205 -19.23 50.21 -21.95
CA ASN E 205 -18.74 48.83 -22.03
C ASN E 205 -17.23 48.73 -21.78
N PRO E 206 -16.37 49.61 -22.32
CA PRO E 206 -14.92 49.37 -22.22
C PRO E 206 -14.29 49.32 -20.83
N TYR E 207 -14.64 50.20 -19.89
CA TYR E 207 -13.86 50.20 -18.65
C TYR E 207 -14.72 50.28 -17.39
N VAL E 208 -15.84 49.55 -17.33
CA VAL E 208 -16.59 49.57 -16.07
C VAL E 208 -17.24 48.21 -15.83
N LEU E 209 -17.35 47.82 -14.54
CA LEU E 209 -18.07 46.60 -14.20
C LEU E 209 -19.43 46.99 -13.60
N PRO E 210 -20.52 46.86 -14.36
CA PRO E 210 -21.82 47.37 -13.92
C PRO E 210 -22.51 46.56 -12.80
N VAL E 211 -23.19 47.28 -11.91
CA VAL E 211 -24.03 46.70 -10.88
C VAL E 211 -25.41 47.34 -11.01
N HIS E 212 -26.44 46.51 -11.15
CA HIS E 212 -27.81 46.98 -11.29
C HIS E 212 -28.69 46.31 -10.24
N CYS E 213 -29.62 47.06 -9.66
CA CYS E 213 -30.45 46.55 -8.59
C CYS E 213 -31.92 46.54 -8.99
N THR E 214 -32.59 45.40 -8.79
CA THR E 214 -33.99 45.21 -9.13
C THR E 214 -34.71 44.55 -7.95
N GLY E 215 -36.02 44.74 -7.89
CA GLY E 215 -36.82 44.18 -6.81
C GLY E 215 -36.84 42.66 -6.78
N LYS E 216 -36.69 42.02 -7.94
CA LYS E 216 -36.77 40.58 -8.12
C LYS E 216 -38.21 40.13 -7.97
N ARG E 217 -38.82 40.38 -6.81
CA ARG E 217 -40.24 40.06 -6.65
C ARG E 217 -41.06 41.03 -7.48
N ASP E 218 -42.09 40.51 -8.17
CA ASP E 218 -42.91 41.37 -8.99
C ASP E 218 -43.59 42.41 -8.11
N GLU E 219 -44.06 41.98 -6.93
CA GLU E 219 -44.75 42.91 -6.03
C GLU E 219 -43.80 44.03 -5.63
N ASP E 220 -42.58 43.66 -5.25
CA ASP E 220 -41.58 44.65 -4.88
C ASP E 220 -41.19 45.47 -6.10
N LYS E 221 -41.10 44.83 -7.27
CA LYS E 221 -40.69 45.54 -8.48
C LYS E 221 -41.60 46.74 -8.67
N GLU E 222 -42.91 46.50 -8.55
CA GLU E 222 -43.90 47.57 -8.65
C GLU E 222 -43.73 48.55 -7.49
N LYS E 223 -43.41 48.03 -6.30
CA LYS E 223 -43.37 48.85 -5.09
C LYS E 223 -42.37 49.99 -5.21
N VAL E 224 -41.19 49.73 -5.76
CA VAL E 224 -40.19 50.79 -5.98
C VAL E 224 -40.17 51.11 -7.47
N GLY E 225 -40.46 52.35 -7.83
CA GLY E 225 -40.53 52.70 -9.23
C GLY E 225 -39.17 52.95 -9.84
N THR E 226 -38.32 53.71 -9.14
CA THR E 226 -37.02 54.09 -9.67
C THR E 226 -36.00 54.16 -8.54
N MET E 227 -34.72 54.05 -8.92
CA MET E 227 -33.60 54.17 -8.00
C MET E 227 -32.50 54.98 -8.69
N GLU E 228 -31.71 55.69 -7.88
CA GLU E 228 -30.66 56.57 -8.40
C GLU E 228 -29.28 55.98 -8.09
N TYR E 229 -28.47 55.77 -9.13
CA TYR E 229 -27.13 55.22 -9.00
C TYR E 229 -26.10 56.35 -9.07
N PHE E 230 -25.08 56.28 -8.21
CA PHE E 230 -24.00 57.25 -8.20
C PHE E 230 -22.66 56.55 -8.39
N GLY E 231 -21.86 57.04 -9.33
CA GLY E 231 -20.58 56.43 -9.62
C GLY E 231 -19.53 57.49 -9.89
N LEU E 232 -18.26 57.07 -9.81
CA LEU E 232 -17.18 57.98 -10.15
C LEU E 232 -17.34 58.38 -11.61
N GLY E 233 -17.19 59.67 -11.89
CA GLY E 233 -17.41 60.11 -13.26
C GLY E 233 -18.84 59.84 -13.70
N GLY E 234 -19.76 59.80 -12.74
CA GLY E 234 -21.16 59.50 -13.02
C GLY E 234 -21.37 58.18 -13.72
N TYR E 235 -20.55 57.18 -13.40
CA TYR E 235 -20.62 55.87 -14.06
C TYR E 235 -20.92 54.80 -13.02
N PRO E 236 -21.99 54.00 -13.18
CA PRO E 236 -22.41 53.00 -12.19
C PRO E 236 -21.67 51.66 -12.31
N GLY E 237 -20.36 51.71 -12.14
CA GLY E 237 -19.57 50.49 -12.19
C GLY E 237 -18.28 50.70 -11.43
N PHE E 238 -17.67 49.59 -11.03
CA PHE E 238 -16.39 49.70 -10.38
C PHE E 238 -15.33 50.13 -11.40
N PRO E 239 -14.44 51.04 -11.04
CA PRO E 239 -13.36 51.44 -11.95
C PRO E 239 -12.38 50.28 -12.14
N LEU E 240 -12.15 49.92 -13.40
CA LEU E 240 -11.20 48.85 -13.69
C LEU E 240 -9.80 49.24 -13.26
N GLN E 241 -9.47 50.53 -13.37
CA GLN E 241 -8.13 51.02 -13.09
C GLN E 241 -7.68 50.71 -11.67
N TYR E 242 -8.58 50.80 -10.69
CA TYR E 242 -8.18 50.66 -9.30
C TYR E 242 -7.56 49.28 -9.02
N TYR E 243 -8.16 48.23 -9.57
CA TYR E 243 -7.66 46.88 -9.42
C TYR E 243 -6.43 46.67 -10.31
N PRO E 244 -5.55 45.70 -9.96
CA PRO E 244 -5.75 44.62 -8.99
C PRO E 244 -5.13 44.83 -7.60
N TYR E 245 -5.78 44.22 -6.61
CA TYR E 245 -5.32 44.32 -5.23
C TYR E 245 -4.02 43.54 -5.06
N TYR E 246 -3.09 44.09 -4.29
CA TYR E 246 -1.78 43.46 -4.14
C TYR E 246 -1.50 42.92 -2.74
N GLY E 247 -2.52 42.85 -1.88
CA GLY E 247 -2.30 42.26 -0.57
C GLY E 247 -2.07 43.31 0.50
N LYS E 248 -2.55 43.01 1.72
CA LYS E 248 -2.48 44.00 2.80
C LYS E 248 -1.03 44.30 3.14
N LEU E 249 -0.20 43.27 3.28
CA LEU E 249 1.19 43.50 3.69
C LEU E 249 1.89 44.32 2.61
N LEU E 250 1.68 43.93 1.35
CA LEU E 250 2.30 44.64 0.23
C LEU E 250 1.72 46.04 0.09
N GLN E 251 0.40 46.17 0.30
CA GLN E 251 -0.32 47.43 0.08
C GLN E 251 -1.12 47.81 1.31
N PRO E 252 -0.46 48.29 2.36
CA PRO E 252 -1.20 48.63 3.58
C PRO E 252 -2.14 49.77 3.30
N LYS E 253 -3.29 49.77 3.98
CA LYS E 253 -4.27 50.84 3.86
C LYS E 253 -4.81 50.98 2.43
N TYR E 254 -4.90 49.86 1.71
CA TYR E 254 -5.52 49.91 0.39
C TYR E 254 -7.00 50.22 0.53
N LEU E 255 -7.54 50.99 -0.41
CA LEU E 255 -8.93 51.42 -0.36
C LEU E 255 -9.75 50.74 -1.43
N GLN E 256 -10.81 50.05 -1.01
CA GLN E 256 -11.69 49.36 -1.95
C GLN E 256 -12.56 50.37 -2.70
N PRO E 257 -12.81 50.14 -4.00
CA PRO E 257 -13.71 51.04 -4.74
C PRO E 257 -15.13 50.96 -4.19
N LEU E 258 -15.83 52.09 -4.20
CA LEU E 258 -17.17 52.19 -3.64
C LEU E 258 -18.20 52.68 -4.66
N MET E 259 -19.36 52.03 -4.70
CA MET E 259 -20.48 52.42 -5.56
C MET E 259 -21.72 52.63 -4.70
N ALA E 260 -22.46 53.73 -4.91
CA ALA E 260 -23.58 54.06 -4.05
C ALA E 260 -24.90 54.12 -4.81
N VAL E 261 -25.99 53.77 -4.13
CA VAL E 261 -27.35 53.86 -4.67
C VAL E 261 -28.24 54.55 -3.65
N GLN E 262 -29.02 55.54 -4.10
CA GLN E 262 -30.02 56.18 -3.25
C GLN E 262 -31.39 55.94 -3.86
N PHE E 263 -32.29 55.35 -3.08
CA PHE E 263 -33.61 55.02 -3.61
C PHE E 263 -34.46 56.30 -3.72
N THR E 264 -35.31 56.34 -4.75
CA THR E 264 -36.09 57.55 -4.99
C THR E 264 -37.50 57.39 -4.42
N ASN E 265 -38.52 57.36 -5.27
CA ASN E 265 -39.88 57.21 -4.79
C ASN E 265 -39.97 55.86 -4.09
N LEU E 266 -40.54 55.84 -2.90
CA LEU E 266 -40.54 54.62 -2.11
C LEU E 266 -41.91 54.43 -1.48
N THR E 267 -42.21 53.18 -1.14
CA THR E 267 -43.46 52.85 -0.44
C THR E 267 -43.24 52.86 1.06
N MET E 268 -43.90 53.77 1.78
CA MET E 268 -43.64 53.89 3.20
C MET E 268 -44.45 52.88 3.99
N ASP E 269 -43.94 52.55 5.18
CA ASP E 269 -44.61 51.64 6.11
C ASP E 269 -44.96 50.34 5.42
N THR E 270 -44.10 49.90 4.50
CA THR E 270 -44.28 48.64 3.81
C THR E 270 -42.93 47.97 3.62
N GLU E 271 -42.96 46.65 3.55
CA GLU E 271 -41.74 45.86 3.38
C GLU E 271 -41.61 45.45 1.92
N ILE E 272 -40.44 45.72 1.33
CA ILE E 272 -40.09 45.39 -0.04
C ILE E 272 -38.70 44.75 -0.09
N ARG E 273 -38.43 44.00 -1.16
CA ARG E 273 -37.16 43.30 -1.35
C ARG E 273 -36.47 43.80 -2.61
N ILE E 274 -35.16 44.06 -2.51
CA ILE E 274 -34.33 44.56 -3.60
C ILE E 274 -33.18 43.56 -3.80
N GLU E 275 -32.96 43.16 -5.06
CA GLU E 275 -31.89 42.24 -5.43
C GLU E 275 -30.84 43.01 -6.25
N CYS E 276 -29.61 43.08 -5.75
CA CYS E 276 -28.52 43.77 -6.44
C CYS E 276 -27.62 42.75 -7.10
N LYS E 277 -27.43 42.86 -8.42
CA LYS E 277 -26.73 41.85 -9.20
C LYS E 277 -25.52 42.48 -9.89
N ALA E 278 -24.33 41.96 -9.58
CA ALA E 278 -23.13 42.29 -10.34
C ALA E 278 -23.10 41.52 -11.65
N TYR E 279 -22.53 42.13 -12.68
CA TYR E 279 -22.48 41.50 -13.99
C TYR E 279 -21.05 41.57 -14.51
N GLY E 280 -20.75 40.71 -15.47
CA GLY E 280 -19.41 40.64 -16.04
C GLY E 280 -19.04 39.21 -16.31
N GLU E 281 -18.05 39.03 -17.20
CA GLU E 281 -17.68 37.68 -17.61
C GLU E 281 -17.20 36.87 -16.42
N ASN E 282 -16.31 37.45 -15.61
CA ASN E 282 -15.71 36.73 -14.48
C ASN E 282 -16.53 36.93 -13.21
N ILE E 283 -17.79 36.47 -13.21
CA ILE E 283 -18.61 36.50 -12.01
C ILE E 283 -19.55 35.30 -12.02
N GLY E 284 -19.64 34.59 -10.89
CA GLY E 284 -20.54 33.47 -10.74
C GLY E 284 -21.56 33.73 -9.63
N TYR E 285 -22.54 32.81 -9.54
CA TYR E 285 -23.57 32.89 -8.50
C TYR E 285 -23.94 31.49 -8.06
N SER E 286 -24.55 31.40 -6.88
CA SER E 286 -24.96 30.11 -6.34
C SER E 286 -26.35 30.24 -5.74
N GLU E 287 -27.22 29.26 -6.02
CA GLU E 287 -28.52 29.16 -5.34
C GLU E 287 -28.40 28.76 -3.84
N LYS E 288 -27.19 28.65 -3.27
CA LYS E 288 -26.99 28.37 -1.85
C LYS E 288 -26.30 29.48 -1.07
N ASP E 289 -25.68 30.44 -1.74
CA ASP E 289 -25.07 31.61 -1.10
C ASP E 289 -25.68 32.84 -1.72
N ARG E 290 -26.57 33.46 -0.95
CA ARG E 290 -27.25 34.68 -1.36
C ARG E 290 -26.32 35.88 -1.50
N PHE E 291 -25.01 35.76 -1.20
CA PHE E 291 -24.09 36.89 -1.24
C PHE E 291 -22.96 36.72 -2.25
N GLN E 292 -22.90 35.60 -2.97
CA GLN E 292 -21.79 35.27 -3.88
C GLN E 292 -21.93 35.96 -5.23
N GLY E 293 -21.64 37.26 -5.24
CA GLY E 293 -21.78 38.04 -6.45
C GLY E 293 -23.20 38.49 -6.67
N ARG E 294 -24.11 38.02 -5.83
CA ARG E 294 -25.50 38.42 -5.83
C ARG E 294 -25.73 39.24 -4.58
N PHE E 295 -26.97 39.68 -4.38
CA PHE E 295 -27.25 40.54 -3.25
C PHE E 295 -28.75 40.67 -3.00
N ASP E 296 -29.16 40.56 -1.74
CA ASP E 296 -30.55 40.71 -1.37
C ASP E 296 -30.64 41.67 -0.19
N VAL E 297 -31.82 42.26 -0.01
CA VAL E 297 -32.05 43.18 1.09
C VAL E 297 -33.55 43.31 1.30
N LYS E 298 -33.94 43.42 2.57
CA LYS E 298 -35.29 43.75 2.98
C LYS E 298 -35.26 45.14 3.60
N ILE E 299 -36.18 46.00 3.21
CA ILE E 299 -36.12 47.39 3.64
C ILE E 299 -37.53 47.90 3.90
N GLU E 300 -37.68 48.62 5.02
CA GLU E 300 -38.97 49.14 5.47
C GLU E 300 -38.72 50.43 6.21
N VAL E 301 -39.22 51.53 5.67
CA VAL E 301 -39.10 52.81 6.36
C VAL E 301 -40.46 53.19 6.94
N LYS E 302 -40.73 52.79 8.18
CA LYS E 302 -42.01 53.02 8.84
C LYS E 302 -42.03 54.35 9.60
N SER E 303 -43.07 55.14 9.38
CA SER E 303 -43.21 56.41 10.10
C SER E 303 -44.29 56.30 11.16
N ASP F 17 -7.16 30.86 -15.57
CA ASP F 17 -7.25 31.56 -14.29
C ASP F 17 -6.80 30.66 -13.14
N PRO F 18 -6.02 31.23 -12.21
CA PRO F 18 -5.51 30.44 -11.08
C PRO F 18 -6.53 30.16 -9.99
N PHE F 19 -7.80 30.53 -10.21
CA PHE F 19 -8.87 30.40 -9.23
C PHE F 19 -9.82 29.27 -9.62
N TYR F 20 -9.25 28.20 -10.18
CA TYR F 20 -10.01 27.04 -10.61
C TYR F 20 -9.21 25.80 -10.29
N TYR F 21 -9.88 24.80 -9.76
CA TYR F 21 -9.26 23.52 -9.45
C TYR F 21 -9.97 22.43 -10.24
N ASP F 22 -9.19 21.49 -10.78
CA ASP F 22 -9.78 20.34 -11.46
C ASP F 22 -10.18 19.33 -10.40
N TYR F 23 -11.19 19.72 -9.61
CA TYR F 23 -11.61 18.89 -8.49
C TYR F 23 -12.07 17.53 -8.99
N GLU F 24 -12.87 17.53 -10.05
CA GLU F 24 -13.45 16.29 -10.57
C GLU F 24 -12.38 15.22 -10.75
N THR F 25 -11.18 15.64 -11.15
CA THR F 25 -10.08 14.72 -11.41
C THR F 25 -9.74 13.96 -10.13
N VAL F 26 -9.29 14.68 -9.11
CA VAL F 26 -8.93 14.06 -7.84
C VAL F 26 -10.15 13.43 -7.20
N ARG F 27 -11.33 14.05 -7.39
CA ARG F 27 -12.58 13.45 -6.97
C ARG F 27 -12.72 12.03 -7.52
N ASN F 28 -12.66 11.91 -8.85
CA ASN F 28 -12.61 10.59 -9.49
C ASN F 28 -11.41 9.78 -9.01
N GLY F 29 -10.26 10.43 -8.86
CA GLY F 29 -9.09 9.74 -8.35
C GLY F 29 -9.36 9.04 -7.03
N GLY F 30 -9.88 9.79 -6.05
CA GLY F 30 -10.22 9.20 -4.76
C GLY F 30 -11.17 8.03 -4.88
N LEU F 31 -12.30 8.23 -5.59
CA LEU F 31 -13.23 7.16 -5.89
C LEU F 31 -12.49 5.90 -6.31
N ILE F 32 -11.62 6.02 -7.31
CA ILE F 32 -10.91 4.86 -7.83
C ILE F 32 -10.15 4.17 -6.70
N PHE F 33 -9.41 4.95 -5.90
CA PHE F 33 -8.58 4.34 -4.87
C PHE F 33 -9.46 3.57 -3.89
N ALA F 34 -10.57 4.19 -3.47
CA ALA F 34 -11.42 3.55 -2.47
C ALA F 34 -12.00 2.27 -3.05
N ALA F 35 -12.43 2.32 -4.31
CA ALA F 35 -13.05 1.15 -4.92
C ALA F 35 -12.02 0.04 -4.97
N LEU F 36 -10.79 0.39 -5.37
CA LEU F 36 -9.73 -0.60 -5.45
C LEU F 36 -9.45 -1.14 -4.07
N ALA F 37 -9.44 -0.25 -3.07
CA ALA F 37 -9.08 -0.65 -1.72
C ALA F 37 -10.05 -1.69 -1.21
N PHE F 38 -11.35 -1.51 -1.49
CA PHE F 38 -12.33 -2.44 -0.98
C PHE F 38 -12.06 -3.84 -1.50
N ILE F 39 -11.77 -3.96 -2.80
CA ILE F 39 -11.58 -5.29 -3.37
C ILE F 39 -10.36 -5.95 -2.77
N VAL F 40 -9.42 -5.17 -2.24
CA VAL F 40 -8.17 -5.75 -1.75
C VAL F 40 -8.40 -6.42 -0.41
N GLY F 41 -8.95 -5.67 0.55
CA GLY F 41 -9.33 -6.29 1.82
C GLY F 41 -10.29 -7.44 1.61
N LEU F 42 -11.25 -7.27 0.67
CA LEU F 42 -12.13 -8.36 0.26
C LEU F 42 -11.34 -9.60 -0.16
N ILE F 43 -10.37 -9.41 -1.07
CA ILE F 43 -9.52 -10.52 -1.48
C ILE F 43 -8.81 -11.13 -0.27
N ILE F 44 -8.27 -10.27 0.60
CA ILE F 44 -7.59 -10.74 1.80
C ILE F 44 -8.53 -11.55 2.67
N ILE F 45 -9.69 -10.97 3.00
CA ILE F 45 -10.59 -11.62 3.94
C ILE F 45 -11.13 -12.92 3.34
N LEU F 46 -11.33 -12.97 2.03
CA LEU F 46 -11.73 -14.21 1.36
C LEU F 46 -10.53 -15.02 0.90
N SER F 47 -9.44 -15.00 1.68
CA SER F 47 -8.25 -15.78 1.35
C SER F 47 -8.58 -17.25 1.21
N LYS F 48 -7.97 -17.89 0.22
CA LYS F 48 -8.22 -19.31 -0.07
C LYS F 48 -6.91 -20.02 -0.39
C1 NAG G . 40.90 -55.91 18.82
C2 NAG G . 39.83 -56.85 18.34
C3 NAG G . 40.10 -58.31 18.75
C4 NAG G . 41.57 -58.71 18.72
C5 NAG G . 42.55 -57.55 18.93
C6 NAG G . 43.90 -57.78 18.28
C7 NAG G . 37.52 -56.09 17.99
C8 NAG G . 36.23 -55.69 18.65
N2 NAG G . 38.52 -56.44 18.82
O1 NAG G . 40.78 -54.83 17.96
O3 NAG G . 39.33 -59.18 17.94
O4 NAG G . 41.80 -59.66 19.75
O5 NAG G . 42.07 -56.31 18.40
O6 NAG G . 44.75 -56.66 18.45
O7 NAG G . 37.67 -56.10 16.77
C1 NAG G . 43.00 -61.77 17.40
C2 NAG G . 43.59 -62.00 18.74
C3 NAG G . 43.42 -63.46 19.05
C4 NAG G . 41.93 -63.81 19.04
C5 NAG G . 41.14 -63.17 17.88
C6 NAG G . 39.66 -63.02 18.18
C7 NAG G . 45.44 -60.64 19.61
C8 NAG G . 46.91 -60.36 19.55
N2 NAG G . 44.99 -61.60 18.79
O1 NAG G . 43.38 -60.51 16.93
O3 NAG G . 43.99 -63.76 20.31
O4 NAG G . 41.77 -65.22 19.00
O5 NAG G . 41.61 -61.86 17.49
O6 NAG G . 39.01 -62.22 17.21
O7 NAG G . 44.69 -60.04 20.38
BE BEF H . 19.06 32.54 -47.38
F1 BEF H . 20.43 32.67 -47.50
F2 BEF H . 18.65 31.55 -48.26
F3 BEF H . 18.41 33.71 -47.76
C5N 1AT I . 4.22 11.12 0.85
C4N 1AT I . 4.94 11.02 -0.47
C3N 1AT I . 4.33 11.93 -1.53
C2N 1AT I . 3.70 13.25 -1.10
C1N 1AT I . 2.78 13.68 -2.26
O1N 1AT I . 3.27 13.41 -3.36
O6 1AT I . 1.48 14.35 -2.16
C6 1AT I . 1.13 15.51 -2.96
C5 1AT I . 0.21 15.12 -4.11
C4 1AT I . 0.96 14.79 -5.35
C3 1AT I . 0.09 14.08 -6.32
C2 1AT I . -1.22 14.84 -6.43
C1 1AT I . -1.03 16.25 -5.76
O5 1AT I . -0.77 16.10 -4.32
O1 1AT I . -1.70 17.48 -6.16
C2' 1AT I . -1.04 18.77 -5.95
C3' 1AT I . -1.79 20.09 -5.91
C4' 1AT I . -1.47 20.79 -4.63
C5' 1AT I . -1.20 19.67 -3.74
O2' 1AT I . -0.53 18.71 -4.60
C6' 1AT I . -2.41 19.01 -3.21
O6' 1AT I . -2.74 19.73 -2.08
O4' 1AT I . -0.38 21.76 -4.51
O3' 1AT I . -3.18 19.93 -6.16
C1' 1AT I . -0.02 18.98 -7.01
O1' 1AT I . -0.39 19.81 -8.06
O2 1AT I . -1.98 13.83 -5.89
O3 1AT I . 0.63 13.92 -7.59
O4 1AT I . 2.03 13.97 -5.05
C1 CLR J . 13.27 -6.41 14.71
C2 CLR J . 13.53 -7.87 14.34
C3 CLR J . 12.82 -8.20 13.03
C4 CLR J . 13.31 -7.29 11.91
C5 CLR J . 13.26 -5.84 12.34
C6 CLR J . 12.58 -4.96 11.58
C7 CLR J . 12.57 -3.46 11.76
C8 CLR J . 13.53 -3.01 12.85
C9 CLR J . 13.61 -4.00 14.01
C10 CLR J . 13.87 -5.48 13.67
C11 CLR J . 14.69 -3.42 14.91
C12 CLR J . 14.32 -2.06 15.49
C13 CLR J . 14.14 -1.06 14.38
C14 CLR J . 13.08 -1.72 13.52
C15 CLR J . 12.46 -0.60 12.70
C16 CLR J . 12.64 0.65 13.57
C17 CLR J . 13.54 0.31 14.75
C18 CLR J . 15.49 -0.89 13.66
C19 CLR J . 15.36 -5.78 13.62
C20 CLR J . 14.50 1.46 15.15
C21 CLR J . 14.13 2.06 16.51
C22 CLR J . 14.60 2.54 14.07
C23 CLR J . 13.92 3.88 14.40
C24 CLR J . 12.78 4.20 13.41
C25 CLR J . 11.78 5.26 13.87
C26 CLR J . 12.35 6.12 15.00
C27 CLR J . 11.32 6.10 12.70
O1 CLR J . 13.11 -9.56 12.68
O6 1DS K . 8.99 -14.86 14.48
C6 1DS K . 7.62 -14.58 14.31
C5 1DS K . 7.22 -14.77 12.85
C4 1DS K . 8.26 -14.25 11.88
C3 1DS K . 7.83 -14.37 10.46
C2 1DS K . 6.50 -15.13 10.26
C1 1DS K . 5.55 -14.27 11.06
O5 1DS K . 5.95 -14.22 12.44
O1 1DS K . 5.41 -13.02 10.29
C2' 1DS K . 4.29 -12.05 10.22
C3' 1DS K . 3.95 -11.12 9.05
C4' 1DS K . 2.56 -10.79 9.04
C5' 1DS K . 2.01 -12.09 9.45
O2' 1DS K . 3.03 -12.74 10.32
C6' 1DS K . 1.34 -12.95 8.40
O6' 1DS K . 2.12 -13.21 7.26
O4' 1DS K . 2.10 -10.24 7.77
O3' 1DS K . 3.96 -11.68 7.75
C1' 1DS K . 4.65 -11.22 11.41
O1' 1DS K . 4.53 -9.81 11.21
O2 1DS K . 6.31 -16.52 10.50
O3 1DS K . 8.91 -14.64 9.59
O4 1DS K . 9.59 -14.67 12.05
C1N 1DS K . 5.52 -8.81 11.36
C2N 1DS K . 4.90 -7.38 11.65
O1N 1DS K . 6.75 -9.08 11.26
C3N 1DS K . 5.51 -6.20 10.95
C4N 1DS K . 4.36 -5.30 10.35
C5N 1DS K . 4.75 -3.88 10.03
MG MG L . 25.97 -1.88 -10.47
MG MG M . 17.18 30.73 -47.50
MG MG N . 25.58 17.45 -37.34
C1 NAG O . 11.28 -55.97 18.80
C2 NAG O . 11.19 -56.04 20.32
C3 NAG O . 12.08 -57.16 20.84
C4 NAG O . 11.62 -58.48 20.22
C5 NAG O . 11.71 -58.38 18.70
C6 NAG O . 11.17 -59.62 18.02
C7 NAG O . 10.70 -53.72 20.97
C8 NAG O . 11.18 -52.53 21.74
N2 NAG O . 11.52 -54.79 20.97
O1 NAG O . 10.38 -55.01 18.34
O3 NAG O . 12.00 -57.22 22.25
O4 NAG O . 12.42 -59.56 20.70
O5 NAG O . 10.94 -57.28 18.22
O6 NAG O . 11.97 -59.99 16.91
O7 NAG O . 9.65 -53.70 20.34
C1 NAG P . 38.87 -62.60 2.60
C2 NAG P . 38.44 -63.80 3.42
C3 NAG P . 39.12 -65.06 2.87
C4 NAG P . 38.98 -65.14 1.34
C5 NAG P . 39.32 -63.80 0.72
C6 NAG P . 39.09 -63.74 -0.78
C7 NAG P . 37.88 -63.49 5.79
C8 NAG P . 38.41 -63.28 7.17
N2 NAG P . 38.79 -63.60 4.82
O1 NAG P . 37.85 -61.72 2.92
O3 NAG P . 38.54 -66.20 3.47
O4 NAG P . 39.86 -66.12 0.82
O5 NAG P . 38.51 -62.77 1.31
O6 NAG P . 39.75 -62.63 -1.36
O7 NAG P . 36.67 -63.55 5.56
C1 CLR Q . 3.01 -11.05 3.39
C2 CLR Q . 2.93 -12.58 3.46
C3 CLR Q . 3.31 -13.12 2.09
C4 CLR Q . 4.80 -12.90 1.94
C5 CLR Q . 5.03 -11.42 1.91
C6 CLR Q . 5.77 -10.93 0.90
C7 CLR Q . 5.76 -9.49 0.49
C8 CLR Q . 5.41 -8.61 1.68
C9 CLR Q . 4.16 -9.14 2.35
C10 CLR Q . 4.38 -10.52 2.94
C11 CLR Q . 3.65 -8.18 3.43
C12 CLR Q . 3.42 -6.79 2.86
C13 CLR Q . 4.70 -6.22 2.26
C14 CLR Q . 5.16 -7.18 1.19
C15 CLR Q . 6.30 -6.42 0.52
C16 CLR Q . 5.83 -4.97 0.51
C17 CLR Q . 4.64 -4.90 1.49
C18 CLR Q . 5.82 -6.15 3.30
C19 CLR Q . 5.31 -10.41 4.14
C20 CLR Q . 4.71 -3.58 2.27
C21 CLR Q . 3.51 -3.37 3.19
C22 CLR Q . 4.81 -2.45 1.25
C23 CLR Q . 5.45 -1.17 1.76
C24 CLR Q . 4.46 -0.13 2.27
C25 CLR Q . 4.93 1.28 1.96
C26 CLR Q . 4.84 1.54 0.46
C27 CLR Q . 4.16 2.32 2.78
O1 CLR Q . 2.99 -14.50 1.97
BE BEF R . -24.37 -37.02 41.77
F1 BEF R . -25.60 -36.98 41.14
F2 BEF R . -23.78 -38.27 41.79
F3 BEF R . -24.59 -36.57 43.06
C1 CLR S . 3.44 20.05 5.80
C2 CLR S . 2.25 20.50 4.98
C3 CLR S . 2.47 19.94 3.59
C4 CLR S . 2.30 18.43 3.64
C5 CLR S . 3.28 17.84 4.61
C6 CLR S . 3.92 16.69 4.31
C7 CLR S . 5.17 16.23 5.01
C8 CLR S . 5.14 16.70 6.45
C9 CLR S . 4.84 18.19 6.51
C10 CLR S . 3.48 18.53 5.92
C11 CLR S . 4.94 18.75 7.93
C12 CLR S . 6.30 18.44 8.57
C13 CLR S . 6.45 16.93 8.61
C14 CLR S . 6.49 16.45 7.16
C15 CLR S . 7.05 15.05 7.19
C16 CLR S . 8.01 15.07 8.38
C17 CLR S . 7.73 16.33 9.22
C18 CLR S . 5.24 16.38 9.35
C19 CLR S . 2.36 18.06 6.85
C20 CLR S . 7.67 16.01 10.72
C21 CLR S . 7.84 17.26 11.60
C22 CLR S . 8.69 14.94 11.11
C23 CLR S . 8.62 14.53 12.58
C24 CLR S . 9.40 13.24 12.89
C25 CLR S . 8.61 12.26 13.75
C26 CLR S . 9.44 11.02 14.06
C27 CLR S . 8.10 12.92 15.02
O1 CLR S . 1.50 20.56 2.74
MG MG T . -17.24 9.52 20.88
MG MG U . -27.47 -18.84 36.29
MG MG V . -24.31 -36.53 38.30
C1 NAG W . -20.94 51.66 -31.00
C2 NAG W . -20.67 50.95 -29.68
C3 NAG W . -20.77 49.43 -29.85
C4 NAG W . -22.09 49.05 -30.49
C5 NAG W . -22.33 49.83 -31.77
C6 NAG W . -23.70 49.59 -32.36
C7 NAG W . -19.18 52.32 -28.28
C8 NAG W . -17.78 52.52 -27.81
N2 NAG W . -19.38 51.30 -29.12
O1 NAG W . -20.95 53.03 -30.77
O3 NAG W . -20.69 48.88 -28.55
O4 NAG W . -22.09 47.65 -30.77
O5 NAG W . -22.21 51.23 -31.54
O6 NAG W . -23.61 49.06 -33.67
O7 NAG W . -20.09 53.08 -27.96
C1 NAG X . -29.32 65.95 -4.21
C2 NAG X . -30.41 65.66 -5.29
C3 NAG X . -30.76 66.89 -6.12
C4 NAG X . -31.06 68.08 -5.23
C5 NAG X . -29.89 68.35 -4.30
C6 NAG X . -30.11 69.51 -3.37
C7 NAG X . -30.16 63.28 -5.87
C8 NAG X . -29.67 62.31 -6.89
N2 NAG X . -30.00 64.57 -6.16
O1 NAG X . -29.41 64.94 -3.26
O3 NAG X . -31.88 66.59 -6.94
O4 NAG X . -31.31 69.22 -6.03
O5 NAG X . -29.62 67.20 -3.48
O6 NAG X . -28.87 70.13 -3.03
O7 NAG X . -30.65 62.91 -4.80
C1 CLR Y . -4.47 10.53 -4.26
C2 CLR Y . -5.11 11.50 -5.25
C3 CLR Y . -6.55 11.07 -5.43
C4 CLR Y . -7.30 11.39 -4.14
C5 CLR Y . -6.66 10.61 -3.00
C6 CLR Y . -7.47 10.05 -2.08
C7 CLR Y . -7.02 9.01 -1.07
C8 CLR Y . -5.52 9.03 -0.89
C9 CLR Y . -4.82 9.19 -2.23
C10 CLR Y . -5.16 10.50 -2.91
C11 CLR Y . -3.31 9.05 -2.12
C12 CLR Y . -2.92 7.71 -1.50
C13 CLR Y . -3.54 7.64 -0.11
C14 CLR Y . -5.04 7.72 -0.25
C15 CLR Y . -5.56 7.37 1.15
C16 CLR Y . -4.49 6.40 1.69
C17 CLR Y . -3.38 6.32 0.64
C18 CLR Y . -3.01 8.77 0.78
C19 CLR Y . -4.65 11.66 -2.06
C20 CLR Y . -1.99 6.08 1.22
C21 CLR Y . -1.09 5.34 0.21
C22 CLR Y . -2.07 5.31 2.54
C23 CLR Y . -0.73 5.22 3.26
C24 CLR Y . -0.09 3.83 3.20
C25 CLR Y . -1.01 2.77 3.79
C26 CLR Y . -0.70 1.41 3.18
C27 CLR Y . -0.90 2.75 5.31
O1 CLR Y . -7.14 11.75 -6.54
#